data_7W1C
#
_entry.id   7W1C
#
_cell.length_a   90.281
_cell.length_b   100.574
_cell.length_c   125.033
_cell.angle_alpha   80.500
_cell.angle_beta   70.320
_cell.angle_gamma   83.430
#
_symmetry.space_group_name_H-M   'P 1'
#
loop_
_entity.id
_entity.type
_entity.pdbx_description
1 polymer 'K1 LYASE'
2 non-polymer '(2S)-2-hydroxybutanedioic acid'
3 non-polymer IMIDAZOLE
4 non-polymer GLYCEROL
5 water water
#
_entity_poly.entity_id   1
_entity_poly.type   'polypeptide(L)'
_entity_poly.pdbx_seq_one_letter_code
;MGSSHHHHHHSSGLVPRGSHMALIRLVAPERVFSDLASMVAYPNFQVQDKITLLGSAGGDFTFTTTASVVDNGTVFAVPG
GYLLRKFVGPAYSSWFSNWTGIVTFMSAPNRHLVVDTVLQATSVLNIKSNSTLEFTDTGRILPDAAVARQVLNITGSAPS
VFVPLAADAAAGSKVITVAAGALSAVKGTYLYLRSNKLCDGGPNTYGVKISQIRKVVGVSTSGGVTSIRLDKTLHYNYYL
SDAAEVGIPTMVENVTLVSPYINEFGYDDLNRFFTIGISANFAADLHIQDGVIIGNKRPGASDIEGRSAIKFNNCVDSTV
KGTCFYNIGWYGVEVLGCSEDTEVHDIHAMDVRHAISLNWQSTADGDKWGEPIEFLGVNCEAYSTTQAGFDTHDIGKRVK
FVRCVSYDSAAAGFQARTNGVEYLNCRAYRAAMDGFASNTGVAFPIYRECLAYDNVRSGFNCSYGGGYVYDCEAHGSQNG
VRINGGRVKGGRYTRNSSSHIFVTKDVAETAQTSLEIDGVSMRYDGTGRAVYFHGTVGIDPTLVSMSNNDMTGHGLFWAL
LSGYTVQPTPPRMSRNLLDDTGIRGVATLVAGEATVNARVRGNFGSVANSFKWVSEVKLTRLTFPSSAGALTVTSVAQNQ
DVPTPNPDLNSFVIRSSNAADVSQVAWEVYL
;
_entity_poly.pdbx_strand_id   A,B,C,D,E,F
#
# COMPACT_ATOMS: atom_id res chain seq x y z
N GLU A 30 -41.03 15.11 78.85
CA GLU A 30 -40.48 16.50 78.98
C GLU A 30 -39.47 16.59 80.12
N ARG A 31 -38.17 16.53 79.78
CA ARG A 31 -37.06 16.53 80.75
C ARG A 31 -35.98 17.52 80.34
N VAL A 32 -35.71 18.55 81.15
CA VAL A 32 -34.73 19.57 80.82
C VAL A 32 -33.53 19.53 81.75
N PHE A 33 -32.32 19.60 81.14
CA PHE A 33 -31.05 19.58 81.89
C PHE A 33 -30.11 20.74 81.63
N SER A 34 -29.49 21.28 82.69
CA SER A 34 -28.64 22.47 82.57
C SER A 34 -27.19 22.15 82.21
N ASP A 35 -26.78 20.88 82.38
CA ASP A 35 -25.44 20.49 81.96
C ASP A 35 -25.44 19.02 81.64
N LEU A 36 -24.34 18.62 80.99
CA LEU A 36 -24.22 17.31 80.44
C LEU A 36 -24.24 16.23 81.52
N ALA A 37 -23.48 16.45 82.59
CA ALA A 37 -23.39 15.42 83.66
C ALA A 37 -24.77 15.10 84.26
N SER A 38 -25.62 16.11 84.42
CA SER A 38 -26.96 15.91 84.97
C SER A 38 -27.78 15.08 84.03
N MET A 39 -27.69 15.37 82.72
CA MET A 39 -28.48 14.65 81.74
C MET A 39 -28.06 13.17 81.73
N VAL A 40 -26.77 12.90 81.62
CA VAL A 40 -26.37 11.50 81.43
C VAL A 40 -26.44 10.61 82.68
N ALA A 41 -26.61 11.20 83.86
CA ALA A 41 -26.83 10.46 85.11
C ALA A 41 -28.28 10.08 85.34
N TYR A 42 -29.20 10.66 84.58
CA TYR A 42 -30.65 10.45 84.82
C TYR A 42 -31.05 9.00 84.45
N PRO A 43 -31.67 8.29 85.40
CA PRO A 43 -31.94 6.83 85.17
C PRO A 43 -33.32 6.50 84.64
N ASN A 44 -34.20 7.49 84.60
CA ASN A 44 -35.61 7.26 84.31
C ASN A 44 -36.04 7.55 82.87
N PHE A 45 -35.09 7.61 81.89
CA PHE A 45 -35.49 7.96 80.54
C PHE A 45 -36.39 6.91 79.92
N GLN A 46 -37.40 7.39 79.19
CA GLN A 46 -38.29 6.55 78.38
C GLN A 46 -38.19 7.02 76.94
N VAL A 47 -38.52 6.13 76.03
CA VAL A 47 -38.44 6.42 74.61
C VAL A 47 -39.38 7.54 74.19
N GLN A 48 -40.50 7.69 74.89
CA GLN A 48 -41.45 8.76 74.53
C GLN A 48 -41.13 10.13 75.13
N ASP A 49 -40.08 10.22 75.90
CA ASP A 49 -39.69 11.49 76.56
C ASP A 49 -39.09 12.54 75.60
N LYS A 50 -39.47 13.79 75.81
CA LYS A 50 -38.80 14.94 75.20
C LYS A 50 -37.65 15.42 76.10
N ILE A 51 -36.43 15.42 75.57
CA ILE A 51 -35.22 15.67 76.37
C ILE A 51 -34.39 16.83 75.80
N THR A 52 -34.01 17.80 76.65
CA THR A 52 -33.28 18.98 76.24
C THR A 52 -32.10 19.23 77.14
N LEU A 53 -30.94 19.47 76.52
CA LEU A 53 -29.72 19.89 77.22
C LEU A 53 -29.45 21.40 76.94
N LEU A 54 -28.98 22.14 77.95
CA LEU A 54 -28.54 23.54 77.78
C LEU A 54 -27.00 23.67 77.84
N GLY A 55 -26.48 24.77 77.32
CA GLY A 55 -25.02 24.95 77.29
C GLY A 55 -24.42 24.83 75.91
N SER A 56 -23.07 24.79 75.85
CA SER A 56 -22.32 25.04 74.58
C SER A 56 -22.52 23.94 73.54
N ALA A 57 -22.92 22.74 74.04
CA ALA A 57 -23.28 21.57 73.26
C ALA A 57 -24.75 21.16 73.34
N GLY A 58 -25.59 22.13 73.70
CA GLY A 58 -26.99 21.85 73.90
C GLY A 58 -27.74 21.44 72.68
N GLY A 59 -28.94 20.93 72.90
CA GLY A 59 -29.77 20.34 71.88
C GLY A 59 -30.86 19.46 72.45
N ASP A 60 -31.58 18.78 71.56
CA ASP A 60 -32.66 17.92 71.94
C ASP A 60 -32.23 16.47 71.63
N PHE A 61 -32.73 15.55 72.43
CA PHE A 61 -32.30 14.18 72.45
C PHE A 61 -33.48 13.20 72.46
N THR A 62 -33.22 12.01 71.94
CA THR A 62 -34.15 10.87 71.95
C THR A 62 -33.47 9.73 72.75
N PHE A 63 -34.22 9.08 73.65
CA PHE A 63 -33.71 7.90 74.40
C PHE A 63 -34.01 6.63 73.63
N THR A 64 -33.04 5.72 73.58
CA THR A 64 -33.24 4.40 73.00
C THR A 64 -32.53 3.37 73.85
N THR A 65 -33.04 2.15 73.80
CA THR A 65 -32.36 0.97 74.35
C THR A 65 -31.47 0.25 73.32
N THR A 66 -31.59 0.64 72.07
CA THR A 66 -30.80 0.00 71.00
C THR A 66 -29.34 0.41 71.12
N ALA A 67 -28.46 -0.57 71.07
CA ALA A 67 -27.05 -0.37 71.16
C ALA A 67 -26.61 0.67 70.14
N SER A 68 -26.00 1.74 70.63
CA SER A 68 -25.59 2.86 69.81
C SER A 68 -24.11 3.20 70.05
N VAL A 69 -23.42 3.68 68.97
CA VAL A 69 -22.02 3.98 69.04
C VAL A 69 -21.78 5.31 69.76
N VAL A 70 -21.32 5.24 71.00
CA VAL A 70 -21.09 6.41 71.80
C VAL A 70 -19.96 7.24 71.24
N ASP A 71 -20.20 8.56 71.10
CA ASP A 71 -19.17 9.48 70.65
C ASP A 71 -19.14 10.77 71.45
N ASN A 72 -19.99 10.86 72.49
CA ASN A 72 -20.06 12.04 73.31
C ASN A 72 -20.28 13.35 72.56
N GLY A 73 -21.02 13.24 71.46
CA GLY A 73 -21.51 14.46 70.75
C GLY A 73 -22.84 14.27 70.14
N THR A 74 -23.00 13.11 69.51
CA THR A 74 -24.18 12.72 68.83
C THR A 74 -24.91 11.52 69.57
N VAL A 75 -24.14 10.72 70.27
CA VAL A 75 -24.62 9.57 71.06
C VAL A 75 -23.93 9.61 72.43
N PHE A 76 -24.73 9.56 73.50
CA PHE A 76 -24.24 9.51 74.88
C PHE A 76 -24.81 8.25 75.60
N ALA A 77 -24.00 7.60 76.40
CA ALA A 77 -24.47 6.54 77.26
C ALA A 77 -25.20 7.08 78.47
N VAL A 78 -26.31 6.46 78.81
CA VAL A 78 -27.08 6.76 80.03
C VAL A 78 -27.53 5.45 80.70
N PRO A 79 -28.03 5.52 81.94
CA PRO A 79 -28.55 4.27 82.54
C PRO A 79 -29.71 3.77 81.75
N GLY A 80 -29.67 2.51 81.37
CA GLY A 80 -30.72 1.93 80.60
C GLY A 80 -30.64 2.01 79.11
N GLY A 81 -29.71 2.80 78.56
CA GLY A 81 -29.61 2.90 77.11
C GLY A 81 -28.72 4.07 76.67
N TYR A 82 -29.24 4.86 75.73
CA TYR A 82 -28.43 5.82 75.01
C TYR A 82 -29.29 7.00 74.72
N LEU A 83 -28.66 8.18 74.67
CA LEU A 83 -29.31 9.40 74.17
C LEU A 83 -28.75 9.72 72.77
N LEU A 84 -29.66 9.94 71.83
CA LEU A 84 -29.34 10.27 70.45
C LEU A 84 -29.73 11.69 70.20
N ARG A 85 -28.77 12.51 69.78
CA ARG A 85 -29.08 13.91 69.44
C ARG A 85 -30.04 13.91 68.27
N LYS A 86 -31.06 14.75 68.32
CA LYS A 86 -32.03 14.85 67.25
C LYS A 86 -31.57 15.96 66.29
N PHE A 87 -31.30 15.60 65.02
CA PHE A 87 -30.93 16.63 64.07
C PHE A 87 -31.09 16.15 62.61
N VAL A 88 -31.27 17.09 61.72
CA VAL A 88 -31.15 16.84 60.29
C VAL A 88 -30.05 17.73 59.78
N GLY A 89 -29.48 17.37 58.63
CA GLY A 89 -28.38 18.15 58.15
C GLY A 89 -27.08 17.72 58.83
N PRO A 90 -26.09 18.61 58.81
CA PRO A 90 -24.77 18.25 59.33
C PRO A 90 -24.71 18.18 60.86
N ALA A 91 -23.75 17.39 61.34
CA ALA A 91 -23.33 17.50 62.73
C ALA A 91 -22.33 18.64 62.88
N TYR A 92 -22.13 19.11 64.11
CA TYR A 92 -21.26 20.22 64.42
C TYR A 92 -20.25 19.83 65.48
N SER A 93 -18.98 20.19 65.29
CA SER A 93 -17.94 19.85 66.26
C SER A 93 -18.21 20.38 67.67
N SER A 94 -18.89 21.54 67.76
CA SER A 94 -19.25 22.10 69.05
C SER A 94 -20.19 21.27 69.88
N TRP A 95 -20.75 20.21 69.29
CA TRP A 95 -21.56 19.24 70.01
C TRP A 95 -20.73 18.21 70.81
N PHE A 96 -19.45 18.09 70.48
CA PHE A 96 -18.64 17.00 70.97
C PHE A 96 -17.80 17.38 72.19
N SER A 97 -17.65 16.42 73.11
CA SER A 97 -16.89 16.62 74.31
C SER A 97 -15.37 16.70 74.05
N ASN A 98 -14.92 16.00 73.00
CA ASN A 98 -13.50 15.89 72.79
C ASN A 98 -13.14 15.38 71.40
N TRP A 99 -11.87 15.51 71.07
CA TRP A 99 -11.31 15.02 69.81
C TRP A 99 -11.63 13.54 69.58
N THR A 100 -11.49 12.74 70.63
CA THR A 100 -11.74 11.30 70.55
C THR A 100 -13.11 11.02 69.97
N GLY A 101 -14.13 11.75 70.42
CA GLY A 101 -15.45 11.59 69.92
C GLY A 101 -15.63 11.94 68.45
N ILE A 102 -14.95 13.01 68.02
CA ILE A 102 -14.91 13.39 66.59
C ILE A 102 -14.37 12.23 65.76
N VAL A 103 -13.26 11.67 66.20
CA VAL A 103 -12.67 10.54 65.49
C VAL A 103 -13.63 9.38 65.44
N THR A 104 -14.31 9.08 66.57
CA THR A 104 -15.29 8.00 66.56
C THR A 104 -16.44 8.24 65.58
N PHE A 105 -17.00 9.47 65.60
CA PHE A 105 -18.08 9.81 64.71
C PHE A 105 -17.66 9.59 63.23
N MET A 106 -16.48 10.10 62.87
CA MET A 106 -16.04 10.00 61.47
C MET A 106 -15.48 8.63 61.12
N SER A 107 -15.36 7.71 62.07
CA SER A 107 -14.99 6.33 61.72
C SER A 107 -16.04 5.61 60.92
N ALA A 108 -17.30 6.08 60.96
CA ALA A 108 -18.39 5.54 60.14
C ALA A 108 -18.50 6.26 58.78
N PRO A 109 -19.03 5.58 57.76
CA PRO A 109 -19.35 6.25 56.52
C PRO A 109 -20.54 7.20 56.62
N ASN A 110 -20.80 7.91 55.54
CA ASN A 110 -22.04 8.71 55.36
C ASN A 110 -22.15 9.83 56.39
N ARG A 111 -21.04 10.41 56.77
CA ARG A 111 -21.04 11.51 57.81
C ARG A 111 -20.89 12.85 57.16
N HIS A 112 -21.59 13.83 57.69
CA HIS A 112 -21.37 15.24 57.36
C HIS A 112 -21.13 16.01 58.65
N LEU A 113 -19.91 16.45 58.84
CA LEU A 113 -19.49 17.16 60.03
C LEU A 113 -19.00 18.55 59.66
N VAL A 114 -19.53 19.54 60.34
CA VAL A 114 -19.03 20.91 60.26
C VAL A 114 -18.15 21.20 61.44
N VAL A 115 -16.92 21.59 61.15
CA VAL A 115 -15.98 21.98 62.20
C VAL A 115 -16.23 23.47 62.44
N ASP A 116 -16.86 23.77 63.59
CA ASP A 116 -17.20 25.14 63.97
C ASP A 116 -16.47 25.54 65.23
N THR A 117 -15.44 24.77 65.62
CA THR A 117 -14.60 25.06 66.77
C THR A 117 -13.14 24.80 66.46
N VAL A 118 -12.27 25.20 67.35
CA VAL A 118 -10.84 24.93 67.25
C VAL A 118 -10.54 23.61 67.90
N LEU A 119 -10.31 22.58 67.11
CA LEU A 119 -10.06 21.24 67.59
C LEU A 119 -8.58 21.01 67.80
N GLN A 120 -8.26 20.29 68.86
CA GLN A 120 -6.89 19.92 69.18
C GLN A 120 -6.70 18.45 68.93
N ALA A 121 -6.00 18.11 67.84
CA ALA A 121 -5.85 16.73 67.50
C ALA A 121 -4.81 16.07 68.37
N THR A 122 -5.09 14.81 68.73
CA THR A 122 -4.11 13.94 69.41
C THR A 122 -3.97 12.59 68.71
N SER A 123 -4.51 12.50 67.51
CA SER A 123 -4.47 11.30 66.68
C SER A 123 -4.85 11.72 65.26
N VAL A 124 -4.66 10.81 64.32
CA VAL A 124 -5.09 10.96 62.95
C VAL A 124 -6.63 10.91 62.89
N LEU A 125 -7.23 11.76 62.08
CA LEU A 125 -8.66 11.68 61.79
C LEU A 125 -8.91 10.97 60.48
N ASN A 126 -9.50 9.77 60.54
CA ASN A 126 -9.81 9.02 59.35
C ASN A 126 -11.18 9.39 58.82
N ILE A 127 -11.29 9.53 57.50
CA ILE A 127 -12.54 9.90 56.85
C ILE A 127 -12.93 8.72 55.99
N LYS A 128 -14.19 8.34 56.01
CA LYS A 128 -14.71 7.20 55.26
C LYS A 128 -15.61 7.61 54.11
N SER A 129 -16.13 6.66 53.34
CA SER A 129 -16.85 6.94 52.13
C SER A 129 -18.10 7.77 52.38
N ASN A 130 -18.45 8.52 51.36
CA ASN A 130 -19.66 9.29 51.27
C ASN A 130 -19.76 10.25 52.48
N SER A 131 -18.65 10.87 52.79
CA SER A 131 -18.55 11.77 53.94
C SER A 131 -18.03 13.15 53.52
N THR A 132 -18.47 14.16 54.27
CA THR A 132 -18.07 15.54 54.08
C THR A 132 -17.59 16.09 55.38
N LEU A 133 -16.41 16.66 55.37
CA LEU A 133 -15.87 17.43 56.49
C LEU A 133 -15.76 18.88 56.01
N GLU A 134 -16.46 19.78 56.71
CA GLU A 134 -16.60 21.17 56.29
C GLU A 134 -16.17 22.05 57.44
N PHE A 135 -15.43 23.11 57.16
CA PHE A 135 -15.02 24.04 58.19
C PHE A 135 -15.72 25.38 58.02
N THR A 136 -16.14 25.93 59.14
CA THR A 136 -16.57 27.34 59.19
C THR A 136 -15.32 28.20 59.18
N ASP A 137 -15.55 29.50 59.00
CA ASP A 137 -14.48 30.50 58.96
C ASP A 137 -13.48 30.36 60.13
N THR A 138 -14.00 29.96 61.29
CA THR A 138 -13.21 29.92 62.49
C THR A 138 -12.85 28.50 62.98
N GLY A 139 -13.45 27.47 62.36
CA GLY A 139 -13.06 26.07 62.61
C GLY A 139 -11.61 25.78 62.24
N ARG A 140 -10.94 24.93 63.03
CA ARG A 140 -9.54 24.57 62.80
C ARG A 140 -9.35 23.15 63.31
N ILE A 141 -8.38 22.48 62.74
CA ILE A 141 -7.73 21.36 63.41
C ILE A 141 -6.29 21.74 63.68
N LEU A 142 -5.96 21.92 64.97
CA LEU A 142 -4.58 22.13 65.33
C LEU A 142 -3.94 20.79 65.61
N PRO A 143 -2.81 20.54 64.93
CA PRO A 143 -2.13 19.28 65.18
C PRO A 143 -1.49 19.21 66.58
N ASP A 144 -1.05 18.00 66.94
CA ASP A 144 -0.43 17.74 68.24
C ASP A 144 0.99 18.26 68.25
N ALA A 145 1.32 19.09 69.24
CA ALA A 145 2.67 19.60 69.37
C ALA A 145 3.60 18.52 69.91
N ALA A 146 3.02 17.55 70.61
CA ALA A 146 3.86 16.51 71.25
C ALA A 146 4.45 15.51 70.27
N VAL A 147 3.71 15.22 69.20
CA VAL A 147 4.13 14.22 68.23
C VAL A 147 3.74 14.71 66.82
N ALA A 148 4.67 14.74 65.88
CA ALA A 148 4.37 15.05 64.46
C ALA A 148 3.73 13.83 63.86
N ARG A 149 2.49 13.97 63.41
CA ARG A 149 1.78 12.89 62.73
C ARG A 149 0.91 13.43 61.61
N GLN A 150 0.22 12.56 60.90
CA GLN A 150 -0.68 12.93 59.83
C GLN A 150 -1.93 13.50 60.42
N VAL A 151 -2.63 14.42 59.70
CA VAL A 151 -3.84 14.97 60.24
C VAL A 151 -5.11 14.29 59.74
N LEU A 152 -5.36 14.34 58.41
CA LEU A 152 -6.53 13.70 57.83
C LEU A 152 -6.05 12.54 56.99
N ASN A 153 -6.68 11.39 57.16
CA ASN A 153 -6.35 10.23 56.29
C ASN A 153 -7.62 9.76 55.61
N ILE A 154 -7.48 9.50 54.33
CA ILE A 154 -8.52 8.87 53.52
C ILE A 154 -7.91 7.64 52.90
N THR A 155 -8.09 6.50 53.55
CA THR A 155 -7.21 5.34 53.33
C THR A 155 -7.95 4.09 52.86
N GLY A 156 -7.82 3.77 51.58
CA GLY A 156 -8.18 2.48 51.03
C GLY A 156 -6.97 1.58 51.02
N SER A 157 -7.00 0.53 50.21
CA SER A 157 -5.87 -0.35 50.17
C SER A 157 -5.84 -1.16 48.89
N ALA A 158 -4.65 -1.59 48.52
CA ALA A 158 -4.48 -2.37 47.31
C ALA A 158 -5.09 -3.76 47.51
N PRO A 159 -5.43 -4.46 46.41
CA PRO A 159 -5.87 -5.85 46.55
C PRO A 159 -4.86 -6.72 47.29
N SER A 160 -5.39 -7.71 48.00
CA SER A 160 -4.55 -8.73 48.65
C SER A 160 -4.32 -9.94 47.76
N VAL A 161 -5.12 -10.08 46.72
CA VAL A 161 -4.99 -11.20 45.79
C VAL A 161 -5.39 -10.74 44.39
N PHE A 162 -4.73 -11.32 43.41
CA PHE A 162 -4.94 -11.00 42.03
C PHE A 162 -5.27 -12.26 41.30
N VAL A 163 -6.00 -12.09 40.19
CA VAL A 163 -6.26 -13.21 39.24
C VAL A 163 -5.73 -12.79 37.87
N PRO A 164 -5.24 -13.75 37.09
CA PRO A 164 -4.75 -13.41 35.76
C PRO A 164 -5.89 -12.98 34.83
N LEU A 165 -5.58 -12.11 33.85
CA LEU A 165 -6.54 -11.87 32.78
C LEU A 165 -6.65 -13.18 31.98
N ALA A 166 -7.81 -13.41 31.42
CA ALA A 166 -8.08 -14.61 30.58
C ALA A 166 -7.43 -14.46 29.22
N ALA A 167 -7.19 -13.22 28.80
CA ALA A 167 -6.56 -12.92 27.50
C ALA A 167 -5.96 -11.51 27.51
N ASP A 168 -5.00 -11.26 26.60
CA ASP A 168 -4.40 -9.95 26.45
C ASP A 168 -5.53 -8.89 26.24
N ALA A 169 -5.30 -7.71 26.81
CA ALA A 169 -6.19 -6.56 26.63
C ALA A 169 -5.35 -5.38 26.16
N ALA A 170 -5.44 -5.05 24.89
CA ALA A 170 -4.70 -3.92 24.31
C ALA A 170 -5.14 -2.58 24.86
N ALA A 171 -4.25 -1.60 24.75
CA ALA A 171 -4.63 -0.22 25.07
C ALA A 171 -5.86 0.14 24.24
N GLY A 172 -6.81 0.81 24.87
CA GLY A 172 -8.09 1.14 24.28
C GLY A 172 -9.21 0.14 24.54
N SER A 173 -8.88 -1.00 25.14
CA SER A 173 -9.88 -1.98 25.49
C SER A 173 -10.95 -1.40 26.41
N LYS A 174 -12.19 -1.70 26.08
CA LYS A 174 -13.36 -1.36 26.90
C LYS A 174 -13.72 -2.38 27.93
N VAL A 175 -13.24 -3.61 27.75
CA VAL A 175 -13.58 -4.78 28.47
C VAL A 175 -12.30 -5.51 28.79
N ILE A 176 -12.24 -6.10 29.99
CA ILE A 176 -11.27 -7.13 30.32
C ILE A 176 -11.97 -8.43 30.58
N THR A 177 -11.22 -9.52 30.50
CA THR A 177 -11.80 -10.84 30.71
C THR A 177 -11.00 -11.62 31.74
N VAL A 178 -11.74 -12.39 32.55
CA VAL A 178 -11.17 -13.30 33.53
C VAL A 178 -11.95 -14.62 33.45
N ALA A 179 -11.40 -15.68 33.99
CA ALA A 179 -12.16 -16.93 34.06
C ALA A 179 -13.41 -16.74 34.91
N ALA A 180 -14.51 -17.35 34.49
CA ALA A 180 -15.76 -17.28 35.24
C ALA A 180 -15.54 -17.76 36.66
N GLY A 181 -16.06 -16.98 37.62
CA GLY A 181 -15.92 -17.26 39.04
C GLY A 181 -14.59 -16.98 39.71
N ALA A 182 -13.62 -16.45 38.98
CA ALA A 182 -12.31 -16.14 39.55
C ALA A 182 -12.36 -14.90 40.43
N LEU A 183 -13.28 -13.99 40.13
CA LEU A 183 -13.27 -12.63 40.67
C LEU A 183 -14.72 -12.23 40.84
N SER A 184 -15.09 -11.68 41.99
CA SER A 184 -16.41 -11.08 42.07
C SER A 184 -16.36 -9.68 41.45
N ALA A 185 -17.06 -9.47 40.34
CA ALA A 185 -17.12 -8.18 39.68
C ALA A 185 -18.39 -7.51 40.01
N VAL A 186 -18.32 -6.43 40.81
CA VAL A 186 -19.50 -5.79 41.22
C VAL A 186 -19.65 -4.40 40.55
N LYS A 187 -20.78 -4.20 39.87
CA LYS A 187 -21.04 -2.96 39.17
C LYS A 187 -20.98 -1.78 40.13
N GLY A 188 -20.29 -0.74 39.71
CA GLY A 188 -20.12 0.48 40.48
C GLY A 188 -18.96 0.45 41.44
N THR A 189 -18.26 -0.71 41.55
CA THR A 189 -17.06 -0.83 42.36
C THR A 189 -15.84 -0.86 41.47
N TYR A 190 -14.65 -0.92 42.06
CA TYR A 190 -13.43 -0.73 41.34
C TYR A 190 -12.59 -1.98 41.23
N LEU A 191 -11.77 -1.99 40.17
CA LEU A 191 -10.75 -2.98 40.00
C LEU A 191 -9.40 -2.28 39.86
N TYR A 192 -8.36 -3.02 40.18
CA TYR A 192 -6.97 -2.58 40.08
C TYR A 192 -6.21 -3.56 39.20
N LEU A 193 -5.76 -3.10 38.04
CA LEU A 193 -5.07 -3.91 37.02
C LEU A 193 -3.59 -3.59 37.09
N ARG A 194 -2.76 -4.61 36.91
CA ARG A 194 -1.33 -4.37 36.87
C ARG A 194 -0.63 -5.38 35.97
N SER A 195 0.59 -5.05 35.57
CA SER A 195 1.47 -6.06 34.95
C SER A 195 2.91 -5.69 35.16
N ASN A 196 3.80 -6.56 34.69
CA ASN A 196 5.18 -6.32 34.75
C ASN A 196 5.76 -5.33 33.70
N LYS A 197 4.91 -4.84 32.81
CA LYS A 197 5.31 -3.85 31.87
C LYS A 197 5.74 -2.60 32.65
N LEU A 198 6.81 -1.96 32.21
CA LEU A 198 7.31 -0.70 32.83
C LEU A 198 6.44 0.49 32.44
N CYS A 199 6.19 1.37 33.42
CA CYS A 199 5.62 2.67 33.14
C CYS A 199 6.37 3.32 32.02
N ASP A 200 5.63 4.01 31.12
CA ASP A 200 6.18 4.47 29.86
C ASP A 200 6.06 5.96 29.60
N GLY A 201 5.61 6.70 30.61
CA GLY A 201 5.45 8.14 30.44
C GLY A 201 6.77 8.90 30.34
N GLY A 202 7.80 8.37 31.00
CA GLY A 202 9.06 9.02 31.11
C GLY A 202 10.18 8.01 31.28
N PRO A 203 11.39 8.52 31.52
CA PRO A 203 12.58 7.65 31.68
C PRO A 203 12.44 6.53 32.67
N ASN A 204 11.67 6.73 33.77
CA ASN A 204 11.33 5.67 34.70
C ASN A 204 12.59 4.93 35.19
N THR A 205 13.48 5.68 35.83
CA THR A 205 14.72 5.12 36.27
C THR A 205 14.60 4.07 37.38
N TYR A 206 13.55 4.16 38.20
CA TYR A 206 13.27 3.17 39.23
C TYR A 206 12.60 1.87 38.67
N GLY A 207 12.19 1.86 37.40
CA GLY A 207 11.49 0.68 36.85
C GLY A 207 10.15 0.39 37.56
N VAL A 208 9.40 1.47 37.79
CA VAL A 208 8.01 1.35 38.30
C VAL A 208 7.16 0.64 37.21
N LYS A 209 6.32 -0.29 37.64
CA LYS A 209 5.50 -1.12 36.75
C LYS A 209 4.11 -0.52 36.60
N ILE A 210 3.40 -0.89 35.54
CA ILE A 210 2.11 -0.32 35.22
C ILE A 210 0.98 -0.79 36.15
N SER A 211 0.06 0.13 36.44
CA SER A 211 -1.20 -0.19 37.08
C SER A 211 -2.26 0.84 36.71
N GLN A 212 -3.52 0.46 36.84
CA GLN A 212 -4.64 1.38 36.69
C GLN A 212 -5.78 0.95 37.55
N ILE A 213 -6.58 1.94 37.98
CA ILE A 213 -7.82 1.70 38.70
C ILE A 213 -8.97 2.02 37.76
N ARG A 214 -9.91 1.09 37.65
CA ARG A 214 -11.07 1.22 36.79
C ARG A 214 -12.36 0.87 37.57
N LYS A 215 -13.47 1.45 37.14
CA LYS A 215 -14.77 1.16 37.72
C LYS A 215 -15.51 0.15 36.83
N VAL A 216 -16.13 -0.84 37.47
CA VAL A 216 -16.92 -1.83 36.77
C VAL A 216 -18.29 -1.21 36.38
N VAL A 217 -18.65 -1.23 35.12
CA VAL A 217 -19.97 -0.75 34.69
C VAL A 217 -20.83 -1.77 33.92
N GLY A 218 -20.29 -2.97 33.65
CA GLY A 218 -21.08 -3.99 33.00
C GLY A 218 -20.41 -5.31 33.18
N VAL A 219 -21.21 -6.36 33.23
CA VAL A 219 -20.67 -7.71 33.38
C VAL A 219 -21.47 -8.70 32.59
N SER A 220 -20.77 -9.61 31.91
CA SER A 220 -21.43 -10.72 31.24
C SER A 220 -20.53 -11.92 31.22
N THR A 221 -21.14 -13.11 31.17
CA THR A 221 -20.36 -14.35 31.22
C THR A 221 -20.90 -15.23 30.10
N SER A 222 -19.97 -15.80 29.34
CA SER A 222 -20.29 -16.69 28.25
C SER A 222 -19.09 -17.62 28.06
N GLY A 223 -19.37 -18.89 27.80
CA GLY A 223 -18.27 -19.82 27.53
C GLY A 223 -17.19 -19.91 28.55
N GLY A 224 -17.55 -19.76 29.83
CA GLY A 224 -16.58 -19.89 30.87
C GLY A 224 -15.73 -18.66 31.17
N VAL A 225 -16.04 -17.56 30.49
CA VAL A 225 -15.24 -16.32 30.63
C VAL A 225 -16.13 -15.17 31.00
N THR A 226 -15.74 -14.42 32.04
CA THR A 226 -16.45 -13.23 32.41
C THR A 226 -15.80 -11.99 31.77
N SER A 227 -16.64 -11.21 31.09
CA SER A 227 -16.23 -10.00 30.43
C SER A 227 -16.68 -8.84 31.27
N ILE A 228 -15.72 -8.04 31.72
CA ILE A 228 -16.01 -6.93 32.65
C ILE A 228 -15.82 -5.59 31.89
N ARG A 229 -16.91 -4.87 31.72
CA ARG A 229 -16.90 -3.59 31.02
C ARG A 229 -16.49 -2.51 32.01
N LEU A 230 -15.55 -1.68 31.59
CA LEU A 230 -14.95 -0.61 32.41
C LEU A 230 -15.53 0.74 32.08
N ASP A 231 -15.49 1.63 33.06
CA ASP A 231 -15.88 3.03 32.82
C ASP A 231 -15.01 3.73 31.77
N LYS A 232 -13.71 3.55 31.90
CA LYS A 232 -12.69 4.12 31.06
C LYS A 232 -11.83 3.04 30.43
N THR A 233 -11.34 3.31 29.24
CA THR A 233 -10.54 2.31 28.55
C THR A 233 -9.13 2.20 29.11
N LEU A 234 -8.48 1.09 28.80
CA LEU A 234 -7.11 0.88 29.23
C LEU A 234 -6.09 1.74 28.48
N HIS A 235 -5.04 2.20 29.20
CA HIS A 235 -4.05 3.08 28.59
C HIS A 235 -2.68 2.42 28.34
N TYR A 236 -2.63 1.11 28.56
CA TYR A 236 -1.48 0.31 28.15
C TYR A 236 -2.01 -0.99 27.61
N ASN A 237 -1.11 -1.69 26.91
CA ASN A 237 -1.38 -3.06 26.56
C ASN A 237 -1.11 -3.88 27.82
N TYR A 238 -2.10 -4.65 28.23
CA TYR A 238 -1.99 -5.59 29.35
C TYR A 238 -1.89 -7.00 28.81
N TYR A 239 -0.68 -7.52 28.83
CA TYR A 239 -0.44 -8.77 28.17
C TYR A 239 -0.12 -9.88 29.17
N LEU A 240 -0.56 -11.11 28.82
CA LEU A 240 -0.28 -12.25 29.65
C LEU A 240 1.20 -12.54 29.78
N SER A 241 1.99 -12.23 28.73
CA SER A 241 3.43 -12.41 28.83
C SER A 241 4.05 -11.48 29.86
N ASP A 242 3.30 -10.45 30.26
CA ASP A 242 3.73 -9.56 31.33
C ASP A 242 3.02 -9.88 32.64
N ALA A 243 2.39 -11.02 32.72
CA ALA A 243 1.65 -11.46 33.90
C ALA A 243 0.57 -10.45 34.25
N ALA A 244 -0.17 -10.00 33.24
CA ALA A 244 -1.27 -9.04 33.46
C ALA A 244 -2.30 -9.70 34.36
N GLU A 245 -2.75 -8.96 35.38
CA GLU A 245 -3.65 -9.49 36.39
C GLU A 245 -4.48 -8.38 37.01
N VAL A 246 -5.52 -8.77 37.73
CA VAL A 246 -6.48 -7.81 38.26
C VAL A 246 -6.96 -8.29 39.65
N GLY A 247 -7.15 -7.33 40.54
CA GLY A 247 -7.70 -7.58 41.87
C GLY A 247 -8.66 -6.49 42.25
N ILE A 248 -9.29 -6.69 43.41
CA ILE A 248 -10.28 -5.76 43.93
C ILE A 248 -9.64 -4.97 45.05
N PRO A 249 -9.43 -3.65 44.85
CA PRO A 249 -8.93 -2.79 45.89
C PRO A 249 -10.03 -2.40 46.85
N THR A 250 -9.63 -1.91 48.01
CA THR A 250 -10.55 -1.24 48.92
C THR A 250 -10.43 0.25 48.63
N MET A 251 -11.51 0.85 48.20
CA MET A 251 -11.55 2.28 47.91
C MET A 251 -12.29 3.03 48.97
N VAL A 252 -11.88 4.28 49.16
CA VAL A 252 -12.71 5.21 49.92
C VAL A 252 -13.24 6.20 48.88
N GLU A 253 -14.57 6.30 48.76
CA GLU A 253 -15.12 7.07 47.68
C GLU A 253 -16.04 8.19 48.10
N ASN A 254 -16.02 9.25 47.32
CA ASN A 254 -16.96 10.38 47.52
C ASN A 254 -16.72 11.10 48.84
N VAL A 255 -15.54 11.57 49.03
CA VAL A 255 -15.18 12.35 50.21
C VAL A 255 -14.95 13.82 49.80
N THR A 256 -15.64 14.72 50.50
CA THR A 256 -15.50 16.15 50.25
C THR A 256 -14.95 16.84 51.43
N LEU A 257 -13.88 17.59 51.23
CA LEU A 257 -13.30 18.38 52.30
C LEU A 257 -13.43 19.88 51.92
N VAL A 258 -14.31 20.56 52.65
CA VAL A 258 -14.68 21.91 52.37
C VAL A 258 -13.93 22.82 53.29
N SER A 259 -13.04 23.62 52.72
CA SER A 259 -12.25 24.64 53.46
C SER A 259 -11.44 24.07 54.63
N PRO A 260 -10.70 23.00 54.41
CA PRO A 260 -9.90 22.49 55.53
C PRO A 260 -8.88 23.52 56.05
N TYR A 261 -8.90 23.77 57.35
CA TYR A 261 -7.94 24.70 57.97
C TYR A 261 -7.13 23.84 58.97
N ILE A 262 -5.93 23.52 58.55
CA ILE A 262 -4.99 22.68 59.30
C ILE A 262 -3.80 23.51 59.79
N ASN A 263 -3.73 23.64 61.10
CA ASN A 263 -2.74 24.45 61.83
C ASN A 263 -3.09 25.91 61.67
N GLU A 264 -2.27 26.77 62.25
CA GLU A 264 -2.57 28.20 62.27
C GLU A 264 -1.23 28.92 62.43
N PHE A 265 -1.16 30.17 61.97
CA PHE A 265 0.01 30.97 62.12
C PHE A 265 0.34 31.08 63.59
N GLY A 266 1.66 31.09 63.87
CA GLY A 266 2.18 31.07 65.27
C GLY A 266 2.52 29.67 65.73
N TYR A 267 2.23 28.69 64.87
CA TYR A 267 2.49 27.32 65.19
C TYR A 267 3.94 27.07 65.57
N ASP A 268 4.89 27.79 64.96
CA ASP A 268 6.33 27.55 65.14
C ASP A 268 6.84 28.02 66.52
N ASP A 269 6.15 28.96 67.11
CA ASP A 269 6.39 29.36 68.48
C ASP A 269 5.93 28.32 69.51
N LEU A 270 5.04 27.41 69.11
CA LEU A 270 4.56 26.34 69.99
C LEU A 270 5.09 24.98 69.57
N ASN A 271 6.04 24.98 68.63
CA ASN A 271 6.64 23.75 68.13
C ASN A 271 5.59 22.77 67.65
N ARG A 272 4.55 23.32 67.03
CA ARG A 272 3.38 22.54 66.67
C ARG A 272 3.41 22.24 65.15
N PHE A 273 3.80 21.02 64.80
CA PHE A 273 3.96 20.58 63.41
C PHE A 273 3.08 19.35 63.11
N PHE A 274 3.26 18.79 61.91
CA PHE A 274 2.61 17.56 61.48
C PHE A 274 3.47 16.98 60.40
N THR A 275 3.10 15.82 59.85
CA THR A 275 3.88 15.27 58.78
C THR A 275 3.13 15.54 57.47
N ILE A 276 2.13 14.73 57.13
CA ILE A 276 1.28 14.95 55.94
C ILE A 276 -0.06 15.49 56.43
N GLY A 277 -0.51 16.61 55.85
CA GLY A 277 -1.80 17.25 56.21
C GLY A 277 -2.99 16.38 55.88
N ILE A 278 -3.10 16.02 54.61
CA ILE A 278 -4.18 15.23 54.07
C ILE A 278 -3.56 14.11 53.21
N SER A 279 -3.63 12.87 53.69
CA SER A 279 -3.07 11.79 52.95
C SER A 279 -4.15 10.84 52.47
N ALA A 280 -4.21 10.63 51.16
CA ALA A 280 -5.16 9.76 50.53
C ALA A 280 -4.50 8.65 49.77
N ASN A 281 -5.02 7.45 49.92
CA ASN A 281 -4.49 6.29 49.19
C ASN A 281 -5.75 5.50 48.79
N PHE A 282 -5.87 5.20 47.48
CA PHE A 282 -7.01 4.45 46.97
C PHE A 282 -8.30 5.13 47.28
N ALA A 283 -8.35 6.44 46.98
CA ALA A 283 -9.54 7.19 47.06
C ALA A 283 -10.10 7.45 45.66
N ALA A 284 -11.42 7.55 45.57
CA ALA A 284 -12.08 7.94 44.32
C ALA A 284 -12.99 9.14 44.63
N ASP A 285 -12.99 10.12 43.77
CA ASP A 285 -13.84 11.29 43.94
C ASP A 285 -13.60 11.94 45.29
N LEU A 286 -12.37 12.21 45.61
CA LEU A 286 -11.97 13.00 46.73
C LEU A 286 -11.79 14.41 46.21
N HIS A 287 -12.59 15.32 46.72
CA HIS A 287 -12.60 16.72 46.28
C HIS A 287 -12.29 17.60 47.46
N ILE A 288 -11.23 18.36 47.34
CA ILE A 288 -10.76 19.28 48.37
C ILE A 288 -10.99 20.71 47.84
N GLN A 289 -11.73 21.51 48.58
CA GLN A 289 -12.08 22.88 48.13
C GLN A 289 -11.57 23.91 49.12
N ASP A 290 -10.79 24.86 48.64
CA ASP A 290 -10.28 25.96 49.44
C ASP A 290 -9.50 25.53 50.68
N GLY A 291 -9.60 26.25 51.78
CA GLY A 291 -8.85 25.95 53.00
C GLY A 291 -7.40 26.44 52.97
N VAL A 292 -6.72 26.26 54.09
CA VAL A 292 -5.36 26.68 54.30
C VAL A 292 -4.66 25.60 55.11
N ILE A 293 -3.52 25.15 54.61
CA ILE A 293 -2.69 24.19 55.33
C ILE A 293 -1.34 24.85 55.58
N ILE A 294 -0.99 24.99 56.86
CA ILE A 294 0.18 25.74 57.25
C ILE A 294 1.08 24.94 58.20
N GLY A 295 2.40 24.93 57.93
CA GLY A 295 3.39 24.77 58.98
C GLY A 295 3.70 23.37 59.43
N ASN A 296 4.26 22.58 58.53
CA ASN A 296 4.88 21.32 58.94
C ASN A 296 6.40 21.42 58.90
N LYS A 297 6.89 22.65 58.71
CA LYS A 297 8.26 23.03 58.95
C LYS A 297 8.25 24.46 59.46
N ARG A 298 9.32 24.89 60.05
CA ARG A 298 9.48 26.31 60.43
C ARG A 298 9.57 27.21 59.22
N PRO A 299 9.09 28.47 59.35
CA PRO A 299 9.14 29.35 58.20
C PRO A 299 10.52 29.56 57.59
N GLY A 300 10.63 29.27 56.30
CA GLY A 300 11.88 29.45 55.58
C GLY A 300 12.93 28.38 55.82
N ALA A 301 12.54 27.34 56.56
CA ALA A 301 13.51 26.33 57.01
C ALA A 301 13.75 25.29 55.95
N SER A 302 14.71 24.40 56.23
CA SER A 302 15.00 23.33 55.34
C SER A 302 13.84 22.42 55.06
N ASP A 303 13.89 21.81 53.88
CA ASP A 303 12.88 20.84 53.48
C ASP A 303 12.96 19.63 54.38
N ILE A 304 11.82 18.96 54.52
CA ILE A 304 11.63 17.76 55.30
C ILE A 304 10.99 16.68 54.47
N GLU A 305 11.75 15.65 54.15
CA GLU A 305 11.31 14.57 53.25
C GLU A 305 9.99 13.98 53.66
N GLY A 306 9.08 13.90 52.68
CA GLY A 306 7.79 13.30 52.84
C GLY A 306 6.68 14.14 53.44
N ARG A 307 7.03 15.29 54.01
CA ARG A 307 6.04 16.13 54.66
C ARG A 307 5.25 17.02 53.69
N SER A 308 4.48 16.37 52.83
CA SER A 308 3.62 17.07 51.89
C SER A 308 2.32 17.49 52.55
N ALA A 309 1.78 18.62 52.07
CA ALA A 309 0.53 19.11 52.64
C ALA A 309 -0.64 18.19 52.28
N ILE A 310 -0.75 17.87 50.97
CA ILE A 310 -1.75 16.96 50.45
C ILE A 310 -1.05 15.91 49.61
N LYS A 311 -1.40 14.65 49.84
CA LYS A 311 -0.77 13.55 49.06
C LYS A 311 -1.89 12.64 48.54
N PHE A 312 -1.90 12.51 47.21
CA PHE A 312 -2.82 11.63 46.48
C PHE A 312 -2.02 10.47 45.93
N ASN A 313 -2.25 9.30 46.48
CA ASN A 313 -1.59 8.06 46.04
C ASN A 313 -2.68 7.15 45.51
N ASN A 314 -2.57 6.74 44.27
CA ASN A 314 -3.57 5.83 43.68
C ASN A 314 -5.00 6.36 43.84
N CYS A 315 -5.17 7.64 43.53
CA CYS A 315 -6.48 8.28 43.61
C CYS A 315 -7.05 8.54 42.23
N VAL A 316 -8.35 8.39 42.07
CA VAL A 316 -8.97 8.62 40.78
C VAL A 316 -10.04 9.69 40.87
N ASP A 317 -10.16 10.46 39.82
CA ASP A 317 -11.19 11.51 39.70
C ASP A 317 -11.20 12.41 40.96
N SER A 318 -10.02 12.84 41.39
CA SER A 318 -9.85 13.57 42.62
C SER A 318 -9.24 14.93 42.32
N THR A 319 -9.57 15.95 43.12
CA THR A 319 -9.22 17.34 42.83
C THR A 319 -8.85 18.10 44.06
N VAL A 320 -8.03 19.12 43.87
CA VAL A 320 -7.74 20.16 44.84
C VAL A 320 -8.02 21.49 44.14
N LYS A 321 -8.93 22.26 44.67
CA LYS A 321 -9.30 23.56 44.07
C LYS A 321 -9.27 24.68 45.10
N GLY A 322 -8.38 25.62 44.93
CA GLY A 322 -8.40 26.89 45.71
C GLY A 322 -7.60 26.90 47.00
N THR A 323 -7.06 25.73 47.41
CA THR A 323 -6.39 25.62 48.70
C THR A 323 -5.11 26.47 48.73
N CYS A 324 -4.79 27.07 49.87
CA CYS A 324 -3.59 27.80 50.08
C CYS A 324 -2.66 27.00 51.04
N PHE A 325 -1.37 27.13 50.78
CA PHE A 325 -0.32 26.37 51.46
C PHE A 325 0.81 27.34 51.88
N TYR A 326 1.18 27.31 53.19
CA TYR A 326 2.28 28.07 53.70
C TYR A 326 3.25 27.18 54.48
N ASN A 327 4.55 27.32 54.25
CA ASN A 327 5.55 26.80 55.20
C ASN A 327 5.47 25.26 55.26
N ILE A 328 5.68 24.64 54.11
CA ILE A 328 5.50 23.22 53.97
C ILE A 328 6.85 22.56 53.68
N GLY A 329 7.13 21.47 54.37
CA GLY A 329 8.43 20.81 54.29
C GLY A 329 8.70 20.14 52.97
N TRP A 330 7.67 19.64 52.33
CA TRP A 330 7.85 18.91 51.07
C TRP A 330 6.88 19.53 50.04
N TYR A 331 6.00 18.74 49.42
CA TYR A 331 5.22 19.25 48.30
C TYR A 331 3.85 19.78 48.76
N GLY A 332 3.34 20.80 48.07
CA GLY A 332 1.96 21.27 48.32
C GLY A 332 0.96 20.18 48.06
N VAL A 333 0.94 19.76 46.79
CA VAL A 333 0.12 18.64 46.38
C VAL A 333 1.07 17.64 45.71
N GLU A 334 1.14 16.44 46.29
CA GLU A 334 1.95 15.33 45.75
C GLU A 334 1.01 14.32 45.16
N VAL A 335 1.29 13.93 43.92
CA VAL A 335 0.42 13.01 43.19
C VAL A 335 1.30 11.83 42.76
N LEU A 336 0.93 10.63 43.13
CA LEU A 336 1.75 9.42 42.79
C LEU A 336 0.88 8.19 42.67
N GLY A 337 1.55 7.08 42.39
CA GLY A 337 0.85 5.88 42.07
C GLY A 337 0.05 6.08 40.77
N CYS A 338 -0.92 5.20 40.51
CA CYS A 338 -1.70 5.31 39.27
C CYS A 338 -2.86 6.31 39.44
N SER A 339 -2.56 7.45 40.05
CA SER A 339 -3.58 8.48 40.18
C SER A 339 -3.97 8.96 38.79
N GLU A 340 -5.27 9.04 38.52
CA GLU A 340 -5.75 9.23 37.16
C GLU A 340 -6.91 10.21 37.15
N ASP A 341 -6.85 11.18 36.26
CA ASP A 341 -7.88 12.25 36.14
C ASP A 341 -7.85 13.06 37.45
N THR A 342 -6.68 13.56 37.78
CA THR A 342 -6.38 14.39 38.91
C THR A 342 -6.31 15.83 38.41
N GLU A 343 -6.90 16.76 39.16
CA GLU A 343 -6.83 18.18 38.77
C GLU A 343 -6.51 19.01 40.01
N VAL A 344 -5.68 20.03 39.81
CA VAL A 344 -5.35 21.01 40.81
C VAL A 344 -5.59 22.38 40.22
N HIS A 345 -6.55 23.13 40.80
CA HIS A 345 -6.92 24.45 40.27
C HIS A 345 -6.69 25.48 41.34
N ASP A 346 -6.24 26.66 40.93
CA ASP A 346 -6.38 27.87 41.74
C ASP A 346 -5.64 27.84 43.07
N ILE A 347 -4.64 26.96 43.23
CA ILE A 347 -3.90 26.97 44.50
C ILE A 347 -2.89 28.09 44.61
N HIS A 348 -2.61 28.53 45.84
CA HIS A 348 -1.54 29.44 46.09
C HIS A 348 -0.60 28.71 47.08
N ALA A 349 0.66 28.53 46.73
CA ALA A 349 1.64 27.85 47.58
C ALA A 349 2.88 28.72 47.80
N MET A 350 3.19 29.01 49.08
CA MET A 350 4.22 29.92 49.47
C MET A 350 5.17 29.23 50.50
N ASP A 351 6.47 29.18 50.19
CA ASP A 351 7.53 28.56 51.01
C ASP A 351 7.27 27.07 51.22
N VAL A 352 7.42 26.36 50.10
CA VAL A 352 7.19 24.91 50.00
C VAL A 352 8.31 24.39 49.11
N ARG A 353 8.50 23.06 49.05
CA ARG A 353 9.55 22.57 48.20
C ARG A 353 9.15 22.59 46.69
N HIS A 354 8.00 22.00 46.37
CA HIS A 354 7.36 22.15 45.06
C HIS A 354 5.87 22.46 45.35
N ALA A 355 5.23 23.37 44.60
CA ALA A 355 3.84 23.58 44.81
C ALA A 355 3.00 22.33 44.45
N ILE A 356 3.32 21.78 43.28
CA ILE A 356 2.76 20.52 42.78
C ILE A 356 3.92 19.68 42.36
N SER A 357 3.89 18.37 42.73
CA SER A 357 4.87 17.42 42.18
C SER A 357 4.18 16.09 41.93
N LEU A 358 4.24 15.65 40.69
CA LEU A 358 3.97 14.28 40.37
C LEU A 358 5.19 13.49 40.71
N ASN A 359 4.99 12.34 41.35
CA ASN A 359 6.14 11.59 41.88
C ASN A 359 6.34 10.20 41.33
N TRP A 360 7.60 9.76 41.45
CA TRP A 360 7.94 8.38 41.23
C TRP A 360 7.80 7.62 42.54
N GLN A 361 8.17 6.34 42.50
CA GLN A 361 8.24 5.52 43.69
C GLN A 361 9.55 4.77 43.68
N SER A 362 10.29 4.88 44.77
CA SER A 362 11.54 4.17 44.92
C SER A 362 11.29 2.67 44.99
N THR A 363 12.02 1.91 44.14
CA THR A 363 11.98 0.47 44.13
C THR A 363 13.16 -0.16 44.86
N ALA A 364 13.83 0.63 45.70
CA ALA A 364 15.00 0.15 46.44
C ALA A 364 14.70 -1.12 47.24
N ASP A 365 13.52 -1.18 47.86
CA ASP A 365 13.10 -2.26 48.74
C ASP A 365 12.15 -3.26 48.07
N GLY A 366 11.80 -3.03 46.80
CA GLY A 366 10.97 -3.94 46.05
C GLY A 366 10.16 -3.27 44.98
N ASP A 367 9.41 -4.07 44.23
CA ASP A 367 8.62 -3.59 43.11
C ASP A 367 7.59 -2.54 43.55
N LYS A 368 7.33 -1.61 42.65
CA LYS A 368 6.28 -0.61 42.83
C LYS A 368 5.50 -0.47 41.55
N TRP A 369 4.23 -0.04 41.64
CA TRP A 369 3.37 0.06 40.48
C TRP A 369 2.69 1.44 40.47
N GLY A 370 2.55 1.99 39.28
CA GLY A 370 1.70 3.11 39.01
C GLY A 370 2.39 4.42 38.73
N GLU A 371 1.99 5.04 37.62
CA GLU A 371 2.34 6.44 37.31
C GLU A 371 1.08 7.24 37.14
N PRO A 372 1.15 8.55 37.44
CA PRO A 372 -0.06 9.32 37.20
C PRO A 372 -0.41 9.40 35.71
N ILE A 373 -1.71 9.43 35.39
CA ILE A 373 -2.20 9.49 34.02
C ILE A 373 -3.30 10.57 33.99
N GLU A 374 -3.18 11.53 33.08
CA GLU A 374 -4.17 12.61 32.92
C GLU A 374 -4.18 13.50 34.16
N PHE A 375 -3.30 14.49 34.13
CA PHE A 375 -3.13 15.43 35.23
C PHE A 375 -3.26 16.84 34.65
N LEU A 376 -4.04 17.68 35.33
CA LEU A 376 -4.18 19.08 34.99
C LEU A 376 -3.86 19.95 36.19
N GLY A 377 -2.99 20.90 35.99
CA GLY A 377 -2.76 21.99 36.93
C GLY A 377 -3.13 23.27 36.22
N VAL A 378 -4.08 24.05 36.76
CA VAL A 378 -4.57 25.23 36.06
C VAL A 378 -4.69 26.42 37.02
N ASN A 379 -4.19 27.57 36.60
CA ASN A 379 -4.30 28.83 37.38
C ASN A 379 -3.75 28.73 38.78
N CYS A 380 -2.60 28.02 38.93
CA CYS A 380 -1.95 27.89 40.20
C CYS A 380 -0.78 28.86 40.35
N GLU A 381 -0.47 29.27 41.57
CA GLU A 381 0.59 30.23 41.81
C GLU A 381 1.52 29.68 42.87
N ALA A 382 2.83 29.78 42.59
CA ALA A 382 3.89 29.39 43.54
C ALA A 382 4.83 30.53 43.81
N TYR A 383 5.11 30.75 45.08
CA TYR A 383 6.10 31.74 45.54
C TYR A 383 7.22 31.10 46.43
N SER A 384 8.46 31.42 46.11
CA SER A 384 9.57 31.13 46.99
C SER A 384 9.66 29.63 47.31
N THR A 385 9.57 28.82 46.26
CA THR A 385 9.74 27.39 46.40
C THR A 385 11.23 27.12 46.58
N THR A 386 11.55 26.11 47.38
CA THR A 386 12.93 25.77 47.62
C THR A 386 13.52 24.93 46.50
N GLN A 387 12.66 24.23 45.78
CA GLN A 387 13.00 23.58 44.56
C GLN A 387 12.03 24.03 43.48
N ALA A 388 11.82 23.26 42.42
CA ALA A 388 11.04 23.70 41.28
C ALA A 388 9.64 24.09 41.73
N GLY A 389 9.13 25.16 41.13
CA GLY A 389 7.75 25.59 41.42
C GLY A 389 6.72 24.47 41.20
N PHE A 390 6.74 23.95 39.98
CA PHE A 390 5.81 22.92 39.50
C PHE A 390 6.68 21.82 38.91
N ASP A 391 6.40 20.61 39.31
CA ASP A 391 7.36 19.53 39.10
C ASP A 391 6.70 18.21 38.69
N THR A 392 7.43 17.46 37.85
CA THR A 392 7.19 16.02 37.77
C THR A 392 8.52 15.31 38.03
N HIS A 393 8.36 14.06 38.42
CA HIS A 393 9.46 13.14 38.46
C HIS A 393 9.47 12.39 37.11
N ASP A 394 10.12 11.23 37.03
CA ASP A 394 10.39 10.67 35.70
C ASP A 394 9.39 9.63 35.19
N ILE A 395 8.15 9.65 35.71
CA ILE A 395 7.06 8.92 35.18
C ILE A 395 5.84 9.83 35.17
N GLY A 396 4.79 9.37 34.55
CA GLY A 396 3.55 10.16 34.38
C GLY A 396 3.21 10.39 32.93
N LYS A 397 1.95 10.32 32.59
CA LYS A 397 1.43 10.45 31.24
C LYS A 397 0.37 11.54 31.18
N ARG A 398 0.34 12.28 30.10
CA ARG A 398 -0.75 13.25 29.81
C ARG A 398 -0.84 14.31 30.92
N VAL A 399 0.28 14.96 31.10
CA VAL A 399 0.46 16.00 32.13
C VAL A 399 0.42 17.35 31.46
N LYS A 400 -0.46 18.22 31.97
CA LYS A 400 -0.65 19.54 31.42
C LYS A 400 -0.65 20.57 32.53
N PHE A 401 0.03 21.69 32.32
CA PHE A 401 -0.05 22.87 33.19
C PHE A 401 -0.54 24.06 32.38
N VAL A 402 -1.59 24.71 32.87
CA VAL A 402 -2.27 25.77 32.12
C VAL A 402 -2.33 27.04 32.97
N ARG A 403 -1.77 28.13 32.47
CA ARG A 403 -1.82 29.45 33.14
C ARG A 403 -1.37 29.38 34.59
N CYS A 404 -0.36 28.54 34.89
CA CYS A 404 0.31 28.57 36.19
C CYS A 404 1.45 29.58 36.19
N VAL A 405 1.80 30.08 37.36
CA VAL A 405 2.85 31.04 37.52
C VAL A 405 3.75 30.66 38.71
N SER A 406 5.07 30.70 38.50
CA SER A 406 6.06 30.54 39.58
C SER A 406 6.88 31.84 39.74
N TYR A 407 6.99 32.31 40.97
CA TYR A 407 7.79 33.45 41.33
C TYR A 407 8.92 33.04 42.28
N ASP A 408 10.15 33.47 41.96
CA ASP A 408 11.25 33.43 42.89
C ASP A 408 11.60 32.04 43.42
N SER A 409 11.53 31.05 42.52
CA SER A 409 12.00 29.73 42.86
C SER A 409 13.51 29.75 43.09
N ALA A 410 13.95 28.88 43.99
CA ALA A 410 15.37 28.63 44.26
C ALA A 410 15.96 27.70 43.26
N ALA A 411 15.12 27.13 42.42
CA ALA A 411 15.60 26.27 41.35
C ALA A 411 14.92 26.70 40.07
N ALA A 412 14.22 25.83 39.37
CA ALA A 412 13.48 26.16 38.19
C ALA A 412 12.09 26.64 38.54
N GLY A 413 11.49 27.41 37.66
CA GLY A 413 10.06 27.69 37.83
C GLY A 413 9.23 26.43 37.65
N PHE A 414 9.45 25.76 36.54
CA PHE A 414 8.79 24.55 36.16
C PHE A 414 9.86 23.51 35.73
N GLN A 415 9.70 22.30 36.23
CA GLN A 415 10.63 21.20 35.89
C GLN A 415 9.82 19.99 35.40
N ALA A 416 10.13 19.56 34.20
CA ALA A 416 9.58 18.34 33.63
C ALA A 416 10.65 17.25 33.70
N ARG A 417 10.29 16.13 34.29
CA ARG A 417 11.17 14.94 34.27
C ARG A 417 10.52 13.74 33.61
N THR A 418 9.30 13.90 33.15
CA THR A 418 8.62 12.87 32.35
C THR A 418 8.48 13.45 30.92
N ASN A 419 8.17 12.62 29.95
CA ASN A 419 8.29 13.01 28.55
C ASN A 419 7.05 13.78 28.09
N GLY A 420 7.23 14.76 27.23
CA GLY A 420 6.08 15.46 26.64
C GLY A 420 5.10 16.14 27.55
N VAL A 421 5.64 16.79 28.59
CA VAL A 421 4.78 17.58 29.46
C VAL A 421 4.45 18.85 28.66
N GLU A 422 3.18 19.25 28.69
CA GLU A 422 2.69 20.40 27.95
C GLU A 422 2.35 21.55 28.89
N TYR A 423 2.78 22.71 28.48
CA TYR A 423 2.59 23.97 29.25
C TYR A 423 1.91 24.99 28.33
N LEU A 424 0.75 25.50 28.77
CA LEU A 424 -0.03 26.43 28.00
C LEU A 424 -0.09 27.76 28.80
N ASN A 425 0.50 28.81 28.27
CA ASN A 425 0.37 30.16 28.82
C ASN A 425 0.85 30.27 30.28
N CYS A 426 1.85 29.44 30.63
CA CYS A 426 2.48 29.52 31.95
C CYS A 426 3.52 30.66 32.01
N ARG A 427 3.87 31.09 33.20
CA ARG A 427 4.82 32.17 33.39
C ARG A 427 5.77 31.82 34.51
N ALA A 428 7.05 32.13 34.33
CA ALA A 428 8.06 31.98 35.37
C ALA A 428 8.82 33.30 35.53
N TYR A 429 8.92 33.75 36.77
CA TYR A 429 9.61 34.98 37.13
C TYR A 429 10.72 34.69 38.12
N ARG A 430 11.92 35.18 37.82
CA ARG A 430 13.01 35.28 38.81
C ARG A 430 13.43 33.96 39.44
N ALA A 431 13.32 32.87 38.66
CA ALA A 431 13.89 31.63 39.11
C ALA A 431 15.43 31.77 39.22
N ALA A 432 15.99 31.11 40.20
CA ALA A 432 17.44 31.14 40.40
C ALA A 432 18.17 30.48 39.28
N MET A 433 17.52 29.50 38.64
CA MET A 433 18.10 28.85 37.49
C MET A 433 17.27 29.11 36.24
N ASP A 434 16.47 28.12 35.78
CA ASP A 434 15.74 28.23 34.53
C ASP A 434 14.26 28.49 34.81
N GLY A 435 13.61 29.37 34.05
CA GLY A 435 12.17 29.51 34.17
C GLY A 435 11.46 28.15 34.02
N PHE A 436 11.73 27.51 32.89
CA PHE A 436 11.21 26.18 32.54
C PHE A 436 12.35 25.31 32.16
N ALA A 437 12.32 24.04 32.62
CA ALA A 437 13.42 23.16 32.24
C ALA A 437 12.93 21.72 32.20
N SER A 438 13.58 20.95 31.34
CA SER A 438 13.50 19.52 31.47
C SER A 438 14.71 19.06 32.32
N ASN A 439 15.14 17.80 32.17
CA ASN A 439 16.27 17.31 32.95
C ASN A 439 16.82 16.09 32.25
N THR A 440 17.85 15.48 32.85
CA THR A 440 18.60 14.39 32.20
C THR A 440 17.68 13.31 31.64
N GLY A 441 17.86 13.00 30.36
CA GLY A 441 17.16 11.92 29.69
C GLY A 441 15.69 12.18 29.34
N VAL A 442 15.24 13.42 29.50
CA VAL A 442 13.83 13.77 29.34
C VAL A 442 13.57 14.33 27.96
N ALA A 443 12.52 13.83 27.32
CA ALA A 443 12.21 14.12 25.91
C ALA A 443 11.16 15.24 25.80
N PHE A 444 11.47 16.22 24.95
CA PHE A 444 10.51 17.16 24.31
C PHE A 444 9.30 17.60 25.10
N PRO A 445 9.55 18.40 26.18
CA PRO A 445 8.47 19.21 26.70
C PRO A 445 8.00 20.17 25.62
N ILE A 446 6.74 20.61 25.75
CA ILE A 446 6.08 21.46 24.82
C ILE A 446 5.66 22.73 25.55
N TYR A 447 6.14 23.86 25.08
CA TYR A 447 5.78 25.15 25.69
C TYR A 447 5.01 25.98 24.66
N ARG A 448 3.79 26.38 25.01
CA ARG A 448 2.94 27.18 24.12
C ARG A 448 2.61 28.53 24.78
N GLU A 449 3.09 29.61 24.22
CA GLU A 449 2.78 30.99 24.65
C GLU A 449 3.21 31.18 26.12
N CYS A 450 4.27 30.47 26.53
CA CYS A 450 4.78 30.64 27.88
C CYS A 450 5.76 31.80 27.93
N LEU A 451 5.86 32.41 29.10
CA LEU A 451 6.57 33.64 29.27
C LEU A 451 7.50 33.52 30.44
N ALA A 452 8.78 33.89 30.23
CA ALA A 452 9.81 33.77 31.23
C ALA A 452 10.50 35.14 31.44
N TYR A 453 10.48 35.66 32.65
CA TYR A 453 11.04 36.98 32.98
C TYR A 453 12.07 36.90 34.11
N ASP A 454 13.29 37.32 33.80
CA ASP A 454 14.30 37.56 34.78
C ASP A 454 14.77 36.31 35.55
N ASN A 455 14.62 35.16 34.91
CA ASN A 455 15.21 33.95 35.42
C ASN A 455 16.69 33.99 35.17
N VAL A 456 17.48 33.66 36.19
CA VAL A 456 18.91 33.94 36.11
C VAL A 456 19.61 33.28 34.93
N ARG A 457 19.44 31.97 34.77
CA ARG A 457 20.21 31.25 33.80
C ARG A 457 19.54 31.21 32.41
N SER A 458 18.28 30.81 32.35
CA SER A 458 17.62 30.74 31.06
C SER A 458 16.11 30.83 31.21
N GLY A 459 15.45 31.23 30.14
CA GLY A 459 13.96 31.26 30.15
C GLY A 459 13.47 29.79 30.08
N PHE A 460 13.97 29.06 29.06
CA PHE A 460 13.62 27.70 28.76
C PHE A 460 14.90 26.91 28.57
N ASN A 461 15.05 25.84 29.32
CA ASN A 461 16.20 24.91 29.21
C ASN A 461 15.70 23.52 28.88
N CYS A 462 15.63 23.24 27.59
CA CYS A 462 15.29 21.90 27.07
C CYS A 462 16.45 21.38 26.28
N SER A 463 17.64 21.51 26.86
CA SER A 463 18.90 21.05 26.21
C SER A 463 19.26 19.63 26.55
N TYR A 464 18.40 18.96 27.30
CA TYR A 464 18.61 17.58 27.73
C TYR A 464 18.12 16.55 26.76
N GLY A 465 17.12 16.87 25.99
CA GLY A 465 16.52 15.89 25.05
C GLY A 465 15.45 16.51 24.18
N GLY A 466 15.70 17.76 23.79
CA GLY A 466 14.95 18.44 22.83
C GLY A 466 13.76 19.19 23.42
N GLY A 467 13.25 20.12 22.66
CA GLY A 467 12.05 20.81 23.09
C GLY A 467 11.28 21.40 21.95
N TYR A 468 10.02 21.71 22.23
CA TYR A 468 9.17 22.45 21.29
C TYR A 468 8.79 23.74 21.98
N VAL A 469 9.26 24.85 21.46
CA VAL A 469 9.12 26.16 22.10
C VAL A 469 8.36 27.07 21.17
N TYR A 470 7.04 27.17 21.40
CA TYR A 470 6.12 27.74 20.44
C TYR A 470 5.57 29.07 20.92
N ASP A 471 5.91 30.15 20.25
CA ASP A 471 5.38 31.50 20.53
C ASP A 471 5.70 31.95 21.99
N CYS A 472 6.78 31.44 22.54
CA CYS A 472 7.21 31.76 23.89
C CYS A 472 8.04 33.01 23.93
N GLU A 473 8.23 33.54 25.13
CA GLU A 473 9.06 34.68 25.31
C GLU A 473 9.95 34.51 26.53
N ALA A 474 11.22 34.88 26.38
CA ALA A 474 12.12 34.91 27.48
C ALA A 474 12.89 36.24 27.45
N HIS A 475 12.88 36.90 28.58
CA HIS A 475 13.44 38.23 28.77
C HIS A 475 14.23 38.20 30.09
N GLY A 476 15.45 38.73 30.07
CA GLY A 476 16.14 39.00 31.34
C GLY A 476 16.98 37.83 31.86
N SER A 477 17.46 36.97 30.96
CA SER A 477 18.25 35.80 31.35
C SER A 477 19.68 35.87 30.78
N GLN A 478 20.52 34.89 31.12
CA GLN A 478 21.81 34.74 30.42
C GLN A 478 21.52 34.32 28.98
N ASN A 479 20.67 33.32 28.77
CA ASN A 479 20.22 32.93 27.43
C ASN A 479 18.71 32.74 27.46
N GLY A 480 18.01 33.13 26.39
CA GLY A 480 16.54 33.02 26.41
C GLY A 480 16.13 31.54 26.42
N VAL A 481 16.66 30.78 25.49
CA VAL A 481 16.38 29.35 25.40
C VAL A 481 17.70 28.60 25.26
N ARG A 482 17.84 27.49 26.01
CA ARG A 482 18.90 26.47 25.80
C ARG A 482 18.24 25.26 25.20
N ILE A 483 18.75 24.83 24.04
CA ILE A 483 18.09 23.77 23.32
C ILE A 483 19.09 23.01 22.47
N ASN A 484 18.94 21.67 22.44
CA ASN A 484 19.82 20.81 21.64
C ASN A 484 19.21 20.34 20.33
N GLY A 485 17.91 20.49 20.18
CA GLY A 485 17.18 20.09 19.00
C GLY A 485 15.69 20.31 19.22
N GLY A 486 14.91 20.28 18.14
CA GLY A 486 13.47 20.53 18.22
C GLY A 486 13.10 21.76 17.42
N ARG A 487 12.27 22.61 18.00
CA ARG A 487 11.76 23.78 17.28
C ARG A 487 11.61 24.97 18.21
N VAL A 488 12.06 26.11 17.75
CA VAL A 488 11.70 27.40 18.33
C VAL A 488 10.94 28.15 17.23
N LYS A 489 9.63 28.31 17.39
CA LYS A 489 8.80 28.87 16.35
C LYS A 489 8.04 30.03 16.91
N GLY A 490 8.20 31.19 16.33
CA GLY A 490 7.54 32.39 16.81
C GLY A 490 8.15 32.83 18.12
N GLY A 491 7.47 33.77 18.77
CA GLY A 491 7.93 34.24 20.04
C GLY A 491 8.87 35.43 19.95
N ARG A 492 9.32 35.87 21.11
CA ARG A 492 10.02 37.13 21.23
C ARG A 492 10.97 37.10 22.44
N TYR A 493 12.23 37.48 22.18
CA TYR A 493 13.31 37.36 23.13
C TYR A 493 14.07 38.70 23.26
N THR A 494 14.32 39.13 24.48
CA THR A 494 15.01 40.38 24.74
C THR A 494 15.85 40.29 26.03
N ARG A 495 16.81 41.22 26.18
CA ARG A 495 17.50 41.41 27.45
C ARG A 495 18.13 40.07 27.91
N ASN A 496 18.81 39.41 26.99
CA ASN A 496 19.51 38.18 27.35
C ASN A 496 20.98 38.43 27.10
N SER A 497 21.76 38.31 28.17
CA SER A 497 23.12 38.85 28.19
C SER A 497 24.11 38.11 27.26
N SER A 498 23.96 36.81 27.14
CA SER A 498 24.79 36.00 26.27
C SER A 498 24.18 35.88 24.86
N SER A 499 23.01 35.26 24.74
CA SER A 499 22.32 35.15 23.46
C SER A 499 20.84 34.84 23.67
N HIS A 500 20.02 35.11 22.64
CA HIS A 500 18.57 34.83 22.78
C HIS A 500 18.38 33.27 22.71
N ILE A 501 19.03 32.52 21.74
N ILE A 501 19.03 32.62 21.76
CA ILE A 501 18.89 31.13 21.65
CA ILE A 501 18.96 31.19 21.68
C ILE A 501 20.29 30.65 21.71
C ILE A 501 20.34 30.62 21.80
N PHE A 502 20.46 29.57 22.57
CA PHE A 502 21.73 28.90 22.91
C PHE A 502 21.58 27.44 22.49
N VAL A 503 22.20 27.11 21.35
CA VAL A 503 22.17 25.75 20.90
C VAL A 503 23.33 25.01 21.60
N THR A 504 22.94 24.15 22.54
CA THR A 504 23.84 23.48 23.47
C THR A 504 23.23 22.17 23.94
N LYS A 505 23.94 21.48 24.80
CA LYS A 505 23.50 20.25 25.48
C LYS A 505 23.72 20.36 27.00
N ASP A 506 23.03 19.51 27.74
CA ASP A 506 23.29 19.36 29.18
C ASP A 506 24.71 18.79 29.34
N VAL A 507 25.02 17.75 28.57
CA VAL A 507 26.28 17.09 28.57
C VAL A 507 26.60 16.75 27.13
N ALA A 508 27.87 16.64 26.82
CA ALA A 508 28.33 16.35 25.46
C ALA A 508 27.77 15.06 24.91
N GLU A 509 27.58 14.05 25.75
CA GLU A 509 27.05 12.74 25.25
C GLU A 509 25.62 12.77 24.66
N THR A 510 24.81 13.74 25.08
CA THR A 510 23.43 13.88 24.60
C THR A 510 23.47 14.15 23.12
N ALA A 511 22.57 13.52 22.37
CA ALA A 511 22.53 13.74 20.93
C ALA A 511 21.95 15.08 20.53
N GLN A 512 22.63 15.80 19.65
CA GLN A 512 22.00 16.94 18.97
C GLN A 512 21.06 16.39 17.91
N THR A 513 19.89 17.02 17.76
CA THR A 513 18.99 16.71 16.65
C THR A 513 18.70 17.97 15.89
N SER A 514 17.99 17.87 14.76
N SER A 514 17.97 17.84 14.76
CA SER A 514 17.71 19.06 13.97
CA SER A 514 17.57 19.00 13.96
C SER A 514 16.96 20.06 14.81
C SER A 514 16.94 20.06 14.85
N LEU A 515 17.27 21.33 14.58
CA LEU A 515 16.60 22.47 15.25
C LEU A 515 16.13 23.46 14.20
N GLU A 516 14.83 23.76 14.21
CA GLU A 516 14.29 24.84 13.41
C GLU A 516 14.07 26.05 14.29
N ILE A 517 14.49 27.18 13.82
CA ILE A 517 14.25 28.48 14.44
C ILE A 517 13.60 29.33 13.38
N ASP A 518 12.29 29.54 13.50
CA ASP A 518 11.53 30.16 12.43
C ASP A 518 10.53 31.15 12.96
N GLY A 519 10.54 32.35 12.42
CA GLY A 519 9.55 33.39 12.82
C GLY A 519 9.80 33.99 14.19
N VAL A 520 11.02 33.89 14.71
CA VAL A 520 11.35 34.35 16.07
C VAL A 520 11.82 35.78 16.01
N SER A 521 11.33 36.59 16.92
CA SER A 521 11.85 37.94 17.11
C SER A 521 12.97 37.86 18.13
N MET A 522 14.22 38.07 17.67
CA MET A 522 15.41 38.02 18.50
C MET A 522 16.34 39.17 18.12
N ARG A 523 15.84 40.36 18.25
CA ARG A 523 16.50 41.56 17.87
C ARG A 523 17.64 41.95 18.83
N TYR A 524 18.52 42.82 18.33
CA TYR A 524 19.54 43.38 19.19
C TYR A 524 18.96 44.51 20.02
N ASP A 525 19.13 44.45 21.33
CA ASP A 525 18.60 45.54 22.18
C ASP A 525 19.74 46.00 23.10
N GLY A 526 20.99 45.87 22.67
CA GLY A 526 22.08 46.34 23.52
C GLY A 526 22.66 45.26 24.40
N THR A 527 22.13 44.03 24.27
CA THR A 527 22.54 42.92 25.13
C THR A 527 23.23 41.84 24.30
N GLY A 528 22.71 40.62 24.30
CA GLY A 528 23.44 39.49 23.71
C GLY A 528 23.19 39.31 22.24
N ARG A 529 23.81 38.26 21.70
CA ARG A 529 23.67 37.92 20.31
C ARG A 529 22.39 37.13 20.02
N ALA A 530 22.12 36.82 18.77
CA ALA A 530 20.85 36.16 18.42
C ALA A 530 20.94 34.69 18.76
N VAL A 531 22.04 34.07 18.33
CA VAL A 531 22.13 32.63 18.55
C VAL A 531 23.57 32.26 18.84
N TYR A 532 23.74 31.42 19.86
CA TYR A 532 25.05 30.94 20.32
C TYR A 532 25.12 29.46 19.95
N PHE A 533 26.16 29.08 19.17
CA PHE A 533 26.40 27.69 18.87
C PHE A 533 27.56 27.16 19.73
N HIS A 534 27.31 26.10 20.48
CA HIS A 534 28.23 25.58 21.48
C HIS A 534 29.11 24.48 20.91
N GLY A 535 30.15 24.88 20.17
CA GLY A 535 31.12 23.88 19.62
C GLY A 535 31.73 22.96 20.67
N THR A 536 31.90 23.52 21.89
CA THR A 536 32.48 22.79 23.00
C THR A 536 31.85 21.43 23.24
N VAL A 537 30.53 21.35 23.12
CA VAL A 537 29.80 20.09 23.38
C VAL A 537 29.39 19.37 22.10
N GLY A 538 29.93 19.80 20.97
CA GLY A 538 29.68 19.11 19.71
C GLY A 538 28.57 19.58 18.81
N ILE A 539 28.09 20.80 19.04
CA ILE A 539 27.03 21.37 18.20
C ILE A 539 27.52 21.56 16.77
N ASP A 540 26.80 20.94 15.82
CA ASP A 540 27.00 21.14 14.39
C ASP A 540 25.98 22.20 13.91
N PRO A 541 26.44 23.42 13.58
CA PRO A 541 25.43 24.43 13.21
C PRO A 541 24.60 24.10 11.97
N THR A 542 25.06 23.21 11.09
CA THR A 542 24.27 22.86 9.93
C THR A 542 22.98 22.04 10.25
N LEU A 543 22.83 21.58 11.48
CA LEU A 543 21.60 20.93 11.92
C LEU A 543 20.59 21.92 12.36
N VAL A 544 20.98 23.19 12.36
CA VAL A 544 20.05 24.29 12.62
C VAL A 544 19.64 24.92 11.30
N SER A 545 18.37 25.35 11.21
CA SER A 545 17.88 26.11 10.07
C SER A 545 17.18 27.31 10.64
N MET A 546 17.40 28.46 10.05
CA MET A 546 16.87 29.73 10.51
C MET A 546 16.14 30.48 9.40
N SER A 547 14.83 30.56 9.51
CA SER A 547 14.00 31.17 8.52
C SER A 547 13.11 32.26 9.06
N ASN A 548 13.08 33.40 8.36
CA ASN A 548 12.06 34.40 8.61
C ASN A 548 12.10 34.94 10.03
N ASN A 549 13.28 35.05 10.61
CA ASN A 549 13.44 35.59 11.95
C ASN A 549 13.78 37.06 11.86
N ASP A 550 13.42 37.78 12.90
CA ASP A 550 13.82 39.18 13.03
C ASP A 550 15.05 39.27 13.94
N MET A 551 16.20 39.51 13.32
CA MET A 551 17.47 39.63 13.99
C MET A 551 18.03 41.07 13.86
N THR A 552 17.13 42.00 13.65
CA THR A 552 17.48 43.36 13.41
C THR A 552 18.44 43.90 14.46
N GLY A 553 19.56 44.49 13.98
CA GLY A 553 20.44 45.25 14.84
C GLY A 553 21.74 44.53 15.23
N HIS A 554 21.81 43.22 14.99
CA HIS A 554 22.96 42.47 15.45
C HIS A 554 24.20 42.67 14.55
N GLY A 555 23.99 43.20 13.33
CA GLY A 555 25.08 43.46 12.39
C GLY A 555 25.91 42.20 12.18
N LEU A 556 27.23 42.35 12.20
CA LEU A 556 28.10 41.22 12.05
C LEU A 556 28.10 40.24 13.24
N PHE A 557 27.39 40.59 14.34
CA PHE A 557 27.49 39.84 15.58
C PHE A 557 26.14 39.15 15.90
N TRP A 558 25.48 38.59 14.89
CA TRP A 558 24.25 37.83 15.17
C TRP A 558 24.54 36.47 15.78
N ALA A 559 25.73 35.92 15.55
CA ALA A 559 26.07 34.64 16.11
C ALA A 559 27.22 34.74 17.11
N LEU A 560 27.16 33.89 18.14
CA LEU A 560 28.25 33.65 19.07
C LEU A 560 28.65 32.22 18.85
N LEU A 561 29.95 31.95 18.75
CA LEU A 561 30.44 30.59 18.62
C LEU A 561 31.57 30.44 19.61
N SER A 562 31.67 29.27 20.21
CA SER A 562 32.83 28.93 21.06
C SER A 562 33.19 27.46 20.95
N GLY A 563 34.44 27.12 21.18
CA GLY A 563 34.81 25.75 21.24
C GLY A 563 34.98 25.04 19.92
N TYR A 564 34.98 25.77 18.80
CA TYR A 564 35.22 25.18 17.47
C TYR A 564 36.75 25.10 17.22
N THR A 565 37.18 23.93 16.77
CA THR A 565 38.61 23.68 16.38
C THR A 565 38.92 24.21 14.97
N VAL A 566 37.89 24.15 14.11
CA VAL A 566 37.94 24.64 12.74
C VAL A 566 36.61 25.41 12.44
N GLN A 567 36.67 26.43 11.56
CA GLN A 567 35.48 27.21 11.17
C GLN A 567 34.35 26.25 10.72
N PRO A 568 33.18 26.30 11.41
CA PRO A 568 32.13 25.37 11.03
C PRO A 568 31.29 25.96 9.92
N THR A 569 30.57 25.09 9.21
CA THR A 569 29.65 25.52 8.21
C THR A 569 28.40 26.10 8.91
N PRO A 570 27.81 27.16 8.34
CA PRO A 570 26.65 27.82 9.03
C PRO A 570 25.36 27.03 8.90
N PRO A 571 24.36 27.42 9.69
CA PRO A 571 23.01 26.94 9.44
C PRO A 571 22.52 27.35 8.07
N ARG A 572 21.53 26.65 7.53
CA ARG A 572 20.73 27.18 6.44
C ARG A 572 19.97 28.42 6.95
N MET A 573 20.02 29.49 6.20
CA MET A 573 19.40 30.74 6.57
C MET A 573 18.53 31.29 5.45
N SER A 574 17.26 31.56 5.74
CA SER A 574 16.35 32.00 4.72
C SER A 574 15.51 33.21 5.07
N ARG A 575 15.79 34.36 4.44
CA ARG A 575 14.91 35.55 4.47
C ARG A 575 14.70 36.07 5.88
N ASN A 576 15.78 36.11 6.63
CA ASN A 576 15.84 36.73 7.95
C ASN A 576 16.07 38.22 7.77
N LEU A 577 15.71 38.98 8.79
CA LEU A 577 15.94 40.44 8.77
C LEU A 577 17.09 40.75 9.69
N LEU A 578 18.14 41.39 9.14
CA LEU A 578 19.32 41.75 9.96
C LEU A 578 19.43 43.27 10.12
N ASP A 579 18.91 44.02 9.18
CA ASP A 579 18.99 45.49 9.24
C ASP A 579 17.66 46.11 8.90
N ASP A 580 17.44 47.31 9.38
CA ASP A 580 16.19 48.04 9.12
C ASP A 580 16.35 49.33 8.28
N THR A 581 17.56 49.64 7.81
CA THR A 581 17.81 50.85 7.03
C THR A 581 18.80 50.43 5.95
N GLY A 582 18.66 50.99 4.76
CA GLY A 582 19.56 50.68 3.65
C GLY A 582 19.32 49.26 3.17
N ILE A 583 18.05 48.86 3.13
CA ILE A 583 17.68 47.44 2.84
C ILE A 583 16.75 47.22 1.67
N ARG A 584 16.30 48.26 1.03
CA ARG A 584 15.53 48.14 -0.24
C ARG A 584 15.69 49.41 -1.05
N GLY A 585 15.82 49.25 -2.34
CA GLY A 585 15.89 50.41 -3.24
C GLY A 585 15.85 49.98 -4.68
N VAL A 586 16.24 50.91 -5.57
CA VAL A 586 16.28 50.66 -7.01
C VAL A 586 17.59 51.20 -7.52
N ALA A 587 18.25 50.40 -8.36
CA ALA A 587 19.48 50.81 -9.01
C ALA A 587 19.28 50.77 -10.50
N THR A 588 20.04 51.60 -11.25
CA THR A 588 19.98 51.58 -12.71
C THR A 588 21.34 51.20 -13.22
N LEU A 589 21.39 50.12 -13.98
CA LEU A 589 22.62 49.66 -14.53
C LEU A 589 23.06 50.61 -15.62
N VAL A 590 24.36 50.73 -15.74
CA VAL A 590 25.05 51.42 -16.85
C VAL A 590 26.11 50.49 -17.34
N ALA A 591 26.12 50.18 -18.63
CA ALA A 591 27.09 49.24 -19.17
C ALA A 591 27.13 47.94 -18.32
N GLY A 592 25.95 47.44 -17.94
CA GLY A 592 25.87 46.15 -17.25
C GLY A 592 26.15 46.19 -15.75
N GLU A 593 26.36 47.37 -15.13
CA GLU A 593 26.76 47.42 -13.73
C GLU A 593 26.20 48.62 -12.96
N ALA A 594 26.02 48.43 -11.65
CA ALA A 594 25.73 49.54 -10.72
C ALA A 594 26.29 49.19 -9.35
N THR A 595 26.69 50.22 -8.65
CA THR A 595 27.19 50.15 -7.29
C THR A 595 26.10 50.71 -6.39
N VAL A 596 25.76 49.95 -5.35
CA VAL A 596 24.61 50.29 -4.50
C VAL A 596 25.09 50.42 -3.07
N ASN A 597 24.89 51.60 -2.45
CA ASN A 597 25.13 51.72 -1.03
C ASN A 597 23.92 51.19 -0.27
N ALA A 598 24.19 50.35 0.71
CA ALA A 598 23.13 49.54 1.36
C ALA A 598 23.75 48.78 2.53
N ARG A 599 22.92 48.41 3.51
CA ARG A 599 23.44 47.64 4.63
C ARG A 599 23.51 46.13 4.26
N VAL A 600 24.20 45.84 3.17
CA VAL A 600 24.68 44.50 2.89
C VAL A 600 25.80 44.17 3.90
N ARG A 601 25.92 42.89 4.24
CA ARG A 601 26.79 42.41 5.31
C ARG A 601 27.42 41.08 4.95
N GLY A 602 28.52 40.77 5.62
CA GLY A 602 29.11 39.43 5.56
C GLY A 602 30.40 39.33 6.29
N ASN A 603 30.82 38.10 6.51
CA ASN A 603 32.10 37.78 7.03
C ASN A 603 32.77 36.83 6.06
N PHE A 604 33.99 37.18 5.63
CA PHE A 604 34.72 36.35 4.66
C PHE A 604 35.97 35.79 5.29
N GLY A 605 36.15 36.05 6.58
CA GLY A 605 37.28 35.51 7.34
C GLY A 605 37.20 34.04 7.63
N SER A 606 38.27 33.50 8.24
CA SER A 606 38.39 32.07 8.51
C SER A 606 38.60 31.70 10.01
N VAL A 607 38.35 32.69 10.90
CA VAL A 607 38.49 32.50 12.35
C VAL A 607 37.56 31.36 12.77
N ALA A 608 38.08 30.41 13.54
CA ALA A 608 37.36 29.18 13.83
C ALA A 608 36.00 29.39 14.49
N ASN A 609 35.97 30.26 15.46
CA ASN A 609 34.71 30.61 16.14
C ASN A 609 34.00 31.74 15.44
N SER A 610 33.67 31.46 14.19
CA SER A 610 32.94 32.42 13.36
C SER A 610 32.40 31.64 12.17
N PHE A 611 31.43 32.25 11.48
CA PHE A 611 30.88 31.75 10.24
C PHE A 611 31.31 32.60 9.11
N LYS A 612 31.49 31.98 7.94
CA LYS A 612 31.58 32.68 6.67
C LYS A 612 30.21 32.78 6.03
N TRP A 613 29.76 34.00 5.71
CA TRP A 613 28.37 34.22 5.31
C TRP A 613 28.29 35.57 4.60
N VAL A 614 27.21 35.76 3.86
CA VAL A 614 26.91 37.05 3.25
C VAL A 614 25.38 37.20 3.18
N SER A 615 24.92 38.44 3.10
CA SER A 615 23.50 38.78 2.90
C SER A 615 22.94 38.08 1.66
N GLU A 616 21.68 37.67 1.74
CA GLU A 616 20.91 37.34 0.57
C GLU A 616 20.31 38.63 0.02
N VAL A 617 20.69 39.00 -1.17
CA VAL A 617 20.15 40.14 -1.85
C VAL A 617 19.27 39.65 -2.95
N LYS A 618 18.00 39.95 -2.81
CA LYS A 618 16.96 39.62 -3.78
C LYS A 618 16.88 40.69 -4.83
N LEU A 619 17.06 40.33 -6.10
CA LEU A 619 17.02 41.26 -7.19
C LEU A 619 15.82 40.99 -8.09
N THR A 620 15.12 42.03 -8.50
CA THR A 620 14.03 41.95 -9.43
C THR A 620 14.10 43.10 -10.46
N ARG A 621 13.98 42.77 -11.73
CA ARG A 621 14.09 43.73 -12.80
C ARG A 621 12.79 44.54 -12.98
N LEU A 622 12.91 45.86 -13.07
CA LEU A 622 11.77 46.77 -13.21
C LEU A 622 11.68 47.54 -14.56
N THR A 623 12.75 47.51 -15.42
CA THR A 623 12.64 47.93 -16.79
C THR A 623 13.27 46.90 -17.66
N PHE A 624 12.89 46.88 -18.93
CA PHE A 624 13.08 45.69 -19.79
C PHE A 624 13.74 45.98 -21.15
N PRO A 625 14.94 46.53 -21.10
CA PRO A 625 15.69 46.83 -22.35
C PRO A 625 16.09 45.57 -23.07
N SER A 626 16.43 45.70 -24.35
CA SER A 626 16.81 44.54 -25.13
C SER A 626 18.13 43.93 -24.62
N SER A 627 18.90 44.71 -23.85
CA SER A 627 20.21 44.31 -23.31
C SER A 627 20.10 43.64 -21.92
N ALA A 628 18.88 43.31 -21.50
CA ALA A 628 18.70 42.61 -20.24
C ALA A 628 19.48 41.28 -20.23
N GLY A 629 20.32 41.13 -19.22
CA GLY A 629 21.08 39.89 -18.98
C GLY A 629 20.80 39.34 -17.59
N ALA A 630 21.46 38.24 -17.27
CA ALA A 630 21.35 37.61 -15.96
C ALA A 630 22.16 38.38 -14.93
N LEU A 631 21.56 38.53 -13.76
CA LEU A 631 22.09 39.46 -12.74
C LEU A 631 22.71 38.71 -11.57
N THR A 632 23.69 39.33 -10.93
CA THR A 632 24.40 38.76 -9.81
C THR A 632 24.86 39.87 -8.93
N VAL A 633 25.17 39.54 -7.68
CA VAL A 633 25.72 40.46 -6.70
C VAL A 633 27.19 40.08 -6.53
N THR A 634 28.03 41.11 -6.57
CA THR A 634 29.47 40.92 -6.35
C THR A 634 30.00 42.15 -5.66
N SER A 635 31.30 42.16 -5.42
CA SER A 635 31.96 43.33 -4.86
C SER A 635 31.31 43.88 -3.62
N VAL A 636 31.11 43.00 -2.66
CA VAL A 636 30.56 43.40 -1.35
C VAL A 636 31.70 44.06 -0.58
N ALA A 637 31.47 45.32 -0.22
CA ALA A 637 32.46 46.08 0.53
C ALA A 637 31.78 46.53 1.79
N GLN A 638 32.49 46.47 2.89
CA GLN A 638 31.97 46.93 4.15
C GLN A 638 32.86 48.03 4.69
N ASN A 639 32.25 49.16 4.98
CA ASN A 639 32.95 50.25 5.54
C ASN A 639 33.57 49.87 6.90
N GLN A 640 34.86 50.10 7.02
CA GLN A 640 35.57 49.91 8.30
C GLN A 640 36.24 51.19 8.74
N ASP A 641 35.52 52.30 8.65
CA ASP A 641 36.00 53.57 9.23
C ASP A 641 36.21 53.38 10.72
N VAL A 642 37.26 54.02 11.24
CA VAL A 642 37.66 53.92 12.65
C VAL A 642 37.56 55.30 13.32
N PRO A 643 37.12 55.32 14.60
CA PRO A 643 36.78 54.13 15.42
C PRO A 643 35.36 53.58 15.21
N THR A 644 34.50 54.34 14.51
CA THR A 644 33.07 53.94 14.30
C THR A 644 32.80 53.53 12.84
N PRO A 645 32.55 52.24 12.57
CA PRO A 645 32.18 51.87 11.17
C PRO A 645 30.86 52.47 10.76
N ASN A 646 30.74 52.85 9.49
CA ASN A 646 29.46 53.36 8.96
C ASN A 646 28.81 52.39 7.96
N PRO A 647 27.80 51.59 8.43
CA PRO A 647 27.24 50.55 7.55
C PRO A 647 26.48 51.10 6.35
N ASP A 648 26.07 52.39 6.42
CA ASP A 648 25.39 53.01 5.31
C ASP A 648 26.30 53.24 4.09
N LEU A 649 27.60 53.15 4.30
CA LEU A 649 28.56 53.17 3.21
C LEU A 649 29.04 51.78 2.83
N ASN A 650 28.43 50.75 3.38
CA ASN A 650 28.64 49.43 2.78
C ASN A 650 28.11 49.48 1.37
N SER A 651 28.56 48.59 0.51
CA SER A 651 28.04 48.56 -0.81
C SER A 651 28.17 47.21 -1.44
N PHE A 652 27.40 47.06 -2.52
CA PHE A 652 27.60 45.88 -3.40
C PHE A 652 27.43 46.32 -4.82
N VAL A 653 27.88 45.46 -5.73
CA VAL A 653 27.67 45.68 -7.14
C VAL A 653 26.64 44.73 -7.69
N ILE A 654 25.70 45.27 -8.46
CA ILE A 654 24.87 44.44 -9.36
C ILE A 654 25.55 44.42 -10.73
N ARG A 655 25.87 43.22 -11.20
CA ARG A 655 26.50 43.03 -12.51
C ARG A 655 25.59 42.13 -13.36
N SER A 656 25.39 42.51 -14.63
CA SER A 656 24.68 41.71 -15.62
C SER A 656 25.66 40.95 -16.48
N SER A 657 25.22 39.78 -16.96
CA SER A 657 25.97 39.03 -17.93
C SER A 657 26.02 39.72 -19.31
N ASN A 658 25.13 40.69 -19.55
CA ASN A 658 25.17 41.54 -20.72
C ASN A 658 25.82 42.89 -20.36
N ALA A 659 26.93 43.19 -21.06
CA ALA A 659 27.73 44.39 -20.77
C ALA A 659 27.07 45.67 -21.24
N ALA A 660 25.96 45.55 -21.97
CA ALA A 660 25.18 46.71 -22.42
C ALA A 660 23.95 46.93 -21.54
N ASP A 661 23.70 46.07 -20.57
CA ASP A 661 22.49 46.18 -19.72
C ASP A 661 22.31 47.54 -19.05
N VAL A 662 21.12 48.13 -19.23
CA VAL A 662 20.72 49.38 -18.61
C VAL A 662 19.43 49.23 -17.78
N SER A 663 19.06 47.99 -17.44
CA SER A 663 17.89 47.75 -16.58
C SER A 663 17.90 48.48 -15.26
N GLN A 664 16.72 48.98 -14.88
CA GLN A 664 16.41 49.28 -13.48
C GLN A 664 16.20 47.96 -12.71
N VAL A 665 16.85 47.84 -11.55
CA VAL A 665 16.83 46.63 -10.74
C VAL A 665 16.47 46.98 -9.28
N ALA A 666 15.34 46.44 -8.81
CA ALA A 666 15.00 46.50 -7.39
C ALA A 666 15.85 45.53 -6.59
N TRP A 667 16.32 45.95 -5.43
CA TRP A 667 17.15 45.14 -4.56
C TRP A 667 16.55 45.18 -3.16
N GLU A 668 16.67 44.06 -2.46
CA GLU A 668 16.24 43.85 -1.09
C GLU A 668 17.24 43.04 -0.33
N VAL A 669 17.59 43.47 0.87
CA VAL A 669 18.66 42.86 1.66
C VAL A 669 18.08 42.06 2.83
N TYR A 670 18.39 40.75 2.83
CA TYR A 670 18.01 39.82 3.87
C TYR A 670 19.27 39.16 4.43
N LEU A 671 19.12 38.38 5.47
CA LEU A 671 20.09 37.42 5.94
C LEU A 671 19.57 36.00 5.59
N SER B 38 -45.55 40.15 75.20
CA SER B 38 -44.23 40.67 74.69
C SER B 38 -43.08 40.14 75.52
N MET B 39 -42.18 39.43 74.84
CA MET B 39 -41.10 38.74 75.47
C MET B 39 -40.13 39.71 76.18
N VAL B 40 -39.72 40.77 75.48
CA VAL B 40 -38.71 41.70 76.02
C VAL B 40 -39.21 42.57 77.20
N ALA B 41 -40.52 42.83 77.27
CA ALA B 41 -41.12 43.66 78.33
C ALA B 41 -41.48 42.86 79.60
N TYR B 42 -41.25 41.54 79.54
CA TYR B 42 -41.57 40.57 80.61
C TYR B 42 -40.73 40.78 81.88
N PRO B 43 -41.38 40.84 83.05
CA PRO B 43 -40.66 41.38 84.21
C PRO B 43 -39.64 40.44 84.87
N ASN B 44 -39.93 39.14 84.84
CA ASN B 44 -39.33 38.23 85.81
C ASN B 44 -38.54 37.05 85.26
N PHE B 45 -37.72 37.26 84.23
CA PHE B 45 -36.92 36.14 83.74
C PHE B 45 -35.91 35.66 84.79
N GLN B 46 -35.75 34.34 84.86
CA GLN B 46 -34.76 33.75 85.73
C GLN B 46 -33.92 32.81 84.88
N VAL B 47 -32.65 32.68 85.24
CA VAL B 47 -31.63 31.95 84.42
C VAL B 47 -32.08 30.55 84.04
N GLN B 48 -32.79 29.91 84.97
CA GLN B 48 -33.27 28.54 84.78
C GLN B 48 -34.47 28.47 83.83
N ASP B 49 -35.30 29.51 83.86
CA ASP B 49 -36.54 29.54 83.08
C ASP B 49 -36.24 29.16 81.61
N LYS B 50 -37.09 28.31 81.07
CA LYS B 50 -36.95 27.83 79.68
C LYS B 50 -37.84 28.66 78.72
N ILE B 51 -37.29 29.10 77.58
CA ILE B 51 -37.90 30.23 76.91
C ILE B 51 -38.20 29.98 75.44
N THR B 52 -39.38 30.43 75.01
CA THR B 52 -39.81 30.31 73.61
C THR B 52 -40.49 31.57 73.05
N LEU B 53 -39.98 32.04 71.91
CA LEU B 53 -40.64 33.10 71.15
C LEU B 53 -41.30 32.43 69.95
N LEU B 54 -42.58 32.76 69.77
CA LEU B 54 -43.36 32.27 68.64
C LEU B 54 -43.26 33.25 67.48
N GLY B 55 -43.85 32.89 66.36
CA GLY B 55 -44.01 33.86 65.28
C GLY B 55 -43.18 33.46 64.12
N SER B 56 -43.09 32.14 63.92
CA SER B 56 -42.83 31.53 62.60
C SER B 56 -41.46 31.91 62.08
N ALA B 57 -41.06 33.12 62.48
CA ALA B 57 -39.67 33.50 62.61
C ALA B 57 -39.42 34.07 64.03
N GLY B 58 -39.38 33.06 64.98
CA GLY B 58 -38.94 33.05 66.39
C GLY B 58 -38.10 31.74 66.78
N GLY B 59 -38.06 31.28 68.05
CA GLY B 59 -37.20 30.17 68.47
C GLY B 59 -37.03 29.98 69.99
N ASP B 60 -35.98 29.25 70.38
CA ASP B 60 -35.66 28.95 71.79
C ASP B 60 -34.60 29.90 72.30
N PHE B 61 -34.75 30.31 73.54
CA PHE B 61 -33.90 31.34 74.12
C PHE B 61 -33.38 30.97 75.52
N THR B 62 -32.26 31.59 75.90
CA THR B 62 -31.62 31.44 77.22
C THR B 62 -31.58 32.79 77.90
N PHE B 63 -31.88 32.84 79.21
CA PHE B 63 -31.64 34.11 79.88
C PHE B 63 -30.19 34.19 80.44
N THR B 64 -29.64 35.39 80.50
CA THR B 64 -28.31 35.62 81.07
C THR B 64 -28.18 37.05 81.55
N THR B 65 -27.25 37.27 82.50
CA THR B 65 -26.92 38.62 82.96
C THR B 65 -25.59 39.09 82.37
N THR B 66 -24.83 38.18 81.75
CA THR B 66 -23.58 38.56 81.11
C THR B 66 -23.89 39.63 80.06
N ALA B 67 -23.07 40.69 80.02
CA ALA B 67 -23.25 41.78 79.04
C ALA B 67 -23.19 41.23 77.62
N SER B 68 -24.19 41.60 76.82
CA SER B 68 -24.31 41.11 75.44
C SER B 68 -24.67 42.25 74.51
N VAL B 69 -24.37 42.12 73.22
CA VAL B 69 -24.66 43.20 72.28
C VAL B 69 -26.03 42.98 71.65
N VAL B 70 -26.99 43.82 72.01
CA VAL B 70 -28.37 43.70 71.55
C VAL B 70 -28.49 43.88 69.98
N ASP B 71 -29.10 42.92 69.27
CA ASP B 71 -29.37 43.07 67.83
C ASP B 71 -30.84 42.73 67.47
N ASN B 72 -31.63 42.47 68.48
CA ASN B 72 -33.05 42.10 68.30
C ASN B 72 -33.28 41.04 67.28
N GLY B 73 -32.33 40.09 67.28
CA GLY B 73 -32.44 38.91 66.45
C GLY B 73 -31.81 37.67 67.10
N THR B 74 -30.60 37.82 67.60
CA THR B 74 -29.96 36.74 68.34
C THR B 74 -29.82 37.16 69.82
N VAL B 75 -29.89 38.47 70.12
CA VAL B 75 -29.73 38.98 71.49
C VAL B 75 -30.77 40.05 71.73
N PHE B 76 -31.49 39.94 72.86
CA PHE B 76 -32.47 40.98 73.25
C PHE B 76 -32.29 41.46 74.75
N ALA B 77 -32.46 42.74 74.97
CA ALA B 77 -32.40 43.25 76.34
C ALA B 77 -33.76 42.97 76.94
N VAL B 78 -33.76 42.52 78.20
CA VAL B 78 -34.99 42.25 78.95
C VAL B 78 -34.71 42.67 80.37
N PRO B 79 -35.75 43.01 81.13
CA PRO B 79 -35.36 43.55 82.44
C PRO B 79 -34.47 42.51 83.12
N GLY B 80 -33.38 42.97 83.75
CA GLY B 80 -32.48 42.06 84.48
C GLY B 80 -31.32 41.50 83.68
N GLY B 81 -31.45 41.47 82.36
CA GLY B 81 -30.38 40.92 81.56
C GLY B 81 -30.69 40.86 80.08
N TYR B 82 -30.43 39.69 79.51
CA TYR B 82 -30.58 39.49 78.08
C TYR B 82 -31.13 38.09 77.78
N LEU B 83 -31.81 37.96 76.64
CA LEU B 83 -32.23 36.66 76.10
C LEU B 83 -31.35 36.37 74.84
N LEU B 84 -30.74 35.16 74.87
CA LEU B 84 -29.88 34.77 73.73
C LEU B 84 -30.57 33.65 72.98
N ARG B 85 -30.67 33.77 71.68
CA ARG B 85 -31.22 32.73 70.86
C ARG B 85 -30.25 31.53 70.85
N LYS B 86 -30.80 30.34 70.97
CA LYS B 86 -30.01 29.12 70.95
C LYS B 86 -30.01 28.58 69.54
N PHE B 87 -28.82 28.45 68.98
CA PHE B 87 -28.72 27.89 67.60
C PHE B 87 -27.29 27.49 67.33
N VAL B 88 -27.15 26.63 66.35
CA VAL B 88 -25.87 26.22 65.87
C VAL B 88 -25.95 26.44 64.35
N GLY B 89 -24.80 26.68 63.70
CA GLY B 89 -24.83 26.97 62.28
C GLY B 89 -25.22 28.45 62.04
N PRO B 90 -25.72 28.76 60.83
CA PRO B 90 -25.96 30.20 60.49
C PRO B 90 -27.08 30.83 61.22
N ALA B 91 -27.01 32.16 61.34
CA ALA B 91 -28.17 32.95 61.66
C ALA B 91 -29.00 33.19 60.41
N TYR B 92 -30.25 33.57 60.57
CA TYR B 92 -31.14 33.88 59.48
C TYR B 92 -31.69 35.31 59.65
N SER B 93 -31.86 35.99 58.54
CA SER B 93 -32.35 37.36 58.56
C SER B 93 -33.77 37.41 59.14
N SER B 94 -34.54 36.36 58.93
CA SER B 94 -35.88 36.22 59.45
C SER B 94 -35.94 36.20 60.95
N TRP B 95 -34.79 36.10 61.64
CA TRP B 95 -34.78 36.16 63.07
C TRP B 95 -34.83 37.59 63.62
N PHE B 96 -34.56 38.56 62.76
CA PHE B 96 -34.32 39.95 63.20
C PHE B 96 -35.56 40.85 63.07
N SER B 97 -35.76 41.71 64.04
CA SER B 97 -36.91 42.59 63.96
C SER B 97 -36.78 43.71 62.91
N ASN B 98 -35.53 44.10 62.61
CA ASN B 98 -35.23 45.28 61.75
C ASN B 98 -33.88 45.18 61.09
N TRP B 99 -33.75 45.88 59.98
CA TRP B 99 -32.48 46.08 59.31
C TRP B 99 -31.37 46.50 60.28
N THR B 100 -31.70 47.43 61.22
CA THR B 100 -30.66 47.93 62.10
C THR B 100 -30.01 46.77 62.90
N GLY B 101 -30.82 45.76 63.28
CA GLY B 101 -30.34 44.57 64.05
C GLY B 101 -29.39 43.76 63.24
N ILE B 102 -29.72 43.63 61.96
CA ILE B 102 -28.86 42.92 60.98
C ILE B 102 -27.49 43.58 60.88
N VAL B 103 -27.50 44.93 60.73
CA VAL B 103 -26.30 45.71 60.76
C VAL B 103 -25.48 45.47 62.05
N THR B 104 -26.14 45.57 63.23
CA THR B 104 -25.43 45.34 64.47
C THR B 104 -24.84 43.92 64.51
N PHE B 105 -25.61 42.93 64.10
CA PHE B 105 -25.08 41.55 64.08
C PHE B 105 -23.79 41.45 63.23
N MET B 106 -23.85 42.00 62.00
CA MET B 106 -22.71 41.94 61.13
C MET B 106 -21.57 42.86 61.45
N SER B 107 -21.80 43.79 62.40
CA SER B 107 -20.72 44.65 62.82
C SER B 107 -19.58 44.01 63.60
N ALA B 108 -19.75 42.72 63.95
CA ALA B 108 -18.72 41.93 64.59
C ALA B 108 -18.21 40.92 63.59
N PRO B 109 -16.99 40.45 63.81
CA PRO B 109 -16.41 39.39 62.97
C PRO B 109 -17.01 38.03 63.34
N ASN B 110 -16.64 37.02 62.56
CA ASN B 110 -17.03 35.61 62.85
C ASN B 110 -18.54 35.37 62.74
N ARG B 111 -19.19 36.04 61.79
CA ARG B 111 -20.61 35.90 61.57
C ARG B 111 -20.96 35.15 60.33
N HIS B 112 -22.00 34.32 60.40
CA HIS B 112 -22.58 33.66 59.24
C HIS B 112 -24.06 33.97 59.26
N LEU B 113 -24.48 34.71 58.27
CA LEU B 113 -25.89 35.16 58.14
C LEU B 113 -26.46 34.72 56.79
N VAL B 114 -27.58 34.04 56.84
CA VAL B 114 -28.36 33.67 55.66
C VAL B 114 -29.47 34.67 55.48
N VAL B 115 -29.49 35.32 54.34
CA VAL B 115 -30.55 36.26 54.04
C VAL B 115 -31.66 35.47 53.40
N ASP B 116 -32.74 35.25 54.17
CA ASP B 116 -33.87 34.50 53.68
C ASP B 116 -35.13 35.31 53.52
N THR B 117 -34.99 36.63 53.62
CA THR B 117 -36.14 37.52 53.49
C THR B 117 -35.70 38.71 52.63
N VAL B 118 -36.68 39.51 52.24
CA VAL B 118 -36.46 40.74 51.51
C VAL B 118 -36.21 41.83 52.53
N LEU B 119 -34.99 42.32 52.53
CA LEU B 119 -34.50 43.31 53.52
C LEU B 119 -34.59 44.69 52.91
N GLN B 120 -34.99 45.65 53.72
CA GLN B 120 -35.08 47.06 53.29
C GLN B 120 -33.99 47.82 54.00
N ALA B 121 -32.93 48.18 53.30
CA ALA B 121 -31.79 48.88 53.88
C ALA B 121 -32.15 50.31 54.22
N THR B 122 -31.62 50.80 55.35
CA THR B 122 -31.69 52.23 55.70
C THR B 122 -30.32 52.76 56.15
N SER B 123 -29.25 51.97 55.90
CA SER B 123 -27.94 52.26 56.32
C SER B 123 -27.01 51.29 55.63
N VAL B 124 -25.72 51.56 55.64
CA VAL B 124 -24.71 50.65 55.03
C VAL B 124 -24.60 49.38 55.90
N LEU B 125 -24.57 48.24 55.26
CA LEU B 125 -24.22 47.00 55.94
C LEU B 125 -22.72 46.75 55.89
N ASN B 126 -22.04 46.77 57.01
CA ASN B 126 -20.61 46.50 57.09
C ASN B 126 -20.46 45.04 57.43
N ILE B 127 -19.54 44.41 56.74
CA ILE B 127 -19.16 43.04 57.01
C ILE B 127 -17.71 43.02 57.50
N LYS B 128 -17.43 42.17 58.51
CA LYS B 128 -16.13 42.12 59.13
C LYS B 128 -15.51 40.74 58.94
N SER B 129 -14.32 40.54 59.46
CA SER B 129 -13.53 39.35 59.14
C SER B 129 -14.24 38.05 59.47
N ASN B 130 -13.80 37.04 58.76
CA ASN B 130 -14.25 35.61 58.96
C ASN B 130 -15.75 35.50 59.01
N SER B 131 -16.40 36.15 58.04
CA SER B 131 -17.85 36.24 57.96
C SER B 131 -18.34 35.83 56.56
N THR B 132 -19.54 35.32 56.53
CA THR B 132 -20.24 34.89 55.34
C THR B 132 -21.63 35.47 55.33
N LEU B 133 -22.00 36.07 54.22
CA LEU B 133 -23.35 36.55 53.96
C LEU B 133 -23.88 35.78 52.80
N GLU B 134 -24.89 34.98 53.02
CA GLU B 134 -25.39 34.06 52.02
C GLU B 134 -26.86 34.35 51.76
N PHE B 135 -27.27 34.40 50.51
CA PHE B 135 -28.65 34.70 50.12
C PHE B 135 -29.34 33.43 49.64
N THR B 136 -30.57 33.22 50.10
CA THR B 136 -31.42 32.18 49.53
C THR B 136 -32.05 32.69 48.24
N ASP B 137 -32.76 31.78 47.57
CA ASP B 137 -33.41 32.08 46.33
C ASP B 137 -34.36 33.29 46.42
N THR B 138 -34.88 33.52 47.61
CA THR B 138 -35.83 34.64 47.83
C THR B 138 -35.23 35.88 48.51
N GLY B 139 -34.09 35.72 49.17
CA GLY B 139 -33.48 36.86 49.90
C GLY B 139 -32.99 37.96 49.01
N ARG B 140 -33.06 39.18 49.48
CA ARG B 140 -32.70 40.36 48.74
C ARG B 140 -32.37 41.47 49.71
N ILE B 141 -31.51 42.37 49.28
CA ILE B 141 -31.38 43.67 49.92
C ILE B 141 -31.87 44.75 48.98
N LEU B 142 -32.97 45.40 49.37
CA LEU B 142 -33.44 46.59 48.69
C LEU B 142 -32.76 47.81 49.23
N PRO B 143 -32.14 48.59 48.35
CA PRO B 143 -31.47 49.82 48.82
C PRO B 143 -32.42 50.82 49.41
N ASP B 144 -31.84 51.70 50.23
CA ASP B 144 -32.52 52.78 50.89
C ASP B 144 -33.17 53.68 49.84
N ALA B 145 -34.48 53.85 49.93
CA ALA B 145 -35.25 54.72 49.02
C ALA B 145 -35.15 56.17 49.39
N ALA B 146 -34.76 56.46 50.62
CA ALA B 146 -34.70 57.88 51.09
C ALA B 146 -33.37 58.54 50.85
N VAL B 147 -32.30 57.74 50.73
CA VAL B 147 -30.97 58.21 50.52
C VAL B 147 -30.27 57.21 49.58
N ALA B 148 -29.74 57.68 48.49
CA ALA B 148 -28.85 56.87 47.69
C ALA B 148 -27.50 56.79 48.35
N ARG B 149 -27.09 55.56 48.73
CA ARG B 149 -25.87 55.36 49.49
C ARG B 149 -25.27 54.01 49.11
N GLN B 150 -24.16 53.64 49.72
CA GLN B 150 -23.58 52.33 49.47
C GLN B 150 -24.34 51.25 50.16
N VAL B 151 -24.32 50.03 49.61
CA VAL B 151 -25.10 48.95 50.18
C VAL B 151 -24.30 48.07 51.15
N LEU B 152 -23.24 47.47 50.65
CA LEU B 152 -22.32 46.68 51.43
C LEU B 152 -20.97 47.31 51.48
N ASN B 153 -20.35 47.40 52.68
CA ASN B 153 -18.97 47.81 52.83
C ASN B 153 -18.19 46.73 53.54
N ILE B 154 -17.00 46.48 53.04
CA ILE B 154 -16.05 45.61 53.66
C ILE B 154 -14.76 46.39 53.76
N THR B 155 -14.48 46.95 54.93
CA THR B 155 -13.52 48.05 55.05
C THR B 155 -12.50 47.82 56.12
N GLY B 156 -11.28 47.54 55.69
CA GLY B 156 -10.14 47.62 56.55
C GLY B 156 -9.58 49.05 56.55
N SER B 157 -8.53 49.28 57.31
CA SER B 157 -7.93 50.60 57.42
C SER B 157 -6.44 50.62 57.12
N ALA B 158 -6.01 51.73 56.55
CA ALA B 158 -4.61 52.01 56.28
C ALA B 158 -3.85 52.11 57.61
N PRO B 159 -2.53 51.87 57.58
CA PRO B 159 -1.76 52.04 58.79
C PRO B 159 -1.88 53.46 59.37
N SER B 160 -1.86 53.53 60.69
CA SER B 160 -1.81 54.85 61.34
C SER B 160 -0.36 55.34 61.53
N VAL B 161 0.62 54.46 61.38
CA VAL B 161 2.00 54.89 61.41
C VAL B 161 2.88 53.98 60.53
N PHE B 162 3.89 54.59 59.95
CA PHE B 162 4.84 53.89 59.07
C PHE B 162 6.20 53.97 59.68
N VAL B 163 7.00 52.94 59.41
CA VAL B 163 8.40 52.97 59.78
C VAL B 163 9.24 52.74 58.56
N PRO B 164 10.43 53.36 58.53
CA PRO B 164 11.27 53.17 57.35
C PRO B 164 11.85 51.75 57.25
N LEU B 165 12.02 51.24 56.03
CA LEU B 165 12.86 50.08 55.88
C LEU B 165 14.29 50.39 56.32
N ALA B 166 14.92 49.41 56.95
CA ALA B 166 16.29 49.51 57.43
C ALA B 166 17.30 49.36 56.32
N ALA B 167 16.92 48.65 55.25
CA ALA B 167 17.77 48.43 54.11
C ALA B 167 16.92 48.33 52.84
N ASP B 168 17.55 48.55 51.69
CA ASP B 168 16.93 48.37 50.39
C ASP B 168 16.37 46.98 50.28
N ALA B 169 15.17 46.85 49.69
CA ALA B 169 14.63 45.51 49.39
C ALA B 169 14.29 45.51 47.89
N ALA B 170 15.10 44.83 47.13
CA ALA B 170 14.90 44.74 45.67
C ALA B 170 13.70 43.90 45.29
N ALA B 171 13.20 44.09 44.07
CA ALA B 171 12.15 43.24 43.56
C ALA B 171 12.60 41.79 43.69
N GLY B 172 11.72 40.96 44.15
CA GLY B 172 12.03 39.55 44.44
C GLY B 172 12.37 39.21 45.88
N SER B 173 12.51 40.22 46.69
CA SER B 173 12.83 40.04 48.12
C SER B 173 11.75 39.25 48.85
N LYS B 174 12.20 38.25 49.62
CA LYS B 174 11.33 37.43 50.48
C LYS B 174 11.22 38.03 51.86
N VAL B 175 12.18 38.91 52.21
CA VAL B 175 12.30 39.44 53.57
C VAL B 175 12.44 40.94 53.45
N ILE B 176 11.88 41.67 54.42
CA ILE B 176 12.20 43.06 54.58
C ILE B 176 12.74 43.27 56.01
N THR B 177 13.40 44.40 56.24
CA THR B 177 14.01 44.69 57.54
C THR B 177 13.59 46.05 58.02
N VAL B 178 13.42 46.15 59.33
CA VAL B 178 13.18 47.41 60.01
C VAL B 178 14.06 47.40 61.27
N ALA B 179 14.28 48.56 61.85
CA ALA B 179 14.97 48.63 63.09
C ALA B 179 14.22 47.81 64.16
N ALA B 180 14.98 47.11 65.00
CA ALA B 180 14.37 46.32 66.05
C ALA B 180 13.51 47.24 66.90
N GLY B 181 12.33 46.75 67.25
CA GLY B 181 11.40 47.48 68.10
C GLY B 181 10.59 48.55 67.39
N ALA B 182 10.88 48.78 66.09
CA ALA B 182 10.18 49.84 65.33
C ALA B 182 8.71 49.52 65.14
N LEU B 183 8.41 48.25 64.86
CA LEU B 183 7.02 47.77 64.94
C LEU B 183 6.99 46.29 65.29
N SER B 184 5.79 45.87 65.71
CA SER B 184 5.55 44.52 66.17
C SER B 184 4.88 43.81 65.04
N ALA B 185 5.60 42.91 64.40
CA ALA B 185 5.07 42.17 63.27
C ALA B 185 4.60 40.78 63.69
N VAL B 186 3.28 40.59 63.68
CA VAL B 186 2.64 39.37 64.14
C VAL B 186 2.42 38.40 63.00
N LYS B 187 2.86 37.15 63.17
CA LYS B 187 2.76 36.18 62.07
C LYS B 187 1.25 35.97 61.76
N GLY B 188 0.92 35.97 60.48
CA GLY B 188 -0.49 35.85 60.07
C GLY B 188 -1.20 37.13 59.82
N THR B 189 -0.60 38.22 60.22
CA THR B 189 -1.16 39.56 59.99
C THR B 189 -0.46 40.22 58.80
N TYR B 190 -0.76 41.48 58.50
CA TYR B 190 -0.38 42.06 57.23
C TYR B 190 0.44 43.29 57.38
N LEU B 191 1.18 43.58 56.34
CA LEU B 191 1.97 44.80 56.21
C LEU B 191 1.60 45.49 54.91
N TYR B 192 1.76 46.81 54.91
CA TYR B 192 1.49 47.68 53.80
C TYR B 192 2.76 48.47 53.56
N LEU B 193 3.39 48.22 52.41
CA LEU B 193 4.66 48.80 52.04
C LEU B 193 4.41 49.89 51.00
N ARG B 194 5.15 51.01 51.11
CA ARG B 194 5.08 52.06 50.10
C ARG B 194 6.41 52.78 49.93
N SER B 195 6.56 53.44 48.77
CA SER B 195 7.67 54.36 48.56
C SER B 195 7.30 55.41 47.58
N ASN B 196 8.23 56.35 47.35
CA ASN B 196 7.98 57.43 46.39
C ASN B 196 8.24 57.06 44.95
N LYS B 197 8.73 55.82 44.72
CA LYS B 197 8.85 55.28 43.35
C LYS B 197 7.49 55.29 42.67
N LEU B 198 7.45 55.62 41.38
CA LEU B 198 6.16 55.68 40.66
C LEU B 198 5.73 54.30 40.15
N CYS B 199 4.43 54.04 40.20
CA CYS B 199 3.88 52.84 39.59
C CYS B 199 4.38 52.79 38.15
N ASP B 200 4.65 51.58 37.69
CA ASP B 200 5.39 51.41 36.44
C ASP B 200 4.70 50.50 35.46
N GLY B 201 3.43 50.18 35.70
CA GLY B 201 2.76 49.28 34.79
C GLY B 201 2.38 49.92 33.46
N GLY B 202 2.16 51.24 33.48
CA GLY B 202 1.75 51.99 32.36
C GLY B 202 2.16 53.44 32.48
N PRO B 203 1.65 54.28 31.57
CA PRO B 203 2.03 55.73 31.50
C PRO B 203 1.95 56.47 32.85
N ASN B 204 0.98 56.13 33.67
CA ASN B 204 0.84 56.69 35.02
C ASN B 204 0.87 58.22 35.00
N THR B 205 -0.06 58.84 34.29
CA THR B 205 -0.06 60.28 34.14
C THR B 205 -0.37 61.03 35.45
N TYR B 206 -1.01 60.38 36.39
CA TYR B 206 -1.21 60.98 37.71
C TYR B 206 -0.03 60.87 38.66
N GLY B 207 0.97 60.07 38.31
CA GLY B 207 2.10 59.86 39.18
C GLY B 207 1.72 59.17 40.49
N VAL B 208 0.91 58.12 40.37
CA VAL B 208 0.56 57.27 41.52
C VAL B 208 1.85 56.51 41.95
N LYS B 209 2.08 56.45 43.26
CA LYS B 209 3.25 55.87 43.84
C LYS B 209 3.01 54.41 44.21
N ILE B 210 4.08 53.66 44.43
CA ILE B 210 3.92 52.21 44.60
C ILE B 210 3.50 51.84 46.02
N SER B 211 2.74 50.75 46.10
CA SER B 211 2.39 50.12 47.34
C SER B 211 2.09 48.63 47.10
N GLN B 212 2.21 47.88 48.15
CA GLN B 212 1.82 46.46 48.15
C GLN B 212 1.40 46.05 49.55
N ILE B 213 0.53 45.05 49.61
CA ILE B 213 0.07 44.44 50.86
C ILE B 213 0.65 43.04 50.92
N ARG B 214 1.21 42.68 52.04
CA ARG B 214 1.86 41.37 52.24
C ARG B 214 1.47 40.78 53.58
N LYS B 215 1.60 39.46 53.73
CA LYS B 215 1.30 38.77 54.96
C LYS B 215 2.64 38.35 55.60
N VAL B 216 2.71 38.51 56.92
CA VAL B 216 3.89 38.14 57.71
C VAL B 216 3.81 36.64 57.94
N VAL B 217 4.88 35.96 57.53
CA VAL B 217 4.97 34.51 57.76
C VAL B 217 6.17 34.07 58.62
N GLY B 218 7.07 34.99 58.94
CA GLY B 218 8.25 34.70 59.71
C GLY B 218 8.80 36.00 60.27
N VAL B 219 9.33 35.96 61.49
CA VAL B 219 9.94 37.15 62.10
C VAL B 219 11.20 36.67 62.89
N SER B 220 12.32 37.34 62.68
CA SER B 220 13.53 37.15 63.49
C SER B 220 14.20 38.48 63.73
N THR B 221 14.72 38.66 64.95
CA THR B 221 15.44 39.87 65.30
C THR B 221 16.88 39.54 65.75
N SER B 222 17.84 40.26 65.17
CA SER B 222 19.25 40.05 65.37
C SER B 222 20.00 41.34 65.13
N GLY B 223 20.89 41.69 66.04
CA GLY B 223 21.74 42.86 65.89
C GLY B 223 21.01 44.15 65.69
N GLY B 224 19.95 44.36 66.47
CA GLY B 224 19.13 45.59 66.32
C GLY B 224 18.30 45.77 65.04
N VAL B 225 18.12 44.68 64.27
CA VAL B 225 17.32 44.68 63.05
C VAL B 225 16.33 43.51 63.13
N THR B 226 15.06 43.81 62.81
CA THR B 226 14.02 42.82 62.73
C THR B 226 13.83 42.50 61.25
N SER B 227 13.96 41.23 60.92
CA SER B 227 13.78 40.72 59.57
C SER B 227 12.43 39.98 59.48
N ILE B 228 11.59 40.42 58.54
CA ILE B 228 10.19 39.99 58.41
C ILE B 228 10.06 39.23 57.06
N ARG B 229 9.76 37.95 57.16
CA ARG B 229 9.55 37.14 56.01
C ARG B 229 8.13 37.23 55.55
N LEU B 230 7.94 37.40 54.23
CA LEU B 230 6.61 37.67 53.65
C LEU B 230 6.09 36.43 52.90
N ASP B 231 4.78 36.37 52.78
CA ASP B 231 4.12 35.29 52.06
C ASP B 231 4.58 35.29 50.59
N LYS B 232 4.51 36.47 49.98
CA LYS B 232 4.81 36.67 48.54
C LYS B 232 5.96 37.67 48.41
N THR B 233 6.77 37.55 47.37
CA THR B 233 7.91 38.42 47.16
C THR B 233 7.47 39.81 46.67
N LEU B 234 8.38 40.77 46.80
CA LEU B 234 8.13 42.13 46.40
C LEU B 234 8.19 42.26 44.87
N HIS B 235 7.33 43.12 44.29
CA HIS B 235 7.30 43.25 42.82
C HIS B 235 7.83 44.59 42.33
N TYR B 236 8.40 45.37 43.25
CA TYR B 236 9.18 46.53 42.89
C TYR B 236 10.45 46.58 43.78
N ASN B 237 11.41 47.42 43.39
CA ASN B 237 12.49 47.82 44.30
C ASN B 237 11.97 48.80 45.33
N TYR B 238 12.14 48.45 46.59
CA TYR B 238 11.81 49.35 47.69
C TYR B 238 13.10 49.87 48.27
N TYR B 239 13.39 51.12 47.94
CA TYR B 239 14.66 51.74 48.24
C TYR B 239 14.59 52.84 49.28
N LEU B 240 15.62 52.88 50.12
CA LEU B 240 15.75 53.99 51.14
C LEU B 240 15.75 55.33 50.45
N SER B 241 16.33 55.39 49.26
CA SER B 241 16.39 56.65 48.50
C SER B 241 15.01 57.13 48.06
N ASP B 242 14.06 56.20 48.01
CA ASP B 242 12.65 56.52 47.72
C ASP B 242 11.78 56.57 48.98
N ALA B 243 12.43 56.64 50.13
CA ALA B 243 11.75 56.70 51.42
C ALA B 243 10.82 55.52 51.63
N ALA B 244 11.32 54.33 51.24
CA ALA B 244 10.54 53.11 51.44
C ALA B 244 10.21 52.89 52.93
N GLU B 245 8.96 52.52 53.18
CA GLU B 245 8.41 52.41 54.52
C GLU B 245 7.31 51.38 54.58
N VAL B 246 6.92 51.02 55.79
CA VAL B 246 5.99 49.91 55.99
C VAL B 246 5.22 50.16 57.25
N GLY B 247 3.94 49.83 57.20
CA GLY B 247 3.04 49.96 58.37
C GLY B 247 2.07 48.81 58.45
N ILE B 248 1.34 48.73 59.53
CA ILE B 248 0.44 47.62 59.76
C ILE B 248 -0.98 48.08 59.42
N PRO B 249 -1.53 47.61 58.29
CA PRO B 249 -2.93 47.94 58.04
C PRO B 249 -3.81 47.04 58.88
N THR B 250 -5.04 47.43 59.15
CA THR B 250 -6.00 46.51 59.72
C THR B 250 -6.90 46.00 58.61
N MET B 251 -6.62 44.79 58.14
CA MET B 251 -7.34 44.18 57.02
C MET B 251 -8.66 43.56 57.50
N VAL B 252 -9.68 43.53 56.63
CA VAL B 252 -10.82 42.66 56.81
C VAL B 252 -10.52 41.42 55.96
N GLU B 253 -10.45 40.26 56.62
CA GLU B 253 -10.01 39.07 55.91
C GLU B 253 -11.04 37.97 56.01
N ASN B 254 -11.13 37.18 54.95
CA ASN B 254 -11.94 35.97 54.88
C ASN B 254 -13.43 36.24 54.90
N VAL B 255 -13.91 36.99 53.91
CA VAL B 255 -15.33 37.30 53.75
C VAL B 255 -15.84 36.63 52.49
N THR B 256 -16.96 35.98 52.60
CA THR B 256 -17.62 35.30 51.50
C THR B 256 -19.03 35.83 51.33
N LEU B 257 -19.34 36.28 50.12
CA LEU B 257 -20.67 36.79 49.80
C LEU B 257 -21.27 35.83 48.79
N VAL B 258 -22.21 35.03 49.23
CA VAL B 258 -22.81 34.00 48.41
C VAL B 258 -24.13 34.49 47.81
N SER B 259 -24.16 34.63 46.48
CA SER B 259 -25.36 35.03 45.73
C SER B 259 -25.98 36.34 46.20
N PRO B 260 -25.19 37.39 46.32
CA PRO B 260 -25.80 38.70 46.75
C PRO B 260 -26.80 39.20 45.71
N TYR B 261 -28.01 39.51 46.17
CA TYR B 261 -29.04 40.07 45.33
C TYR B 261 -29.30 41.49 45.84
N ILE B 262 -28.77 42.46 45.15
CA ILE B 262 -28.89 43.88 45.48
C ILE B 262 -29.82 44.57 44.51
N ASN B 263 -30.91 45.07 45.05
CA ASN B 263 -31.98 45.68 44.27
C ASN B 263 -32.74 44.62 43.43
N GLU B 264 -33.73 45.04 42.66
CA GLU B 264 -34.49 44.14 41.85
C GLU B 264 -35.10 44.89 40.71
N PHE B 265 -35.48 44.19 39.67
CA PHE B 265 -36.17 44.76 38.52
C PHE B 265 -37.42 45.48 38.95
N GLY B 266 -37.65 46.62 38.33
CA GLY B 266 -38.76 47.50 38.73
C GLY B 266 -38.29 48.64 39.63
N TYR B 267 -37.06 48.61 40.07
CA TYR B 267 -36.46 49.60 40.98
C TYR B 267 -36.69 51.02 40.48
N ASP B 268 -36.63 51.22 39.17
CA ASP B 268 -36.70 52.58 38.59
C ASP B 268 -38.07 53.17 38.71
N ASP B 269 -39.08 52.33 38.66
CA ASP B 269 -40.48 52.76 38.89
C ASP B 269 -40.68 53.27 40.33
N LEU B 270 -39.85 52.79 41.22
CA LEU B 270 -39.85 53.18 42.64
C LEU B 270 -38.79 54.23 42.97
N ASN B 271 -38.07 54.69 41.96
CA ASN B 271 -36.97 55.65 42.16
C ASN B 271 -35.95 55.21 43.21
N ARG B 272 -35.63 53.91 43.19
CA ARG B 272 -34.81 53.29 44.21
C ARG B 272 -33.46 52.91 43.65
N PHE B 273 -32.46 53.67 44.01
CA PHE B 273 -31.07 53.47 43.53
C PHE B 273 -30.09 53.32 44.70
N PHE B 274 -28.82 53.33 44.39
CA PHE B 274 -27.74 53.28 45.35
C PHE B 274 -26.54 53.87 44.65
N THR B 275 -25.40 53.96 45.33
CA THR B 275 -24.19 54.49 44.75
C THR B 275 -23.29 53.32 44.38
N ILE B 276 -22.49 52.83 45.29
CA ILE B 276 -21.68 51.58 45.09
C ILE B 276 -22.40 50.43 45.73
N GLY B 277 -22.51 49.30 45.04
CA GLY B 277 -23.16 48.14 45.56
C GLY B 277 -22.41 47.41 46.65
N ILE B 278 -21.17 47.04 46.34
CA ILE B 278 -20.26 46.35 47.27
C ILE B 278 -18.91 47.01 47.19
N SER B 279 -18.55 47.77 48.24
CA SER B 279 -17.30 48.49 48.27
C SER B 279 -16.36 47.89 49.29
N ALA B 280 -15.20 47.44 48.84
CA ALA B 280 -14.20 46.83 49.66
C ALA B 280 -12.90 47.59 49.60
N ASN B 281 -12.29 47.81 50.77
CA ASN B 281 -11.00 48.47 50.87
C ASN B 281 -10.18 47.75 51.94
N PHE B 282 -8.93 47.51 51.69
CA PHE B 282 -8.09 46.79 52.65
C PHE B 282 -8.75 45.47 53.09
N ALA B 283 -9.11 44.67 52.11
CA ALA B 283 -9.69 43.34 52.31
C ALA B 283 -8.77 42.28 51.75
N ALA B 284 -8.76 41.12 52.38
CA ALA B 284 -7.98 39.96 51.94
C ALA B 284 -8.92 38.78 51.90
N ASP B 285 -8.85 38.00 50.81
CA ASP B 285 -9.67 36.81 50.71
C ASP B 285 -11.17 37.12 50.77
N LEU B 286 -11.54 38.19 50.05
CA LEU B 286 -12.95 38.52 49.79
C LEU B 286 -13.38 37.78 48.55
N HIS B 287 -14.37 36.92 48.66
CA HIS B 287 -14.86 36.12 47.55
C HIS B 287 -16.33 36.30 47.35
N ILE B 288 -16.71 36.74 46.17
CA ILE B 288 -18.08 37.04 45.83
C ILE B 288 -18.50 36.05 44.78
N GLN B 289 -19.57 35.36 45.02
CA GLN B 289 -20.03 34.26 44.17
C GLN B 289 -21.45 34.51 43.67
N ASP B 290 -21.64 34.53 42.36
CA ASP B 290 -22.93 34.65 41.73
C ASP B 290 -23.66 35.90 42.22
N GLY B 291 -24.97 35.81 42.31
CA GLY B 291 -25.75 37.00 42.63
C GLY B 291 -26.04 37.88 41.45
N VAL B 292 -26.79 38.94 41.72
CA VAL B 292 -27.27 39.91 40.73
C VAL B 292 -27.29 41.26 41.35
N ILE B 293 -26.64 42.22 40.75
CA ILE B 293 -26.63 43.61 41.19
C ILE B 293 -27.23 44.45 40.07
N ILE B 294 -28.31 45.16 40.41
CA ILE B 294 -29.14 45.86 39.45
C ILE B 294 -29.40 47.31 39.86
N GLY B 295 -29.25 48.24 38.94
CA GLY B 295 -30.00 49.47 39.04
C GLY B 295 -29.51 50.56 39.98
N ASN B 296 -28.29 51.03 39.76
CA ASN B 296 -27.89 52.33 40.37
C ASN B 296 -27.98 53.50 39.39
N LYS B 297 -28.50 53.22 38.20
CA LYS B 297 -28.99 54.25 37.23
C LYS B 297 -30.29 53.71 36.63
N ARG B 298 -31.05 54.56 35.96
CA ARG B 298 -32.18 54.11 35.18
C ARG B 298 -31.73 53.31 33.94
N PRO B 299 -32.62 52.42 33.42
CA PRO B 299 -32.18 51.61 32.27
C PRO B 299 -31.84 52.45 31.04
N GLY B 300 -30.63 52.26 30.53
CA GLY B 300 -30.18 52.95 29.34
C GLY B 300 -29.83 54.43 29.58
N ALA B 301 -29.84 54.82 30.84
CA ALA B 301 -29.62 56.25 31.17
C ALA B 301 -28.14 56.61 31.15
N SER B 302 -27.86 57.89 31.39
CA SER B 302 -26.55 58.41 31.46
C SER B 302 -25.73 57.81 32.66
N ASP B 303 -24.43 57.86 32.52
CA ASP B 303 -23.55 57.31 33.50
C ASP B 303 -23.47 58.27 34.71
N ILE B 304 -23.00 57.75 35.82
CA ILE B 304 -22.85 58.48 37.07
C ILE B 304 -21.52 58.15 37.64
N GLU B 305 -20.67 59.16 37.75
CA GLU B 305 -19.27 58.96 38.18
C GLU B 305 -19.23 58.27 39.54
N GLY B 306 -18.45 57.20 39.62
CA GLY B 306 -18.22 56.50 40.83
C GLY B 306 -19.17 55.36 41.22
N ARG B 307 -20.32 55.23 40.52
CA ARG B 307 -21.36 54.27 40.86
C ARG B 307 -21.07 52.86 40.31
N SER B 308 -19.97 52.28 40.80
CA SER B 308 -19.63 50.92 40.41
C SER B 308 -20.46 49.92 41.19
N ALA B 309 -20.75 48.78 40.59
CA ALA B 309 -21.49 47.72 41.28
C ALA B 309 -20.65 47.09 42.38
N ILE B 310 -19.43 46.72 42.04
CA ILE B 310 -18.43 46.15 42.93
C ILE B 310 -17.14 46.90 42.79
N LYS B 311 -16.56 47.33 43.89
CA LYS B 311 -15.29 48.05 43.91
C LYS B 311 -14.32 47.38 44.88
N PHE B 312 -13.16 47.04 44.36
CA PHE B 312 -12.03 46.42 45.12
C PHE B 312 -10.91 47.43 45.17
N ASN B 313 -10.70 48.06 46.32
CA ASN B 313 -9.59 48.96 46.53
C ASN B 313 -8.61 48.33 47.50
N ASN B 314 -7.33 48.21 47.12
CA ASN B 314 -6.34 47.62 48.02
C ASN B 314 -6.82 46.26 48.57
N CYS B 315 -7.31 45.39 47.69
CA CYS B 315 -7.75 44.07 48.05
C CYS B 315 -6.79 43.01 47.56
N VAL B 316 -6.52 42.02 48.37
CA VAL B 316 -5.59 40.94 47.92
C VAL B 316 -6.32 39.61 47.92
N ASP B 317 -5.98 38.79 46.94
CA ASP B 317 -6.50 37.43 46.87
C ASP B 317 -8.02 37.40 46.93
N SER B 318 -8.62 38.30 46.17
CA SER B 318 -10.06 38.51 46.14
C SER B 318 -10.64 38.26 44.76
N THR B 319 -11.87 37.81 44.71
CA THR B 319 -12.46 37.35 43.46
C THR B 319 -13.94 37.68 43.34
N VAL B 320 -14.41 37.79 42.11
CA VAL B 320 -15.80 37.87 41.75
C VAL B 320 -16.04 36.79 40.71
N LYS B 321 -16.93 35.85 40.98
CA LYS B 321 -17.18 34.74 40.08
C LYS B 321 -18.67 34.57 39.86
N GLY B 322 -19.13 34.76 38.63
CA GLY B 322 -20.48 34.48 38.23
C GLY B 322 -21.53 35.54 38.34
N THR B 323 -21.20 36.64 39.05
CA THR B 323 -22.17 37.68 39.24
C THR B 323 -22.70 38.30 37.97
N CYS B 324 -23.98 38.68 37.97
CA CYS B 324 -24.60 39.39 36.91
C CYS B 324 -24.87 40.85 37.29
N PHE B 325 -24.72 41.71 36.33
CA PHE B 325 -24.86 43.17 36.51
C PHE B 325 -25.78 43.72 35.45
N TYR B 326 -26.78 44.52 35.88
CA TYR B 326 -27.69 45.20 34.99
C TYR B 326 -27.79 46.69 35.36
N ASN B 327 -27.78 47.55 34.39
CA ASN B 327 -28.14 48.97 34.59
C ASN B 327 -27.31 49.65 35.66
N ILE B 328 -26.00 49.70 35.43
CA ILE B 328 -25.05 50.22 36.35
C ILE B 328 -24.44 51.50 35.82
N GLY B 329 -24.40 52.54 36.66
CA GLY B 329 -23.97 53.86 36.27
C GLY B 329 -22.49 53.98 35.94
N TRP B 330 -21.68 53.08 36.47
CA TRP B 330 -20.25 53.16 36.31
C TRP B 330 -19.76 51.75 35.98
N TYR B 331 -18.78 51.26 36.70
CA TYR B 331 -18.19 49.99 36.33
C TYR B 331 -18.83 48.80 37.01
N GLY B 332 -18.88 47.68 36.34
CA GLY B 332 -19.39 46.45 36.95
C GLY B 332 -18.48 46.00 38.09
N VAL B 333 -17.24 45.73 37.77
CA VAL B 333 -16.19 45.49 38.74
C VAL B 333 -15.08 46.50 38.53
N GLU B 334 -14.85 47.34 39.52
CA GLU B 334 -13.79 48.31 39.56
C GLU B 334 -12.65 47.78 40.47
N VAL B 335 -11.43 47.85 39.98
CA VAL B 335 -10.26 47.30 40.68
C VAL B 335 -9.20 48.44 40.74
N LEU B 336 -8.78 48.84 41.94
CA LEU B 336 -7.85 49.95 42.09
C LEU B 336 -6.97 49.78 43.35
N GLY B 337 -6.13 50.77 43.59
CA GLY B 337 -5.11 50.65 44.61
C GLY B 337 -4.20 49.48 44.32
N CYS B 338 -3.53 49.00 45.32
CA CYS B 338 -2.59 47.90 45.17
C CYS B 338 -3.30 46.55 45.21
N SER B 339 -4.51 46.43 44.65
CA SER B 339 -5.20 45.14 44.56
C SER B 339 -4.35 44.14 43.81
N GLU B 340 -4.10 43.01 44.43
CA GLU B 340 -3.14 42.05 43.91
C GLU B 340 -3.71 40.66 43.98
N ASP B 341 -3.54 39.95 42.88
CA ASP B 341 -4.10 38.58 42.73
C ASP B 341 -5.62 38.63 42.80
N THR B 342 -6.19 39.46 41.93
CA THR B 342 -7.64 39.66 41.81
C THR B 342 -8.08 38.89 40.58
N GLU B 343 -9.23 38.24 40.67
CA GLU B 343 -9.81 37.51 39.51
C GLU B 343 -11.28 37.82 39.39
N VAL B 344 -11.75 37.89 38.14
CA VAL B 344 -13.15 38.08 37.82
C VAL B 344 -13.44 36.97 36.78
N HIS B 345 -14.31 36.05 37.12
CA HIS B 345 -14.68 34.94 36.28
C HIS B 345 -16.15 34.98 35.98
N ASP B 346 -16.55 34.65 34.76
CA ASP B 346 -17.90 34.26 34.43
C ASP B 346 -18.96 35.29 34.70
N ILE B 347 -18.60 36.58 34.73
CA ILE B 347 -19.63 37.57 34.91
C ILE B 347 -20.35 37.89 33.63
N HIS B 348 -21.59 38.37 33.77
CA HIS B 348 -22.39 38.89 32.67
C HIS B 348 -22.75 40.34 33.06
N ALA B 349 -22.43 41.30 32.24
CA ALA B 349 -22.69 42.69 32.50
C ALA B 349 -23.42 43.34 31.38
N MET B 350 -24.59 43.92 31.64
CA MET B 350 -25.46 44.48 30.60
C MET B 350 -25.85 45.89 30.93
N ASP B 351 -25.57 46.84 30.06
CA ASP B 351 -25.94 48.28 30.29
C ASP B 351 -25.18 48.83 31.50
N VAL B 352 -23.86 48.89 31.33
CA VAL B 352 -22.90 49.39 32.32
C VAL B 352 -21.87 50.24 31.57
N ARG B 353 -21.05 51.02 32.26
CA ARG B 353 -20.04 51.82 31.55
C ARG B 353 -18.87 50.99 31.07
N HIS B 354 -18.25 50.21 31.96
CA HIS B 354 -17.29 49.14 31.62
C HIS B 354 -17.71 47.96 32.45
N ALA B 355 -17.64 46.77 31.89
CA ALA B 355 -17.87 45.57 32.66
C ALA B 355 -16.85 45.36 33.76
N ILE B 356 -15.59 45.50 33.38
CA ILE B 356 -14.44 45.46 34.27
C ILE B 356 -13.60 46.71 33.96
N SER B 357 -13.11 47.39 34.96
CA SER B 357 -12.16 48.45 34.78
C SER B 357 -11.15 48.49 35.89
N LEU B 358 -9.88 48.31 35.56
CA LEU B 358 -8.82 48.59 36.46
C LEU B 358 -8.63 50.10 36.41
N ASN B 359 -8.46 50.71 37.57
CA ASN B 359 -8.51 52.19 37.67
C ASN B 359 -7.20 52.80 38.16
N TRP B 360 -7.09 54.09 37.88
CA TRP B 360 -6.05 54.95 38.40
C TRP B 360 -6.61 55.60 39.66
N GLN B 361 -5.88 56.60 40.19
CA GLN B 361 -6.37 57.37 41.32
C GLN B 361 -5.88 58.81 41.03
N SER B 362 -6.79 59.75 41.02
CA SER B 362 -6.41 61.15 40.85
C SER B 362 -5.56 61.63 42.02
N THR B 363 -4.41 62.21 41.67
CA THR B 363 -3.51 62.81 42.66
C THR B 363 -3.70 64.34 42.71
N ALA B 364 -4.84 64.86 42.23
CA ALA B 364 -5.02 66.33 42.25
C ALA B 364 -4.95 66.89 43.65
N ASP B 365 -5.49 66.18 44.62
CA ASP B 365 -5.52 66.67 46.00
C ASP B 365 -4.45 66.11 46.91
N GLY B 366 -3.46 65.40 46.31
CA GLY B 366 -2.30 64.87 47.05
C GLY B 366 -1.93 63.49 46.59
N ASP B 367 -0.77 63.03 47.05
CA ASP B 367 -0.27 61.72 46.67
C ASP B 367 -1.27 60.58 46.88
N LYS B 368 -1.15 59.58 46.00
CA LYS B 368 -1.90 58.37 46.04
C LYS B 368 -0.96 57.24 45.77
N TRP B 369 -1.32 56.05 46.26
CA TRP B 369 -0.44 54.88 46.14
C TRP B 369 -1.24 53.66 45.64
N GLY B 370 -0.66 52.89 44.76
CA GLY B 370 -1.12 51.57 44.47
C GLY B 370 -1.67 51.42 43.06
N GLU B 371 -1.14 50.42 42.33
CA GLU B 371 -1.71 49.97 41.07
C GLU B 371 -2.03 48.50 41.22
N PRO B 372 -2.99 48.02 40.41
CA PRO B 372 -3.31 46.59 40.50
C PRO B 372 -2.15 45.77 39.95
N ILE B 373 -1.93 44.60 40.54
CA ILE B 373 -0.88 43.71 40.13
C ILE B 373 -1.44 42.31 40.11
N GLU B 374 -1.30 41.66 38.95
CA GLU B 374 -1.78 40.28 38.73
C GLU B 374 -3.31 40.28 38.74
N PHE B 375 -3.88 40.52 37.57
CA PHE B 375 -5.30 40.56 37.41
C PHE B 375 -5.68 39.59 36.30
N LEU B 376 -6.70 38.79 36.57
CA LEU B 376 -7.26 37.87 35.56
C LEU B 376 -8.75 38.12 35.40
N GLY B 377 -9.19 38.31 34.16
CA GLY B 377 -10.60 38.29 33.80
C GLY B 377 -10.77 37.12 32.87
N VAL B 378 -11.66 36.21 33.18
CA VAL B 378 -11.85 34.98 32.40
C VAL B 378 -13.32 34.67 32.12
N ASN B 379 -13.66 34.39 30.86
CA ASN B 379 -14.99 33.96 30.49
C ASN B 379 -16.06 34.95 30.91
N CYS B 380 -15.75 36.23 30.76
CA CYS B 380 -16.73 37.25 31.05
C CYS B 380 -17.37 37.79 29.81
N GLU B 381 -18.63 38.24 29.94
CA GLU B 381 -19.41 38.76 28.85
C GLU B 381 -19.95 40.14 29.14
N ALA B 382 -19.86 41.02 28.18
CA ALA B 382 -20.37 42.36 28.24
C ALA B 382 -21.26 42.67 27.08
N TYR B 383 -22.42 43.31 27.35
CA TYR B 383 -23.36 43.77 26.35
C TYR B 383 -23.64 45.27 26.55
N SER B 384 -23.66 46.02 25.46
CA SER B 384 -24.21 47.37 25.42
C SER B 384 -23.58 48.28 26.48
N THR B 385 -22.25 48.22 26.56
CA THR B 385 -21.49 49.06 27.46
C THR B 385 -21.49 50.49 26.87
N THR B 386 -21.54 51.48 27.73
CA THR B 386 -21.55 52.88 27.27
C THR B 386 -20.15 53.33 26.87
N GLN B 387 -19.13 52.68 27.45
CA GLN B 387 -17.73 52.88 27.09
C GLN B 387 -17.12 51.50 26.90
N ALA B 388 -15.78 51.38 26.93
CA ALA B 388 -15.21 50.10 26.63
C ALA B 388 -15.78 48.95 27.42
N GLY B 389 -15.97 47.80 26.78
CA GLY B 389 -16.41 46.64 27.49
C GLY B 389 -15.56 46.18 28.63
N PHE B 390 -14.27 46.07 28.36
CA PHE B 390 -13.25 45.65 29.30
C PHE B 390 -12.10 46.64 29.23
N ASP B 391 -11.74 47.21 30.36
CA ASP B 391 -10.91 48.37 30.39
C ASP B 391 -9.80 48.35 31.44
N THR B 392 -8.69 49.06 31.12
CA THR B 392 -7.77 49.54 32.15
C THR B 392 -7.57 51.03 31.98
N HIS B 393 -7.18 51.65 33.07
CA HIS B 393 -6.61 52.98 33.01
C HIS B 393 -5.08 52.85 32.88
N ASP B 394 -4.34 53.89 33.22
CA ASP B 394 -2.94 53.96 32.79
C ASP B 394 -1.93 53.40 33.76
N ILE B 395 -2.39 52.61 34.75
CA ILE B 395 -1.49 51.87 35.62
C ILE B 395 -2.03 50.44 35.74
N GLY B 396 -1.23 49.56 36.32
CA GLY B 396 -1.57 48.17 36.46
C GLY B 396 -0.53 47.30 35.82
N LYS B 397 -0.21 46.20 36.47
CA LYS B 397 0.82 45.26 36.02
C LYS B 397 0.22 43.86 35.93
N ARG B 398 0.64 43.10 34.91
CA ARG B 398 0.29 41.66 34.75
C ARG B 398 -1.22 41.48 34.69
N VAL B 399 -1.80 42.18 33.72
CA VAL B 399 -3.23 42.18 33.42
C VAL B 399 -3.53 41.26 32.25
N LYS B 400 -4.44 40.33 32.47
CA LYS B 400 -4.76 39.34 31.43
C LYS B 400 -6.26 39.17 31.31
N PHE B 401 -6.75 39.11 30.09
CA PHE B 401 -8.14 38.81 29.81
C PHE B 401 -8.18 37.54 28.94
N VAL B 402 -8.92 36.55 29.35
CA VAL B 402 -8.98 35.24 28.75
C VAL B 402 -10.41 34.88 28.39
N ARG B 403 -10.69 34.65 27.09
CA ARG B 403 -11.99 34.22 26.63
C ARG B 403 -13.11 35.10 27.12
N CYS B 404 -12.84 36.41 27.13
CA CYS B 404 -13.88 37.37 27.36
C CYS B 404 -14.52 37.79 26.04
N VAL B 405 -15.77 38.31 26.09
CA VAL B 405 -16.50 38.76 24.93
C VAL B 405 -17.23 40.04 25.20
N SER B 406 -17.10 41.00 24.30
CA SER B 406 -17.84 42.26 24.32
C SER B 406 -18.73 42.34 23.08
N TYR B 407 -20.00 42.65 23.28
CA TYR B 407 -21.01 42.90 22.26
C TYR B 407 -21.51 44.32 22.29
N ASP B 408 -21.54 44.95 21.16
CA ASP B 408 -22.29 46.17 20.95
C ASP B 408 -21.88 47.30 21.91
N SER B 409 -20.59 47.41 22.14
CA SER B 409 -20.07 48.57 22.89
C SER B 409 -20.29 49.86 22.13
N ALA B 410 -20.53 50.93 22.87
CA ALA B 410 -20.58 52.25 22.26
C ALA B 410 -19.21 52.90 22.01
N ALA B 411 -18.17 52.23 22.49
CA ALA B 411 -16.82 52.63 22.23
C ALA B 411 -16.01 51.42 21.73
N ALA B 412 -14.93 51.07 22.41
CA ALA B 412 -14.21 49.83 22.11
C ALA B 412 -14.79 48.63 22.79
N GLY B 413 -14.54 47.44 22.25
CA GLY B 413 -14.77 46.21 22.98
C GLY B 413 -13.88 46.07 24.19
N PHE B 414 -12.57 46.25 23.94
CA PHE B 414 -11.53 46.16 24.89
C PHE B 414 -10.61 47.40 24.76
N GLN B 415 -10.27 48.05 25.87
CA GLN B 415 -9.40 49.18 25.90
C GLN B 415 -8.27 48.94 26.88
N ALA B 416 -7.02 49.02 26.39
CA ALA B 416 -5.84 48.95 27.20
C ALA B 416 -5.27 50.36 27.35
N ARG B 417 -5.11 50.83 28.57
CA ARG B 417 -4.44 52.11 28.78
C ARG B 417 -3.16 51.89 29.63
N THR B 418 -2.86 50.64 30.01
CA THR B 418 -1.61 50.31 30.64
C THR B 418 -0.80 49.45 29.68
N ASN B 419 0.48 49.27 29.96
CA ASN B 419 1.36 48.67 28.95
C ASN B 419 1.31 47.15 29.04
N GLY B 420 1.44 46.52 27.87
CA GLY B 420 1.52 45.08 27.80
C GLY B 420 0.35 44.29 28.39
N VAL B 421 -0.87 44.76 28.16
CA VAL B 421 -2.07 43.97 28.53
C VAL B 421 -2.15 42.79 27.54
N GLU B 422 -2.37 41.59 28.07
CA GLU B 422 -2.50 40.37 27.27
C GLU B 422 -3.92 39.91 27.18
N TYR B 423 -4.32 39.53 25.95
CA TYR B 423 -5.62 39.06 25.62
C TYR B 423 -5.51 37.71 24.95
N LEU B 424 -6.14 36.70 25.51
CA LEU B 424 -6.11 35.33 25.00
C LEU B 424 -7.50 34.92 24.56
N ASN B 425 -7.68 34.67 23.27
CA ASN B 425 -8.90 34.15 22.76
C ASN B 425 -10.14 34.96 23.11
N CYS B 426 -9.92 36.28 23.19
CA CYS B 426 -11.05 37.20 23.40
C CYS B 426 -11.75 37.54 22.11
N ARG B 427 -12.99 38.06 22.18
CA ARG B 427 -13.80 38.37 21.03
C ARG B 427 -14.51 39.69 21.20
N ALA B 428 -14.61 40.45 20.16
CA ALA B 428 -15.34 41.71 20.11
C ALA B 428 -16.24 41.77 18.95
N TYR B 429 -17.53 42.04 19.17
CA TYR B 429 -18.54 42.13 18.15
C TYR B 429 -19.21 43.53 18.15
N ARG B 430 -19.28 44.14 17.02
CA ARG B 430 -20.11 45.32 16.75
C ARG B 430 -19.80 46.50 17.66
N ALA B 431 -18.55 46.66 18.05
CA ALA B 431 -18.18 47.92 18.78
C ALA B 431 -18.37 49.09 17.80
N ALA B 432 -18.79 50.22 18.35
CA ALA B 432 -18.98 51.46 17.59
C ALA B 432 -17.66 52.01 17.03
N MET B 433 -16.53 51.63 17.65
CA MET B 433 -15.21 52.11 17.20
C MET B 433 -14.34 50.86 16.98
N ASP B 434 -13.41 50.54 17.85
CA ASP B 434 -12.48 49.42 17.61
C ASP B 434 -12.87 48.22 18.45
N GLY B 435 -12.71 47.04 17.92
CA GLY B 435 -12.89 45.81 18.70
C GLY B 435 -12.00 45.83 19.93
N PHE B 436 -10.70 45.97 19.68
CA PHE B 436 -9.68 46.06 20.65
C PHE B 436 -8.84 47.31 20.38
N ALA B 437 -8.47 48.04 21.40
CA ALA B 437 -7.67 49.24 21.19
C ALA B 437 -6.75 49.50 22.39
N SER B 438 -5.61 50.13 22.11
CA SER B 438 -4.82 50.80 23.13
C SER B 438 -5.25 52.25 23.12
N ASN B 439 -4.39 53.15 23.51
CA ASN B 439 -4.74 54.58 23.55
C ASN B 439 -3.43 55.35 23.66
N THR B 440 -3.56 56.69 23.74
CA THR B 440 -2.44 57.57 23.69
C THR B 440 -1.34 57.17 24.63
N GLY B 441 -0.12 56.99 24.11
CA GLY B 441 0.98 56.71 24.97
C GLY B 441 1.20 55.29 25.47
N VAL B 442 0.33 54.37 25.05
CA VAL B 442 0.31 53.03 25.56
C VAL B 442 1.08 52.11 24.70
N ALA B 443 1.91 51.27 25.34
CA ALA B 443 2.83 50.37 24.65
C ALA B 443 2.28 48.93 24.49
N PHE B 444 2.37 48.44 23.26
CA PHE B 444 2.37 47.00 22.99
C PHE B 444 1.42 46.10 23.79
N PRO B 445 0.11 46.29 23.63
CA PRO B 445 -0.79 45.17 23.94
C PRO B 445 -0.45 43.94 23.14
N ILE B 446 -0.78 42.79 23.69
CA ILE B 446 -0.61 41.51 23.10
C ILE B 446 -1.94 40.83 22.87
N TYR B 447 -2.25 40.55 21.62
CA TYR B 447 -3.47 39.83 21.26
C TYR B 447 -3.14 38.47 20.69
N ARG B 448 -3.61 37.41 21.31
CA ARG B 448 -3.37 36.04 20.91
C ARG B 448 -4.68 35.36 20.53
N GLU B 449 -4.85 35.02 19.26
CA GLU B 449 -6.01 34.29 18.80
C GLU B 449 -7.32 35.00 19.14
N CYS B 450 -7.25 36.36 19.14
CA CYS B 450 -8.45 37.16 19.39
C CYS B 450 -9.24 37.38 18.08
N LEU B 451 -10.56 37.57 18.17
CA LEU B 451 -11.43 37.58 17.03
C LEU B 451 -12.30 38.82 17.08
N ALA B 452 -12.36 39.57 16.02
CA ALA B 452 -13.06 40.83 15.93
C ALA B 452 -14.04 40.81 14.79
N TYR B 453 -15.33 41.01 15.05
CA TYR B 453 -16.36 40.91 14.07
C TYR B 453 -17.21 42.15 14.00
N ASP B 454 -17.28 42.78 12.83
CA ASP B 454 -18.23 43.86 12.54
C ASP B 454 -18.09 45.08 13.45
N ASN B 455 -16.90 45.29 13.94
CA ASN B 455 -16.58 46.53 14.66
C ASN B 455 -16.46 47.62 13.66
N VAL B 456 -17.02 48.80 13.90
CA VAL B 456 -17.17 49.76 12.85
C VAL B 456 -15.82 50.24 12.26
N ARG B 457 -14.91 50.68 13.12
CA ARG B 457 -13.69 51.30 12.68
C ARG B 457 -12.62 50.28 12.38
N SER B 458 -12.22 49.53 13.39
CA SER B 458 -11.17 48.52 13.18
C SER B 458 -11.38 47.32 14.07
N GLY B 459 -10.79 46.20 13.72
CA GLY B 459 -10.73 45.07 14.64
C GLY B 459 -9.78 45.35 15.78
N PHE B 460 -8.54 45.70 15.47
CA PHE B 460 -7.50 45.95 16.42
C PHE B 460 -6.88 47.30 16.10
N ASN B 461 -6.84 48.19 17.08
CA ASN B 461 -6.25 49.53 16.96
C ASN B 461 -5.15 49.72 17.97
N CYS B 462 -3.93 49.34 17.58
CA CYS B 462 -2.71 49.54 18.35
C CYS B 462 -1.76 50.44 17.57
N SER B 463 -2.28 51.57 17.12
CA SER B 463 -1.55 52.53 16.34
C SER B 463 -0.94 53.62 17.21
N TYR B 464 -1.16 53.52 18.53
CA TYR B 464 -0.70 54.49 19.49
C TYR B 464 0.73 54.32 19.98
N GLY B 465 1.20 53.07 19.99
CA GLY B 465 2.50 52.72 20.51
C GLY B 465 2.83 51.26 20.32
N GLY B 466 2.47 50.74 19.16
CA GLY B 466 2.80 49.36 18.75
C GLY B 466 1.85 48.34 19.25
N GLY B 467 1.88 47.16 18.61
CA GLY B 467 1.12 46.03 19.06
C GLY B 467 1.67 44.74 18.60
N TYR B 468 1.33 43.70 19.27
CA TYR B 468 1.68 42.32 18.86
C TYR B 468 0.36 41.59 18.62
N VAL B 469 0.11 41.26 17.36
CA VAL B 469 -1.20 40.79 16.90
C VAL B 469 -0.98 39.38 16.34
N TYR B 470 -1.14 38.41 17.17
CA TYR B 470 -0.73 37.02 16.90
C TYR B 470 -1.95 36.13 16.61
N ASP B 471 -2.02 35.61 15.39
CA ASP B 471 -3.07 34.67 14.94
C ASP B 471 -4.50 35.22 15.19
N CYS B 472 -4.63 36.52 15.06
CA CYS B 472 -5.91 37.17 15.28
C CYS B 472 -6.68 37.25 14.01
N GLU B 473 -7.97 37.58 14.11
CA GLU B 473 -8.83 37.71 13.00
C GLU B 473 -9.68 38.94 13.13
N ALA B 474 -9.84 39.67 12.06
CA ALA B 474 -10.74 40.79 12.02
C ALA B 474 -11.51 40.79 10.74
N HIS B 475 -12.84 40.86 10.85
CA HIS B 475 -13.78 40.72 9.78
C HIS B 475 -14.76 41.84 9.91
N GLY B 476 -15.05 42.55 8.83
CA GLY B 476 -16.19 43.49 8.86
C GLY B 476 -15.98 44.92 9.36
N SER B 477 -14.78 45.42 9.27
CA SER B 477 -14.43 46.78 9.73
C SER B 477 -13.99 47.65 8.57
N GLN B 478 -13.68 48.90 8.84
CA GLN B 478 -13.06 49.74 7.84
C GLN B 478 -11.67 49.21 7.61
N ASN B 479 -10.92 48.95 8.65
CA ASN B 479 -9.57 48.31 8.56
C ASN B 479 -9.46 47.20 9.58
N GLY B 480 -8.91 46.07 9.21
CA GLY B 480 -8.77 44.97 10.14
C GLY B 480 -7.91 45.32 11.36
N VAL B 481 -6.67 45.73 11.08
CA VAL B 481 -5.70 46.16 12.08
C VAL B 481 -5.18 47.57 11.74
N ARG B 482 -5.15 48.44 12.70
CA ARG B 482 -4.46 49.75 12.64
C ARG B 482 -3.24 49.67 13.53
N ILE B 483 -2.04 49.88 12.95
CA ILE B 483 -0.82 49.57 13.68
C ILE B 483 0.34 50.43 13.17
N ASN B 484 1.14 50.95 14.11
CA ASN B 484 2.28 51.80 13.76
C ASN B 484 3.62 51.09 13.81
N GLY B 485 3.65 49.88 14.38
CA GLY B 485 4.88 49.15 14.66
C GLY B 485 4.53 47.88 15.42
N GLY B 486 5.41 46.89 15.36
CA GLY B 486 5.26 45.64 16.04
C GLY B 486 5.15 44.46 15.14
N ARG B 487 4.18 43.61 15.35
CA ARG B 487 4.06 42.35 14.60
C ARG B 487 2.62 42.00 14.33
N VAL B 488 2.30 41.62 13.09
CA VAL B 488 1.05 40.96 12.74
C VAL B 488 1.51 39.63 12.17
N LYS B 489 1.38 38.57 12.95
CA LYS B 489 1.82 37.24 12.60
C LYS B 489 0.66 36.25 12.61
N GLY B 490 0.47 35.57 11.50
CA GLY B 490 -0.59 34.66 11.38
C GLY B 490 -1.96 35.37 11.30
N GLY B 491 -3.01 34.59 11.39
CA GLY B 491 -4.34 35.13 11.42
C GLY B 491 -4.99 35.32 10.08
N ARG B 492 -6.17 35.95 10.08
CA ARG B 492 -6.99 35.96 8.89
C ARG B 492 -7.96 37.15 8.93
N TYR B 493 -8.01 37.86 7.84
CA TYR B 493 -8.69 39.12 7.65
C TYR B 493 -9.58 39.12 6.46
N THR B 494 -10.85 39.51 6.62
CA THR B 494 -11.82 39.57 5.55
C THR B 494 -12.78 40.73 5.70
N ARG B 495 -13.44 41.08 4.64
CA ARG B 495 -14.54 42.04 4.72
C ARG B 495 -14.15 43.35 5.39
N ASN B 496 -13.01 43.88 5.06
CA ASN B 496 -12.56 45.18 5.54
C ASN B 496 -12.57 46.13 4.40
N SER B 497 -13.36 47.19 4.51
CA SER B 497 -13.68 48.03 3.37
C SER B 497 -12.52 48.85 2.81
N SER B 498 -11.63 49.31 3.70
CA SER B 498 -10.45 50.08 3.31
C SER B 498 -9.28 49.15 3.05
N SER B 499 -8.83 48.44 4.05
CA SER B 499 -7.76 47.42 3.91
C SER B 499 -7.72 46.53 5.11
N HIS B 500 -7.11 45.37 4.93
CA HIS B 500 -6.93 44.44 6.04
C HIS B 500 -6.00 44.99 7.11
N ILE B 501 -4.84 45.49 6.70
CA ILE B 501 -3.86 46.10 7.60
C ILE B 501 -3.73 47.59 7.22
N PHE B 502 -3.70 48.46 8.21
CA PHE B 502 -3.59 49.89 8.02
C PHE B 502 -2.38 50.34 8.85
N VAL B 503 -1.26 50.63 8.18
CA VAL B 503 -0.08 51.10 8.81
C VAL B 503 -0.22 52.60 8.96
N THR B 504 -0.43 53.03 10.21
CA THR B 504 -0.77 54.39 10.50
C THR B 504 -0.38 54.67 11.96
N LYS B 505 -0.65 55.89 12.44
CA LYS B 505 -0.43 56.31 13.79
C LYS B 505 -1.64 57.04 14.27
N ASP B 506 -1.77 57.18 15.59
CA ASP B 506 -2.80 58.03 16.17
C ASP B 506 -2.53 59.51 15.85
N VAL B 507 -1.28 59.91 16.01
CA VAL B 507 -0.90 61.26 15.66
C VAL B 507 0.44 61.19 14.96
N ALA B 508 0.70 62.14 14.06
CA ALA B 508 1.94 62.11 13.29
C ALA B 508 3.19 62.13 14.19
N GLU B 509 3.10 62.75 15.38
CA GLU B 509 4.24 62.77 16.31
C GLU B 509 4.64 61.43 17.00
N THR B 510 3.77 60.43 16.97
CA THR B 510 4.10 59.11 17.48
C THR B 510 5.13 58.47 16.56
N ALA B 511 6.06 57.73 17.14
CA ALA B 511 7.10 57.07 16.33
C ALA B 511 6.55 55.87 15.61
N GLN B 512 6.88 55.75 14.33
CA GLN B 512 6.73 54.52 13.62
C GLN B 512 7.92 53.63 14.01
N THR B 513 7.68 52.35 14.22
CA THR B 513 8.78 51.41 14.45
C THR B 513 8.61 50.27 13.45
N SER B 514 9.57 49.35 13.42
CA SER B 514 9.48 48.27 12.45
C SER B 514 8.19 47.45 12.61
N LEU B 515 7.64 46.98 11.49
CA LEU B 515 6.47 46.17 11.48
C LEU B 515 6.74 44.95 10.67
N GLU B 516 6.55 43.78 11.28
CA GLU B 516 6.56 42.52 10.55
C GLU B 516 5.15 42.10 10.24
N ILE B 517 4.86 41.72 8.98
CA ILE B 517 3.60 41.17 8.59
C ILE B 517 3.91 39.84 7.97
N ASP B 518 3.69 38.77 8.73
CA ASP B 518 4.19 37.41 8.32
C ASP B 518 3.12 36.36 8.50
N GLY B 519 2.86 35.59 7.44
CA GLY B 519 1.97 34.44 7.52
C GLY B 519 0.50 34.81 7.67
N VAL B 520 0.16 36.04 7.26
CA VAL B 520 -1.21 36.54 7.40
C VAL B 520 -2.04 36.17 6.18
N SER B 521 -3.26 35.69 6.41
CA SER B 521 -4.19 35.54 5.32
C SER B 521 -4.95 36.85 5.19
N MET B 522 -4.74 37.55 4.09
CA MET B 522 -5.41 38.83 3.82
C MET B 522 -5.75 38.92 2.35
N ARG B 523 -6.58 37.96 1.97
CA ARG B 523 -6.97 37.75 0.60
C ARG B 523 -7.96 38.85 0.14
N TYR B 524 -8.16 38.94 -1.16
CA TYR B 524 -9.17 39.82 -1.72
C TYR B 524 -10.50 39.11 -1.71
N ASP B 525 -11.54 39.75 -1.19
CA ASP B 525 -12.85 39.17 -1.15
C ASP B 525 -13.89 40.15 -1.68
N GLY B 526 -13.46 41.07 -2.53
CA GLY B 526 -14.38 42.08 -3.06
C GLY B 526 -14.46 43.31 -2.27
N THR B 527 -13.62 43.42 -1.26
CA THR B 527 -13.66 44.57 -0.38
C THR B 527 -12.35 45.41 -0.50
N GLY B 528 -11.66 45.68 0.59
CA GLY B 528 -10.50 46.50 0.61
C GLY B 528 -9.22 45.84 0.11
N ARG B 529 -8.14 46.61 0.21
CA ARG B 529 -6.81 46.17 -0.19
C ARG B 529 -6.15 45.40 0.94
N ALA B 530 -4.96 44.87 0.70
CA ALA B 530 -4.27 44.10 1.71
C ALA B 530 -3.66 45.01 2.80
N VAL B 531 -2.88 46.00 2.37
CA VAL B 531 -2.18 46.90 3.27
C VAL B 531 -2.28 48.33 2.81
N TYR B 532 -2.56 49.25 3.72
CA TYR B 532 -2.69 50.66 3.45
C TYR B 532 -1.54 51.33 4.24
N PHE B 533 -0.71 52.05 3.49
CA PHE B 533 0.41 52.81 4.05
C PHE B 533 0.03 54.29 4.14
N HIS B 534 0.00 54.81 5.37
CA HIS B 534 -0.48 56.16 5.58
C HIS B 534 0.60 57.23 5.51
N GLY B 535 0.93 57.66 4.31
CA GLY B 535 1.94 58.74 4.12
C GLY B 535 1.60 60.01 4.81
N THR B 536 0.29 60.26 4.98
CA THR B 536 -0.13 61.53 5.59
C THR B 536 0.49 61.73 6.93
N VAL B 537 0.69 60.65 7.69
CA VAL B 537 1.25 60.74 9.06
C VAL B 537 2.73 60.31 9.13
N GLY B 538 3.34 60.18 7.96
CA GLY B 538 4.77 59.95 7.85
C GLY B 538 5.22 58.50 7.84
N ILE B 539 4.38 57.59 7.36
CA ILE B 539 4.74 56.21 7.34
C ILE B 539 5.77 55.94 6.24
N ASP B 540 6.89 55.31 6.61
CA ASP B 540 7.91 54.90 5.66
C ASP B 540 7.64 53.40 5.45
N PRO B 541 7.22 53.02 4.23
CA PRO B 541 6.90 51.60 3.99
C PRO B 541 8.08 50.69 4.13
N THR B 542 9.31 51.18 4.01
CA THR B 542 10.49 50.30 4.13
C THR B 542 10.72 49.75 5.55
N LEU B 543 10.02 50.33 6.55
CA LEU B 543 10.02 49.85 7.90
C LEU B 543 9.11 48.62 8.10
N VAL B 544 8.38 48.27 7.04
CA VAL B 544 7.46 47.17 7.02
C VAL B 544 8.12 46.05 6.24
N SER B 545 7.96 44.84 6.72
CA SER B 545 8.41 43.66 5.96
C SER B 545 7.24 42.69 5.86
N MET B 546 7.04 42.12 4.70
CA MET B 546 5.89 41.27 4.40
C MET B 546 6.36 39.92 3.86
N SER B 547 6.25 38.88 4.67
CA SER B 547 6.73 37.55 4.25
C SER B 547 5.66 36.50 4.36
N ASN B 548 5.51 35.72 3.31
CA ASN B 548 4.72 34.47 3.36
C ASN B 548 3.25 34.74 3.74
N ASN B 549 2.75 35.89 3.27
CA ASN B 549 1.33 36.21 3.39
C ASN B 549 0.50 35.72 2.21
N ASP B 550 -0.78 35.48 2.46
CA ASP B 550 -1.72 35.12 1.42
C ASP B 550 -2.51 36.37 1.03
N MET B 551 -2.12 36.98 -0.09
CA MET B 551 -2.73 38.18 -0.62
C MET B 551 -3.45 37.88 -1.94
N THR B 552 -3.90 36.63 -2.09
CA THR B 552 -4.45 36.15 -3.34
C THR B 552 -5.64 37.01 -3.77
N GLY B 553 -5.63 37.45 -5.02
CA GLY B 553 -6.77 38.14 -5.60
C GLY B 553 -6.66 39.62 -5.72
N HIS B 554 -5.72 40.22 -5.03
CA HIS B 554 -5.65 41.68 -5.01
C HIS B 554 -5.10 42.29 -6.32
N GLY B 555 -4.46 41.45 -7.11
CA GLY B 555 -3.81 41.88 -8.36
C GLY B 555 -2.88 43.07 -8.16
N LEU B 556 -3.03 44.09 -8.99
CA LEU B 556 -2.24 45.31 -8.89
C LEU B 556 -2.56 46.14 -7.69
N PHE B 557 -3.69 45.83 -7.02
CA PHE B 557 -4.18 46.66 -5.92
C PHE B 557 -4.07 46.05 -4.53
N TRP B 558 -2.94 45.39 -4.26
CA TRP B 558 -2.67 44.88 -2.97
C TRP B 558 -2.36 45.96 -1.95
N ALA B 559 -1.82 47.09 -2.40
CA ALA B 559 -1.50 48.21 -1.49
C ALA B 559 -2.40 49.41 -1.77
N LEU B 560 -2.78 50.10 -0.70
CA LEU B 560 -3.32 51.43 -0.78
C LEU B 560 -2.30 52.40 -0.21
N LEU B 561 -2.18 53.60 -0.80
CA LEU B 561 -1.27 54.65 -0.30
C LEU B 561 -2.01 55.95 -0.41
N SER B 562 -1.84 56.81 0.61
CA SER B 562 -2.34 58.15 0.56
C SER B 562 -1.38 59.07 1.27
N GLY B 563 -1.42 60.37 0.88
CA GLY B 563 -0.59 61.42 1.52
C GLY B 563 0.90 61.43 1.22
N TYR B 564 1.32 60.65 0.22
CA TYR B 564 2.71 60.69 -0.22
C TYR B 564 2.83 61.76 -1.34
N THR B 565 3.89 62.56 -1.25
CA THR B 565 4.19 63.55 -2.27
C THR B 565 5.30 63.13 -3.20
N VAL B 566 6.08 62.13 -2.79
CA VAL B 566 7.10 61.49 -3.64
C VAL B 566 6.87 59.97 -3.48
N GLN B 567 7.04 59.20 -4.56
CA GLN B 567 6.84 57.75 -4.54
C GLN B 567 7.76 57.10 -3.54
N PRO B 568 7.19 56.45 -2.51
CA PRO B 568 8.00 55.80 -1.52
C PRO B 568 8.57 54.47 -2.01
N THR B 569 9.62 54.05 -1.37
CA THR B 569 10.18 52.70 -1.58
C THR B 569 9.27 51.70 -0.88
N PRO B 570 9.11 50.48 -1.47
CA PRO B 570 8.22 49.54 -0.89
C PRO B 570 8.80 48.79 0.33
N PRO B 571 7.93 48.07 1.06
CA PRO B 571 8.42 47.14 2.07
C PRO B 571 9.25 46.06 1.43
N ARG B 572 10.12 45.44 2.20
CA ARG B 572 10.67 44.15 1.75
C ARG B 572 9.55 43.16 1.67
N MET B 573 9.60 42.33 0.65
CA MET B 573 8.57 41.36 0.40
C MET B 573 9.16 40.03 0.02
N SER B 574 8.74 38.98 0.72
CA SER B 574 9.35 37.64 0.51
C SER B 574 8.32 36.54 0.44
N ARG B 575 8.15 36.03 -0.78
CA ARG B 575 7.38 34.79 -1.02
C ARG B 575 5.93 34.84 -0.56
N ASN B 576 5.30 35.98 -0.82
CA ASN B 576 3.87 36.17 -0.63
C ASN B 576 3.12 35.56 -1.84
N LEU B 577 1.85 35.25 -1.66
CA LEU B 577 1.02 34.72 -2.73
C LEU B 577 0.12 35.87 -3.19
N LEU B 578 0.11 36.15 -4.49
CA LEU B 578 -0.77 37.18 -5.06
C LEU B 578 -1.85 36.63 -6.01
N ASP B 579 -1.56 35.51 -6.65
CA ASP B 579 -2.48 34.90 -7.59
C ASP B 579 -2.50 33.41 -7.33
N ASP B 580 -3.56 32.78 -7.77
CA ASP B 580 -3.74 31.33 -7.59
C ASP B 580 -3.78 30.53 -8.88
N THR B 581 -3.64 31.21 -9.99
CA THR B 581 -3.76 30.61 -11.33
C THR B 581 -2.64 31.20 -12.15
N GLY B 582 -2.13 30.43 -13.10
CA GLY B 582 -1.03 30.86 -13.92
C GLY B 582 0.21 31.22 -13.10
N ILE B 583 0.56 30.40 -12.11
CA ILE B 583 1.58 30.74 -11.15
C ILE B 583 2.67 29.68 -11.01
N ARG B 584 2.55 28.58 -11.78
CA ARG B 584 3.62 27.61 -11.83
C ARG B 584 3.56 26.92 -13.20
N GLY B 585 4.74 26.67 -13.77
CA GLY B 585 4.79 25.92 -15.01
C GLY B 585 6.20 25.54 -15.38
N VAL B 586 6.37 25.06 -16.62
CA VAL B 586 7.64 24.70 -17.13
C VAL B 586 7.74 25.30 -18.55
N ALA B 587 8.86 25.94 -18.82
CA ALA B 587 9.14 26.60 -20.12
C ALA B 587 10.32 25.93 -20.73
N THR B 588 10.39 25.90 -22.08
CA THR B 588 11.56 25.38 -22.77
C THR B 588 12.18 26.54 -23.55
N LEU B 589 13.47 26.80 -23.26
CA LEU B 589 14.21 27.85 -23.95
C LEU B 589 14.52 27.41 -25.37
N VAL B 590 14.34 28.34 -26.31
CA VAL B 590 14.77 28.22 -27.70
C VAL B 590 15.77 29.33 -27.93
N ALA B 591 16.99 29.00 -28.39
CA ALA B 591 18.03 30.01 -28.55
C ALA B 591 18.10 30.95 -27.35
N GLY B 592 18.16 30.37 -26.15
CA GLY B 592 18.37 31.12 -24.90
C GLY B 592 17.19 31.88 -24.37
N GLU B 593 16.00 31.70 -24.95
CA GLU B 593 14.82 32.46 -24.52
C GLU B 593 13.53 31.68 -24.56
N ALA B 594 12.62 31.98 -23.63
CA ALA B 594 11.25 31.54 -23.75
C ALA B 594 10.32 32.64 -23.30
N THR B 595 9.21 32.80 -24.02
CA THR B 595 8.10 33.63 -23.54
C THR B 595 7.08 32.80 -22.79
N VAL B 596 6.68 33.27 -21.60
CA VAL B 596 5.85 32.50 -20.68
C VAL B 596 4.60 33.32 -20.38
N ASN B 597 3.43 32.78 -20.68
CA ASN B 597 2.15 33.38 -20.19
C ASN B 597 1.94 32.95 -18.74
N ALA B 598 1.67 33.92 -17.87
CA ALA B 598 1.57 33.68 -16.42
C ALA B 598 1.03 34.90 -15.80
N ARG B 599 0.44 34.77 -14.58
CA ARG B 599 0.01 35.92 -13.85
C ARG B 599 1.19 36.57 -13.11
N VAL B 600 2.20 36.93 -13.87
CA VAL B 600 3.27 37.82 -13.39
C VAL B 600 2.66 39.21 -13.37
N ARG B 601 3.11 40.03 -12.42
CA ARG B 601 2.55 41.34 -12.25
C ARG B 601 3.57 42.37 -11.81
N GLY B 602 3.24 43.65 -12.01
CA GLY B 602 4.08 44.69 -11.47
C GLY B 602 3.54 46.08 -11.78
N ASN B 603 4.09 47.08 -11.10
CA ASN B 603 3.81 48.48 -11.44
C ASN B 603 5.09 49.21 -11.66
N PHE B 604 5.19 49.88 -12.80
CA PHE B 604 6.45 50.46 -13.19
C PHE B 604 6.35 51.97 -13.29
N GLY B 605 5.25 52.51 -12.80
CA GLY B 605 5.00 53.97 -12.93
C GLY B 605 5.56 54.72 -11.74
N SER B 606 5.38 56.03 -11.77
CA SER B 606 6.01 56.91 -10.79
C SER B 606 5.00 57.65 -9.94
N VAL B 607 3.75 57.30 -9.98
CA VAL B 607 2.69 58.00 -9.23
C VAL B 607 3.03 58.01 -7.74
N ALA B 608 2.95 59.18 -7.11
CA ALA B 608 3.40 59.34 -5.73
C ALA B 608 2.78 58.30 -4.79
N ASN B 609 1.46 58.19 -4.85
CA ASN B 609 0.72 57.20 -4.04
C ASN B 609 0.67 55.81 -4.71
N SER B 610 1.84 55.28 -4.98
CA SER B 610 2.01 53.91 -5.52
C SER B 610 3.42 53.40 -5.24
N PHE B 611 3.63 52.09 -5.45
CA PHE B 611 4.94 51.45 -5.37
C PHE B 611 5.36 50.95 -6.71
N LYS B 612 6.66 51.01 -7.02
CA LYS B 612 7.22 50.32 -8.15
C LYS B 612 7.60 48.95 -7.63
N TRP B 613 7.15 47.88 -8.32
CA TRP B 613 7.39 46.53 -7.82
C TRP B 613 7.13 45.59 -8.96
N VAL B 614 7.60 44.35 -8.80
CA VAL B 614 7.32 43.27 -9.70
C VAL B 614 7.33 41.95 -8.94
N SER B 615 6.67 40.94 -9.52
CA SER B 615 6.68 39.58 -8.98
C SER B 615 8.07 39.06 -8.75
N GLU B 616 8.23 38.17 -7.75
CA GLU B 616 9.42 37.32 -7.61
C GLU B 616 9.11 36.06 -8.33
N VAL B 617 9.87 35.79 -9.40
CA VAL B 617 9.70 34.57 -10.13
C VAL B 617 10.86 33.65 -9.82
N LYS B 618 10.56 32.47 -9.26
CA LYS B 618 11.60 31.55 -8.84
C LYS B 618 11.78 30.61 -10.01
N LEU B 619 13.04 30.47 -10.45
CA LEU B 619 13.37 29.63 -11.59
C LEU B 619 14.26 28.49 -11.17
N THR B 620 13.93 27.29 -11.65
CA THR B 620 14.74 26.10 -11.38
C THR B 620 14.91 25.31 -12.67
N ARG B 621 16.16 24.91 -12.95
CA ARG B 621 16.45 24.20 -14.14
C ARG B 621 16.08 22.71 -14.04
N LEU B 622 15.37 22.17 -15.03
CA LEU B 622 14.99 20.72 -15.01
C LEU B 622 15.68 19.85 -16.04
N THR B 623 16.29 20.41 -17.08
CA THR B 623 17.14 19.63 -18.02
C THR B 623 18.46 20.33 -18.08
N PHE B 624 19.49 19.60 -18.50
CA PHE B 624 20.89 19.99 -18.26
C PHE B 624 21.75 19.91 -19.52
N PRO B 625 21.37 20.66 -20.55
CA PRO B 625 22.19 20.71 -21.77
C PRO B 625 23.55 21.37 -21.52
N SER B 626 24.51 21.13 -22.40
CA SER B 626 25.83 21.74 -22.22
C SER B 626 25.78 23.27 -22.37
N SER B 627 24.73 23.78 -23.02
CA SER B 627 24.51 25.22 -23.22
C SER B 627 23.75 25.90 -22.06
N ALA B 628 23.64 25.24 -20.91
CA ALA B 628 22.99 25.83 -19.74
C ALA B 628 23.76 27.11 -19.28
N GLY B 629 23.02 28.21 -19.20
CA GLY B 629 23.55 29.52 -18.78
C GLY B 629 22.79 30.04 -17.56
N ALA B 630 23.18 31.25 -17.10
CA ALA B 630 22.53 31.86 -15.98
C ALA B 630 21.20 32.42 -16.49
N LEU B 631 20.17 32.37 -15.63
CA LEU B 631 18.83 32.67 -16.06
C LEU B 631 18.32 33.96 -15.40
N THR B 632 17.42 34.65 -16.11
CA THR B 632 16.85 35.91 -15.60
C THR B 632 15.50 36.10 -16.20
N VAL B 633 14.69 36.90 -15.50
CA VAL B 633 13.38 37.30 -15.98
C VAL B 633 13.42 38.70 -16.58
N THR B 634 12.89 38.83 -17.80
CA THR B 634 12.72 40.14 -18.40
C THR B 634 11.37 40.28 -19.10
N SER B 635 11.20 41.41 -19.80
CA SER B 635 10.05 41.65 -20.65
C SER B 635 8.72 41.26 -19.99
N VAL B 636 8.47 41.82 -18.83
CA VAL B 636 7.21 41.61 -18.18
C VAL B 636 6.16 42.45 -18.90
N ALA B 637 5.12 41.78 -19.36
CA ALA B 637 4.04 42.42 -20.08
C ALA B 637 2.73 42.10 -19.41
N GLN B 638 1.84 43.09 -19.38
CA GLN B 638 0.55 42.90 -18.76
C GLN B 638 -0.61 43.28 -19.72
N ASN B 639 -1.54 42.34 -19.88
CA ASN B 639 -2.73 42.52 -20.68
C ASN B 639 -3.65 43.60 -20.11
N GLN B 640 -4.29 44.34 -21.03
CA GLN B 640 -5.19 45.43 -20.63
C GLN B 640 -6.46 45.40 -21.46
N ASP B 641 -7.05 44.22 -21.57
CA ASP B 641 -8.33 44.10 -22.29
C ASP B 641 -9.38 45.02 -21.68
N VAL B 642 -10.34 45.41 -22.54
CA VAL B 642 -11.04 46.71 -22.47
C VAL B 642 -12.12 46.84 -21.38
N PRO B 643 -12.96 45.81 -21.20
CA PRO B 643 -13.79 45.81 -19.97
C PRO B 643 -12.97 45.28 -18.76
N THR B 644 -12.51 44.03 -18.83
CA THR B 644 -11.72 43.42 -17.74
C THR B 644 -10.42 42.84 -18.30
N PRO B 645 -9.28 43.33 -17.82
CA PRO B 645 -8.03 42.74 -18.27
C PRO B 645 -7.94 41.25 -17.95
N ASN B 646 -7.21 40.54 -18.78
CA ASN B 646 -7.05 39.11 -18.60
C ASN B 646 -5.60 38.83 -18.18
N PRO B 647 -5.34 38.58 -16.89
CA PRO B 647 -3.99 38.38 -16.41
C PRO B 647 -3.40 37.05 -16.84
N ASP B 648 -4.24 36.14 -17.35
CA ASP B 648 -3.75 34.88 -17.93
C ASP B 648 -2.96 35.13 -19.18
N LEU B 649 -3.19 36.29 -19.79
CA LEU B 649 -2.40 36.72 -20.99
C LEU B 649 -1.24 37.68 -20.66
N ASN B 650 -1.01 37.96 -19.37
CA ASN B 650 0.24 38.58 -18.95
C ASN B 650 1.39 37.64 -19.33
N SER B 651 2.60 38.17 -19.47
CA SER B 651 3.74 37.31 -19.83
C SER B 651 5.06 37.85 -19.33
N PHE B 652 6.03 36.95 -19.28
CA PHE B 652 7.40 37.35 -19.08
C PHE B 652 8.28 36.49 -19.96
N VAL B 653 9.53 36.87 -20.03
CA VAL B 653 10.53 36.17 -20.80
C VAL B 653 11.59 35.65 -19.83
N ILE B 654 11.92 34.39 -19.96
CA ILE B 654 13.10 33.82 -19.33
C ILE B 654 14.23 33.85 -20.36
N ARG B 655 15.33 34.51 -19.99
CA ARG B 655 16.48 34.65 -20.87
C ARG B 655 17.70 34.06 -20.19
N SER B 656 18.51 33.37 -20.99
CA SER B 656 19.74 32.79 -20.50
C SER B 656 20.93 33.63 -20.94
N SER B 657 21.99 33.60 -20.16
CA SER B 657 23.26 34.20 -20.54
C SER B 657 23.90 33.48 -21.69
N ASN B 658 23.52 32.22 -21.90
CA ASN B 658 24.04 31.44 -23.04
C ASN B 658 22.99 31.47 -24.16
N ALA B 659 23.38 32.00 -25.31
CA ALA B 659 22.45 32.28 -26.40
C ALA B 659 21.98 30.99 -27.08
N ALA B 660 22.62 29.87 -26.75
CA ALA B 660 22.20 28.56 -27.30
C ALA B 660 21.45 27.70 -26.28
N ASP B 661 21.16 28.23 -25.10
CA ASP B 661 20.53 27.45 -24.04
C ASP B 661 19.18 26.90 -24.52
N VAL B 662 19.00 25.57 -24.33
CA VAL B 662 17.75 24.89 -24.62
C VAL B 662 17.14 24.22 -23.37
N SER B 663 17.56 24.69 -22.19
CA SER B 663 17.06 24.18 -20.88
C SER B 663 15.57 24.23 -20.72
N GLN B 664 15.06 23.21 -20.04
CA GLN B 664 13.70 23.29 -19.46
C GLN B 664 13.81 23.92 -18.12
N VAL B 665 12.91 24.85 -17.84
CA VAL B 665 12.98 25.66 -16.62
C VAL B 665 11.64 25.72 -15.94
N ALA B 666 11.62 25.34 -14.70
CA ALA B 666 10.37 25.45 -13.90
C ALA B 666 10.34 26.88 -13.39
N TRP B 667 9.15 27.44 -13.36
CA TRP B 667 8.96 28.79 -12.90
C TRP B 667 7.78 28.83 -11.90
N GLU B 668 7.90 29.72 -10.91
CA GLU B 668 6.91 29.90 -9.86
C GLU B 668 6.78 31.37 -9.56
N VAL B 669 5.54 31.86 -9.50
CA VAL B 669 5.28 33.31 -9.33
C VAL B 669 4.85 33.59 -7.92
N TYR B 670 5.62 34.50 -7.28
CA TYR B 670 5.29 35.01 -5.94
C TYR B 670 5.26 36.51 -6.02
N LEU B 671 4.84 37.13 -4.90
CA LEU B 671 5.05 38.55 -4.65
C LEU B 671 6.19 38.63 -3.59
N VAL C 32 -47.83 16.66 72.49
CA VAL C 32 -46.69 15.84 71.93
C VAL C 32 -47.23 14.53 71.39
N PHE C 33 -46.56 13.95 70.40
CA PHE C 33 -47.02 12.69 69.81
C PHE C 33 -45.80 11.89 69.50
N SER C 34 -45.97 10.72 68.95
CA SER C 34 -44.78 9.93 68.66
C SER C 34 -44.80 9.09 67.38
N ASP C 35 -45.75 9.30 66.45
CA ASP C 35 -45.64 8.57 65.17
C ASP C 35 -46.34 9.02 63.87
N LEU C 36 -47.32 9.90 63.93
CA LEU C 36 -48.03 10.33 62.73
C LEU C 36 -49.37 9.76 62.34
N ALA C 37 -49.78 8.64 62.89
CA ALA C 37 -51.12 8.20 62.61
C ALA C 37 -51.63 8.94 63.77
N SER C 38 -50.88 8.69 64.82
CA SER C 38 -51.05 9.26 66.15
C SER C 38 -51.16 10.78 66.18
N MET C 39 -50.17 11.46 65.63
CA MET C 39 -50.24 12.96 65.58
C MET C 39 -51.39 13.45 64.70
N VAL C 40 -51.62 12.79 63.56
CA VAL C 40 -52.58 13.29 62.55
C VAL C 40 -54.00 12.82 62.81
N ALA C 41 -54.15 11.90 63.77
CA ALA C 41 -55.47 11.44 64.21
C ALA C 41 -56.04 12.39 65.27
N TYR C 42 -55.16 13.10 65.97
CA TYR C 42 -55.56 13.90 67.12
C TYR C 42 -56.77 14.79 66.79
N PRO C 43 -57.89 14.65 67.52
CA PRO C 43 -59.13 15.27 67.05
C PRO C 43 -59.35 16.73 67.43
N ASN C 44 -58.53 17.28 68.34
CA ASN C 44 -58.84 18.62 68.89
C ASN C 44 -57.69 19.60 68.86
N PHE C 45 -56.96 19.64 67.74
CA PHE C 45 -55.96 20.70 67.58
C PHE C 45 -56.59 22.08 67.46
N GLN C 46 -55.99 23.04 68.14
CA GLN C 46 -56.36 24.42 67.91
C GLN C 46 -55.11 25.23 67.63
N VAL C 47 -55.30 26.43 67.07
CA VAL C 47 -54.16 27.22 66.57
C VAL C 47 -53.07 27.48 67.62
N GLN C 48 -53.45 27.60 68.88
CA GLN C 48 -52.53 27.95 69.97
C GLN C 48 -51.61 26.81 70.50
N ASP C 49 -51.73 25.58 69.99
CA ASP C 49 -50.98 24.45 70.56
C ASP C 49 -49.51 24.36 70.13
N LYS C 50 -48.66 23.94 71.09
CA LYS C 50 -47.26 23.61 70.86
C LYS C 50 -47.12 22.08 70.70
N ILE C 51 -46.61 21.64 69.53
CA ILE C 51 -46.78 20.25 69.11
C ILE C 51 -45.42 19.61 68.79
N THR C 52 -45.13 18.36 69.25
CA THR C 52 -43.85 17.78 68.76
C THR C 52 -44.11 16.36 68.31
N LEU C 53 -43.50 16.02 67.18
CA LEU C 53 -43.43 14.65 66.70
C LEU C 53 -42.03 14.15 67.04
N LEU C 54 -41.98 13.03 67.73
CA LEU C 54 -40.72 12.42 68.08
C LEU C 54 -40.43 11.36 67.05
N GLY C 55 -39.17 11.00 66.89
CA GLY C 55 -38.80 9.89 66.02
C GLY C 55 -38.59 10.25 64.57
N SER C 56 -38.95 9.30 63.71
CA SER C 56 -38.74 9.46 62.28
C SER C 56 -39.61 10.62 61.78
N ALA C 57 -38.96 11.46 60.95
CA ALA C 57 -39.53 12.72 60.40
C ALA C 57 -39.94 13.74 61.48
N GLY C 58 -39.34 13.62 62.66
CA GLY C 58 -39.76 14.42 63.81
C GLY C 58 -39.44 15.87 63.67
N GLY C 59 -40.11 16.66 64.50
CA GLY C 59 -39.89 18.09 64.62
C GLY C 59 -41.04 18.77 65.35
N ASP C 60 -41.11 20.09 65.23
CA ASP C 60 -42.20 20.89 65.81
C ASP C 60 -43.19 21.39 64.77
N PHE C 61 -44.46 21.52 65.16
CA PHE C 61 -45.51 21.85 64.22
C PHE C 61 -46.38 22.90 64.78
N THR C 62 -47.10 23.52 63.87
CA THR C 62 -48.36 24.27 64.34
C THR C 62 -49.62 24.03 63.49
N PHE C 63 -50.80 24.27 64.09
CA PHE C 63 -52.08 23.95 63.47
C PHE C 63 -52.65 25.13 62.71
N THR C 64 -53.32 24.89 61.58
CA THR C 64 -53.97 25.96 60.83
C THR C 64 -55.16 25.50 59.99
N THR C 65 -56.18 26.40 59.93
CA THR C 65 -57.43 26.15 59.19
C THR C 65 -57.46 26.63 57.71
N THR C 66 -56.45 27.39 57.31
CA THR C 66 -56.37 27.87 55.95
C THR C 66 -56.00 26.71 55.03
N ALA C 67 -56.56 26.73 53.83
CA ALA C 67 -56.34 25.66 52.87
C ALA C 67 -54.84 25.58 52.57
N SER C 68 -54.27 24.40 52.79
CA SER C 68 -52.83 24.22 52.60
C SER C 68 -52.67 23.10 51.66
N VAL C 69 -51.53 23.10 50.97
CA VAL C 69 -51.23 22.10 50.01
C VAL C 69 -50.58 20.96 50.75
N VAL C 70 -51.36 19.92 50.95
CA VAL C 70 -50.91 18.74 51.67
C VAL C 70 -49.77 18.11 50.90
N ASP C 71 -48.66 17.92 51.61
CA ASP C 71 -47.49 17.20 51.04
C ASP C 71 -46.95 16.11 51.96
N ASN C 72 -47.58 15.93 53.16
CA ASN C 72 -47.13 14.92 54.09
C ASN C 72 -45.60 14.96 54.39
N GLY C 73 -45.05 16.16 54.47
CA GLY C 73 -43.71 16.37 54.95
C GLY C 73 -43.59 17.70 55.67
N THR C 74 -44.11 18.76 55.05
CA THR C 74 -44.14 20.05 55.67
C THR C 74 -45.58 20.45 56.02
N VAL C 75 -46.55 19.88 55.31
CA VAL C 75 -48.02 20.10 55.52
C VAL C 75 -48.80 18.80 55.63
N PHE C 76 -49.55 18.63 56.74
CA PHE C 76 -50.42 17.42 56.96
C PHE C 76 -51.88 17.83 57.22
N ALA C 77 -52.84 17.07 56.67
CA ALA C 77 -54.24 17.25 56.95
C ALA C 77 -54.52 16.68 58.35
N VAL C 78 -55.34 17.37 59.10
CA VAL C 78 -55.61 16.92 60.46
C VAL C 78 -57.07 17.24 60.76
N PRO C 79 -57.68 16.57 61.77
CA PRO C 79 -59.08 16.92 62.03
C PRO C 79 -59.20 18.37 62.40
N GLY C 80 -59.81 19.15 61.49
CA GLY C 80 -60.08 20.58 61.73
C GLY C 80 -59.26 21.48 60.83
N GLY C 81 -58.19 20.94 60.23
CA GLY C 81 -57.42 21.73 59.28
C GLY C 81 -56.10 21.07 58.89
N TYR C 82 -55.00 21.77 59.13
CA TYR C 82 -53.66 21.27 58.68
C TYR C 82 -52.55 21.52 59.73
N LEU C 83 -51.56 20.59 59.81
CA LEU C 83 -50.28 20.87 60.54
C LEU C 83 -49.14 21.28 59.60
N LEU C 84 -48.54 22.43 59.93
CA LEU C 84 -47.38 22.93 59.21
C LEU C 84 -46.11 22.74 60.04
N ARG C 85 -45.09 22.13 59.41
CA ARG C 85 -43.80 22.00 60.09
C ARG C 85 -43.16 23.40 60.25
N LYS C 86 -42.54 23.62 61.41
CA LYS C 86 -41.80 24.82 61.74
C LYS C 86 -40.30 24.61 61.48
N PHE C 87 -39.71 25.42 60.61
CA PHE C 87 -38.27 25.33 60.27
C PHE C 87 -37.76 26.54 59.52
N VAL C 88 -36.46 26.72 59.60
CA VAL C 88 -35.74 27.81 58.91
C VAL C 88 -34.68 27.04 58.07
N GLY C 89 -34.25 27.62 56.95
CA GLY C 89 -33.41 26.91 56.02
C GLY C 89 -34.13 25.86 55.21
N PRO C 90 -33.38 24.89 54.64
CA PRO C 90 -34.00 23.97 53.70
C PRO C 90 -34.92 22.92 54.34
N ALA C 91 -35.81 22.37 53.54
CA ALA C 91 -36.56 21.16 53.87
C ALA C 91 -35.72 19.99 53.59
N TYR C 92 -36.08 18.83 54.16
CA TYR C 92 -35.32 17.56 53.93
C TYR C 92 -36.27 16.49 53.48
N SER C 93 -35.86 15.67 52.53
CA SER C 93 -36.67 14.57 52.03
C SER C 93 -37.06 13.53 53.12
N SER C 94 -36.23 13.43 54.17
CA SER C 94 -36.50 12.59 55.34
C SER C 94 -37.72 12.98 56.12
N TRP C 95 -38.20 14.21 55.91
CA TRP C 95 -39.45 14.69 56.52
C TRP C 95 -40.72 14.12 55.86
N PHE C 96 -40.64 13.63 54.64
CA PHE C 96 -41.77 13.31 53.79
C PHE C 96 -42.14 11.82 53.83
N SER C 97 -43.46 11.55 53.85
CA SER C 97 -43.98 10.20 53.85
C SER C 97 -43.77 9.44 52.56
N ASN C 98 -43.73 10.15 51.43
CA ASN C 98 -43.56 9.45 50.15
C ASN C 98 -43.18 10.38 49.00
N TRP C 99 -42.89 9.76 47.86
CA TRP C 99 -42.48 10.47 46.63
C TRP C 99 -43.54 11.51 46.23
N THR C 100 -44.82 11.12 46.29
CA THR C 100 -45.93 12.01 45.91
C THR C 100 -45.84 13.35 46.62
N GLY C 101 -45.56 13.34 47.94
CA GLY C 101 -45.36 14.55 48.73
C GLY C 101 -44.19 15.42 48.33
N ILE C 102 -43.07 14.78 47.94
CA ILE C 102 -41.93 15.48 47.37
C ILE C 102 -42.34 16.23 46.08
N VAL C 103 -43.05 15.54 45.20
CA VAL C 103 -43.50 16.10 43.95
C VAL C 103 -44.43 17.29 44.25
N THR C 104 -45.35 17.12 45.21
CA THR C 104 -46.22 18.21 45.57
C THR C 104 -45.47 19.42 46.13
N PHE C 105 -44.49 19.18 46.99
CA PHE C 105 -43.74 20.28 47.58
C PHE C 105 -43.03 21.09 46.50
N MET C 106 -42.38 20.37 45.58
CA MET C 106 -41.62 21.04 44.52
C MET C 106 -42.49 21.62 43.36
N SER C 107 -43.82 21.39 43.41
CA SER C 107 -44.71 21.88 42.38
C SER C 107 -44.91 23.39 42.52
N ALA C 108 -44.46 23.97 43.63
CA ALA C 108 -44.47 25.39 43.81
C ALA C 108 -43.10 26.01 43.67
N PRO C 109 -43.03 27.31 43.38
CA PRO C 109 -41.74 28.00 43.35
C PRO C 109 -41.19 28.24 44.75
N ASN C 110 -39.98 28.76 44.81
CA ASN C 110 -39.34 29.24 46.04
C ASN C 110 -39.04 28.14 47.04
N ARG C 111 -38.72 26.95 46.53
CA ARG C 111 -38.51 25.76 47.35
C ARG C 111 -37.01 25.45 47.47
N HIS C 112 -36.57 25.05 48.66
CA HIS C 112 -35.21 24.51 48.85
C HIS C 112 -35.34 23.19 49.56
N LEU C 113 -35.01 22.11 48.86
CA LEU C 113 -35.13 20.75 49.35
C LEU C 113 -33.80 20.08 49.29
N VAL C 114 -33.43 19.49 50.39
CA VAL C 114 -32.27 18.62 50.47
C VAL C 114 -32.73 17.17 50.43
N VAL C 115 -32.24 16.42 49.44
CA VAL C 115 -32.53 14.99 49.33
C VAL C 115 -31.49 14.25 50.16
N ASP C 116 -31.89 13.83 51.37
CA ASP C 116 -31.07 13.09 52.30
C ASP C 116 -31.51 11.62 52.43
N THR C 117 -32.34 11.13 51.51
CA THR C 117 -32.82 9.76 51.49
C THR C 117 -32.84 9.25 50.08
N VAL C 118 -33.06 7.93 49.97
CA VAL C 118 -33.18 7.27 48.68
C VAL C 118 -34.65 7.27 48.28
N LEU C 119 -34.98 8.12 47.33
CA LEU C 119 -36.35 8.28 46.85
C LEU C 119 -36.63 7.35 45.68
N GLN C 120 -37.83 6.77 45.71
CA GLN C 120 -38.26 5.88 44.63
C GLN C 120 -39.31 6.64 43.81
N ALA C 121 -38.94 7.03 42.59
CA ALA C 121 -39.84 7.83 41.75
C ALA C 121 -40.92 6.93 41.11
N THR C 122 -42.13 7.50 41.00
CA THR C 122 -43.23 6.88 40.26
C THR C 122 -43.95 7.90 39.33
N SER C 123 -43.39 9.10 39.23
CA SER C 123 -43.91 10.20 38.44
C SER C 123 -42.72 11.16 38.19
N VAL C 124 -42.91 12.10 37.27
CA VAL C 124 -41.99 13.18 36.98
C VAL C 124 -41.97 14.13 38.16
N LEU C 125 -40.80 14.60 38.56
CA LEU C 125 -40.61 15.65 39.53
C LEU C 125 -40.40 16.97 38.76
N ASN C 126 -41.39 17.84 38.84
CA ASN C 126 -41.27 19.17 38.30
C ASN C 126 -40.67 20.10 39.30
N ILE C 127 -39.82 21.00 38.80
CA ILE C 127 -39.14 22.03 39.60
C ILE C 127 -39.56 23.37 39.02
N LYS C 128 -39.80 24.32 39.88
CA LYS C 128 -40.29 25.62 39.49
C LYS C 128 -39.31 26.70 39.89
N SER C 129 -39.62 27.96 39.58
CA SER C 129 -38.69 29.04 39.72
C SER C 129 -38.13 29.24 41.14
N ASN C 130 -36.93 29.81 41.19
CA ASN C 130 -36.33 30.21 42.46
C ASN C 130 -36.26 29.04 43.45
N SER C 131 -35.86 27.89 42.93
CA SER C 131 -35.80 26.65 43.70
C SER C 131 -34.45 26.00 43.63
N THR C 132 -34.09 25.30 44.68
CA THR C 132 -32.88 24.52 44.76
C THR C 132 -33.20 23.10 45.23
N LEU C 133 -32.71 22.10 44.50
CA LEU C 133 -32.79 20.72 44.87
C LEU C 133 -31.37 20.25 45.06
N GLU C 134 -31.05 19.87 46.27
CA GLU C 134 -29.68 19.54 46.68
C GLU C 134 -29.65 18.11 47.19
N PHE C 135 -28.58 17.37 46.89
CA PHE C 135 -28.46 16.00 47.32
C PHE C 135 -27.29 15.82 48.28
N THR C 136 -27.50 15.07 49.37
CA THR C 136 -26.40 14.58 50.21
C THR C 136 -25.79 13.36 49.47
N ASP C 137 -24.64 12.90 49.88
CA ASP C 137 -23.99 11.77 49.10
C ASP C 137 -24.76 10.50 48.92
N THR C 138 -25.60 10.22 49.91
CA THR C 138 -26.46 9.05 49.87
C THR C 138 -27.86 9.32 49.30
N GLY C 139 -28.28 10.60 49.17
CA GLY C 139 -29.56 10.91 48.58
C GLY C 139 -29.55 10.45 47.13
N ARG C 140 -30.66 9.92 46.65
CA ARG C 140 -30.85 9.41 45.30
C ARG C 140 -32.25 9.60 44.85
N ILE C 141 -32.42 9.71 43.54
CA ILE C 141 -33.70 9.44 42.96
C ILE C 141 -33.58 8.22 42.12
N LEU C 142 -34.21 7.15 42.56
CA LEU C 142 -34.30 5.93 41.76
C LEU C 142 -35.51 6.00 40.83
N PRO C 143 -35.31 5.89 39.49
CA PRO C 143 -36.46 5.94 38.56
C PRO C 143 -37.36 4.71 38.72
N ASP C 144 -38.56 4.82 38.20
CA ASP C 144 -39.56 3.78 38.24
C ASP C 144 -39.13 2.63 37.31
N ALA C 145 -39.00 1.42 37.86
CA ALA C 145 -38.73 0.28 37.04
C ALA C 145 -39.88 -0.20 36.15
N ALA C 146 -41.12 0.15 36.52
CA ALA C 146 -42.31 -0.30 35.79
C ALA C 146 -42.51 0.43 34.46
N VAL C 147 -42.17 1.71 34.44
CA VAL C 147 -42.43 2.56 33.29
C VAL C 147 -41.24 3.51 33.11
N ALA C 148 -40.62 3.52 31.93
CA ALA C 148 -39.55 4.48 31.63
C ALA C 148 -40.19 5.83 31.45
N ARG C 149 -39.80 6.81 32.28
CA ARG C 149 -40.28 8.19 32.11
C ARG C 149 -39.15 9.17 32.42
N GLN C 150 -39.48 10.44 32.29
CA GLN C 150 -38.55 11.50 32.64
C GLN C 150 -38.45 11.62 34.15
N VAL C 151 -37.30 12.04 34.66
CA VAL C 151 -37.07 12.12 36.09
C VAL C 151 -37.32 13.51 36.60
N LEU C 152 -36.55 14.48 36.18
CA LEU C 152 -36.73 15.90 36.56
C LEU C 152 -37.13 16.70 35.35
N ASN C 153 -38.13 17.58 35.52
CA ASN C 153 -38.57 18.50 34.49
C ASN C 153 -38.52 19.91 35.01
N ILE C 154 -37.98 20.81 34.20
CA ILE C 154 -37.91 22.24 34.48
C ILE C 154 -38.50 22.89 33.20
N THR C 155 -39.78 23.21 33.25
CA THR C 155 -40.61 23.37 32.08
C THR C 155 -41.36 24.68 32.10
N GLY C 156 -40.92 25.62 31.29
CA GLY C 156 -41.71 26.80 30.98
C GLY C 156 -42.59 26.54 29.78
N SER C 157 -43.03 27.61 29.12
CA SER C 157 -43.87 27.44 27.95
C SER C 157 -43.73 28.58 26.94
N ALA C 158 -43.91 28.24 25.67
CA ALA C 158 -43.83 29.20 24.61
C ALA C 158 -44.98 30.18 24.72
N PRO C 159 -44.82 31.37 24.09
CA PRO C 159 -45.96 32.31 24.08
C PRO C 159 -47.21 31.69 23.50
N SER C 160 -48.36 32.11 24.04
CA SER C 160 -49.64 31.71 23.49
C SER C 160 -50.09 32.66 22.39
N VAL C 161 -49.53 33.84 22.38
CA VAL C 161 -49.84 34.86 21.36
C VAL C 161 -48.58 35.67 21.01
N PHE C 162 -48.46 35.97 19.72
CA PHE C 162 -47.42 36.81 19.18
C PHE C 162 -47.98 38.11 18.60
N VAL C 163 -47.20 39.17 18.68
CA VAL C 163 -47.52 40.43 18.00
C VAL C 163 -46.37 40.80 17.05
N PRO C 164 -46.68 41.42 15.93
CA PRO C 164 -45.63 41.83 15.01
C PRO C 164 -44.76 42.93 15.57
N LEU C 165 -43.46 42.89 15.23
CA LEU C 165 -42.62 44.06 15.44
C LEU C 165 -43.22 45.21 14.64
N ALA C 166 -43.09 46.41 15.18
CA ALA C 166 -43.56 47.62 14.50
C ALA C 166 -42.55 48.12 13.44
N ALA C 167 -41.27 47.71 13.57
CA ALA C 167 -40.19 48.14 12.66
C ALA C 167 -39.14 47.09 12.64
N ASP C 168 -38.39 47.04 11.52
CA ASP C 168 -37.24 46.18 11.39
C ASP C 168 -36.29 46.40 12.58
N ALA C 169 -35.67 45.31 13.05
CA ALA C 169 -34.68 45.39 14.11
C ALA C 169 -33.46 44.57 13.66
N ALA C 170 -32.43 45.27 13.27
CA ALA C 170 -31.22 44.66 12.74
C ALA C 170 -30.44 43.98 13.84
N ALA C 171 -29.59 43.05 13.46
CA ALA C 171 -28.65 42.49 14.35
C ALA C 171 -27.91 43.59 15.09
N GLY C 172 -27.73 43.41 16.40
CA GLY C 172 -27.16 44.44 17.24
C GLY C 172 -28.14 45.36 17.90
N SER C 173 -29.42 45.27 17.55
CA SER C 173 -30.40 46.17 18.20
C SER C 173 -30.49 45.90 19.69
N LYS C 174 -30.55 46.98 20.44
CA LYS C 174 -30.75 46.99 21.87
C LYS C 174 -32.19 47.07 22.24
N VAL C 175 -33.02 47.51 21.30
CA VAL C 175 -34.41 47.86 21.57
C VAL C 175 -35.22 47.28 20.41
N ILE C 176 -36.43 46.79 20.73
CA ILE C 176 -37.38 46.42 19.72
C ILE C 176 -38.60 47.25 19.95
N THR C 177 -39.45 47.31 18.94
CA THR C 177 -40.68 48.16 19.05
C THR C 177 -41.88 47.38 18.67
N VAL C 178 -43.01 47.70 19.31
CA VAL C 178 -44.29 47.12 18.99
C VAL C 178 -45.31 48.26 19.03
N ALA C 179 -46.46 48.07 18.45
CA ALA C 179 -47.51 49.09 18.56
C ALA C 179 -47.92 49.21 20.05
N ALA C 180 -48.17 50.44 20.51
CA ALA C 180 -48.51 50.67 21.90
C ALA C 180 -49.76 49.85 22.21
N GLY C 181 -49.77 49.20 23.37
CA GLY C 181 -50.92 48.40 23.79
C GLY C 181 -50.95 46.97 23.23
N ALA C 182 -50.06 46.65 22.28
CA ALA C 182 -50.11 45.36 21.59
C ALA C 182 -49.69 44.26 22.54
N LEU C 183 -48.78 44.60 23.45
CA LEU C 183 -48.18 43.63 24.36
C LEU C 183 -47.77 44.43 25.58
N SER C 184 -47.89 43.82 26.76
CA SER C 184 -47.42 44.41 27.99
C SER C 184 -46.06 43.76 28.39
N ALA C 185 -44.98 44.51 28.26
CA ALA C 185 -43.62 44.04 28.52
C ALA C 185 -43.19 44.48 29.91
N VAL C 186 -43.00 43.51 30.81
CA VAL C 186 -42.72 43.81 32.22
C VAL C 186 -41.22 43.64 32.48
N LYS C 187 -40.62 44.70 33.07
CA LYS C 187 -39.19 44.67 33.32
C LYS C 187 -38.87 43.43 34.21
N GLY C 188 -37.81 42.73 33.83
CA GLY C 188 -37.39 41.52 34.47
C GLY C 188 -37.94 40.22 33.93
N THR C 189 -38.90 40.30 33.04
CA THR C 189 -39.53 39.15 32.43
C THR C 189 -38.94 39.00 31.04
N TYR C 190 -39.41 37.98 30.32
CA TYR C 190 -38.76 37.60 29.08
C TYR C 190 -39.67 37.75 27.87
N LEU C 191 -39.04 37.79 26.72
CA LEU C 191 -39.69 37.84 25.41
C LEU C 191 -39.06 36.78 24.52
N TYR C 192 -39.86 36.28 23.60
CA TYR C 192 -39.45 35.30 22.63
C TYR C 192 -39.75 35.87 21.27
N LEU C 193 -38.69 36.09 20.49
CA LEU C 193 -38.74 36.71 19.17
C LEU C 193 -38.54 35.64 18.13
N ARG C 194 -39.23 35.73 17.02
CA ARG C 194 -39.04 34.84 15.90
C ARG C 194 -39.36 35.46 14.59
N SER C 195 -38.85 34.86 13.51
CA SER C 195 -39.29 35.23 12.18
C SER C 195 -39.15 34.04 11.23
N ASN C 196 -39.48 34.26 9.99
CA ASN C 196 -39.37 33.20 9.00
C ASN C 196 -37.98 33.09 8.42
N LYS C 197 -37.06 33.99 8.80
CA LYS C 197 -35.67 33.90 8.39
C LYS C 197 -35.16 32.54 8.88
N LEU C 198 -34.35 31.88 8.07
CA LEU C 198 -33.74 30.63 8.40
C LEU C 198 -32.51 30.86 9.32
N CYS C 199 -32.35 29.96 10.28
CA CYS C 199 -31.10 29.83 11.05
C CYS C 199 -29.92 29.75 10.11
N ASP C 200 -28.85 30.44 10.52
CA ASP C 200 -27.74 30.71 9.64
C ASP C 200 -26.39 30.22 10.15
N GLY C 201 -26.37 29.50 11.26
CA GLY C 201 -25.12 28.99 11.80
C GLY C 201 -24.47 27.91 10.96
N GLY C 202 -25.26 27.14 10.26
CA GLY C 202 -24.77 26.01 9.47
C GLY C 202 -25.72 25.71 8.33
N PRO C 203 -25.49 24.58 7.63
CA PRO C 203 -26.28 24.17 6.45
C PRO C 203 -27.80 24.17 6.66
N ASN C 204 -28.24 23.89 7.89
CA ASN C 204 -29.66 23.98 8.22
C ASN C 204 -30.57 23.25 7.19
N THR C 205 -30.32 21.95 7.01
CA THR C 205 -31.03 21.16 6.02
C THR C 205 -32.54 21.02 6.31
N TYR C 206 -32.95 21.12 7.59
CA TYR C 206 -34.37 21.12 7.94
C TYR C 206 -35.07 22.49 7.81
N GLY C 207 -34.30 23.55 7.59
CA GLY C 207 -34.93 24.88 7.41
C GLY C 207 -35.55 25.39 8.73
N VAL C 208 -34.88 25.11 9.84
CA VAL C 208 -35.28 25.67 11.13
C VAL C 208 -35.17 27.22 11.05
N LYS C 209 -36.21 27.89 11.56
CA LYS C 209 -36.32 29.34 11.54
C LYS C 209 -35.76 29.98 12.81
N ILE C 210 -35.44 31.28 12.75
CA ILE C 210 -34.81 31.95 13.85
C ILE C 210 -35.71 32.24 15.03
N SER C 211 -35.11 32.19 16.22
CA SER C 211 -35.77 32.65 17.45
C SER C 211 -34.73 33.02 18.47
N GLN C 212 -35.09 33.86 19.41
CA GLN C 212 -34.25 34.18 20.53
C GLN C 212 -35.14 34.52 21.72
N ILE C 213 -34.58 34.33 22.89
CA ILE C 213 -35.17 34.68 24.17
C ILE C 213 -34.35 35.83 24.77
N ARG C 214 -35.05 36.86 25.20
CA ARG C 214 -34.42 38.06 25.75
C ARG C 214 -35.16 38.51 26.98
N LYS C 215 -34.46 39.22 27.86
CA LYS C 215 -35.06 39.74 29.09
C LYS C 215 -35.32 41.24 28.90
N VAL C 216 -36.49 41.67 29.34
CA VAL C 216 -36.84 43.07 29.32
C VAL C 216 -36.14 43.83 30.44
N VAL C 217 -35.43 44.92 30.11
CA VAL C 217 -34.79 45.75 31.12
C VAL C 217 -35.26 47.19 31.10
N GLY C 218 -35.99 47.58 30.07
CA GLY C 218 -36.54 48.97 30.01
C GLY C 218 -37.70 49.04 29.08
N VAL C 219 -38.64 49.97 29.33
CA VAL C 219 -39.78 50.11 28.49
C VAL C 219 -40.19 51.58 28.49
N SER C 220 -40.48 52.09 27.31
CA SER C 220 -41.12 53.41 27.14
C SER C 220 -42.04 53.44 25.98
N THR C 221 -42.99 54.35 26.04
CA THR C 221 -44.01 54.43 25.01
C THR C 221 -44.16 55.90 24.63
N SER C 222 -44.22 56.13 23.32
CA SER C 222 -44.35 57.47 22.74
C SER C 222 -44.82 57.38 21.29
N GLY C 223 -45.69 58.33 20.88
CA GLY C 223 -46.18 58.36 19.51
C GLY C 223 -46.78 57.06 19.01
N GLY C 224 -47.53 56.38 19.86
CA GLY C 224 -48.15 55.09 19.49
C GLY C 224 -47.24 53.87 19.40
N VAL C 225 -45.99 54.01 19.81
CA VAL C 225 -44.99 52.90 19.74
C VAL C 225 -44.39 52.62 21.10
N THR C 226 -44.32 51.34 21.44
CA THR C 226 -43.64 50.92 22.65
C THR C 226 -42.30 50.42 22.30
N SER C 227 -41.29 50.97 22.99
CA SER C 227 -39.91 50.58 22.77
C SER C 227 -39.45 49.76 23.95
N ILE C 228 -38.95 48.58 23.70
CA ILE C 228 -38.59 47.65 24.70
C ILE C 228 -37.10 47.41 24.63
N ARG C 229 -36.41 47.75 25.70
CA ARG C 229 -34.95 47.61 25.81
C ARG C 229 -34.65 46.22 26.39
N LEU C 230 -33.71 45.55 25.75
CA LEU C 230 -33.41 44.17 26.07
C LEU C 230 -32.09 44.06 26.86
N ASP C 231 -31.91 42.96 27.59
CA ASP C 231 -30.67 42.71 28.28
C ASP C 231 -29.50 42.54 27.32
N LYS C 232 -29.73 41.77 26.26
CA LYS C 232 -28.69 41.41 25.30
C LYS C 232 -29.23 41.81 23.92
N THR C 233 -28.31 42.10 23.01
CA THR C 233 -28.66 42.56 21.69
C THR C 233 -29.08 41.40 20.83
N LEU C 234 -29.75 41.72 19.75
CA LEU C 234 -30.23 40.72 18.79
C LEU C 234 -29.10 40.20 17.93
N HIS C 235 -29.14 38.88 17.64
CA HIS C 235 -28.08 38.31 16.82
C HIS C 235 -28.50 37.94 15.42
N TYR C 236 -29.70 38.36 15.00
CA TYR C 236 -30.11 38.29 13.65
C TYR C 236 -30.84 39.60 13.30
N ASN C 237 -31.02 39.81 12.02
CA ASN C 237 -31.94 40.81 11.53
C ASN C 237 -33.35 40.26 11.66
N TYR C 238 -34.19 40.99 12.38
CA TYR C 238 -35.61 40.69 12.49
C TYR C 238 -36.43 41.66 11.67
N TYR C 239 -36.86 41.18 10.50
CA TYR C 239 -37.49 42.03 9.50
C TYR C 239 -38.97 41.80 9.40
N LEU C 240 -39.68 42.89 9.16
CA LEU C 240 -41.10 42.83 8.85
C LEU C 240 -41.38 41.96 7.64
N SER C 241 -40.46 41.98 6.66
CA SER C 241 -40.64 41.15 5.48
C SER C 241 -40.52 39.64 5.77
N ASP C 242 -39.92 39.32 6.92
CA ASP C 242 -39.82 37.94 7.42
C ASP C 242 -40.92 37.64 8.48
N ALA C 243 -41.91 38.50 8.56
CA ALA C 243 -42.99 38.36 9.57
C ALA C 243 -42.46 38.30 11.03
N ALA C 244 -41.46 39.14 11.33
CA ALA C 244 -40.89 39.20 12.66
C ALA C 244 -41.95 39.52 13.71
N GLU C 245 -41.90 38.76 14.77
CA GLU C 245 -42.91 38.88 15.83
C GLU C 245 -42.33 38.50 17.19
N VAL C 246 -43.07 38.79 18.24
CA VAL C 246 -42.59 38.64 19.58
C VAL C 246 -43.75 38.28 20.48
N GLY C 247 -43.47 37.45 21.45
CA GLY C 247 -44.47 37.05 22.45
C GLY C 247 -43.82 36.84 23.78
N ILE C 248 -44.67 36.69 24.82
CA ILE C 248 -44.22 36.52 26.16
C ILE C 248 -44.24 35.01 26.47
N PRO C 249 -43.05 34.42 26.66
CA PRO C 249 -42.99 33.03 27.11
C PRO C 249 -43.15 33.01 28.63
N THR C 250 -43.48 31.84 29.16
CA THR C 250 -43.41 31.63 30.59
C THR C 250 -42.14 30.88 30.84
N MET C 251 -41.22 31.49 31.55
CA MET C 251 -39.93 30.89 31.86
C MET C 251 -39.97 30.31 33.25
N VAL C 252 -39.21 29.24 33.46
CA VAL C 252 -38.85 28.80 34.79
C VAL C 252 -37.43 29.31 35.03
N GLU C 253 -37.25 30.16 36.00
CA GLU C 253 -35.98 30.86 36.19
C GLU C 253 -35.34 30.56 37.53
N ASN C 254 -34.03 30.61 37.59
CA ASN C 254 -33.28 30.48 38.83
C ASN C 254 -33.49 29.15 39.52
N VAL C 255 -33.10 28.07 38.86
CA VAL C 255 -33.18 26.74 39.44
C VAL C 255 -31.74 26.21 39.56
N THR C 256 -31.41 25.68 40.73
CA THR C 256 -30.11 25.13 41.05
C THR C 256 -30.28 23.70 41.45
N LEU C 257 -29.56 22.80 40.75
CA LEU C 257 -29.57 21.40 41.07
C LEU C 257 -28.18 21.04 41.52
N VAL C 258 -28.03 20.76 42.81
CA VAL C 258 -26.75 20.47 43.43
C VAL C 258 -26.60 19.00 43.61
N SER C 259 -25.60 18.45 42.90
CA SER C 259 -25.27 17.02 42.98
C SER C 259 -26.43 16.04 42.72
N PRO C 260 -27.19 16.24 41.62
CA PRO C 260 -28.26 15.28 41.33
C PRO C 260 -27.74 13.88 41.16
N TYR C 261 -28.28 12.92 41.90
CA TYR C 261 -27.91 11.52 41.72
C TYR C 261 -29.12 10.77 41.21
N ILE C 262 -29.09 10.42 39.90
CA ILE C 262 -30.20 9.79 39.24
C ILE C 262 -29.85 8.39 38.90
N ASN C 263 -30.60 7.43 39.42
CA ASN C 263 -30.36 6.02 39.26
C ASN C 263 -29.10 5.64 40.03
N GLU C 264 -28.71 4.37 39.96
CA GLU C 264 -27.55 3.87 40.69
C GLU C 264 -27.03 2.63 39.95
N PHE C 265 -25.74 2.36 40.09
CA PHE C 265 -25.20 1.13 39.54
C PHE C 265 -25.99 -0.09 40.02
N GLY C 266 -26.12 -1.05 39.10
CA GLY C 266 -26.91 -2.26 39.28
C GLY C 266 -28.38 -2.11 38.80
N TYR C 267 -28.70 -0.94 38.30
CA TYR C 267 -30.03 -0.65 37.74
C TYR C 267 -30.45 -1.67 36.68
N ASP C 268 -29.47 -2.16 35.90
CA ASP C 268 -29.80 -3.00 34.77
C ASP C 268 -30.29 -4.40 35.22
N ASP C 269 -29.87 -4.82 36.42
CA ASP C 269 -30.33 -6.07 37.02
C ASP C 269 -31.79 -5.97 37.48
N LEU C 270 -32.25 -4.74 37.68
CA LEU C 270 -33.61 -4.50 38.09
C LEU C 270 -34.49 -3.92 36.96
N ASN C 271 -33.98 -3.88 35.73
CA ASN C 271 -34.67 -3.41 34.58
C ASN C 271 -35.15 -1.98 34.88
N ARG C 272 -34.32 -1.22 35.61
CA ARG C 272 -34.73 0.09 36.06
C ARG C 272 -34.06 1.22 35.21
N PHE C 273 -34.86 1.86 34.34
CA PHE C 273 -34.39 2.83 33.38
C PHE C 273 -35.22 4.09 33.49
N PHE C 274 -35.01 4.98 32.56
CA PHE C 274 -35.76 6.22 32.44
C PHE C 274 -35.61 6.69 31.00
N THR C 275 -36.23 7.83 30.66
CA THR C 275 -36.08 8.35 29.30
C THR C 275 -35.05 9.49 29.30
N ILE C 276 -35.49 10.70 29.64
CA ILE C 276 -34.66 11.84 29.86
C ILE C 276 -34.45 12.06 31.34
N GLY C 277 -33.21 12.26 31.77
CA GLY C 277 -32.92 12.49 33.18
C GLY C 277 -33.40 13.84 33.70
N ILE C 278 -32.90 14.89 33.10
CA ILE C 278 -33.27 16.26 33.44
C ILE C 278 -33.63 16.96 32.17
N SER C 279 -34.91 17.31 32.01
CA SER C 279 -35.37 17.91 30.79
C SER C 279 -35.86 19.33 31.08
N ALA C 280 -35.25 20.30 30.44
CA ALA C 280 -35.58 21.71 30.58
C ALA C 280 -36.01 22.29 29.27
N ASN C 281 -37.05 23.10 29.32
CA ASN C 281 -37.56 23.84 28.19
C ASN C 281 -38.05 25.22 28.68
N PHE C 282 -37.60 26.29 28.04
CA PHE C 282 -37.92 27.64 28.46
C PHE C 282 -37.50 27.90 29.92
N ALA C 283 -36.27 27.57 30.21
CA ALA C 283 -35.66 27.83 31.51
C ALA C 283 -34.57 28.87 31.36
N ALA C 284 -34.37 29.65 32.39
CA ALA C 284 -33.31 30.63 32.46
C ALA C 284 -32.54 30.46 33.76
N ASP C 285 -31.22 30.56 33.71
CA ASP C 285 -30.38 30.46 34.89
C ASP C 285 -30.67 29.12 35.61
N LEU C 286 -30.74 28.05 34.84
CA LEU C 286 -30.70 26.69 35.34
C LEU C 286 -29.26 26.25 35.46
N HIS C 287 -28.80 25.97 36.67
CA HIS C 287 -27.42 25.60 36.92
C HIS C 287 -27.37 24.24 37.62
N ILE C 288 -26.67 23.29 36.99
CA ILE C 288 -26.59 21.91 37.42
C ILE C 288 -25.15 21.72 37.83
N GLN C 289 -24.89 21.32 39.06
CA GLN C 289 -23.51 21.17 39.59
CA GLN C 289 -23.54 21.19 39.64
C GLN C 289 -23.29 19.71 40.06
N ASP C 290 -22.28 19.09 39.45
CA ASP C 290 -21.83 17.76 39.84
C ASP C 290 -22.98 16.76 39.70
N GLY C 291 -23.03 15.70 40.53
CA GLY C 291 -24.00 14.67 40.40
C GLY C 291 -23.58 13.58 39.47
N VAL C 292 -24.42 12.56 39.35
CA VAL C 292 -24.15 11.40 38.51
C VAL C 292 -25.48 10.93 37.96
N ILE C 293 -25.55 10.74 36.64
CA ILE C 293 -26.75 10.26 35.96
C ILE C 293 -26.36 8.97 35.26
N ILE C 294 -27.03 7.87 35.56
N ILE C 294 -27.03 7.88 35.61
CA ILE C 294 -26.65 6.52 35.09
CA ILE C 294 -26.65 6.52 35.17
C ILE C 294 -27.82 5.78 34.61
C ILE C 294 -27.85 5.77 34.60
N GLY C 295 -27.69 5.18 33.43
CA GLY C 295 -28.48 3.96 33.07
C GLY C 295 -29.90 4.21 32.60
N ASN C 296 -30.02 4.82 31.44
CA ASN C 296 -31.23 4.75 30.68
C ASN C 296 -31.16 3.82 29.49
N LYS C 297 -30.06 3.07 29.41
CA LYS C 297 -29.94 1.93 28.54
C LYS C 297 -29.08 0.91 29.31
N ARG C 298 -29.04 -0.33 28.86
CA ARG C 298 -28.17 -1.29 29.45
C ARG C 298 -26.69 -1.00 29.06
N PRO C 299 -25.74 -1.39 29.92
CA PRO C 299 -24.33 -1.08 29.62
C PRO C 299 -23.86 -1.63 28.30
N GLY C 300 -23.27 -0.77 27.48
CA GLY C 300 -22.77 -1.11 26.16
C GLY C 300 -23.81 -1.45 25.12
N ALA C 301 -25.09 -1.20 25.43
CA ALA C 301 -26.17 -1.56 24.51
C ALA C 301 -26.36 -0.52 23.43
N SER C 302 -27.21 -0.86 22.47
CA SER C 302 -27.63 0.04 21.39
C SER C 302 -28.14 1.38 21.91
N ASP C 303 -27.90 2.41 21.15
CA ASP C 303 -28.48 3.74 21.46
C ASP C 303 -30.00 3.68 21.42
N ILE C 304 -30.62 4.57 22.16
CA ILE C 304 -32.06 4.70 22.18
C ILE C 304 -32.44 6.15 21.94
N GLU C 305 -33.11 6.40 20.83
CA GLU C 305 -33.45 7.74 20.38
C GLU C 305 -34.11 8.54 21.46
N GLY C 306 -33.59 9.75 21.68
CA GLY C 306 -34.24 10.71 22.58
C GLY C 306 -33.89 10.62 24.05
N ARG C 307 -33.24 9.51 24.49
CA ARG C 307 -32.94 9.28 25.88
C ARG C 307 -31.65 9.95 26.33
N SER C 308 -31.68 11.28 26.32
CA SER C 308 -30.55 12.07 26.76
C SER C 308 -30.55 12.20 28.27
N ALA C 309 -29.39 12.29 28.87
CA ALA C 309 -29.30 12.50 30.31
C ALA C 309 -29.80 13.86 30.74
N ILE C 310 -29.30 14.89 30.11
CA ILE C 310 -29.72 16.27 30.31
C ILE C 310 -30.08 16.88 28.99
N LYS C 311 -31.20 17.59 28.93
CA LYS C 311 -31.67 18.22 27.70
C LYS C 311 -32.06 19.67 27.98
N PHE C 312 -31.43 20.58 27.30
CA PHE C 312 -31.67 22.00 27.39
C PHE C 312 -32.29 22.42 26.05
N ASN C 313 -33.58 22.79 26.10
CA ASN C 313 -34.32 23.24 24.95
C ASN C 313 -34.72 24.67 25.25
N ASN C 314 -34.37 25.61 24.40
CA ASN C 314 -34.80 27.01 24.63
C ASN C 314 -34.45 27.48 26.05
N CYS C 315 -33.23 27.20 26.48
CA CYS C 315 -32.73 27.61 27.79
C CYS C 315 -31.70 28.73 27.63
N VAL C 316 -31.68 29.70 28.50
CA VAL C 316 -30.73 30.75 28.48
C VAL C 316 -29.92 30.84 29.77
N ASP C 317 -28.63 31.20 29.64
CA ASP C 317 -27.76 31.42 30.79
C ASP C 317 -27.79 30.21 31.73
N SER C 318 -27.71 29.02 31.13
CA SER C 318 -27.80 27.78 31.86
C SER C 318 -26.56 26.94 31.69
N THR C 319 -26.21 26.18 32.72
CA THR C 319 -24.91 25.51 32.76
C THR C 319 -25.01 24.09 33.37
N VAL C 320 -24.06 23.23 32.97
CA VAL C 320 -23.83 21.95 33.58
C VAL C 320 -22.36 21.94 33.91
N LYS C 321 -21.97 21.77 35.17
CA LYS C 321 -20.60 21.75 35.59
C LYS C 321 -20.33 20.57 36.49
N GLY C 322 -19.40 19.71 36.10
CA GLY C 322 -18.95 18.61 36.90
C GLY C 322 -19.66 17.25 36.83
N THR C 323 -20.85 17.22 36.26
CA THR C 323 -21.70 16.02 36.23
C THR C 323 -21.03 14.87 35.55
N CYS C 324 -21.24 13.68 36.07
CA CYS C 324 -20.81 12.42 35.44
C CYS C 324 -21.98 11.65 34.87
N PHE C 325 -21.75 11.04 33.73
CA PHE C 325 -22.76 10.30 32.94
C PHE C 325 -22.25 8.90 32.63
N TYR C 326 -23.06 7.87 32.90
CA TYR C 326 -22.73 6.48 32.55
C TYR C 326 -23.91 5.83 31.88
N ASN C 327 -23.67 5.11 30.80
CA ASN C 327 -24.67 4.22 30.17
C ASN C 327 -25.93 4.94 29.80
N ILE C 328 -25.79 5.86 28.87
CA ILE C 328 -26.83 6.72 28.43
C ILE C 328 -27.18 6.39 26.98
N GLY C 329 -28.48 6.28 26.68
CA GLY C 329 -28.93 5.89 25.40
C GLY C 329 -28.74 6.86 24.27
N TRP C 330 -28.76 8.14 24.59
CA TRP C 330 -28.63 9.20 23.62
C TRP C 330 -27.49 10.14 24.10
N TYR C 331 -27.75 11.41 24.24
CA TYR C 331 -26.69 12.36 24.50
C TYR C 331 -26.51 12.63 26.01
N GLY C 332 -25.29 12.89 26.45
CA GLY C 332 -25.05 13.31 27.82
C GLY C 332 -25.73 14.64 28.10
N VAL C 333 -25.29 15.66 27.43
CA VAL C 333 -25.93 16.98 27.38
C VAL C 333 -26.37 17.30 25.97
N GLU C 334 -27.67 17.45 25.78
CA GLU C 334 -28.30 17.82 24.53
C GLU C 334 -28.73 19.27 24.61
N VAL C 335 -28.35 20.07 23.66
CA VAL C 335 -28.67 21.50 23.60
C VAL C 335 -29.37 21.83 22.29
N LEU C 336 -30.59 22.36 22.37
CA LEU C 336 -31.38 22.63 21.17
C LEU C 336 -32.30 23.79 21.34
N GLY C 337 -33.03 24.11 20.29
CA GLY C 337 -33.84 25.35 20.29
C GLY C 337 -32.90 26.56 20.36
N CYS C 338 -33.41 27.69 20.75
CA CYS C 338 -32.64 28.91 20.83
C CYS C 338 -31.92 29.01 22.15
N SER C 339 -31.29 27.90 22.58
CA SER C 339 -30.53 27.92 23.82
C SER C 339 -29.36 28.85 23.66
N GLU C 340 -29.19 29.82 24.55
CA GLU C 340 -28.22 30.86 24.36
C GLU C 340 -27.40 31.07 25.62
N ASP C 341 -26.09 31.18 25.47
CA ASP C 341 -25.19 31.35 26.61
C ASP C 341 -25.23 30.12 27.52
N THR C 342 -25.03 28.95 26.93
CA THR C 342 -25.01 27.67 27.58
C THR C 342 -23.57 27.26 27.74
N GLU C 343 -23.25 26.67 28.86
CA GLU C 343 -21.87 26.17 29.13
C GLU C 343 -21.93 24.82 29.78
N VAL C 344 -21.01 23.97 29.39
CA VAL C 344 -20.80 22.67 29.96
C VAL C 344 -19.35 22.53 30.34
N HIS C 345 -19.07 22.44 31.64
CA HIS C 345 -17.71 22.36 32.12
C HIS C 345 -17.52 21.03 32.85
N ASP C 346 -16.31 20.49 32.73
CA ASP C 346 -15.78 19.50 33.67
C ASP C 346 -16.60 18.16 33.70
N ILE C 347 -17.39 17.86 32.68
CA ILE C 347 -18.13 16.63 32.70
C ILE C 347 -17.26 15.44 32.35
N HIS C 348 -17.65 14.29 32.84
CA HIS C 348 -17.11 12.98 32.42
C HIS C 348 -18.26 12.15 31.90
N ALA C 349 -18.20 11.72 30.65
CA ALA C 349 -19.25 10.89 30.03
C ALA C 349 -18.69 9.59 29.49
N MET C 350 -19.26 8.46 29.92
CA MET C 350 -18.75 7.12 29.58
C MET C 350 -19.89 6.24 29.06
N ASP C 351 -19.76 5.70 27.85
CA ASP C 351 -20.81 4.83 27.26
C ASP C 351 -22.12 5.60 27.01
N VAL C 352 -22.02 6.56 26.12
CA VAL C 352 -23.13 7.43 25.71
C VAL C 352 -23.07 7.59 24.20
N ARG C 353 -24.06 8.13 23.55
CA ARG C 353 -23.97 8.27 22.08
C ARG C 353 -23.08 9.47 21.72
N HIS C 354 -23.35 10.66 22.28
CA HIS C 354 -22.49 11.80 22.25
C HIS C 354 -22.37 12.31 23.66
N ALA C 355 -21.21 12.73 24.09
CA ALA C 355 -21.10 13.40 25.40
C ALA C 355 -21.87 14.70 25.46
N ILE C 356 -21.67 15.52 24.46
CA ILE C 356 -22.37 16.78 24.20
C ILE C 356 -22.84 16.74 22.80
N SER C 357 -24.08 17.18 22.53
CA SER C 357 -24.59 17.36 21.20
C SER C 357 -25.48 18.60 21.13
N LEU C 358 -25.11 19.53 20.29
CA LEU C 358 -25.98 20.61 19.89
C LEU C 358 -26.87 20.02 18.80
N ASN C 359 -28.18 20.27 18.87
CA ASN C 359 -29.11 19.53 18.02
C ASN C 359 -29.89 20.43 17.06
N TRP C 360 -30.32 19.83 15.94
CA TRP C 360 -31.31 20.44 15.05
C TRP C 360 -32.69 20.08 15.57
N GLN C 361 -33.72 20.41 14.81
CA GLN C 361 -35.12 20.04 15.09
C GLN C 361 -35.74 19.65 13.76
N SER C 362 -36.25 18.42 13.67
CA SER C 362 -36.88 17.97 12.43
C SER C 362 -38.15 18.77 12.18
N THR C 363 -38.29 19.23 10.95
CA THR C 363 -39.44 19.98 10.47
C THR C 363 -40.38 19.10 9.61
N ALA C 364 -40.21 17.78 9.71
CA ALA C 364 -41.03 16.83 8.93
C ALA C 364 -42.53 16.99 9.17
N ASP C 365 -42.93 17.35 10.39
CA ASP C 365 -44.32 17.56 10.75
C ASP C 365 -44.71 19.02 10.94
N GLY C 366 -43.83 19.94 10.64
CA GLY C 366 -44.16 21.33 10.75
C GLY C 366 -42.97 22.22 11.06
N ASP C 367 -43.20 23.52 11.05
CA ASP C 367 -42.13 24.49 11.31
C ASP C 367 -41.52 24.36 12.71
N LYS C 368 -40.21 24.60 12.77
CA LYS C 368 -39.46 24.62 14.04
C LYS C 368 -38.63 25.91 14.08
N TRP C 369 -38.38 26.41 15.28
CA TRP C 369 -37.60 27.57 15.47
C TRP C 369 -36.48 27.35 16.49
N GLY C 370 -35.30 27.92 16.21
CA GLY C 370 -34.26 28.10 17.19
C GLY C 370 -33.04 27.22 16.93
N GLU C 371 -31.89 27.87 16.98
CA GLU C 371 -30.58 27.21 17.00
C GLU C 371 -29.81 27.70 18.18
N PRO C 372 -28.90 26.84 18.71
CA PRO C 372 -28.10 27.33 19.84
C PRO C 372 -27.19 28.48 19.42
N ILE C 373 -26.98 29.44 20.31
CA ILE C 373 -26.14 30.59 20.10
C ILE C 373 -25.25 30.76 21.33
N GLU C 374 -23.92 30.80 21.17
CA GLU C 374 -22.99 31.00 22.25
C GLU C 374 -22.99 29.79 23.18
N PHE C 375 -22.18 28.82 22.82
CA PHE C 375 -22.03 27.60 23.54
C PHE C 375 -20.55 27.36 23.85
N LEU C 376 -20.25 27.02 25.08
CA LEU C 376 -18.89 26.63 25.51
C LEU C 376 -18.92 25.27 26.14
N GLY C 377 -18.04 24.40 25.68
CA GLY C 377 -17.73 23.16 26.34
C GLY C 377 -16.26 23.23 26.77
N VAL C 378 -15.96 23.07 28.06
CA VAL C 378 -14.62 23.26 28.54
C VAL C 378 -14.25 22.13 29.51
N ASN C 379 -13.07 21.56 29.31
CA ASN C 379 -12.49 20.59 30.21
C ASN C 379 -13.39 19.33 30.38
N CYS C 380 -14.03 18.90 29.30
CA CYS C 380 -14.89 17.74 29.31
C CYS C 380 -14.18 16.52 28.78
N GLU C 381 -14.57 15.38 29.30
CA GLU C 381 -13.96 14.09 28.97
C GLU C 381 -15.02 13.09 28.55
N ALA C 382 -14.78 12.45 27.42
CA ALA C 382 -15.67 11.40 26.88
C ALA C 382 -14.90 10.12 26.67
N TYR C 383 -15.52 9.00 27.00
CA TYR C 383 -14.96 7.67 26.77
C TYR C 383 -16.01 6.78 26.10
N SER C 384 -15.57 6.06 25.08
CA SER C 384 -16.37 4.97 24.51
C SER C 384 -17.77 5.42 24.12
N THR C 385 -17.81 6.57 23.46
CA THR C 385 -18.98 7.04 22.83
C THR C 385 -19.33 6.19 21.59
N THR C 386 -20.60 5.90 21.42
CA THR C 386 -21.05 5.05 20.30
C THR C 386 -21.04 5.80 19.00
N GLN C 387 -21.16 7.15 19.08
CA GLN C 387 -21.00 8.05 17.94
C GLN C 387 -19.96 9.13 18.36
N ALA C 388 -20.03 10.31 17.75
CA ALA C 388 -19.01 11.30 18.01
C ALA C 388 -18.94 11.65 19.50
N GLY C 389 -17.73 11.84 20.02
CA GLY C 389 -17.55 12.27 21.39
C GLY C 389 -18.29 13.58 21.69
N PHE C 390 -17.99 14.60 20.91
CA PHE C 390 -18.51 15.94 21.03
C PHE C 390 -19.07 16.32 19.67
N ASP C 391 -20.28 16.85 19.61
CA ASP C 391 -21.02 16.91 18.38
C ASP C 391 -21.84 18.20 18.23
N THR C 392 -22.01 18.63 17.03
CA THR C 392 -23.12 19.48 16.64
C THR C 392 -23.82 18.82 15.46
N HIS C 393 -25.08 19.20 15.30
CA HIS C 393 -25.83 18.99 14.05
C HIS C 393 -25.63 20.29 13.19
N ASP C 394 -26.51 20.53 12.24
CA ASP C 394 -26.24 21.47 11.18
C ASP C 394 -26.75 22.89 11.40
N ILE C 395 -27.04 23.23 12.65
CA ILE C 395 -27.29 24.64 13.00
C ILE C 395 -26.55 24.93 14.32
N GLY C 396 -26.53 26.20 14.70
CA GLY C 396 -25.85 26.63 15.89
C GLY C 396 -24.78 27.64 15.54
N LYS C 397 -24.62 28.66 16.35
CA LYS C 397 -23.72 29.77 16.17
C LYS C 397 -22.81 29.94 17.38
N ARG C 398 -21.55 30.26 17.12
CA ARG C 398 -20.62 30.61 18.18
C ARG C 398 -20.39 29.49 19.16
N VAL C 399 -19.95 28.38 18.60
CA VAL C 399 -19.76 27.14 19.30
C VAL C 399 -18.28 26.92 19.52
N LYS C 400 -17.90 26.69 20.75
CA LYS C 400 -16.49 26.51 21.10
C LYS C 400 -16.30 25.34 22.05
N PHE C 401 -15.26 24.54 21.81
CA PHE C 401 -14.83 23.50 22.65
C PHE C 401 -13.41 23.80 23.09
N VAL C 402 -13.16 23.81 24.41
CA VAL C 402 -11.87 24.15 24.92
C VAL C 402 -11.37 23.01 25.85
N ARG C 403 -10.17 22.51 25.58
CA ARG C 403 -9.54 21.51 26.41
C ARG C 403 -10.41 20.31 26.70
N CYS C 404 -11.21 19.88 25.72
CA CYS C 404 -11.97 18.64 25.84
C CYS C 404 -11.18 17.49 25.30
N VAL C 405 -11.52 16.29 25.75
CA VAL C 405 -10.82 15.10 25.30
C VAL C 405 -11.81 13.97 25.05
N SER C 406 -11.67 13.34 23.89
CA SER C 406 -12.39 12.12 23.53
C SER C 406 -11.44 10.93 23.40
N TYR C 407 -11.81 9.85 24.05
CA TYR C 407 -11.14 8.57 24.01
C TYR C 407 -12.05 7.48 23.42
N ASP C 408 -11.50 6.74 22.46
CA ASP C 408 -12.07 5.48 22.02
C ASP C 408 -13.52 5.60 21.51
N SER C 409 -13.78 6.68 20.77
CA SER C 409 -15.01 6.84 20.07
C SER C 409 -15.21 5.78 19.01
N ALA C 410 -16.43 5.27 18.86
CA ALA C 410 -16.76 4.35 17.73
C ALA C 410 -16.96 5.10 16.40
N ALA C 411 -16.94 6.42 16.44
CA ALA C 411 -17.00 7.25 15.26
C ALA C 411 -15.88 8.29 15.31
N ALA C 412 -16.19 9.58 15.24
CA ALA C 412 -15.20 10.61 15.43
C ALA C 412 -15.03 10.98 16.91
N GLY C 413 -13.91 11.59 17.21
CA GLY C 413 -13.77 12.23 18.54
C GLY C 413 -14.65 13.45 18.65
N PHE C 414 -14.56 14.29 17.66
CA PHE C 414 -15.26 15.57 17.55
C PHE C 414 -15.88 15.63 16.18
N GLN C 415 -17.14 16.03 16.07
CA GLN C 415 -17.83 16.21 14.81
C GLN C 415 -18.46 17.56 14.74
N ALA C 416 -18.14 18.35 13.75
CA ALA C 416 -18.77 19.65 13.47
C ALA C 416 -19.72 19.50 12.30
N ARG C 417 -20.99 19.84 12.46
CA ARG C 417 -21.90 19.88 11.35
C ARG C 417 -22.50 21.26 11.11
N THR C 418 -22.14 22.20 11.99
CA THR C 418 -22.45 23.62 11.76
C THR C 418 -21.14 24.34 11.37
N ASN C 419 -21.23 25.56 10.89
CA ASN C 419 -20.10 26.21 10.26
C ASN C 419 -19.22 26.89 11.31
N GLY C 420 -17.91 26.88 11.12
CA GLY C 420 -17.00 27.66 11.94
C GLY C 420 -17.03 27.29 13.42
N VAL C 421 -17.10 25.99 13.73
CA VAL C 421 -16.93 25.54 15.13
C VAL C 421 -15.46 25.67 15.48
N GLU C 422 -15.14 26.20 16.65
CA GLU C 422 -13.78 26.44 17.08
C GLU C 422 -13.37 25.46 18.19
N TYR C 423 -12.17 24.88 18.07
CA TYR C 423 -11.62 23.99 19.02
C TYR C 423 -10.29 24.45 19.50
N LEU C 424 -10.14 24.64 20.81
CA LEU C 424 -8.93 25.13 21.43
C LEU C 424 -8.33 24.03 22.32
N ASN C 425 -7.16 23.53 21.94
CA ASN C 425 -6.40 22.63 22.77
C ASN C 425 -7.17 21.34 23.15
N CYS C 426 -7.97 20.85 22.22
CA CYS C 426 -8.73 19.64 22.38
C CYS C 426 -7.90 18.45 21.94
N ARG C 427 -8.26 17.30 22.44
CA ARG C 427 -7.50 16.04 22.18
C ARG C 427 -8.43 14.91 21.82
N ALA C 428 -8.04 14.13 20.80
CA ALA C 428 -8.79 12.92 20.42
C ALA C 428 -7.84 11.75 20.35
N TYR C 429 -8.21 10.67 21.02
CA TYR C 429 -7.41 9.45 21.09
C TYR C 429 -8.25 8.29 20.57
N ARG C 430 -7.67 7.53 19.64
CA ARG C 430 -8.19 6.22 19.22
C ARG C 430 -9.65 6.20 18.72
N ALA C 431 -10.11 7.27 18.06
CA ALA C 431 -11.38 7.23 17.41
C ALA C 431 -11.33 6.15 16.28
N ALA C 432 -12.46 5.48 16.07
CA ALA C 432 -12.55 4.46 15.05
C ALA C 432 -12.47 5.04 13.63
N MET C 433 -12.78 6.33 13.48
CA MET C 433 -12.67 7.03 12.22
C MET C 433 -11.70 8.24 12.37
N ASP C 434 -12.24 9.44 12.49
CA ASP C 434 -11.42 10.65 12.56
C ASP C 434 -11.34 11.20 13.95
N GLY C 435 -10.18 11.68 14.36
CA GLY C 435 -10.09 12.42 15.65
C GLY C 435 -11.06 13.60 15.68
N PHE C 436 -10.95 14.41 14.67
CA PHE C 436 -11.76 15.60 14.46
C PHE C 436 -12.28 15.58 13.04
N ALA C 437 -13.55 15.90 12.84
CA ALA C 437 -14.11 15.91 11.51
C ALA C 437 -15.21 16.93 11.33
N SER C 438 -15.32 17.46 10.14
CA SER C 438 -16.56 18.16 9.76
C SER C 438 -17.46 17.09 9.04
N ASN C 439 -18.38 17.49 8.19
CA ASN C 439 -19.19 16.55 7.43
C ASN C 439 -19.77 17.25 6.20
N THR C 440 -20.59 16.51 5.45
CA THR C 440 -21.12 16.99 4.18
C THR C 440 -21.67 18.42 4.25
N GLY C 441 -21.11 19.29 3.42
CA GLY C 441 -21.64 20.65 3.26
C GLY C 441 -21.24 21.60 4.37
N VAL C 442 -20.33 21.18 5.26
CA VAL C 442 -19.96 21.98 6.43
C VAL C 442 -18.71 22.81 6.17
N ALA C 443 -18.71 24.09 6.56
CA ALA C 443 -17.61 25.00 6.26
C ALA C 443 -16.67 25.18 7.43
N PHE C 444 -15.36 25.15 7.09
CA PHE C 444 -14.26 25.68 7.87
C PHE C 444 -14.39 25.63 9.38
N PRO C 445 -14.34 24.40 9.94
CA PRO C 445 -14.01 24.34 11.39
C PRO C 445 -12.61 24.94 11.61
N ILE C 446 -12.35 25.40 12.82
CA ILE C 446 -11.07 25.97 13.22
C ILE C 446 -10.46 25.12 14.35
N TYR C 447 -9.28 24.55 14.16
CA TYR C 447 -8.59 23.73 15.16
C TYR C 447 -7.31 24.44 15.58
N ARG C 448 -7.19 24.81 16.83
CA ARG C 448 -6.05 25.51 17.34
C ARG C 448 -5.35 24.66 18.41
N GLU C 449 -4.12 24.23 18.12
CA GLU C 449 -3.32 23.51 19.04
C GLU C 449 -4.04 22.21 19.53
N CYS C 450 -4.80 21.60 18.65
CA CYS C 450 -5.47 20.33 18.90
C CYS C 450 -4.57 19.14 18.60
N LEU C 451 -4.77 18.07 19.33
CA LEU C 451 -3.83 16.93 19.31
C LEU C 451 -4.63 15.66 19.04
N ALA C 452 -4.21 14.89 18.04
CA ALA C 452 -4.90 13.67 17.67
C ALA C 452 -3.94 12.46 17.66
N TYR C 453 -4.28 11.44 18.42
CA TYR C 453 -3.38 10.29 18.64
C TYR C 453 -4.10 8.98 18.32
N ASP C 454 -3.54 8.27 17.34
CA ASP C 454 -3.92 6.87 17.03
C ASP C 454 -5.40 6.71 16.59
N ASN C 455 -5.99 7.78 16.03
CA ASN C 455 -7.29 7.72 15.42
C ASN C 455 -7.12 6.95 14.10
N VAL C 456 -8.00 6.01 13.84
CA VAL C 456 -7.72 5.06 12.74
C VAL C 456 -7.55 5.71 11.42
N ARG C 457 -8.53 6.51 11.00
CA ARG C 457 -8.55 7.02 9.67
C ARG C 457 -7.68 8.31 9.53
N SER C 458 -8.00 9.34 10.28
CA SER C 458 -7.29 10.57 10.23
C SER C 458 -7.29 11.28 11.56
N GLY C 459 -6.38 12.21 11.73
CA GLY C 459 -6.40 13.11 12.88
C GLY C 459 -7.48 14.13 12.69
N PHE C 460 -7.42 14.85 11.58
CA PHE C 460 -8.36 15.91 11.19
C PHE C 460 -8.93 15.65 9.80
N ASN C 461 -10.24 15.63 9.67
CA ASN C 461 -10.91 15.43 8.41
C ASN C 461 -11.82 16.58 8.08
N CYS C 462 -11.29 17.59 7.40
CA CYS C 462 -12.08 18.74 6.97
C CYS C 462 -12.01 18.84 5.46
N SER C 463 -12.32 17.71 4.83
CA SER C 463 -12.24 17.54 3.38
C SER C 463 -13.60 17.80 2.71
N TYR C 464 -14.60 18.15 3.52
CA TYR C 464 -15.95 18.40 3.10
C TYR C 464 -16.24 19.84 2.65
N GLY C 465 -15.51 20.77 3.19
CA GLY C 465 -15.81 22.16 3.04
C GLY C 465 -14.76 23.07 3.60
N GLY C 466 -13.49 22.63 3.57
CA GLY C 466 -12.36 23.39 4.05
C GLY C 466 -12.08 23.31 5.54
N GLY C 467 -10.86 23.61 5.93
CA GLY C 467 -10.56 23.74 7.35
C GLY C 467 -9.40 24.65 7.63
N TYR C 468 -9.30 25.09 8.88
CA TYR C 468 -8.18 25.86 9.37
C TYR C 468 -7.54 25.07 10.48
N VAL C 469 -6.35 24.52 10.22
CA VAL C 469 -5.72 23.60 11.08
C VAL C 469 -4.42 24.24 11.58
N TYR C 470 -4.45 24.82 12.74
CA TYR C 470 -3.42 25.71 13.24
C TYR C 470 -2.65 25.11 14.41
N ASP C 471 -1.38 24.84 14.21
CA ASP C 471 -0.52 24.32 15.24
C ASP C 471 -1.01 22.99 15.86
N CYS C 472 -1.65 22.20 15.03
CA CYS C 472 -2.21 20.92 15.46
C CYS C 472 -1.21 19.80 15.27
N GLU C 473 -1.50 18.66 15.87
CA GLU C 473 -0.66 17.47 15.77
C GLU C 473 -1.51 16.29 15.51
N ALA C 474 -1.08 15.42 14.61
CA ALA C 474 -1.77 14.16 14.41
C ALA C 474 -0.74 13.10 14.23
N HIS C 475 -0.90 12.04 14.99
CA HIS C 475 0.07 10.94 15.08
C HIS C 475 -0.70 9.65 15.04
N GLY C 476 -0.28 8.65 14.30
CA GLY C 476 -0.86 7.32 14.38
C GLY C 476 -2.10 7.03 13.54
N SER C 477 -2.34 7.80 12.47
CA SER C 477 -3.47 7.64 11.60
C SER C 477 -3.08 7.15 10.21
N GLN C 478 -4.03 6.85 9.38
CA GLN C 478 -3.74 6.63 7.97
C GLN C 478 -3.21 7.92 7.34
N ASN C 479 -3.93 9.02 7.55
CA ASN C 479 -3.44 10.32 7.14
C ASN C 479 -3.62 11.28 8.27
N GLY C 480 -2.68 12.18 8.48
CA GLY C 480 -2.73 13.13 9.64
C GLY C 480 -3.92 14.08 9.43
N VAL C 481 -3.96 14.71 8.29
CA VAL C 481 -5.02 15.68 7.93
C VAL C 481 -5.59 15.35 6.57
N ARG C 482 -6.91 15.32 6.45
CA ARG C 482 -7.59 15.23 5.15
C ARG C 482 -8.24 16.57 4.93
N ILE C 483 -7.94 17.24 3.83
CA ILE C 483 -8.37 18.60 3.61
C ILE C 483 -8.50 18.94 2.14
N ASN C 484 -9.54 19.71 1.77
CA ASN C 484 -9.73 20.09 0.39
C ASN C 484 -9.33 21.54 0.05
N GLY C 485 -9.09 22.31 1.08
CA GLY C 485 -8.82 23.73 1.00
C GLY C 485 -8.74 24.30 2.41
N GLY C 486 -8.11 25.47 2.48
CA GLY C 486 -7.95 26.20 3.73
C GLY C 486 -6.48 26.34 4.10
N ARG C 487 -6.14 26.07 5.34
CA ARG C 487 -4.78 26.27 5.83
C ARG C 487 -4.37 25.19 6.80
N VAL C 488 -3.16 24.67 6.62
CA VAL C 488 -2.50 23.89 7.64
C VAL C 488 -1.23 24.69 7.94
N LYS C 489 -1.20 25.27 9.11
CA LYS C 489 -0.16 26.22 9.50
C LYS C 489 0.44 25.82 10.80
N GLY C 490 1.75 25.50 10.78
CA GLY C 490 2.38 25.01 11.96
C GLY C 490 2.00 23.56 12.27
N GLY C 491 2.34 23.12 13.48
CA GLY C 491 2.05 21.79 13.89
C GLY C 491 3.07 20.74 13.58
N ARG C 492 2.72 19.54 13.90
CA ARG C 492 3.66 18.43 13.84
C ARG C 492 2.92 17.12 13.63
N TYR C 493 3.39 16.33 12.67
CA TYR C 493 2.71 15.12 12.20
C TYR C 493 3.72 13.98 12.11
N THR C 494 3.36 12.83 12.67
CA THR C 494 4.23 11.66 12.71
C THR C 494 3.38 10.42 12.61
N ARG C 495 4.03 9.34 12.26
CA ARG C 495 3.48 7.99 12.32
C ARG C 495 2.13 7.90 11.60
N ASN C 496 2.10 8.39 10.35
CA ASN C 496 0.94 8.34 9.57
C ASN C 496 1.22 7.48 8.38
N SER C 497 0.45 6.39 8.21
CA SER C 497 0.92 5.30 7.29
C SER C 497 0.86 5.64 5.83
N SER C 498 -0.11 6.47 5.42
CA SER C 498 -0.23 6.86 4.02
C SER C 498 0.51 8.19 3.78
N SER C 499 0.11 9.23 4.50
CA SER C 499 0.76 10.53 4.40
C SER C 499 0.43 11.39 5.59
N HIS C 500 1.20 12.46 5.79
CA HIS C 500 0.85 13.37 6.89
C HIS C 500 -0.32 14.27 6.51
N ILE C 501 -0.33 14.79 5.29
CA ILE C 501 -1.42 15.64 4.77
C ILE C 501 -1.96 14.95 3.50
N PHE C 502 -3.27 14.85 3.40
CA PHE C 502 -4.01 14.23 2.31
C PHE C 502 -4.90 15.30 1.71
N VAL C 503 -4.55 15.79 0.53
CA VAL C 503 -5.35 16.77 -0.17
C VAL C 503 -6.39 16.05 -0.97
N THR C 504 -7.65 16.14 -0.55
CA THR C 504 -8.69 15.32 -1.11
C THR C 504 -10.01 15.96 -0.83
N LYS C 505 -11.06 15.32 -1.23
CA LYS C 505 -12.44 15.75 -0.98
C LYS C 505 -13.30 14.59 -0.49
N ASP C 506 -14.46 14.93 0.08
CA ASP C 506 -15.43 13.90 0.42
C ASP C 506 -16.00 13.27 -0.86
N VAL C 507 -16.41 14.11 -1.80
CA VAL C 507 -16.91 13.69 -3.07
C VAL C 507 -16.34 14.62 -4.12
N ALA C 508 -16.15 14.09 -5.32
CA ALA C 508 -15.59 14.91 -6.43
C ALA C 508 -16.36 16.23 -6.69
N GLU C 509 -17.67 16.27 -6.47
CA GLU C 509 -18.46 17.52 -6.63
C GLU C 509 -18.11 18.66 -5.66
N THR C 510 -17.42 18.35 -4.58
CA THR C 510 -17.06 19.41 -3.64
C THR C 510 -15.96 20.26 -4.26
N ALA C 511 -16.01 21.57 -4.05
CA ALA C 511 -14.99 22.46 -4.64
C ALA C 511 -13.69 22.34 -3.90
N GLN C 512 -12.58 22.23 -4.65
CA GLN C 512 -11.28 22.45 -4.11
C GLN C 512 -11.05 23.95 -4.06
N THR C 513 -10.53 24.44 -2.94
CA THR C 513 -10.11 25.82 -2.84
C THR C 513 -8.64 25.88 -2.54
N SER C 514 -8.06 27.09 -2.48
CA SER C 514 -6.62 27.19 -2.21
C SER C 514 -6.29 26.56 -0.86
N LEU C 515 -5.15 25.92 -0.76
CA LEU C 515 -4.63 25.38 0.43
C LEU C 515 -3.20 25.79 0.67
N GLU C 516 -2.98 26.40 1.82
CA GLU C 516 -1.69 26.87 2.27
C GLU C 516 -1.20 25.85 3.29
N ILE C 517 -0.01 25.30 3.08
CA ILE C 517 0.65 24.45 4.02
C ILE C 517 1.97 25.13 4.39
N ASP C 518 2.08 25.70 5.58
CA ASP C 518 3.23 26.54 5.93
C ASP C 518 3.71 26.26 7.33
N GLY C 519 4.99 26.06 7.51
CA GLY C 519 5.53 25.91 8.81
C GLY C 519 5.24 24.59 9.51
N VAL C 520 4.85 23.61 8.74
CA VAL C 520 4.45 22.32 9.27
C VAL C 520 5.64 21.37 9.40
N SER C 521 5.75 20.70 10.54
CA SER C 521 6.74 19.59 10.69
C SER C 521 6.07 18.29 10.28
N MET C 522 6.52 17.75 9.15
CA MET C 522 5.97 16.54 8.58
C MET C 522 7.11 15.68 8.02
N ARG C 523 7.94 15.28 8.94
CA ARG C 523 9.19 14.60 8.67
C ARG C 523 8.91 13.11 8.34
N TYR C 524 9.86 12.50 7.64
CA TYR C 524 9.79 11.05 7.43
C TYR C 524 10.25 10.35 8.68
N ASP C 525 9.50 9.34 9.11
CA ASP C 525 9.85 8.54 10.28
C ASP C 525 9.64 7.07 10.03
N GLY C 526 9.72 6.68 8.78
CA GLY C 526 9.58 5.27 8.42
C GLY C 526 8.21 4.85 7.97
N THR C 527 7.29 5.82 7.98
CA THR C 527 5.91 5.60 7.67
C THR C 527 5.54 6.25 6.35
N GLY C 528 4.55 7.12 6.35
CA GLY C 528 4.01 7.65 5.15
C GLY C 528 4.82 8.80 4.53
N ARG C 529 4.29 9.31 3.40
CA ARG C 529 4.86 10.45 2.70
C ARG C 529 4.38 11.74 3.32
N ALA C 530 4.89 12.88 2.87
CA ALA C 530 4.50 14.14 3.48
C ALA C 530 3.10 14.59 3.03
N VAL C 531 2.87 14.59 1.74
CA VAL C 531 1.63 15.09 1.15
C VAL C 531 1.13 14.19 0.07
N TYR C 532 -0.14 13.84 0.10
CA TYR C 532 -0.79 13.01 -0.87
C TYR C 532 -1.83 13.88 -1.61
N PHE C 533 -1.68 13.91 -2.93
CA PHE C 533 -2.57 14.65 -3.81
C PHE C 533 -3.49 13.67 -4.48
N HIS C 534 -4.79 13.86 -4.29
CA HIS C 534 -5.78 12.88 -4.74
C HIS C 534 -6.37 13.24 -6.11
N GLY C 535 -5.66 12.83 -7.17
CA GLY C 535 -6.11 13.11 -8.54
C GLY C 535 -7.45 12.49 -8.86
N THR C 536 -7.74 11.35 -8.22
CA THR C 536 -8.95 10.63 -8.48
C THR C 536 -10.19 11.51 -8.31
N VAL C 537 -10.15 12.44 -7.34
CA VAL C 537 -11.30 13.35 -7.12
C VAL C 537 -11.08 14.79 -7.68
N GLY C 538 -10.08 14.91 -8.54
CA GLY C 538 -9.85 16.12 -9.28
C GLY C 538 -9.01 17.17 -8.58
N ILE C 539 -8.17 16.74 -7.64
CA ILE C 539 -7.24 17.70 -7.00
C ILE C 539 -6.19 18.24 -7.98
N ASP C 540 -6.15 19.57 -8.08
CA ASP C 540 -5.15 20.33 -8.84
C ASP C 540 -4.08 20.76 -7.84
N PRO C 541 -2.85 20.19 -7.93
CA PRO C 541 -1.83 20.51 -6.95
C PRO C 541 -1.37 21.95 -6.97
N THR C 542 -1.58 22.65 -8.07
CA THR C 542 -1.16 24.05 -8.14
C THR C 542 -1.96 24.95 -7.24
N LEU C 543 -3.11 24.48 -6.75
CA LEU C 543 -3.92 25.25 -5.75
C LEU C 543 -3.38 25.12 -4.37
N VAL C 544 -2.33 24.31 -4.20
CA VAL C 544 -1.65 24.13 -2.92
C VAL C 544 -0.33 24.90 -2.97
N SER C 545 0.05 25.56 -1.87
CA SER C 545 1.33 26.24 -1.69
C SER C 545 1.99 25.69 -0.47
N MET C 546 3.26 25.34 -0.52
CA MET C 546 3.99 24.76 0.56
C MET C 546 5.25 25.54 0.86
N SER C 547 5.30 26.21 2.01
CA SER C 547 6.36 27.08 2.39
C SER C 547 6.91 26.76 3.77
N ASN C 548 8.22 26.69 3.92
CA ASN C 548 8.88 26.63 5.21
C ASN C 548 8.46 25.45 6.07
N ASN C 549 8.16 24.33 5.42
CA ASN C 549 7.86 23.09 6.10
C ASN C 549 9.11 22.22 6.30
N ASP C 550 9.08 21.41 7.33
CA ASP C 550 10.12 20.44 7.61
C ASP C 550 9.67 19.09 7.08
N MET C 551 10.25 18.70 5.94
CA MET C 551 9.93 17.45 5.27
C MET C 551 11.16 16.57 5.27
N THR C 552 12.01 16.75 6.26
CA THR C 552 13.29 16.05 6.31
C THR C 552 13.11 14.54 6.21
N GLY C 553 13.87 13.90 5.33
CA GLY C 553 13.95 12.44 5.31
C GLY C 553 13.16 11.76 4.19
N HIS C 554 12.23 12.46 3.56
CA HIS C 554 11.37 11.88 2.54
C HIS C 554 12.03 11.67 1.21
N GLY C 555 13.15 12.35 0.98
CA GLY C 555 13.92 12.15 -0.28
C GLY C 555 13.02 12.39 -1.47
N LEU C 556 13.09 11.49 -2.46
CA LEU C 556 12.32 11.58 -3.65
C LEU C 556 10.82 11.29 -3.45
N PHE C 557 10.48 10.86 -2.25
CA PHE C 557 9.14 10.39 -1.92
C PHE C 557 8.40 11.27 -1.00
N TRP C 558 8.55 12.60 -1.18
CA TRP C 558 7.81 13.48 -0.29
C TRP C 558 6.34 13.61 -0.69
N ALA C 559 6.00 13.34 -1.94
CA ALA C 559 4.63 13.38 -2.41
C ALA C 559 4.14 12.01 -2.77
N LEU C 560 2.86 11.77 -2.52
CA LEU C 560 2.17 10.61 -3.08
C LEU C 560 1.10 11.17 -4.00
N LEU C 561 0.94 10.57 -5.16
CA LEU C 561 -0.09 11.00 -6.14
C LEU C 561 -0.84 9.75 -6.59
N SER C 562 -2.15 9.86 -6.78
CA SER C 562 -2.87 8.77 -7.39
C SER C 562 -4.07 9.31 -8.17
N GLY C 563 -4.43 8.57 -9.25
CA GLY C 563 -5.56 8.97 -10.07
C GLY C 563 -5.32 10.06 -11.10
N TYR C 564 -4.08 10.45 -11.31
CA TYR C 564 -3.74 11.37 -12.41
C TYR C 564 -3.50 10.57 -13.70
N THR C 565 -4.02 11.07 -14.81
CA THR C 565 -3.82 10.46 -16.13
C THR C 565 -2.72 11.15 -16.91
N VAL C 566 -2.44 12.39 -16.52
CA VAL C 566 -1.40 13.22 -17.11
C VAL C 566 -0.67 13.87 -15.92
N GLN C 567 0.63 13.96 -16.01
CA GLN C 567 1.46 14.53 -14.94
C GLN C 567 0.98 15.93 -14.63
N PRO C 568 0.62 16.16 -13.36
CA PRO C 568 0.13 17.44 -12.98
C PRO C 568 1.26 18.36 -12.63
N THR C 569 1.01 19.64 -12.71
CA THR C 569 1.99 20.61 -12.30
C THR C 569 2.01 20.66 -10.77
N PRO C 570 3.20 20.87 -10.17
CA PRO C 570 3.30 20.82 -8.70
C PRO C 570 2.79 22.07 -8.01
N PRO C 571 2.63 21.96 -6.66
CA PRO C 571 2.42 23.16 -5.86
C PRO C 571 3.60 24.07 -5.95
N ARG C 572 3.40 25.36 -5.75
CA ARG C 572 4.47 26.26 -5.38
C ARG C 572 5.14 25.79 -4.13
N MET C 573 6.45 25.74 -4.14
CA MET C 573 7.24 25.29 -2.99
C MET C 573 8.32 26.36 -2.68
N SER C 574 8.40 26.76 -1.43
CA SER C 574 9.33 27.79 -1.01
C SER C 574 10.05 27.46 0.25
N ARG C 575 11.35 27.16 0.14
CA ARG C 575 12.23 27.08 1.28
C ARG C 575 11.84 26.02 2.32
N ASN C 576 11.38 24.87 1.81
CA ASN C 576 11.15 23.72 2.67
C ASN C 576 12.45 22.99 2.93
N LEU C 577 12.50 22.23 4.02
CA LEU C 577 13.63 21.33 4.35
C LEU C 577 13.33 19.91 3.95
N LEU C 578 14.20 19.33 3.09
CA LEU C 578 14.02 17.94 2.70
C LEU C 578 15.14 17.01 3.19
N ASP C 579 16.34 17.54 3.35
CA ASP C 579 17.47 16.77 3.85
C ASP C 579 18.17 17.53 4.99
N ASP C 580 18.88 16.80 5.83
CA ASP C 580 19.59 17.34 6.98
C ASP C 580 21.11 17.27 6.92
N THR C 581 21.61 16.64 5.88
CA THR C 581 23.02 16.39 5.69
C THR C 581 23.37 16.76 4.24
N GLY C 582 24.59 17.26 4.00
CA GLY C 582 24.95 17.65 2.61
C GLY C 582 24.03 18.76 2.06
N ILE C 583 23.71 19.73 2.92
CA ILE C 583 22.72 20.74 2.52
C ILE C 583 23.25 22.17 2.67
N ARG C 584 24.50 22.36 3.09
CA ARG C 584 25.11 23.71 3.06
C ARG C 584 26.59 23.48 2.92
N GLY C 585 27.25 24.32 2.12
CA GLY C 585 28.70 24.29 2.01
C GLY C 585 29.23 25.51 1.24
N VAL C 586 30.50 25.46 0.87
CA VAL C 586 31.15 26.51 0.05
C VAL C 586 31.87 25.76 -1.06
N ALA C 587 31.64 26.20 -2.30
CA ALA C 587 32.33 25.70 -3.44
C ALA C 587 33.26 26.78 -4.01
N THR C 588 34.37 26.38 -4.59
CA THR C 588 35.28 27.35 -5.21
C THR C 588 35.27 27.04 -6.72
N LEU C 589 34.80 27.99 -7.53
CA LEU C 589 34.77 27.81 -8.95
C LEU C 589 36.18 27.76 -9.53
N VAL C 590 36.32 26.97 -10.57
CA VAL C 590 37.55 26.86 -11.36
C VAL C 590 37.09 26.95 -12.81
N ALA C 591 37.62 27.91 -13.56
CA ALA C 591 37.20 28.11 -14.95
C ALA C 591 35.68 28.21 -15.05
N GLY C 592 35.10 28.97 -14.12
CA GLY C 592 33.67 29.22 -14.14
C GLY C 592 32.73 28.10 -13.71
N GLU C 593 33.25 27.06 -13.09
CA GLU C 593 32.42 25.92 -12.64
C GLU C 593 32.92 25.19 -11.40
N ALA C 594 31.98 24.63 -10.62
CA ALA C 594 32.36 23.69 -9.55
C ALA C 594 31.33 22.58 -9.50
N THR C 595 31.80 21.34 -9.34
CA THR C 595 30.96 20.17 -9.01
C THR C 595 30.87 20.05 -7.50
N VAL C 596 29.64 20.04 -6.98
CA VAL C 596 29.37 20.06 -5.54
C VAL C 596 28.65 18.78 -5.18
N ASN C 597 29.24 17.96 -4.31
CA ASN C 597 28.51 16.79 -3.79
C ASN C 597 27.61 17.30 -2.66
N ALA C 598 26.34 16.97 -2.78
CA ALA C 598 25.32 17.49 -1.88
C ALA C 598 24.06 16.66 -2.03
N ARG C 599 23.16 16.70 -1.05
CA ARG C 599 21.88 16.03 -1.17
C ARG C 599 20.89 16.97 -1.90
N VAL C 600 21.27 17.37 -3.11
CA VAL C 600 20.39 17.89 -4.13
C VAL C 600 19.48 16.75 -4.62
N ARG C 601 18.26 17.12 -5.00
CA ARG C 601 17.22 16.18 -5.32
C ARG C 601 16.36 16.67 -6.46
N GLY C 602 15.76 15.74 -7.19
CA GLY C 602 14.74 16.09 -8.13
C GLY C 602 14.20 14.90 -8.85
N ASN C 603 13.08 15.12 -9.51
CA ASN C 603 12.53 14.13 -10.43
C ASN C 603 12.30 14.84 -11.76
N PHE C 604 12.81 14.25 -12.84
CA PHE C 604 12.74 14.86 -14.16
C PHE C 604 11.95 13.99 -15.12
N GLY C 605 11.34 12.92 -14.60
CA GLY C 605 10.50 12.03 -15.39
C GLY C 605 9.10 12.57 -15.65
N SER C 606 8.33 11.80 -16.41
CA SER C 606 7.02 12.18 -16.88
C SER C 606 5.89 11.30 -16.35
N VAL C 607 6.19 10.40 -15.41
CA VAL C 607 5.16 9.45 -14.92
C VAL C 607 3.96 10.24 -14.39
N ALA C 608 2.77 9.88 -14.79
CA ALA C 608 1.57 10.69 -14.49
C ALA C 608 1.39 10.92 -13.01
N ASN C 609 1.55 9.92 -12.19
CA ASN C 609 1.40 10.06 -10.73
C ASN C 609 2.74 10.43 -10.11
N SER C 610 3.31 11.56 -10.58
CA SER C 610 4.53 12.09 -10.04
C SER C 610 4.61 13.57 -10.39
N PHE C 611 5.42 14.30 -9.64
CA PHE C 611 5.75 15.68 -10.02
C PHE C 611 7.15 15.72 -10.66
N LYS C 612 7.33 16.69 -11.54
CA LYS C 612 8.66 17.05 -12.03
C LYS C 612 9.10 18.29 -11.21
N TRP C 613 10.26 18.22 -10.59
CA TRP C 613 10.72 19.22 -9.65
C TRP C 613 12.21 19.05 -9.34
N VAL C 614 12.81 20.11 -8.75
CA VAL C 614 14.20 20.02 -8.32
C VAL C 614 14.37 20.91 -7.12
N SER C 615 15.38 20.64 -6.31
CA SER C 615 15.77 21.47 -5.20
C SER C 615 15.92 22.94 -5.60
N GLU C 616 15.58 23.82 -4.69
CA GLU C 616 15.99 25.26 -4.75
C GLU C 616 17.33 25.33 -4.07
N VAL C 617 18.36 25.70 -4.85
CA VAL C 617 19.69 25.85 -4.28
C VAL C 617 20.00 27.34 -4.25
N LYS C 618 20.07 27.88 -3.02
CA LYS C 618 20.34 29.30 -2.80
C LYS C 618 21.85 29.44 -2.91
N LEU C 619 22.29 30.40 -3.73
CA LEU C 619 23.72 30.62 -4.02
C LEU C 619 24.07 32.06 -3.60
N THR C 620 25.15 32.22 -2.84
CA THR C 620 25.61 33.56 -2.39
C THR C 620 27.15 33.60 -2.56
N ARG C 621 27.63 34.68 -3.20
CA ARG C 621 29.05 34.81 -3.49
C ARG C 621 29.78 35.28 -2.23
N LEU C 622 30.88 34.61 -1.93
CA LEU C 622 31.71 34.96 -0.76
C LEU C 622 33.10 35.56 -1.08
N THR C 623 33.56 35.43 -2.32
CA THR C 623 34.75 36.16 -2.82
C THR C 623 34.40 36.84 -4.12
N PHE C 624 35.15 37.91 -4.47
CA PHE C 624 34.70 38.87 -5.43
C PHE C 624 35.77 39.14 -6.51
N PRO C 625 36.13 38.12 -7.23
CA PRO C 625 37.09 38.30 -8.32
C PRO C 625 36.54 39.15 -9.44
N SER C 626 37.44 39.76 -10.22
CA SER C 626 37.04 40.57 -11.35
C SER C 626 36.23 39.75 -12.35
N SER C 627 36.38 38.40 -12.28
CA SER C 627 35.70 37.50 -13.23
C SER C 627 34.36 37.00 -12.73
N ALA C 628 33.80 37.68 -11.73
CA ALA C 628 32.51 37.32 -11.20
C ALA C 628 31.42 37.44 -12.26
N GLY C 629 30.70 36.31 -12.48
CA GLY C 629 29.57 36.30 -13.43
C GLY C 629 28.27 35.86 -12.72
N ALA C 630 27.16 35.87 -13.46
CA ALA C 630 25.88 35.40 -12.92
C ALA C 630 25.94 33.85 -12.76
N LEU C 631 25.37 33.35 -11.67
CA LEU C 631 25.48 31.95 -11.28
C LEU C 631 24.20 31.17 -11.52
N THR C 632 24.37 29.88 -11.75
CA THR C 632 23.28 29.01 -12.01
C THR C 632 23.63 27.56 -11.59
N VAL C 633 22.59 26.76 -11.35
CA VAL C 633 22.74 25.33 -11.06
C VAL C 633 22.39 24.54 -12.28
N THR C 634 23.26 23.56 -12.61
CA THR C 634 22.95 22.64 -13.65
C THR C 634 23.50 21.27 -13.26
N SER C 635 23.45 20.33 -14.20
CA SER C 635 23.99 18.97 -14.04
C SER C 635 23.67 18.28 -12.71
N VAL C 636 22.40 18.26 -12.33
CA VAL C 636 21.99 17.59 -11.12
C VAL C 636 22.06 16.08 -11.40
N ALA C 637 22.85 15.40 -10.57
CA ALA C 637 23.15 13.96 -10.73
C ALA C 637 22.80 13.27 -9.42
N GLN C 638 22.06 12.15 -9.51
CA GLN C 638 21.59 11.49 -8.31
C GLN C 638 21.94 10.05 -8.37
N ASN C 639 22.54 9.56 -7.30
CA ASN C 639 22.94 8.15 -7.23
C ASN C 639 21.70 7.27 -7.22
N GLN C 640 21.77 6.15 -7.93
CA GLN C 640 20.64 5.20 -8.04
C GLN C 640 21.18 3.79 -7.76
N ASP C 641 21.90 3.64 -6.66
CA ASP C 641 22.41 2.30 -6.28
C ASP C 641 21.27 1.40 -5.82
N VAL C 642 21.35 0.12 -6.14
CA VAL C 642 20.31 -0.85 -5.78
C VAL C 642 20.86 -1.77 -4.68
N PRO C 643 20.03 -2.11 -3.67
CA PRO C 643 18.66 -1.67 -3.42
C PRO C 643 18.57 -0.33 -2.68
N THR C 644 19.70 0.15 -2.15
CA THR C 644 19.71 1.42 -1.38
C THR C 644 20.56 2.49 -2.05
N PRO C 645 19.92 3.57 -2.52
CA PRO C 645 20.68 4.68 -3.09
C PRO C 645 21.50 5.40 -2.03
N ASN C 646 22.63 5.98 -2.46
CA ASN C 646 23.47 6.74 -1.54
C ASN C 646 23.45 8.20 -1.91
N PRO C 647 22.70 8.98 -1.13
CA PRO C 647 22.54 10.39 -1.55
C PRO C 647 23.75 11.25 -1.22
N ASP C 648 24.71 10.70 -0.48
CA ASP C 648 25.99 11.38 -0.27
C ASP C 648 26.82 11.38 -1.55
N LEU C 649 26.37 10.66 -2.57
CA LEU C 649 27.00 10.68 -3.91
C LEU C 649 26.23 11.50 -4.94
N ASN C 650 25.15 12.16 -4.51
CA ASN C 650 24.47 13.08 -5.40
C ASN C 650 25.36 14.35 -5.61
N SER C 651 25.12 15.05 -6.70
CA SER C 651 25.90 16.27 -7.02
C SER C 651 25.15 17.23 -7.91
N PHE C 652 25.59 18.50 -7.86
CA PHE C 652 25.18 19.48 -8.88
C PHE C 652 26.41 20.29 -9.31
N VAL C 653 26.25 21.02 -10.38
CA VAL C 653 27.31 21.93 -10.82
C VAL C 653 26.85 23.38 -10.66
N ILE C 654 27.72 24.20 -10.04
CA ILE C 654 27.54 25.68 -10.09
C ILE C 654 28.29 26.16 -11.32
N ARG C 655 27.58 26.82 -12.25
CA ARG C 655 28.17 27.38 -13.44
C ARG C 655 28.01 28.91 -13.46
N SER C 656 29.06 29.61 -13.89
CA SER C 656 29.01 31.08 -14.04
C SER C 656 28.85 31.50 -15.47
N SER C 657 28.31 32.69 -15.68
CA SER C 657 28.26 33.30 -17.05
C SER C 657 29.66 33.71 -17.52
N ASN C 658 30.57 33.87 -16.57
CA ASN C 658 31.94 34.19 -16.90
C ASN C 658 32.82 32.94 -16.84
N ALA C 659 33.42 32.55 -17.98
CA ALA C 659 34.23 31.35 -17.99
C ALA C 659 35.54 31.43 -17.18
N ALA C 660 35.90 32.63 -16.71
CA ALA C 660 37.07 32.76 -15.84
C ALA C 660 36.74 32.81 -14.38
N ASP C 661 35.45 32.74 -14.04
CA ASP C 661 35.01 32.95 -12.64
C ASP C 661 35.69 31.95 -11.71
N VAL C 662 36.24 32.46 -10.61
CA VAL C 662 36.87 31.67 -9.56
C VAL C 662 36.30 31.95 -8.18
N SER C 663 35.09 32.47 -8.17
CA SER C 663 34.39 32.85 -6.92
C SER C 663 34.26 31.65 -5.97
N GLN C 664 34.38 31.93 -4.67
CA GLN C 664 33.87 31.03 -3.64
C GLN C 664 32.37 31.31 -3.55
N VAL C 665 31.59 30.24 -3.56
CA VAL C 665 30.13 30.39 -3.53
C VAL C 665 29.56 29.54 -2.45
N ALA C 666 28.84 30.18 -1.56
CA ALA C 666 28.01 29.49 -0.54
C ALA C 666 26.79 28.88 -1.21
N TRP C 667 26.50 27.60 -0.89
CA TRP C 667 25.32 26.94 -1.43
C TRP C 667 24.48 26.34 -0.28
N GLU C 668 23.17 26.42 -0.43
CA GLU C 668 22.18 25.95 0.60
C GLU C 668 21.08 25.22 -0.19
N VAL C 669 20.76 23.96 0.23
CA VAL C 669 19.79 23.17 -0.49
C VAL C 669 18.42 23.14 0.25
N TYR C 670 17.41 23.62 -0.44
CA TYR C 670 16.05 23.63 0.05
C TYR C 670 15.15 22.82 -0.93
N LEU C 671 13.91 22.65 -0.57
CA LEU C 671 12.91 22.20 -1.51
C LEU C 671 11.96 23.39 -1.79
N LYS D 50 17.60 -24.63 -87.16
CA LYS D 50 18.12 -24.00 -85.92
C LYS D 50 17.76 -22.52 -85.88
N ILE D 51 17.08 -22.10 -84.81
CA ILE D 51 16.74 -20.68 -84.64
C ILE D 51 17.36 -20.18 -83.33
N THR D 52 17.89 -18.95 -83.39
CA THR D 52 18.46 -18.26 -82.21
C THR D 52 17.98 -16.83 -82.17
N LEU D 53 17.54 -16.40 -80.98
CA LEU D 53 17.18 -15.00 -80.71
C LEU D 53 18.21 -14.38 -79.78
N LEU D 54 18.90 -13.36 -80.27
CA LEU D 54 19.85 -12.56 -79.48
C LEU D 54 19.08 -11.59 -78.59
N GLY D 55 19.69 -11.24 -77.45
CA GLY D 55 18.93 -10.61 -76.35
C GLY D 55 19.54 -10.99 -74.99
N SER D 56 19.00 -10.52 -73.87
CA SER D 56 17.59 -10.04 -73.67
C SER D 56 16.71 -11.28 -73.33
N ALA D 57 15.40 -11.23 -73.61
CA ALA D 57 14.58 -12.41 -73.49
C ALA D 57 14.96 -13.52 -74.48
N GLY D 58 16.26 -13.63 -74.82
CA GLY D 58 16.71 -14.46 -75.92
C GLY D 58 16.94 -15.89 -75.60
N GLY D 59 17.35 -16.66 -76.61
CA GLY D 59 17.54 -18.11 -76.52
C GLY D 59 17.39 -18.81 -77.85
N ASP D 60 17.36 -20.15 -77.80
CA ASP D 60 17.20 -21.02 -78.97
C ASP D 60 15.72 -21.44 -79.09
N PHE D 61 15.26 -21.56 -80.34
CA PHE D 61 13.87 -21.81 -80.64
C PHE D 61 13.72 -22.92 -81.67
N THR D 62 12.60 -23.65 -81.62
CA THR D 62 12.27 -24.64 -82.64
C THR D 62 10.97 -24.22 -83.35
N PHE D 63 10.95 -24.43 -84.66
CA PHE D 63 9.75 -24.20 -85.45
C PHE D 63 8.93 -25.46 -85.38
N THR D 64 7.63 -25.30 -85.24
CA THR D 64 6.76 -26.45 -85.17
C THR D 64 5.46 -26.04 -85.80
N THR D 65 4.86 -27.03 -86.46
CA THR D 65 3.58 -26.86 -87.06
C THR D 65 2.45 -27.12 -86.07
N THR D 66 2.70 -28.03 -85.12
CA THR D 66 1.72 -28.52 -84.14
C THR D 66 1.08 -27.36 -83.37
N ALA D 67 -0.24 -27.38 -83.23
CA ALA D 67 -0.94 -26.27 -82.58
C ALA D 67 -0.42 -26.05 -81.16
N SER D 68 -0.20 -24.79 -80.80
CA SER D 68 0.49 -24.43 -79.55
C SER D 68 -0.20 -23.29 -78.88
N VAL D 69 0.07 -23.14 -77.58
CA VAL D 69 -0.58 -22.14 -76.82
C VAL D 69 0.40 -20.99 -76.69
N VAL D 70 0.09 -19.88 -77.36
CA VAL D 70 0.98 -18.71 -77.42
C VAL D 70 0.93 -18.00 -76.07
N ASP D 71 2.11 -17.76 -75.51
CA ASP D 71 2.23 -17.03 -74.26
C ASP D 71 3.25 -15.87 -74.36
N ASN D 72 3.87 -15.69 -75.52
CA ASN D 72 4.86 -14.66 -75.72
C ASN D 72 5.99 -14.72 -74.72
N GLY D 73 6.35 -15.94 -74.35
CA GLY D 73 7.52 -16.18 -73.54
C GLY D 73 8.16 -17.50 -73.85
N THR D 74 7.37 -18.57 -73.92
CA THR D 74 7.90 -19.89 -74.34
C THR D 74 7.37 -20.29 -75.70
N VAL D 75 6.25 -19.72 -76.11
CA VAL D 75 5.60 -20.01 -77.42
C VAL D 75 5.20 -18.67 -78.06
N PHE D 76 5.69 -18.45 -79.29
CA PHE D 76 5.38 -17.24 -80.06
C PHE D 76 4.72 -17.59 -81.40
N ALA D 77 3.74 -16.78 -81.79
CA ALA D 77 3.12 -16.89 -83.10
C ALA D 77 4.02 -16.22 -84.14
N VAL D 78 4.26 -16.91 -85.23
CA VAL D 78 5.05 -16.43 -86.37
C VAL D 78 4.24 -16.71 -87.65
N PRO D 79 4.51 -15.96 -88.75
CA PRO D 79 3.90 -16.37 -90.02
C PRO D 79 4.19 -17.84 -90.31
N GLY D 80 3.13 -18.62 -90.39
CA GLY D 80 3.28 -20.03 -90.71
C GLY D 80 3.04 -21.01 -89.58
N GLY D 81 3.28 -20.58 -88.33
CA GLY D 81 3.17 -21.52 -87.25
C GLY D 81 3.67 -20.94 -85.92
N TYR D 82 4.54 -21.71 -85.27
CA TYR D 82 4.99 -21.32 -83.92
C TYR D 82 6.47 -21.43 -83.72
N LEU D 83 7.00 -20.54 -82.82
CA LEU D 83 8.35 -20.70 -82.31
C LEU D 83 8.25 -21.13 -80.81
N LEU D 84 8.89 -22.25 -80.49
CA LEU D 84 8.99 -22.81 -79.15
C LEU D 84 10.39 -22.59 -78.60
N ARG D 85 10.48 -21.99 -77.40
CA ARG D 85 11.76 -21.82 -76.76
C ARG D 85 12.29 -23.19 -76.32
N LYS D 86 13.58 -23.44 -76.57
CA LYS D 86 14.30 -24.66 -76.13
C LYS D 86 14.92 -24.43 -74.75
N PHE D 87 14.47 -25.19 -73.78
CA PHE D 87 14.98 -25.11 -72.42
C PHE D 87 14.70 -26.36 -71.60
N VAL D 88 15.53 -26.58 -70.58
CA VAL D 88 15.27 -27.54 -69.50
C VAL D 88 15.24 -26.76 -68.23
N GLY D 89 14.59 -27.33 -67.23
CA GLY D 89 14.45 -26.64 -65.97
C GLY D 89 13.33 -25.62 -66.08
N PRO D 90 13.30 -24.67 -65.13
CA PRO D 90 12.19 -23.74 -65.10
C PRO D 90 12.17 -22.70 -66.21
N ALA D 91 11.00 -22.14 -66.44
CA ALA D 91 10.85 -20.91 -67.20
C ALA D 91 11.08 -19.72 -66.30
N TYR D 92 11.37 -18.56 -66.94
CA TYR D 92 11.63 -17.33 -66.22
C TYR D 92 10.68 -16.22 -66.68
N SER D 93 10.21 -15.39 -65.76
CA SER D 93 9.31 -14.33 -66.12
C SER D 93 9.97 -13.29 -67.08
N SER D 94 11.28 -13.20 -67.05
CA SER D 94 12.06 -12.32 -67.94
C SER D 94 11.93 -12.70 -69.40
N TRP D 95 11.51 -13.92 -69.64
CA TRP D 95 11.24 -14.37 -71.02
C TRP D 95 9.96 -13.84 -71.66
N PHE D 96 9.04 -13.34 -70.85
CA PHE D 96 7.70 -13.00 -71.26
C PHE D 96 7.51 -11.52 -71.57
N SER D 97 6.72 -11.27 -72.60
CA SER D 97 6.46 -9.91 -73.07
C SER D 97 5.58 -9.15 -72.11
N ASN D 98 4.70 -9.86 -71.38
CA ASN D 98 3.77 -9.15 -70.51
C ASN D 98 3.08 -10.09 -69.55
N TRP D 99 2.41 -9.48 -68.59
CA TRP D 99 1.66 -10.21 -67.60
C TRP D 99 0.67 -11.22 -68.20
N THR D 100 -0.01 -10.85 -69.27
CA THR D 100 -1.01 -11.73 -69.86
C THR D 100 -0.39 -13.06 -70.25
N GLY D 101 0.87 -13.03 -70.76
CA GLY D 101 1.55 -14.27 -71.09
C GLY D 101 1.89 -15.14 -69.88
N ILE D 102 2.22 -14.49 -68.76
CA ILE D 102 2.49 -15.19 -67.53
C ILE D 102 1.19 -15.96 -67.10
N VAL D 103 0.06 -15.27 -67.18
CA VAL D 103 -1.21 -15.86 -66.87
C VAL D 103 -1.53 -17.02 -67.77
N THR D 104 -1.27 -16.86 -69.06
CA THR D 104 -1.51 -17.95 -70.00
C THR D 104 -0.64 -19.15 -69.69
N PHE D 105 0.64 -18.91 -69.45
CA PHE D 105 1.54 -20.02 -69.14
C PHE D 105 1.06 -20.80 -67.92
N MET D 106 0.76 -20.10 -66.82
CA MET D 106 0.39 -20.76 -65.60
C MET D 106 -1.06 -21.34 -65.59
N SER D 107 -1.85 -21.08 -66.64
CA SER D 107 -3.21 -21.58 -66.70
C SER D 107 -3.23 -23.08 -66.97
N ALA D 108 -2.07 -23.61 -67.33
CA ALA D 108 -1.90 -25.05 -67.51
C ALA D 108 -1.19 -25.69 -66.33
N PRO D 109 -1.41 -26.99 -66.13
CA PRO D 109 -0.69 -27.70 -65.07
C PRO D 109 0.74 -27.98 -65.44
N ASN D 110 1.51 -28.50 -64.50
CA ASN D 110 2.88 -29.01 -64.78
C ASN D 110 3.85 -27.89 -65.15
N ARG D 111 3.70 -26.73 -64.51
CA ARG D 111 4.49 -25.56 -64.79
C ARG D 111 5.48 -25.26 -63.67
N HIS D 112 6.67 -24.87 -64.04
CA HIS D 112 7.61 -24.30 -63.08
C HIS D 112 8.06 -22.96 -63.61
N LEU D 113 7.70 -21.88 -62.94
CA LEU D 113 8.02 -20.52 -63.36
C LEU D 113 8.79 -19.85 -62.23
N VAL D 114 9.94 -19.30 -62.56
CA VAL D 114 10.71 -18.43 -61.66
C VAL D 114 10.39 -16.96 -62.00
N VAL D 115 9.88 -16.23 -61.01
CA VAL D 115 9.62 -14.80 -61.16
C VAL D 115 10.89 -14.05 -60.82
N ASP D 116 11.63 -13.63 -61.87
CA ASP D 116 12.86 -12.87 -61.72
C ASP D 116 12.73 -11.41 -62.14
N THR D 117 11.47 -10.93 -62.28
CA THR D 117 11.19 -9.56 -62.65
C THR D 117 10.03 -9.01 -61.80
N VAL D 118 9.84 -7.70 -61.85
CA VAL D 118 8.74 -7.09 -61.21
C VAL D 118 7.56 -7.09 -62.19
N LEU D 119 6.52 -7.85 -61.84
CA LEU D 119 5.33 -8.05 -62.65
C LEU D 119 4.22 -7.11 -62.23
N GLN D 120 3.55 -6.51 -63.21
CA GLN D 120 2.43 -5.67 -62.96
C GLN D 120 1.14 -6.37 -63.30
N ALA D 121 0.37 -6.74 -62.29
CA ALA D 121 -0.82 -7.54 -62.51
C ALA D 121 -1.95 -6.67 -63.04
N THR D 122 -2.70 -7.19 -63.99
CA THR D 122 -3.94 -6.60 -64.45
C THR D 122 -5.12 -7.59 -64.48
N SER D 123 -4.89 -8.77 -63.90
CA SER D 123 -5.84 -9.83 -63.81
C SER D 123 -5.36 -10.80 -62.73
N VAL D 124 -6.24 -11.73 -62.34
CA VAL D 124 -5.89 -12.80 -61.43
C VAL D 124 -4.95 -13.80 -62.11
N LEU D 125 -3.97 -14.25 -61.38
CA LEU D 125 -3.09 -15.31 -61.81
C LEU D 125 -3.54 -16.65 -61.23
N ASN D 126 -4.04 -17.54 -62.07
CA ASN D 126 -4.41 -18.90 -61.64
C ASN D 126 -3.23 -19.85 -61.76
N ILE D 127 -3.11 -20.73 -60.77
CA ILE D 127 -2.09 -21.75 -60.75
C ILE D 127 -2.84 -23.07 -60.75
N LYS D 128 -2.32 -24.06 -61.50
CA LYS D 128 -2.92 -25.37 -61.64
C LYS D 128 -2.01 -26.45 -61.07
N SER D 129 -2.43 -27.72 -61.19
CA SER D 129 -1.74 -28.78 -60.48
C SER D 129 -0.30 -28.98 -60.86
N ASN D 130 0.45 -29.55 -59.94
CA ASN D 130 1.82 -29.94 -60.22
C ASN D 130 2.67 -28.82 -60.75
N SER D 131 2.55 -27.67 -60.10
CA SER D 131 3.20 -26.44 -60.51
C SER D 131 3.90 -25.74 -59.36
N THR D 132 4.98 -25.05 -59.68
CA THR D 132 5.78 -24.28 -58.74
C THR D 132 5.94 -22.86 -59.29
N LEU D 133 5.64 -21.87 -58.44
CA LEU D 133 5.92 -20.52 -58.72
C LEU D 133 6.93 -20.04 -57.71
N GLU D 134 8.14 -19.71 -58.16
CA GLU D 134 9.25 -19.41 -57.31
C GLU D 134 9.72 -17.96 -57.56
N PHE D 135 9.94 -17.16 -56.54
CA PHE D 135 10.37 -15.79 -56.72
C PHE D 135 11.84 -15.64 -56.35
N THR D 136 12.59 -14.94 -57.18
CA THR D 136 13.97 -14.59 -56.86
C THR D 136 13.95 -13.36 -55.97
N ASP D 137 15.15 -12.97 -55.59
CA ASP D 137 15.37 -11.76 -54.84
C ASP D 137 14.77 -10.54 -55.55
N THR D 138 14.72 -10.61 -56.88
CA THR D 138 14.25 -9.43 -57.68
C THR D 138 12.69 -9.47 -57.89
N GLY D 139 12.13 -10.67 -57.88
CA GLY D 139 10.77 -10.87 -58.35
C GLY D 139 9.67 -10.35 -57.43
N ARG D 140 8.63 -9.86 -58.04
CA ARG D 140 7.52 -9.32 -57.34
C ARG D 140 6.27 -9.35 -58.21
N ILE D 141 5.10 -9.44 -57.57
CA ILE D 141 3.87 -9.16 -58.24
C ILE D 141 3.27 -7.94 -57.63
N LEU D 142 3.14 -6.88 -58.42
CA LEU D 142 2.45 -5.64 -57.99
C LEU D 142 1.00 -5.73 -58.44
N PRO D 143 0.07 -5.64 -57.51
CA PRO D 143 -1.31 -5.68 -57.88
C PRO D 143 -1.76 -4.45 -58.71
N ASP D 144 -2.90 -4.58 -59.33
CA ASP D 144 -3.48 -3.48 -60.14
C ASP D 144 -4.02 -2.38 -59.25
N ALA D 145 -3.54 -1.16 -59.46
CA ALA D 145 -4.08 -0.03 -58.72
C ALA D 145 -5.46 0.41 -59.19
N ALA D 146 -5.86 0.03 -60.42
CA ALA D 146 -7.15 0.45 -60.97
C ALA D 146 -8.34 -0.26 -60.34
N VAL D 147 -8.16 -1.56 -59.96
CA VAL D 147 -9.24 -2.37 -59.42
C VAL D 147 -8.64 -3.33 -58.40
N ALA D 148 -9.22 -3.34 -57.19
CA ALA D 148 -8.86 -4.31 -56.20
C ALA D 148 -9.41 -5.68 -56.62
N ARG D 149 -8.49 -6.64 -56.77
CA ARG D 149 -8.86 -8.00 -57.13
C ARG D 149 -7.93 -9.00 -56.44
N GLN D 150 -8.20 -10.27 -56.65
CA GLN D 150 -7.40 -11.28 -56.08
C GLN D 150 -6.11 -11.40 -56.88
N VAL D 151 -5.02 -11.83 -56.22
CA VAL D 151 -3.75 -11.89 -56.90
C VAL D 151 -3.47 -13.30 -57.43
N LEU D 152 -3.33 -14.27 -56.54
CA LEU D 152 -3.13 -15.67 -56.91
C LEU D 152 -4.35 -16.47 -56.58
N ASN D 153 -4.79 -17.35 -57.50
CA ASN D 153 -5.92 -18.24 -57.24
C ASN D 153 -5.42 -19.68 -57.51
N ILE D 154 -5.75 -20.57 -56.61
CA ILE D 154 -5.49 -22.01 -56.69
C ILE D 154 -6.86 -22.66 -56.44
N THR D 155 -7.58 -22.98 -57.50
CA THR D 155 -9.05 -23.13 -57.43
C THR D 155 -9.51 -24.39 -58.09
N GLY D 156 -9.93 -25.35 -57.27
CA GLY D 156 -10.68 -26.51 -57.76
C GLY D 156 -12.17 -26.18 -57.59
N SER D 157 -12.99 -27.22 -57.51
CA SER D 157 -14.42 -27.08 -57.35
C SER D 157 -15.07 -28.26 -56.70
N ALA D 158 -16.18 -27.98 -55.99
CA ALA D 158 -16.98 -28.99 -55.35
C ALA D 158 -17.64 -29.87 -56.40
N PRO D 159 -18.05 -31.09 -55.98
CA PRO D 159 -18.79 -31.95 -56.90
C PRO D 159 -20.10 -31.28 -57.27
N SER D 160 -20.55 -31.55 -58.47
CA SER D 160 -21.88 -31.09 -58.90
C SER D 160 -23.00 -31.95 -58.36
N VAL D 161 -22.77 -33.25 -58.33
CA VAL D 161 -23.74 -34.23 -57.89
C VAL D 161 -23.02 -35.25 -56.99
N PHE D 162 -23.83 -35.93 -56.20
CA PHE D 162 -23.38 -36.89 -55.22
C PHE D 162 -24.08 -38.22 -55.40
N VAL D 163 -23.42 -39.28 -54.92
CA VAL D 163 -24.04 -40.62 -54.83
C VAL D 163 -24.16 -41.02 -53.34
N PRO D 164 -25.25 -41.69 -52.97
CA PRO D 164 -25.39 -42.03 -51.57
C PRO D 164 -24.42 -43.14 -51.19
N LEU D 165 -23.94 -43.11 -49.95
CA LEU D 165 -23.25 -44.28 -49.43
C LEU D 165 -24.22 -45.46 -49.44
N ALA D 166 -23.66 -46.65 -49.66
CA ALA D 166 -24.45 -47.87 -49.65
C ALA D 166 -24.75 -48.37 -48.23
N ALA D 167 -23.94 -47.90 -47.25
CA ALA D 167 -24.10 -48.32 -45.88
C ALA D 167 -23.46 -47.26 -45.00
N ASP D 168 -23.93 -47.20 -43.76
CA ASP D 168 -23.35 -46.33 -42.78
C ASP D 168 -21.85 -46.51 -42.69
N ALA D 169 -21.12 -45.41 -42.52
CA ALA D 169 -19.70 -45.45 -42.33
C ALA D 169 -19.34 -44.66 -41.08
N ALA D 170 -19.03 -45.38 -40.02
CA ALA D 170 -18.83 -44.75 -38.71
C ALA D 170 -17.51 -44.04 -38.69
N ALA D 171 -17.31 -43.12 -37.73
CA ALA D 171 -16.02 -42.51 -37.57
C ALA D 171 -14.96 -43.57 -37.38
N GLY D 172 -13.80 -43.39 -38.01
CA GLY D 172 -12.78 -44.42 -38.04
C GLY D 172 -12.80 -45.34 -39.25
N SER D 173 -13.79 -45.24 -40.08
CA SER D 173 -13.90 -46.11 -41.29
C SER D 173 -12.74 -45.86 -42.21
N LYS D 174 -12.16 -46.96 -42.69
CA LYS D 174 -11.09 -46.91 -43.65
C LYS D 174 -11.62 -47.03 -45.09
N VAL D 175 -12.85 -47.49 -45.22
CA VAL D 175 -13.47 -47.85 -46.52
C VAL D 175 -14.87 -47.28 -46.51
N ILE D 176 -15.31 -46.76 -47.64
CA ILE D 176 -16.71 -46.41 -47.81
C ILE D 176 -17.24 -47.25 -48.95
N THR D 177 -18.54 -47.40 -49.02
CA THR D 177 -19.13 -48.23 -50.03
C THR D 177 -20.20 -47.45 -50.80
N VAL D 178 -20.28 -47.74 -52.11
CA VAL D 178 -21.32 -47.20 -52.98
C VAL D 178 -21.77 -48.31 -53.90
N ALA D 179 -22.91 -48.12 -54.53
CA ALA D 179 -23.37 -49.08 -55.53
C ALA D 179 -22.32 -49.20 -56.63
N ALA D 180 -22.10 -50.42 -57.13
CA ALA D 180 -21.11 -50.63 -58.17
C ALA D 180 -21.48 -49.73 -59.40
N GLY D 181 -20.45 -49.14 -60.02
CA GLY D 181 -20.69 -48.30 -61.13
C GLY D 181 -21.21 -46.91 -60.83
N ALA D 182 -21.53 -46.57 -59.56
CA ALA D 182 -22.19 -45.29 -59.26
C ALA D 182 -21.26 -44.13 -59.47
N LEU D 183 -19.96 -44.36 -59.27
CA LEU D 183 -18.99 -43.40 -59.71
C LEU D 183 -17.67 -44.11 -59.98
N SER D 184 -16.82 -43.42 -60.75
CA SER D 184 -15.54 -43.98 -61.10
C SER D 184 -14.63 -43.46 -60.01
N ALA D 185 -13.98 -44.40 -59.34
CA ALA D 185 -13.11 -44.10 -58.25
C ALA D 185 -11.70 -44.37 -58.69
N VAL D 186 -11.01 -43.35 -59.12
CA VAL D 186 -9.68 -43.53 -59.69
C VAL D 186 -8.65 -43.37 -58.60
N LYS D 187 -7.75 -44.35 -58.46
CA LYS D 187 -6.77 -44.30 -57.40
C LYS D 187 -5.90 -43.06 -57.57
N GLY D 188 -5.66 -42.39 -56.46
CA GLY D 188 -4.91 -41.16 -56.45
C GLY D 188 -5.69 -39.90 -56.65
N THR D 189 -6.99 -40.06 -56.93
CA THR D 189 -7.90 -38.89 -57.03
C THR D 189 -8.69 -38.77 -55.73
N TYR D 190 -9.56 -37.73 -55.68
CA TYR D 190 -10.18 -37.35 -54.46
C TYR D 190 -11.69 -37.54 -54.45
N LEU D 191 -12.24 -37.58 -53.24
CA LEU D 191 -13.66 -37.65 -52.99
C LEU D 191 -14.00 -36.62 -51.95
N TYR D 192 -15.25 -36.17 -52.00
CA TYR D 192 -15.76 -35.22 -51.06
C TYR D 192 -17.04 -35.84 -50.48
N LEU D 193 -17.05 -36.04 -49.17
CA LEU D 193 -18.15 -36.69 -48.44
C LEU D 193 -18.86 -35.67 -47.67
N ARG D 194 -20.15 -35.82 -47.53
CA ARG D 194 -20.94 -34.89 -46.70
C ARG D 194 -22.18 -35.57 -46.19
N SER D 195 -22.77 -34.99 -45.16
CA SER D 195 -24.09 -35.39 -44.71
C SER D 195 -24.80 -34.20 -44.06
N ASN D 196 -26.00 -34.43 -43.59
CA ASN D 196 -26.75 -33.39 -42.87
C ASN D 196 -26.38 -33.30 -41.41
N LYS D 197 -25.48 -34.18 -40.94
CA LYS D 197 -24.98 -34.08 -39.58
C LYS D 197 -24.31 -32.71 -39.40
N LEU D 198 -24.50 -32.11 -38.21
CA LEU D 198 -23.92 -30.80 -37.94
C LEU D 198 -22.45 -30.95 -37.50
N CYS D 199 -21.62 -29.99 -37.91
CA CYS D 199 -20.24 -29.90 -37.44
C CYS D 199 -20.28 -29.86 -35.91
N ASP D 200 -19.33 -30.56 -35.29
CA ASP D 200 -19.35 -30.83 -33.84
C ASP D 200 -18.14 -30.35 -33.06
N GLY D 201 -17.24 -29.58 -33.69
CA GLY D 201 -16.07 -29.08 -32.98
C GLY D 201 -16.38 -28.03 -31.95
N GLY D 202 -17.46 -27.26 -32.18
CA GLY D 202 -17.79 -26.13 -31.35
C GLY D 202 -19.27 -25.87 -31.40
N PRO D 203 -19.67 -24.76 -30.76
CA PRO D 203 -21.10 -24.40 -30.70
C PRO D 203 -21.84 -24.37 -32.05
N ASN D 204 -21.14 -24.01 -33.13
CA ASN D 204 -21.72 -24.11 -34.47
C ASN D 204 -23.12 -23.42 -34.56
N THR D 205 -23.13 -22.13 -34.24
CA THR D 205 -24.37 -21.38 -34.24
C THR D 205 -25.03 -21.22 -35.61
N TYR D 206 -24.23 -21.33 -36.69
CA TYR D 206 -24.77 -21.30 -38.04
C TYR D 206 -25.30 -22.66 -38.52
N GLY D 207 -25.01 -23.73 -37.81
CA GLY D 207 -25.45 -25.08 -38.23
C GLY D 207 -24.81 -25.51 -39.50
N VAL D 208 -23.51 -25.30 -39.60
CA VAL D 208 -22.73 -25.79 -40.72
C VAL D 208 -22.72 -27.34 -40.61
N LYS D 209 -22.83 -28.00 -41.76
CA LYS D 209 -22.92 -29.46 -41.85
C LYS D 209 -21.56 -30.06 -42.17
N ILE D 210 -21.44 -31.35 -41.95
CA ILE D 210 -20.14 -32.00 -42.07
C ILE D 210 -19.71 -32.28 -43.51
N SER D 211 -18.40 -32.19 -43.77
CA SER D 211 -17.82 -32.62 -45.00
C SER D 211 -16.37 -32.96 -44.74
N GLN D 212 -15.80 -33.82 -45.62
CA GLN D 212 -14.38 -34.11 -45.61
C GLN D 212 -13.95 -34.43 -47.04
N ILE D 213 -12.67 -34.18 -47.30
CA ILE D 213 -12.03 -34.52 -48.55
C ILE D 213 -11.09 -35.68 -48.24
N ARG D 214 -11.12 -36.69 -49.09
CA ARG D 214 -10.25 -37.88 -48.96
C ARG D 214 -9.72 -38.32 -50.26
N LYS D 215 -8.58 -39.03 -50.24
CA LYS D 215 -7.97 -39.54 -51.45
C LYS D 215 -8.26 -41.05 -51.57
N VAL D 216 -8.52 -41.49 -52.80
CA VAL D 216 -8.75 -42.89 -53.07
C VAL D 216 -7.42 -43.61 -53.17
N VAL D 217 -7.26 -44.68 -52.36
CA VAL D 217 -6.01 -45.45 -52.42
C VAL D 217 -6.24 -46.90 -52.78
N GLY D 218 -7.45 -47.36 -52.76
CA GLY D 218 -7.76 -48.77 -53.21
C GLY D 218 -9.21 -48.88 -53.59
N VAL D 219 -9.50 -49.85 -54.41
CA VAL D 219 -10.88 -50.06 -54.89
C VAL D 219 -11.07 -51.57 -55.10
N SER D 220 -12.18 -52.07 -54.60
CA SER D 220 -12.59 -53.45 -54.83
C SER D 220 -14.07 -53.42 -55.12
N THR D 221 -14.50 -54.14 -56.15
CA THR D 221 -15.94 -54.26 -56.42
C THR D 221 -16.38 -55.73 -56.42
N SER D 222 -17.41 -56.04 -55.62
CA SER D 222 -17.99 -57.34 -55.66
C SER D 222 -19.38 -57.26 -55.03
N GLY D 223 -20.25 -58.22 -55.37
CA GLY D 223 -21.59 -58.24 -54.82
C GLY D 223 -22.45 -57.04 -55.20
N GLY D 224 -22.09 -56.34 -56.26
CA GLY D 224 -22.79 -55.13 -56.65
C GLY D 224 -22.47 -53.89 -55.82
N VAL D 225 -21.39 -53.94 -55.06
CA VAL D 225 -20.93 -52.82 -54.24
C VAL D 225 -19.48 -52.52 -54.55
N THR D 226 -19.15 -51.23 -54.65
CA THR D 226 -17.76 -50.81 -54.80
C THR D 226 -17.29 -50.30 -53.43
N SER D 227 -16.18 -50.88 -52.94
CA SER D 227 -15.57 -50.49 -51.68
C SER D 227 -14.35 -49.68 -51.98
N ILE D 228 -14.31 -48.45 -51.48
CA ILE D 228 -13.31 -47.52 -51.78
C ILE D 228 -12.51 -47.26 -50.53
N ARG D 229 -11.23 -47.64 -50.57
CA ARG D 229 -10.32 -47.45 -49.49
C ARG D 229 -9.75 -46.03 -49.56
N LEU D 230 -9.71 -45.37 -48.40
CA LEU D 230 -9.35 -43.96 -48.27
C LEU D 230 -7.93 -43.82 -47.70
N ASP D 231 -7.27 -42.72 -47.97
CA ASP D 231 -5.95 -42.44 -47.42
C ASP D 231 -6.04 -42.32 -45.92
N LYS D 232 -7.05 -41.58 -45.47
CA LYS D 232 -7.23 -41.25 -44.07
C LYS D 232 -8.63 -41.67 -43.67
N THR D 233 -8.82 -42.02 -42.40
CA THR D 233 -10.11 -42.49 -41.90
C THR D 233 -11.08 -41.35 -41.73
N LEU D 234 -12.34 -41.70 -41.62
CA LEU D 234 -13.40 -40.68 -41.48
C LEU D 234 -13.42 -40.19 -40.02
N HIS D 235 -13.74 -38.90 -39.83
CA HIS D 235 -13.69 -38.32 -38.49
C HIS D 235 -15.08 -37.95 -37.97
N TYR D 236 -16.10 -38.36 -38.69
CA TYR D 236 -17.47 -38.30 -38.25
C TYR D 236 -18.14 -39.60 -38.59
N ASN D 237 -19.29 -39.85 -37.97
CA ASN D 237 -20.20 -40.88 -38.46
C ASN D 237 -20.95 -40.34 -39.68
N TYR D 238 -20.87 -41.08 -40.78
CA TYR D 238 -21.58 -40.78 -42.02
C TYR D 238 -22.70 -41.78 -42.18
N TYR D 239 -23.90 -41.34 -41.83
CA TYR D 239 -25.06 -42.22 -41.74
C TYR D 239 -26.08 -41.95 -42.86
N LEU D 240 -26.68 -43.03 -43.35
CA LEU D 240 -27.72 -42.95 -44.33
C LEU D 240 -28.89 -42.12 -43.88
N SER D 241 -29.14 -42.14 -42.56
CA SER D 241 -30.26 -41.40 -42.02
C SER D 241 -29.96 -39.89 -42.01
N ASP D 242 -28.70 -39.53 -42.20
CA ASP D 242 -28.29 -38.12 -42.39
C ASP D 242 -28.02 -37.79 -43.90
N ALA D 243 -28.50 -38.66 -44.77
CA ALA D 243 -28.25 -38.51 -46.19
C ALA D 243 -26.78 -38.49 -46.58
N ALA D 244 -25.95 -39.34 -45.94
CA ALA D 244 -24.53 -39.37 -46.24
C ALA D 244 -24.33 -39.68 -47.71
N GLU D 245 -23.44 -38.94 -48.32
CA GLU D 245 -23.20 -39.09 -49.76
C GLU D 245 -21.81 -38.60 -50.13
N VAL D 246 -21.40 -38.91 -51.34
CA VAL D 246 -20.05 -38.67 -51.78
C VAL D 246 -20.03 -38.27 -53.26
N GLY D 247 -19.18 -37.30 -53.58
CA GLY D 247 -18.97 -36.86 -54.96
C GLY D 247 -17.49 -36.66 -55.27
N ILE D 248 -17.22 -36.44 -56.55
CA ILE D 248 -15.90 -36.25 -57.06
C ILE D 248 -15.65 -34.72 -57.25
N PRO D 249 -14.86 -34.13 -56.34
CA PRO D 249 -14.49 -32.73 -56.54
C PRO D 249 -13.41 -32.63 -57.62
N THR D 250 -13.22 -31.43 -58.17
CA THR D 250 -12.02 -31.15 -58.97
C THR D 250 -11.04 -30.47 -58.04
N MET D 251 -9.90 -31.09 -57.79
CA MET D 251 -8.89 -30.58 -56.92
C MET D 251 -7.74 -29.98 -57.76
N VAL D 252 -7.07 -28.97 -57.24
CA VAL D 252 -5.78 -28.55 -57.72
C VAL D 252 -4.77 -29.06 -56.68
N GLU D 253 -3.85 -29.92 -57.10
CA GLU D 253 -2.94 -30.56 -56.23
C GLU D 253 -1.49 -30.29 -56.53
N ASN D 254 -0.67 -30.32 -55.46
CA ASN D 254 0.77 -30.24 -55.56
C ASN D 254 1.22 -28.91 -56.17
N VAL D 255 0.92 -27.85 -55.45
CA VAL D 255 1.31 -26.50 -55.83
C VAL D 255 2.29 -25.98 -54.81
N THR D 256 3.43 -25.47 -55.25
CA THR D 256 4.41 -24.92 -54.35
C THR D 256 4.63 -23.45 -54.72
N LEU D 257 4.50 -22.57 -53.73
CA LEU D 257 4.72 -21.14 -53.91
C LEU D 257 5.94 -20.78 -53.05
N VAL D 258 7.07 -20.52 -53.70
CA VAL D 258 8.33 -20.26 -53.02
C VAL D 258 8.56 -18.75 -52.98
N SER D 259 8.52 -18.18 -51.77
CA SER D 259 8.83 -16.77 -51.52
C SER D 259 7.95 -15.79 -52.31
N PRO D 260 6.62 -15.97 -52.25
CA PRO D 260 5.77 -15.03 -52.97
C PRO D 260 5.88 -13.60 -52.41
N TYR D 261 6.16 -12.65 -53.24
CA TYR D 261 6.22 -11.23 -52.87
C TYR D 261 5.08 -10.50 -53.59
N ILE D 262 4.02 -10.21 -52.82
CA ILE D 262 2.83 -9.59 -53.32
C ILE D 262 2.76 -8.17 -52.78
N ASN D 263 2.76 -7.22 -53.69
CA ASN D 263 2.80 -5.78 -53.35
C ASN D 263 4.15 -5.36 -52.79
N GLU D 264 4.26 -4.09 -52.41
CA GLU D 264 5.49 -3.53 -51.97
C GLU D 264 5.20 -2.36 -51.09
N PHE D 265 6.10 -2.10 -50.15
CA PHE D 265 5.99 -0.86 -49.34
C PHE D 265 5.91 0.35 -50.24
N GLY D 266 5.07 1.30 -49.83
CA GLY D 266 4.79 2.44 -50.66
C GLY D 266 3.52 2.34 -51.46
N TYR D 267 2.90 1.15 -51.45
CA TYR D 267 1.69 0.88 -52.17
C TYR D 267 0.58 1.90 -51.89
N ASP D 268 0.48 2.37 -50.65
CA ASP D 268 -0.63 3.21 -50.27
C ASP D 268 -0.53 4.61 -50.91
N ASP D 269 0.68 5.02 -51.30
CA ASP D 269 0.85 6.31 -52.00
C ASP D 269 0.35 6.21 -53.45
N LEU D 270 0.29 4.99 -53.97
CA LEU D 270 -0.20 4.69 -55.31
C LEU D 270 -1.64 4.15 -55.30
N ASN D 271 -2.31 4.12 -54.12
CA ASN D 271 -3.62 3.54 -54.01
C ASN D 271 -3.69 2.12 -54.63
N ARG D 272 -2.64 1.35 -54.37
CA ARG D 272 -2.45 0.05 -55.01
C ARG D 272 -2.74 -1.07 -53.97
N PHE D 273 -3.96 -1.63 -54.06
CA PHE D 273 -4.45 -2.63 -53.14
C PHE D 273 -4.80 -3.91 -53.87
N PHE D 274 -5.41 -4.82 -53.16
CA PHE D 274 -5.94 -6.07 -53.69
C PHE D 274 -7.02 -6.53 -52.73
N THR D 275 -7.65 -7.66 -53.00
CA THR D 275 -8.65 -8.20 -52.07
C THR D 275 -8.01 -9.34 -51.30
N ILE D 276 -7.96 -10.53 -51.89
CA ILE D 276 -7.26 -11.68 -51.27
C ILE D 276 -5.96 -11.90 -52.01
N GLY D 277 -4.88 -12.10 -51.26
CA GLY D 277 -3.57 -12.29 -51.88
C GLY D 277 -3.45 -13.64 -52.58
N ILE D 278 -3.66 -14.67 -51.82
CA ILE D 278 -3.58 -16.06 -52.26
C ILE D 278 -4.83 -16.75 -51.82
N SER D 279 -5.70 -17.12 -52.80
CA SER D 279 -6.98 -17.72 -52.50
C SER D 279 -7.00 -19.14 -53.01
N ALA D 280 -7.15 -20.08 -52.09
CA ALA D 280 -7.21 -21.49 -52.45
C ALA D 280 -8.52 -22.10 -52.08
N ASN D 281 -9.06 -22.98 -52.96
CA ASN D 281 -10.30 -23.67 -52.69
C ASN D 281 -10.17 -25.02 -53.33
N PHE D 282 -10.43 -26.08 -52.60
CA PHE D 282 -10.28 -27.45 -53.11
C PHE D 282 -8.88 -27.67 -53.65
N ALA D 283 -7.91 -27.37 -52.83
CA ALA D 283 -6.48 -27.59 -53.12
C ALA D 283 -5.98 -28.65 -52.18
N ALA D 284 -5.04 -29.43 -52.65
CA ALA D 284 -4.36 -30.43 -51.87
C ALA D 284 -2.85 -30.24 -52.03
N ASP D 285 -2.11 -30.35 -50.93
CA ASP D 285 -0.66 -30.19 -50.97
C ASP D 285 -0.25 -28.88 -51.65
N LEU D 286 -0.88 -27.82 -51.15
CA LEU D 286 -0.49 -26.47 -51.45
C LEU D 286 0.45 -26.02 -50.33
N HIS D 287 1.70 -25.75 -50.68
CA HIS D 287 2.72 -25.37 -49.73
C HIS D 287 3.29 -24.00 -50.11
N ILE D 288 3.23 -23.08 -49.17
CA ILE D 288 3.64 -21.69 -49.33
C ILE D 288 4.77 -21.46 -48.36
N GLN D 289 5.94 -21.06 -48.90
CA GLN D 289 7.15 -20.90 -48.13
C GLN D 289 7.64 -19.47 -48.20
N ASP D 290 7.81 -18.84 -47.04
CA ASP D 290 8.37 -17.52 -46.92
C ASP D 290 7.57 -16.52 -47.74
N GLY D 291 8.22 -15.47 -48.27
CA GLY D 291 7.48 -14.39 -48.92
C GLY D 291 6.95 -13.36 -48.02
N VAL D 292 6.35 -12.35 -48.65
CA VAL D 292 5.87 -11.18 -47.94
C VAL D 292 4.64 -10.69 -48.67
N ILE D 293 3.54 -10.54 -47.95
CA ILE D 293 2.29 -10.05 -48.53
C ILE D 293 1.98 -8.77 -47.80
N ILE D 294 1.84 -7.68 -48.53
CA ILE D 294 1.69 -6.31 -47.95
C ILE D 294 0.50 -5.59 -48.60
N GLY D 295 -0.36 -4.99 -47.77
CA GLY D 295 -1.07 -3.80 -48.20
C GLY D 295 -2.34 -4.01 -49.04
N ASN D 296 -3.38 -4.62 -48.41
CA ASN D 296 -4.71 -4.57 -49.00
C ASN D 296 -5.65 -3.68 -48.21
N LYS D 297 -5.06 -2.97 -47.24
CA LYS D 297 -5.68 -1.77 -46.64
C LYS D 297 -4.56 -0.77 -46.43
N ARG D 298 -4.91 0.49 -46.16
CA ARG D 298 -3.92 1.45 -45.76
C ARG D 298 -3.33 1.17 -44.34
N PRO D 299 -2.07 1.56 -44.09
CA PRO D 299 -1.47 1.25 -42.81
C PRO D 299 -2.28 1.76 -41.64
N GLY D 300 -2.63 0.91 -40.71
CA GLY D 300 -3.31 1.29 -39.51
C GLY D 300 -4.80 1.56 -39.73
N ALA D 301 -5.30 1.30 -40.94
CA ALA D 301 -6.69 1.71 -41.26
C ALA D 301 -7.69 0.67 -40.78
N SER D 302 -8.98 0.97 -40.91
CA SER D 302 -10.07 0.07 -40.56
C SER D 302 -9.96 -1.27 -41.29
N ASP D 303 -10.44 -2.29 -40.66
CA ASP D 303 -10.52 -3.63 -41.29
C ASP D 303 -11.43 -3.57 -42.50
N ILE D 304 -11.21 -4.51 -43.44
CA ILE D 304 -12.00 -4.63 -44.66
C ILE D 304 -12.41 -6.07 -44.82
N GLU D 305 -13.70 -6.33 -44.71
CA GLU D 305 -14.25 -7.67 -44.67
C GLU D 305 -13.85 -8.48 -45.86
N GLY D 306 -13.28 -9.69 -45.58
CA GLY D 306 -12.95 -10.63 -46.62
C GLY D 306 -11.52 -10.53 -47.19
N ARG D 307 -10.83 -9.42 -46.93
CA ARG D 307 -9.49 -9.15 -47.50
C ARG D 307 -8.39 -9.80 -46.70
N SER D 308 -8.43 -11.12 -46.70
CA SER D 308 -7.36 -11.91 -46.10
C SER D 308 -6.17 -12.01 -47.01
N ALA D 309 -4.98 -12.18 -46.43
CA ALA D 309 -3.77 -12.32 -47.25
C ALA D 309 -3.74 -13.68 -47.93
N ILE D 310 -3.93 -14.72 -47.14
CA ILE D 310 -4.03 -16.09 -47.62
C ILE D 310 -5.30 -16.70 -47.12
N LYS D 311 -6.05 -17.40 -47.99
CA LYS D 311 -7.30 -18.03 -47.64
C LYS D 311 -7.26 -19.47 -48.11
N PHE D 312 -7.37 -20.39 -47.18
CA PHE D 312 -7.46 -21.83 -47.45
C PHE D 312 -8.88 -22.29 -47.20
N ASN D 313 -9.61 -22.64 -48.24
CA ASN D 313 -10.99 -23.03 -48.13
C ASN D 313 -11.00 -24.49 -48.65
N ASN D 314 -11.43 -25.45 -47.88
CA ASN D 314 -11.52 -26.85 -48.35
C ASN D 314 -10.18 -27.32 -48.93
N CYS D 315 -9.10 -27.07 -48.17
CA CYS D 315 -7.75 -27.45 -48.57
C CYS D 315 -7.26 -28.53 -47.63
N VAL D 316 -6.58 -29.51 -48.18
CA VAL D 316 -5.99 -30.57 -47.38
C VAL D 316 -4.51 -30.61 -47.49
N ASP D 317 -3.85 -30.99 -46.41
CA ASP D 317 -2.41 -31.21 -46.42
C ASP D 317 -1.68 -30.01 -46.98
N SER D 318 -2.08 -28.80 -46.54
CA SER D 318 -1.58 -27.57 -47.03
C SER D 318 -0.97 -26.74 -45.93
N THR D 319 0.06 -25.97 -46.25
CA THR D 319 0.86 -25.27 -45.19
C THR D 319 1.29 -23.88 -45.64
N VAL D 320 1.52 -23.04 -44.65
CA VAL D 320 2.11 -21.72 -44.80
C VAL D 320 3.27 -21.70 -43.83
N LYS D 321 4.51 -21.54 -44.29
CA LYS D 321 5.64 -21.52 -43.42
C LYS D 321 6.53 -20.33 -43.72
N GLY D 322 6.68 -19.46 -42.76
CA GLY D 322 7.63 -18.38 -42.83
C GLY D 322 7.21 -17.06 -43.41
N THR D 323 6.02 -17.01 -43.96
CA THR D 323 5.52 -15.82 -44.64
C THR D 323 5.36 -14.67 -43.68
N CYS D 324 5.66 -13.45 -44.15
CA CYS D 324 5.37 -12.21 -43.40
C CYS D 324 4.22 -11.43 -44.01
N PHE D 325 3.42 -10.81 -43.15
CA PHE D 325 2.21 -10.12 -43.53
C PHE D 325 2.24 -8.72 -42.91
N TYR D 326 1.94 -7.69 -43.71
CA TYR D 326 1.90 -6.30 -43.21
C TYR D 326 0.63 -5.66 -43.76
N ASN D 327 -0.10 -4.93 -42.91
CA ASN D 327 -1.22 -3.99 -43.35
C ASN D 327 -2.31 -4.73 -44.13
N ILE D 328 -2.97 -5.67 -43.45
CA ILE D 328 -3.90 -6.59 -44.06
C ILE D 328 -5.28 -6.27 -43.51
N GLY D 329 -6.23 -6.11 -44.38
CA GLY D 329 -7.60 -5.73 -44.00
C GLY D 329 -8.36 -6.72 -43.19
N TRP D 330 -8.06 -8.01 -43.38
CA TRP D 330 -8.79 -9.08 -42.72
C TRP D 330 -7.77 -10.02 -42.08
N TYR D 331 -7.79 -11.32 -42.38
CA TYR D 331 -6.93 -12.24 -41.69
C TYR D 331 -5.61 -12.48 -42.43
N GLY D 332 -4.56 -12.75 -41.70
CA GLY D 332 -3.28 -13.17 -42.32
C GLY D 332 -3.43 -14.49 -43.08
N VAL D 333 -3.76 -15.51 -42.34
CA VAL D 333 -4.10 -16.82 -42.87
C VAL D 333 -5.52 -17.17 -42.38
N GLU D 334 -6.46 -17.30 -43.29
CA GLU D 334 -7.84 -17.68 -43.03
C GLU D 334 -7.98 -19.15 -43.42
N VAL D 335 -8.56 -19.95 -42.57
CA VAL D 335 -8.75 -21.38 -42.78
C VAL D 335 -10.21 -21.71 -42.59
N LEU D 336 -10.86 -22.29 -43.61
CA LEU D 336 -12.27 -22.54 -43.53
C LEU D 336 -12.71 -23.72 -44.39
N GLY D 337 -13.95 -24.05 -44.36
CA GLY D 337 -14.44 -25.26 -45.03
C GLY D 337 -13.83 -26.45 -44.30
N CYS D 338 -13.83 -27.58 -44.96
CA CYS D 338 -13.28 -28.81 -44.39
C CYS D 338 -11.78 -28.89 -44.60
N SER D 339 -11.08 -27.81 -44.40
CA SER D 339 -9.62 -27.82 -44.51
C SER D 339 -9.09 -28.72 -43.45
N GLU D 340 -8.23 -29.64 -43.82
CA GLU D 340 -7.80 -30.69 -42.92
C GLU D 340 -6.31 -30.93 -43.03
N ASP D 341 -5.63 -31.02 -41.89
CA ASP D 341 -4.19 -31.21 -41.80
C ASP D 341 -3.54 -30.01 -42.45
N THR D 342 -3.91 -28.84 -41.94
CA THR D 342 -3.29 -27.61 -42.34
C THR D 342 -2.37 -27.09 -41.23
N GLU D 343 -1.27 -26.49 -41.62
CA GLU D 343 -0.28 -26.01 -40.67
C GLU D 343 0.21 -24.63 -41.06
N VAL D 344 0.42 -23.80 -40.04
CA VAL D 344 1.00 -22.51 -40.23
C VAL D 344 2.18 -22.37 -39.27
N HIS D 345 3.38 -22.24 -39.82
CA HIS D 345 4.56 -22.17 -39.04
C HIS D 345 5.30 -20.85 -39.24
N ASP D 346 5.86 -20.27 -38.19
CA ASP D 346 6.92 -19.28 -38.33
C ASP D 346 6.50 -17.99 -39.04
N ILE D 347 5.21 -17.69 -39.08
CA ILE D 347 4.77 -16.42 -39.68
C ILE D 347 4.95 -15.26 -38.78
N HIS D 348 5.09 -14.09 -39.40
CA HIS D 348 5.08 -12.79 -38.69
C HIS D 348 3.98 -11.94 -39.30
N ALA D 349 3.00 -11.53 -38.49
CA ALA D 349 1.88 -10.71 -39.00
C ALA D 349 1.78 -9.44 -38.19
N MET D 350 1.75 -8.33 -38.91
CA MET D 350 1.82 -6.99 -38.27
C MET D 350 0.73 -6.10 -38.91
N ASP D 351 -0.16 -5.56 -38.08
CA ASP D 351 -1.30 -4.68 -38.53
C ASP D 351 -2.26 -5.47 -39.41
N VAL D 352 -2.90 -6.47 -38.80
CA VAL D 352 -3.87 -7.32 -39.45
C VAL D 352 -5.05 -7.49 -38.50
N ARG D 353 -6.17 -8.03 -38.92
CA ARG D 353 -7.30 -8.23 -38.03
C ARG D 353 -7.04 -9.40 -37.07
N HIS D 354 -6.76 -10.55 -37.63
CA HIS D 354 -6.25 -11.71 -36.91
C HIS D 354 -5.03 -12.21 -37.68
N ALA D 355 -3.98 -12.67 -36.99
CA ALA D 355 -2.87 -13.27 -37.70
C ALA D 355 -3.27 -14.60 -38.37
N ILE D 356 -3.95 -15.44 -37.62
CA ILE D 356 -4.57 -16.68 -38.08
C ILE D 356 -5.99 -16.68 -37.59
N SER D 357 -6.93 -17.07 -38.42
CA SER D 357 -8.34 -17.27 -38.02
C SER D 357 -8.90 -18.47 -38.71
N LEU D 358 -9.31 -19.46 -37.91
CA LEU D 358 -10.14 -20.56 -38.43
C LEU D 358 -11.55 -19.98 -38.47
N ASN D 359 -12.26 -20.17 -39.56
CA ASN D 359 -13.54 -19.48 -39.77
C ASN D 359 -14.72 -20.42 -39.83
N TRP D 360 -15.89 -19.85 -39.53
CA TRP D 360 -17.17 -20.44 -39.76
C TRP D 360 -17.62 -20.09 -41.20
N GLN D 361 -18.84 -20.46 -41.53
CA GLN D 361 -19.42 -20.05 -42.82
C GLN D 361 -20.86 -19.67 -42.52
N SER D 362 -21.24 -18.44 -42.88
CA SER D 362 -22.61 -18.01 -42.69
C SER D 362 -23.57 -18.84 -43.51
N THR D 363 -24.64 -19.31 -42.86
CA THR D 363 -25.72 -20.06 -43.52
C THR D 363 -26.94 -19.17 -43.72
N ALA D 364 -26.75 -17.85 -43.62
CA ALA D 364 -27.90 -16.96 -43.82
C ALA D 364 -28.60 -17.18 -45.15
N ASP D 365 -27.84 -17.48 -46.21
CA ASP D 365 -28.43 -17.61 -47.55
C ASP D 365 -28.59 -19.08 -47.96
N GLY D 366 -28.28 -20.00 -47.06
CA GLY D 366 -28.47 -21.44 -47.33
C GLY D 366 -27.38 -22.29 -46.68
N ASP D 367 -27.50 -23.61 -46.86
CA ASP D 367 -26.62 -24.55 -46.21
C ASP D 367 -25.16 -24.35 -46.58
N LYS D 368 -24.29 -24.70 -45.62
CA LYS D 368 -22.85 -24.69 -45.80
C LYS D 368 -22.33 -25.95 -45.17
N TRP D 369 -21.20 -26.40 -45.69
CA TRP D 369 -20.55 -27.63 -45.17
C TRP D 369 -19.07 -27.38 -44.93
N GLY D 370 -18.57 -27.96 -43.83
CA GLY D 370 -17.15 -28.10 -43.56
C GLY D 370 -16.63 -27.24 -42.41
N GLU D 371 -15.92 -27.87 -41.52
CA GLU D 371 -15.18 -27.21 -40.44
C GLU D 371 -13.75 -27.67 -40.55
N PRO D 372 -12.79 -26.84 -40.16
CA PRO D 372 -11.39 -27.29 -40.18
C PRO D 372 -11.19 -28.44 -39.23
N ILE D 373 -10.30 -29.34 -39.58
CA ILE D 373 -10.00 -30.54 -38.79
C ILE D 373 -8.49 -30.69 -38.79
N GLU D 374 -7.85 -30.74 -37.62
CA GLU D 374 -6.43 -30.92 -37.48
C GLU D 374 -5.71 -29.66 -38.05
N PHE D 375 -5.48 -28.74 -37.16
CA PHE D 375 -4.80 -27.50 -37.44
C PHE D 375 -3.71 -27.28 -36.44
N LEU D 376 -2.52 -26.91 -36.96
CA LEU D 376 -1.40 -26.56 -36.14
C LEU D 376 -0.90 -25.16 -36.52
N GLY D 377 -0.74 -24.30 -35.52
CA GLY D 377 -0.04 -23.04 -35.64
C GLY D 377 1.14 -23.07 -34.68
N VAL D 378 2.36 -22.94 -35.20
CA VAL D 378 3.56 -23.10 -34.44
C VAL D 378 4.57 -21.97 -34.68
N ASN D 379 5.11 -21.40 -33.59
CA ASN D 379 6.12 -20.38 -33.67
C ASN D 379 5.72 -19.15 -34.48
N CYS D 380 4.46 -18.76 -34.39
CA CYS D 380 3.93 -17.60 -35.06
C CYS D 380 3.93 -16.38 -34.16
N GLU D 381 4.10 -15.22 -34.78
CA GLU D 381 4.16 -13.93 -34.07
C GLU D 381 3.15 -12.96 -34.67
N ALA D 382 2.41 -12.31 -33.81
CA ALA D 382 1.44 -11.26 -34.21
C ALA D 382 1.74 -9.99 -33.46
N TYR D 383 1.65 -8.87 -34.16
CA TYR D 383 1.76 -7.55 -33.58
C TYR D 383 0.62 -6.66 -34.02
N SER D 384 0.05 -5.95 -33.05
CA SER D 384 -0.89 -4.85 -33.36
C SER D 384 -2.04 -5.30 -34.21
N THR D 385 -2.62 -6.43 -33.82
CA THR D 385 -3.83 -6.94 -34.44
C THR D 385 -5.02 -6.07 -33.97
N THR D 386 -5.91 -5.78 -34.88
CA THR D 386 -7.08 -4.99 -34.57
C THR D 386 -8.16 -5.78 -33.81
N GLN D 387 -8.12 -7.10 -33.96
CA GLN D 387 -8.95 -8.02 -33.21
C GLN D 387 -7.97 -9.07 -32.63
N ALA D 388 -8.47 -10.25 -32.26
CA ALA D 388 -7.60 -11.24 -31.61
C ALA D 388 -6.37 -11.54 -32.40
N GLY D 389 -5.25 -11.77 -31.73
CA GLY D 389 -4.06 -12.18 -32.49
C GLY D 389 -4.23 -13.50 -33.22
N PHE D 390 -4.67 -14.49 -32.50
CA PHE D 390 -4.86 -15.84 -33.03
C PHE D 390 -6.27 -16.26 -32.69
N ASP D 391 -7.01 -16.80 -33.64
CA ASP D 391 -8.46 -16.87 -33.50
C ASP D 391 -9.05 -18.15 -34.07
N THR D 392 -10.18 -18.57 -33.48
CA THR D 392 -11.10 -19.46 -34.15
C THR D 392 -12.50 -18.87 -34.05
N HIS D 393 -13.34 -19.23 -34.98
CA HIS D 393 -14.76 -19.06 -34.84
C HIS D 393 -15.33 -20.38 -34.21
N ASP D 394 -16.65 -20.55 -34.27
CA ASP D 394 -17.32 -21.54 -33.46
C ASP D 394 -17.44 -22.97 -33.99
N ILE D 395 -16.58 -23.28 -34.96
CA ILE D 395 -16.44 -24.66 -35.42
C ILE D 395 -14.95 -24.93 -35.60
N GLY D 396 -14.65 -26.21 -35.79
CA GLY D 396 -13.27 -26.61 -35.97
C GLY D 396 -12.89 -27.63 -34.91
N LYS D 397 -12.16 -28.67 -35.31
CA LYS D 397 -11.74 -29.77 -34.47
C LYS D 397 -10.23 -29.91 -34.44
N ARG D 398 -9.69 -30.28 -33.31
CA ARG D 398 -8.26 -30.63 -33.16
C ARG D 398 -7.39 -29.47 -33.59
N VAL D 399 -7.60 -28.35 -32.92
CA VAL D 399 -6.93 -27.09 -33.15
C VAL D 399 -5.87 -26.86 -32.08
N LYS D 400 -4.60 -26.68 -32.50
CA LYS D 400 -3.51 -26.46 -31.55
C LYS D 400 -2.66 -25.28 -31.94
N PHE D 401 -2.30 -24.46 -30.96
CA PHE D 401 -1.33 -23.43 -31.10
C PHE D 401 -0.14 -23.71 -30.21
N VAL D 402 1.08 -23.68 -30.77
CA VAL D 402 2.29 -24.06 -30.09
C VAL D 402 3.31 -22.94 -30.19
N ARG D 403 3.74 -22.37 -29.05
CA ARG D 403 4.77 -21.37 -29.01
C ARG D 403 4.51 -20.17 -29.93
N CYS D 404 3.26 -19.76 -30.02
CA CYS D 404 2.90 -18.52 -30.69
C CYS D 404 2.94 -17.37 -29.70
N VAL D 405 3.08 -16.15 -30.23
CA VAL D 405 3.14 -14.96 -29.39
C VAL D 405 2.32 -13.82 -30.01
N SER D 406 1.47 -13.17 -29.20
CA SER D 406 0.71 -11.98 -29.61
C SER D 406 1.16 -10.80 -28.77
N TYR D 407 1.46 -9.71 -29.47
CA TYR D 407 1.84 -8.46 -28.86
C TYR D 407 0.79 -7.39 -29.19
N ASP D 408 0.36 -6.67 -28.16
CA ASP D 408 -0.33 -5.42 -28.39
C ASP D 408 -1.63 -5.52 -29.24
N SER D 409 -2.37 -6.59 -29.00
CA SER D 409 -3.66 -6.79 -29.61
C SER D 409 -4.63 -5.73 -29.11
N ALA D 410 -5.48 -5.24 -29.98
CA ALA D 410 -6.61 -4.35 -29.57
C ALA D 410 -7.77 -5.08 -28.96
N ALA D 411 -7.70 -6.41 -28.94
CA ALA D 411 -8.73 -7.24 -28.31
C ALA D 411 -7.99 -8.28 -27.45
N ALA D 412 -8.20 -9.56 -27.69
CA ALA D 412 -7.46 -10.62 -27.02
C ALA D 412 -6.17 -10.96 -27.72
N GLY D 413 -5.25 -11.59 -27.01
CA GLY D 413 -4.07 -12.13 -27.68
C GLY D 413 -4.51 -13.38 -28.50
N PHE D 414 -5.25 -14.25 -27.83
CA PHE D 414 -5.76 -15.49 -28.39
C PHE D 414 -7.23 -15.62 -28.04
N GLN D 415 -8.05 -15.99 -29.00
CA GLN D 415 -9.48 -16.21 -28.83
C GLN D 415 -9.89 -17.58 -29.32
N ALA D 416 -10.52 -18.35 -28.46
CA ALA D 416 -11.08 -19.66 -28.80
C ALA D 416 -12.58 -19.51 -28.86
N ARG D 417 -13.17 -19.83 -30.00
CA ARG D 417 -14.60 -19.94 -30.04
C ARG D 417 -15.12 -21.33 -30.43
N THR D 418 -14.20 -22.25 -30.62
CA THR D 418 -14.58 -23.66 -30.77
C THR D 418 -14.11 -24.38 -29.50
N ASN D 419 -14.57 -25.60 -29.31
CA ASN D 419 -14.39 -26.28 -28.00
C ASN D 419 -13.03 -26.97 -27.94
N GLY D 420 -12.41 -26.94 -26.78
CA GLY D 420 -11.18 -27.68 -26.52
C GLY D 420 -10.03 -27.28 -27.42
N VAL D 421 -9.84 -26.00 -27.67
CA VAL D 421 -8.63 -25.52 -28.32
C VAL D 421 -7.49 -25.66 -27.34
N GLU D 422 -6.36 -26.18 -27.81
CA GLU D 422 -5.17 -26.43 -27.00
C GLU D 422 -4.06 -25.46 -27.34
N TYR D 423 -3.50 -24.80 -26.29
CA TYR D 423 -2.40 -23.88 -26.38
C TYR D 423 -1.21 -24.40 -25.57
N LEU D 424 -0.04 -24.50 -26.20
CA LEU D 424 1.16 -25.03 -25.60
C LEU D 424 2.26 -23.98 -25.62
N ASN D 425 2.63 -23.43 -24.45
CA ASN D 425 3.72 -22.51 -24.35
C ASN D 425 3.57 -21.21 -25.17
N CYS D 426 2.33 -20.79 -25.33
CA CYS D 426 2.04 -19.56 -26.01
C CYS D 426 2.19 -18.40 -25.06
N ARG D 427 2.32 -17.21 -25.61
CA ARG D 427 2.52 -15.97 -24.82
C ARG D 427 1.68 -14.83 -25.37
N ALA D 428 1.13 -14.04 -24.46
CA ALA D 428 0.36 -12.86 -24.85
C ALA D 428 0.86 -11.70 -24.03
N TYR D 429 1.21 -10.61 -24.71
CA TYR D 429 1.68 -9.37 -24.09
C TYR D 429 0.77 -8.22 -24.47
N ARG D 430 0.35 -7.47 -23.45
CA ARG D 430 -0.26 -6.16 -23.63
C ARG D 430 -1.52 -6.11 -24.49
N ALA D 431 -2.31 -7.18 -24.44
CA ALA D 431 -3.64 -7.17 -25.07
C ALA D 431 -4.47 -6.11 -24.37
N ALA D 432 -5.30 -5.44 -25.13
CA ALA D 432 -6.22 -4.43 -24.55
C ALA D 432 -7.29 -5.03 -23.68
N MET D 433 -7.59 -6.32 -23.88
CA MET D 433 -8.56 -7.02 -23.01
C MET D 433 -7.86 -8.21 -22.33
N ASP D 434 -8.09 -9.42 -22.85
CA ASP D 434 -7.56 -10.61 -22.19
C ASP D 434 -6.40 -11.19 -22.99
N GLY D 435 -5.39 -11.72 -22.30
CA GLY D 435 -4.32 -12.38 -23.04
C GLY D 435 -4.84 -13.57 -23.86
N PHE D 436 -5.57 -14.44 -23.18
CA PHE D 436 -6.20 -15.61 -23.73
C PHE D 436 -7.67 -15.60 -23.31
N ALA D 437 -8.57 -15.88 -24.19
CA ALA D 437 -9.99 -15.93 -23.86
C ALA D 437 -10.76 -16.96 -24.67
N SER D 438 -11.82 -17.49 -24.08
CA SER D 438 -12.86 -18.17 -24.81
C SER D 438 -13.93 -17.10 -25.11
N ASN D 439 -15.16 -17.52 -25.30
CA ASN D 439 -16.27 -16.55 -25.53
C ASN D 439 -17.56 -17.30 -25.29
N THR D 440 -18.69 -16.61 -25.55
CA THR D 440 -20.00 -17.08 -25.19
C THR D 440 -20.24 -18.49 -25.67
N GLY D 441 -20.58 -19.37 -24.76
CA GLY D 441 -20.96 -20.77 -25.07
C GLY D 441 -19.82 -21.72 -25.39
N VAL D 442 -18.59 -21.27 -25.23
CA VAL D 442 -17.43 -22.08 -25.62
C VAL D 442 -16.91 -22.88 -24.45
N ALA D 443 -16.62 -24.16 -24.71
CA ALA D 443 -16.19 -25.09 -23.67
C ALA D 443 -14.68 -25.25 -23.55
N PHE D 444 -14.17 -25.18 -22.33
CA PHE D 444 -12.91 -25.76 -21.89
C PHE D 444 -11.75 -25.70 -22.92
N PRO D 445 -11.30 -24.49 -23.22
CA PRO D 445 -9.93 -24.37 -23.77
C PRO D 445 -8.92 -24.97 -22.77
N ILE D 446 -7.79 -25.36 -23.27
CA ILE D 446 -6.72 -25.95 -22.48
C ILE D 446 -5.44 -25.15 -22.70
N TYR D 447 -4.91 -24.57 -21.62
CA TYR D 447 -3.72 -23.78 -21.66
C TYR D 447 -2.65 -24.50 -20.87
N ARG D 448 -1.53 -24.78 -21.52
CA ARG D 448 -0.41 -25.50 -20.93
C ARG D 448 0.83 -24.63 -20.97
N GLU D 449 1.31 -24.20 -19.81
CA GLU D 449 2.53 -23.45 -19.68
C GLU D 449 2.50 -22.13 -20.50
N CYS D 450 1.31 -21.56 -20.63
CA CYS D 450 1.13 -20.31 -21.34
C CYS D 450 1.41 -19.14 -20.40
N LEU D 451 1.88 -18.04 -20.95
CA LEU D 451 2.35 -16.90 -20.20
C LEU D 451 1.67 -15.64 -20.70
N ALA D 452 1.11 -14.88 -19.76
CA ALA D 452 0.41 -13.69 -20.08
C ALA D 452 0.97 -12.51 -19.30
N TYR D 453 1.41 -11.48 -19.99
CA TYR D 453 2.08 -10.31 -19.38
C TYR D 453 1.39 -9.00 -19.77
N ASP D 454 0.90 -8.28 -18.74
CA ASP D 454 0.47 -6.90 -18.90
C ASP D 454 -0.75 -6.73 -19.80
N ASN D 455 -1.53 -7.79 -19.92
CA ASN D 455 -2.83 -7.71 -20.58
C ASN D 455 -3.78 -6.95 -19.67
N VAL D 456 -4.54 -6.02 -20.25
CA VAL D 456 -5.23 -5.07 -19.38
C VAL D 456 -6.25 -5.72 -18.46
N ARG D 457 -7.12 -6.58 -19.01
CA ARG D 457 -8.22 -7.15 -18.24
C ARG D 457 -7.81 -8.38 -17.45
N SER D 458 -7.43 -9.42 -18.16
CA SER D 458 -7.01 -10.66 -17.53
C SER D 458 -5.93 -11.31 -18.32
N GLY D 459 -5.27 -12.28 -17.69
CA GLY D 459 -4.34 -13.13 -18.41
C GLY D 459 -5.12 -14.17 -19.20
N PHE D 460 -6.02 -14.86 -18.52
CA PHE D 460 -6.84 -15.95 -19.06
C PHE D 460 -8.26 -15.70 -18.68
N ASN D 461 -9.12 -15.66 -19.64
CA ASN D 461 -10.56 -15.47 -19.44
C ASN D 461 -11.35 -16.63 -20.03
N CYS D 462 -11.60 -17.65 -19.20
CA CYS D 462 -12.38 -18.83 -19.61
C CYS D 462 -13.56 -18.95 -18.64
N SER D 463 -14.24 -17.81 -18.47
CA SER D 463 -15.39 -17.69 -17.59
C SER D 463 -16.72 -17.90 -18.29
N TYR D 464 -16.67 -18.30 -19.57
CA TYR D 464 -17.81 -18.50 -20.40
C TYR D 464 -18.33 -19.96 -20.38
N GLY D 465 -17.43 -20.88 -20.10
CA GLY D 465 -17.75 -22.27 -20.20
C GLY D 465 -16.62 -23.17 -19.71
N GLY D 466 -15.92 -22.72 -18.72
CA GLY D 466 -14.86 -23.48 -18.10
C GLY D 466 -13.52 -23.35 -18.77
N GLY D 467 -12.49 -23.73 -18.04
CA GLY D 467 -11.16 -23.83 -18.63
C GLY D 467 -10.27 -24.78 -17.87
N TYR D 468 -9.16 -25.15 -18.49
CA TYR D 468 -8.13 -25.96 -17.88
C TYR D 468 -6.86 -25.17 -18.01
N VAL D 469 -6.35 -24.63 -16.91
CA VAL D 469 -5.27 -23.69 -16.92
C VAL D 469 -4.10 -24.35 -16.14
N TYR D 470 -3.17 -24.90 -16.86
CA TYR D 470 -2.17 -25.81 -16.36
C TYR D 470 -0.78 -25.17 -16.42
N ASP D 471 -0.20 -24.88 -15.24
CA ASP D 471 1.13 -24.33 -15.13
C ASP D 471 1.32 -23.02 -15.89
N CYS D 472 0.24 -22.25 -16.00
CA CYS D 472 0.27 -20.99 -16.65
C CYS D 472 0.68 -19.88 -15.73
N GLU D 473 0.99 -18.75 -16.34
CA GLU D 473 1.35 -17.55 -15.56
C GLU D 473 0.62 -16.35 -16.12
N ALA D 474 0.14 -15.51 -15.22
CA ALA D 474 -0.42 -14.20 -15.60
C ALA D 474 0.10 -13.16 -14.66
N HIS D 475 0.69 -12.15 -15.27
CA HIS D 475 1.37 -11.06 -14.56
C HIS D 475 0.81 -9.76 -15.14
N GLY D 476 0.47 -8.82 -14.26
CA GLY D 476 0.18 -7.46 -14.74
C GLY D 476 -1.19 -7.17 -15.28
N SER D 477 -2.21 -7.86 -14.76
CA SER D 477 -3.61 -7.67 -15.19
C SER D 477 -4.48 -7.22 -14.09
N GLN D 478 -5.74 -6.93 -14.39
CA GLN D 478 -6.72 -6.73 -13.31
C GLN D 478 -6.92 -8.05 -12.49
N ASN D 479 -7.15 -9.14 -13.21
CA ASN D 479 -7.20 -10.47 -12.59
C ASN D 479 -6.35 -11.42 -13.44
N GLY D 480 -5.65 -12.34 -12.82
CA GLY D 480 -4.80 -13.27 -13.55
C GLY D 480 -5.62 -14.22 -14.40
N VAL D 481 -6.62 -14.85 -13.78
CA VAL D 481 -7.50 -15.81 -14.41
C VAL D 481 -8.92 -15.47 -14.03
N ARG D 482 -9.79 -15.42 -15.02
CA ARG D 482 -11.26 -15.34 -14.84
C ARG D 482 -11.79 -16.70 -15.24
N ILE D 483 -12.51 -17.36 -14.38
CA ILE D 483 -12.91 -18.75 -14.59
C ILE D 483 -14.17 -19.08 -13.81
N ASN D 484 -15.10 -19.82 -14.43
CA ASN D 484 -16.36 -20.23 -13.77
C ASN D 484 -16.36 -21.69 -13.26
N GLY D 485 -15.38 -22.46 -13.68
CA GLY D 485 -15.29 -23.87 -13.40
C GLY D 485 -14.10 -24.44 -14.16
N GLY D 486 -13.64 -25.64 -13.74
CA GLY D 486 -12.50 -26.26 -14.38
C GLY D 486 -11.38 -26.46 -13.41
N ARG D 487 -10.17 -26.19 -13.87
CA ARG D 487 -8.97 -26.43 -13.06
C ARG D 487 -7.95 -25.34 -13.30
N VAL D 488 -7.38 -24.82 -12.22
CA VAL D 488 -6.19 -24.05 -12.28
C VAL D 488 -5.15 -24.83 -11.46
N LYS D 489 -4.17 -25.37 -12.10
CA LYS D 489 -3.23 -26.33 -11.50
C LYS D 489 -1.83 -25.87 -11.78
N GLY D 490 -1.07 -25.60 -10.71
CA GLY D 490 0.27 -25.08 -10.87
C GLY D 490 0.28 -23.65 -11.38
N GLY D 491 1.42 -23.20 -11.84
CA GLY D 491 1.51 -21.85 -12.31
C GLY D 491 1.86 -20.81 -11.26
N ARG D 492 1.90 -19.57 -11.72
CA ARG D 492 2.41 -18.49 -10.92
C ARG D 492 1.79 -17.17 -11.40
N TYR D 493 1.28 -16.38 -10.43
CA TYR D 493 0.49 -15.20 -10.69
C TYR D 493 0.99 -14.05 -9.84
N THR D 494 1.21 -12.89 -10.47
CA THR D 494 1.77 -11.72 -9.79
C THR D 494 1.16 -10.46 -10.41
N ARG D 495 1.26 -9.37 -9.64
CA ARG D 495 0.96 -8.04 -10.13
C ARG D 495 -0.42 -7.97 -10.77
N ASN D 496 -1.45 -8.49 -10.07
CA ASN D 496 -2.80 -8.46 -10.53
C ASN D 496 -3.60 -7.62 -9.55
N SER D 497 -4.19 -6.52 -10.05
CA SER D 497 -4.60 -5.45 -9.14
C SER D 497 -5.85 -5.82 -8.34
N SER D 498 -6.71 -6.67 -8.91
CA SER D 498 -7.88 -7.11 -8.20
C SER D 498 -7.61 -8.43 -7.45
N SER D 499 -7.32 -9.48 -8.19
CA SER D 499 -6.93 -10.74 -7.61
C SER D 499 -6.22 -11.61 -8.62
N HIS D 500 -5.53 -12.63 -8.13
CA HIS D 500 -4.88 -13.58 -9.04
C HIS D 500 -5.87 -14.48 -9.75
N ILE D 501 -6.90 -14.97 -9.03
CA ILE D 501 -7.94 -15.80 -9.63
C ILE D 501 -9.26 -15.15 -9.32
N PHE D 502 -10.09 -15.02 -10.33
CA PHE D 502 -11.41 -14.40 -10.22
C PHE D 502 -12.44 -15.45 -10.60
N VAL D 503 -13.21 -15.96 -9.62
CA VAL D 503 -14.21 -16.95 -9.87
C VAL D 503 -15.47 -16.20 -10.21
N THR D 504 -15.87 -16.30 -11.46
CA THR D 504 -16.94 -15.46 -12.00
C THR D 504 -17.45 -16.12 -13.27
N LYS D 505 -18.44 -15.48 -13.92
CA LYS D 505 -18.94 -15.98 -15.17
C LYS D 505 -19.12 -14.80 -16.12
N ASP D 506 -19.28 -15.09 -17.40
CA ASP D 506 -19.61 -14.04 -18.35
C ASP D 506 -20.97 -13.41 -18.06
N VAL D 507 -21.95 -14.27 -17.85
CA VAL D 507 -23.29 -13.80 -17.46
C VAL D 507 -23.84 -14.70 -16.38
N ALA D 508 -24.69 -14.16 -15.49
CA ALA D 508 -25.24 -14.97 -14.37
C ALA D 508 -25.88 -16.30 -14.83
N GLU D 509 -26.44 -16.33 -16.04
CA GLU D 509 -27.04 -17.56 -16.58
C GLU D 509 -26.11 -18.74 -16.95
N THR D 510 -24.83 -18.49 -17.09
CA THR D 510 -23.88 -19.56 -17.34
C THR D 510 -23.74 -20.39 -16.06
N ALA D 511 -23.60 -21.71 -16.21
CA ALA D 511 -23.45 -22.61 -15.07
C ALA D 511 -22.09 -22.53 -14.42
N GLN D 512 -22.07 -22.36 -13.09
CA GLN D 512 -20.86 -22.56 -12.34
C GLN D 512 -20.68 -24.07 -12.25
N THR D 513 -19.44 -24.53 -12.45
CA THR D 513 -19.10 -25.93 -12.22
C THR D 513 -17.98 -25.99 -11.21
N SER D 514 -17.61 -27.19 -10.78
CA SER D 514 -16.57 -27.30 -9.79
C SER D 514 -15.31 -26.68 -10.34
N LEU D 515 -14.51 -26.09 -9.44
CA LEU D 515 -13.23 -25.52 -9.76
C LEU D 515 -12.22 -26.03 -8.76
N GLU D 516 -11.12 -26.59 -9.26
CA GLU D 516 -9.99 -27.03 -8.49
C GLU D 516 -8.89 -25.99 -8.66
N ILE D 517 -8.37 -25.45 -7.57
CA ILE D 517 -7.22 -24.55 -7.61
C ILE D 517 -6.15 -25.26 -6.75
N ASP D 518 -5.11 -25.78 -7.37
CA ASP D 518 -4.18 -26.67 -6.68
C ASP D 518 -2.76 -26.38 -7.12
N GLY D 519 -1.84 -26.20 -6.16
CA GLY D 519 -0.45 -26.06 -6.46
C GLY D 519 -0.05 -24.75 -7.11
N VAL D 520 -0.93 -23.75 -6.99
CA VAL D 520 -0.74 -22.44 -7.60
C VAL D 520 0.03 -21.49 -6.73
N SER D 521 1.00 -20.81 -7.29
CA SER D 521 1.67 -19.72 -6.62
C SER D 521 0.93 -18.43 -6.88
N MET D 522 0.33 -17.87 -5.80
CA MET D 522 -0.48 -16.68 -5.91
C MET D 522 -0.27 -15.81 -4.69
N ARG D 523 0.98 -15.49 -4.53
CA ARG D 523 1.50 -14.78 -3.35
C ARG D 523 1.07 -13.31 -3.35
N TYR D 524 1.10 -12.70 -2.16
CA TYR D 524 0.84 -11.25 -2.10
C TYR D 524 2.15 -10.55 -2.48
N ASP D 525 2.04 -9.57 -3.36
CA ASP D 525 3.19 -8.79 -3.81
C ASP D 525 2.87 -7.30 -3.78
N GLY D 526 1.92 -6.91 -2.94
CA GLY D 526 1.57 -5.51 -2.84
C GLY D 526 0.39 -5.11 -3.72
N THR D 527 -0.19 -6.08 -4.42
CA THR D 527 -1.28 -5.81 -5.35
C THR D 527 -2.58 -6.45 -4.86
N GLY D 528 -3.16 -7.35 -5.63
CA GLY D 528 -4.49 -7.83 -5.33
C GLY D 528 -4.49 -9.06 -4.39
N ARG D 529 -5.69 -9.55 -4.14
CA ARG D 529 -5.92 -10.71 -3.30
C ARG D 529 -5.70 -11.99 -4.05
N ALA D 530 -5.72 -13.12 -3.37
CA ALA D 530 -5.46 -14.39 -4.07
C ALA D 530 -6.63 -14.79 -4.91
N VAL D 531 -7.83 -14.82 -4.36
CA VAL D 531 -9.02 -15.31 -5.05
C VAL D 531 -10.20 -14.42 -4.78
N TYR D 532 -10.93 -14.06 -5.81
CA TYR D 532 -12.13 -13.24 -5.76
C TYR D 532 -13.33 -14.08 -6.14
N PHE D 533 -14.30 -14.20 -5.24
CA PHE D 533 -15.53 -14.94 -5.44
C PHE D 533 -16.65 -13.96 -5.77
N HIS D 534 -17.23 -14.07 -6.96
CA HIS D 534 -18.19 -13.08 -7.46
C HIS D 534 -19.64 -13.45 -7.11
N GLY D 535 -20.07 -13.06 -5.93
CA GLY D 535 -21.42 -13.36 -5.50
C GLY D 535 -22.47 -12.71 -6.38
N THR D 536 -22.12 -11.60 -7.00
CA THR D 536 -23.05 -10.89 -7.89
C THR D 536 -23.65 -11.75 -8.99
N VAL D 537 -22.86 -12.71 -9.47
CA VAL D 537 -23.32 -13.58 -10.57
C VAL D 537 -23.64 -14.98 -10.08
N GLY D 538 -23.76 -15.15 -8.77
CA GLY D 538 -24.19 -16.43 -8.17
C GLY D 538 -23.14 -17.45 -7.87
N ILE D 539 -21.92 -17.00 -7.71
CA ILE D 539 -20.82 -17.95 -7.38
C ILE D 539 -21.02 -18.51 -5.98
N ASP D 540 -21.03 -19.84 -5.88
CA ASP D 540 -21.07 -20.57 -4.61
C ASP D 540 -19.60 -21.02 -4.34
N PRO D 541 -18.97 -20.44 -3.31
CA PRO D 541 -17.56 -20.75 -3.01
C PRO D 541 -17.34 -22.20 -2.71
N THR D 542 -18.34 -22.92 -2.25
CA THR D 542 -18.13 -24.36 -1.88
C THR D 542 -17.88 -25.26 -3.07
N LEU D 543 -18.16 -24.77 -4.26
CA LEU D 543 -17.84 -25.48 -5.50
C LEU D 543 -16.38 -25.35 -5.87
N VAL D 544 -15.62 -24.53 -5.12
CA VAL D 544 -14.20 -24.35 -5.35
C VAL D 544 -13.46 -25.15 -4.26
N SER D 545 -12.33 -25.76 -4.63
CA SER D 545 -11.43 -26.47 -3.71
C SER D 545 -10.07 -25.89 -3.90
N MET D 546 -9.36 -25.55 -2.81
CA MET D 546 -8.05 -24.97 -2.88
C MET D 546 -7.08 -25.79 -2.05
N SER D 547 -6.12 -26.42 -2.71
CA SER D 547 -5.19 -27.28 -2.05
C SER D 547 -3.75 -26.93 -2.41
N ASN D 548 -2.88 -26.92 -1.41
CA ASN D 548 -1.44 -26.83 -1.64
C ASN D 548 -1.00 -25.63 -2.47
N ASN D 549 -1.69 -24.51 -2.30
CA ASN D 549 -1.34 -23.27 -2.96
C ASN D 549 -0.44 -22.41 -2.11
N ASP D 550 0.37 -21.59 -2.75
CA ASP D 550 1.20 -20.63 -2.07
C ASP D 550 0.49 -19.28 -2.08
N MET D 551 -0.11 -18.95 -0.94
CA MET D 551 -0.81 -17.69 -0.78
C MET D 551 -0.07 -16.79 0.21
N THR D 552 1.24 -16.96 0.34
CA THR D 552 2.01 -16.24 1.34
C THR D 552 1.84 -14.73 1.21
N GLY D 553 1.49 -14.13 2.35
CA GLY D 553 1.51 -12.69 2.48
C GLY D 553 0.16 -12.00 2.48
N HIS D 554 -0.88 -12.70 2.11
CA HIS D 554 -2.23 -12.10 1.99
C HIS D 554 -2.85 -11.85 3.36
N GLY D 555 -2.34 -12.46 4.40
CA GLY D 555 -2.93 -12.26 5.74
C GLY D 555 -4.40 -12.59 5.76
N LEU D 556 -5.15 -11.70 6.40
CA LEU D 556 -6.59 -11.81 6.47
C LEU D 556 -7.32 -11.55 5.16
N PHE D 557 -6.57 -11.14 4.12
CA PHE D 557 -7.12 -10.65 2.88
C PHE D 557 -6.77 -11.52 1.70
N TRP D 558 -6.73 -12.84 1.93
CA TRP D 558 -6.52 -13.75 0.83
C TRP D 558 -7.69 -13.80 -0.12
N ALA D 559 -8.91 -13.58 0.35
CA ALA D 559 -10.13 -13.62 -0.49
C ALA D 559 -10.75 -12.23 -0.64
N LEU D 560 -11.25 -11.96 -1.79
CA LEU D 560 -12.19 -10.86 -2.05
C LEU D 560 -13.56 -11.45 -2.33
N LEU D 561 -14.60 -10.88 -1.75
CA LEU D 561 -15.95 -11.24 -2.05
C LEU D 561 -16.76 -9.99 -2.36
N SER D 562 -17.63 -10.06 -3.33
CA SER D 562 -18.65 -9.01 -3.58
C SER D 562 -19.95 -9.59 -3.97
N GLY D 563 -21.03 -8.86 -3.67
CA GLY D 563 -22.32 -9.25 -4.10
C GLY D 563 -23.07 -10.31 -3.31
N TYR D 564 -22.52 -10.70 -2.15
CA TYR D 564 -23.20 -11.60 -1.24
C TYR D 564 -24.14 -10.86 -0.32
N THR D 565 -25.29 -11.46 -0.07
CA THR D 565 -26.27 -10.85 0.87
C THR D 565 -26.27 -11.57 2.19
N VAL D 566 -25.81 -12.85 2.22
CA VAL D 566 -25.57 -13.54 3.45
C VAL D 566 -24.21 -14.25 3.33
N GLN D 567 -23.52 -14.38 4.43
CA GLN D 567 -22.17 -14.93 4.43
C GLN D 567 -22.18 -16.32 3.83
N PRO D 568 -21.37 -16.51 2.75
CA PRO D 568 -21.35 -17.79 2.16
C PRO D 568 -20.36 -18.73 2.89
N THR D 569 -20.57 -20.02 2.68
CA THR D 569 -19.64 -21.03 3.17
C THR D 569 -18.38 -20.98 2.31
N PRO D 570 -17.19 -21.21 2.92
CA PRO D 570 -15.97 -21.13 2.15
C PRO D 570 -15.71 -22.36 1.27
N PRO D 571 -14.70 -22.23 0.37
CA PRO D 571 -14.22 -23.41 -0.31
C PRO D 571 -13.61 -24.39 0.69
N ARG D 572 -13.55 -25.65 0.30
CA ARG D 572 -12.64 -26.53 0.97
C ARG D 572 -11.20 -26.08 0.77
N MET D 573 -10.40 -26.08 1.82
CA MET D 573 -9.05 -25.61 1.79
C MET D 573 -8.15 -26.65 2.47
N SER D 574 -7.10 -27.08 1.79
CA SER D 574 -6.18 -28.10 2.32
C SER D 574 -4.71 -27.70 2.16
N ARG D 575 -4.04 -27.43 3.26
CA ARG D 575 -2.59 -27.34 3.32
C ARG D 575 -2.00 -26.28 2.42
N ASN D 576 -2.70 -25.14 2.32
CA ASN D 576 -2.18 -23.95 1.66
C ASN D 576 -1.21 -23.21 2.58
N LEU D 577 -0.31 -22.43 2.01
CA LEU D 577 0.59 -21.54 2.76
C LEU D 577 0.06 -20.12 2.78
N LEU D 578 -0.10 -19.56 3.99
CA LEU D 578 -0.55 -18.18 4.08
C LEU D 578 0.50 -17.28 4.66
N ASP D 579 1.42 -17.82 5.47
CA ASP D 579 2.49 -17.01 6.09
C ASP D 579 3.80 -17.76 5.99
N ASP D 580 4.90 -17.01 6.06
CA ASP D 580 6.23 -17.57 5.98
C ASP D 580 7.06 -17.48 7.27
N THR D 581 6.53 -16.86 8.32
CA THR D 581 7.19 -16.69 9.57
C THR D 581 6.19 -17.02 10.66
N GLY D 582 6.66 -17.48 11.82
CA GLY D 582 5.74 -17.91 12.88
C GLY D 582 4.82 -19.07 12.50
N ILE D 583 5.37 -20.00 11.70
CA ILE D 583 4.56 -21.06 11.10
C ILE D 583 4.96 -22.49 11.45
N ARG D 584 6.07 -22.68 12.17
CA ARG D 584 6.42 -24.04 12.67
C ARG D 584 7.19 -23.83 13.98
N GLY D 585 6.91 -24.72 14.93
CA GLY D 585 7.62 -24.71 16.19
C GLY D 585 7.37 -25.95 17.02
N VAL D 586 7.83 -25.90 18.30
CA VAL D 586 7.55 -26.92 19.27
C VAL D 586 7.14 -26.23 20.54
N ALA D 587 6.05 -26.72 21.11
CA ALA D 587 5.59 -26.28 22.43
C ALA D 587 5.62 -27.44 23.43
N THR D 588 5.75 -27.12 24.70
CA THR D 588 5.68 -28.15 25.74
C THR D 588 4.47 -27.86 26.62
N LEU D 589 3.60 -28.84 26.73
CA LEU D 589 2.38 -28.72 27.54
C LEU D 589 2.75 -28.67 29.01
N VAL D 590 2.05 -27.86 29.77
CA VAL D 590 2.13 -27.85 31.23
C VAL D 590 0.72 -28.00 31.69
N ALA D 591 0.46 -29.01 32.50
CA ALA D 591 -0.92 -29.25 32.97
C ALA D 591 -1.92 -29.29 31.82
N GLY D 592 -1.51 -29.96 30.75
CA GLY D 592 -2.34 -30.23 29.60
C GLY D 592 -2.56 -29.07 28.64
N GLU D 593 -1.86 -27.94 28.82
CA GLU D 593 -2.01 -26.78 27.94
C GLU D 593 -0.68 -26.08 27.62
N ALA D 594 -0.63 -25.48 26.43
CA ALA D 594 0.47 -24.55 26.08
C ALA D 594 -0.12 -23.42 25.26
N THR D 595 0.30 -22.22 25.54
CA THR D 595 0.01 -21.04 24.71
C THR D 595 1.22 -20.83 23.75
N VAL D 596 0.92 -20.71 22.47
CA VAL D 596 1.90 -20.66 21.40
C VAL D 596 1.72 -19.33 20.63
N ASN D 597 2.78 -18.51 20.53
CA ASN D 597 2.73 -17.34 19.64
C ASN D 597 3.04 -17.88 18.23
N ALA D 598 2.25 -17.51 17.28
CA ALA D 598 2.36 -18.02 15.89
C ALA D 598 1.50 -17.16 15.01
N ARG D 599 1.78 -17.16 13.70
CA ARG D 599 0.88 -16.48 12.76
C ARG D 599 -0.26 -17.39 12.35
N VAL D 600 -1.05 -17.76 13.35
CA VAL D 600 -2.34 -18.33 13.20
C VAL D 600 -3.28 -17.17 12.89
N ARG D 601 -4.30 -17.45 12.08
CA ARG D 601 -5.18 -16.44 11.61
C ARG D 601 -6.59 -16.94 11.46
N GLY D 602 -7.57 -16.04 11.38
CA GLY D 602 -8.93 -16.41 11.12
C GLY D 602 -9.82 -15.22 11.04
N ASN D 603 -11.02 -15.45 10.54
CA ASN D 603 -12.10 -14.49 10.64
C ASN D 603 -13.27 -15.16 11.28
N PHE D 604 -13.78 -14.55 12.33
CA PHE D 604 -14.87 -15.10 13.09
C PHE D 604 -16.15 -14.29 12.99
N GLY D 605 -16.10 -13.22 12.20
CA GLY D 605 -17.31 -12.39 11.95
C GLY D 605 -18.31 -12.96 10.99
N SER D 606 -19.39 -12.22 10.82
CA SER D 606 -20.54 -12.65 10.00
C SER D 606 -20.84 -11.67 8.84
N VAL D 607 -19.87 -10.85 8.46
CA VAL D 607 -20.07 -9.85 7.40
C VAL D 607 -20.35 -10.66 6.11
N ALA D 608 -21.38 -10.29 5.39
CA ALA D 608 -21.83 -11.06 4.21
C ALA D 608 -20.71 -11.28 3.23
N ASN D 609 -19.96 -10.23 2.90
CA ASN D 609 -18.83 -10.39 1.95
C ASN D 609 -17.55 -10.76 2.64
N SER D 610 -17.60 -11.88 3.35
CA SER D 610 -16.42 -12.48 4.01
C SER D 610 -16.69 -13.94 4.23
N PHE D 611 -15.62 -14.66 4.55
CA PHE D 611 -15.64 -16.08 4.97
C PHE D 611 -15.37 -16.14 6.46
N LYS D 612 -15.98 -17.10 7.14
CA LYS D 612 -15.60 -17.46 8.50
C LYS D 612 -14.61 -18.63 8.33
N TRP D 613 -13.43 -18.51 8.89
CA TRP D 613 -12.38 -19.49 8.67
C TRP D 613 -11.30 -19.35 9.71
N VAL D 614 -10.47 -20.38 9.85
CA VAL D 614 -9.29 -20.36 10.69
C VAL D 614 -8.20 -21.25 10.11
N SER D 615 -6.97 -20.96 10.48
CA SER D 615 -5.82 -21.75 10.06
C SER D 615 -6.03 -23.25 10.38
N GLU D 616 -5.50 -24.13 9.55
CA GLU D 616 -5.30 -25.55 9.91
C GLU D 616 -3.94 -25.67 10.58
N VAL D 617 -3.96 -26.01 11.87
CA VAL D 617 -2.72 -26.26 12.61
C VAL D 617 -2.54 -27.76 12.78
N LYS D 618 -1.47 -28.27 12.17
CA LYS D 618 -1.13 -29.67 12.23
C LYS D 618 -0.27 -29.86 13.47
N LEU D 619 -0.67 -30.81 14.32
CA LEU D 619 0.00 -31.10 15.58
C LEU D 619 0.55 -32.51 15.54
N THR D 620 1.82 -32.69 15.92
CA THR D 620 2.43 -34.00 16.07
C THR D 620 3.18 -34.06 17.39
N ARG D 621 3.04 -35.17 18.09
CA ARG D 621 3.63 -35.33 19.38
C ARG D 621 5.10 -35.78 19.29
N LEU D 622 5.97 -35.15 20.02
CA LEU D 622 7.44 -35.45 20.00
C LEU D 622 8.03 -36.07 21.28
N THR D 623 7.31 -36.01 22.39
CA THR D 623 7.62 -36.77 23.57
C THR D 623 6.41 -37.49 24.10
N PHE D 624 6.63 -38.57 24.87
CA PHE D 624 5.60 -39.53 25.09
C PHE D 624 5.36 -39.87 26.58
N PRO D 625 4.96 -38.87 27.33
CA PRO D 625 4.67 -39.13 28.73
C PRO D 625 3.47 -40.01 28.94
N SER D 626 3.35 -40.59 30.15
CA SER D 626 2.24 -41.44 30.44
C SER D 626 0.90 -40.69 30.37
N SER D 627 0.96 -39.36 30.52
CA SER D 627 -0.22 -38.50 30.52
C SER D 627 -0.58 -37.97 29.14
N ALA D 628 -0.01 -38.54 28.08
CA ALA D 628 -0.39 -38.19 26.72
C ALA D 628 -1.90 -38.35 26.50
N GLY D 629 -2.53 -37.29 26.04
CA GLY D 629 -3.97 -37.23 25.74
C GLY D 629 -4.23 -36.73 24.30
N ALA D 630 -5.51 -36.65 23.92
CA ALA D 630 -5.84 -36.20 22.56
C ALA D 630 -5.70 -34.67 22.53
N LEU D 631 -5.19 -34.14 21.43
CA LEU D 631 -4.83 -32.73 21.34
C LEU D 631 -5.80 -31.94 20.47
N THR D 632 -5.92 -30.67 20.78
CA THR D 632 -6.77 -29.79 20.02
C THR D 632 -6.20 -28.39 20.06
N VAL D 633 -6.66 -27.57 19.13
CA VAL D 633 -6.33 -26.16 19.08
C VAL D 633 -7.56 -25.39 19.52
N THR D 634 -7.32 -24.45 20.44
CA THR D 634 -8.35 -23.57 20.85
C THR D 634 -7.72 -22.18 21.15
N SER D 635 -8.57 -21.29 21.64
CA SER D 635 -8.20 -19.91 22.02
C SER D 635 -7.34 -19.17 20.97
N VAL D 636 -7.79 -19.21 19.72
CA VAL D 636 -7.13 -18.45 18.69
C VAL D 636 -7.32 -16.98 18.97
N ALA D 637 -6.24 -16.26 19.04
CA ALA D 637 -6.26 -14.82 19.34
C ALA D 637 -5.38 -14.11 18.36
N GLN D 638 -5.80 -12.94 17.93
CA GLN D 638 -5.03 -12.17 16.99
C GLN D 638 -4.77 -10.79 17.58
N ASN D 639 -3.51 -10.44 17.60
CA ASN D 639 -3.01 -9.25 18.28
C ASN D 639 -3.68 -8.02 17.75
N GLN D 640 -4.07 -7.11 18.67
CA GLN D 640 -4.72 -5.89 18.29
C GLN D 640 -4.03 -4.66 18.88
N ASP D 641 -2.70 -4.67 18.91
CA ASP D 641 -1.87 -3.53 19.29
C ASP D 641 -2.35 -2.30 18.48
N VAL D 642 -2.37 -1.14 19.13
CA VAL D 642 -2.76 0.13 18.52
C VAL D 642 -1.52 1.02 18.16
N PRO D 643 -1.48 1.65 16.94
CA PRO D 643 -2.42 1.64 15.80
C PRO D 643 -2.18 0.50 14.82
N THR D 644 -1.11 -0.27 15.00
CA THR D 644 -0.86 -1.35 14.07
C THR D 644 -0.72 -2.74 14.77
N PRO D 645 -1.63 -3.65 14.44
CA PRO D 645 -1.47 -5.02 14.96
C PRO D 645 -0.17 -5.71 14.62
N ASN D 646 0.32 -6.59 15.49
CA ASN D 646 1.55 -7.35 15.22
C ASN D 646 1.20 -8.84 15.14
N PRO D 647 1.13 -9.38 13.92
CA PRO D 647 0.72 -10.77 13.77
C PRO D 647 1.65 -11.83 14.37
N ASP D 648 2.90 -11.47 14.62
CA ASP D 648 3.79 -12.37 15.35
C ASP D 648 3.33 -12.62 16.76
N LEU D 649 2.48 -11.75 17.27
CA LEU D 649 1.89 -11.91 18.60
C LEU D 649 0.52 -12.49 18.58
N ASN D 650 0.04 -13.01 17.44
CA ASN D 650 -1.12 -13.82 17.44
C ASN D 650 -0.81 -15.11 18.21
N SER D 651 -1.81 -15.81 18.66
CA SER D 651 -1.51 -17.00 19.46
C SER D 651 -2.64 -17.99 19.41
N PHE D 652 -2.33 -19.22 19.80
CA PHE D 652 -3.33 -20.26 19.97
C PHE D 652 -2.91 -21.08 21.19
N VAL D 653 -3.87 -21.85 21.71
CA VAL D 653 -3.60 -22.81 22.77
C VAL D 653 -3.71 -24.23 22.26
N ILE D 654 -2.69 -25.05 22.60
CA ILE D 654 -2.77 -26.50 22.42
C ILE D 654 -3.25 -27.05 23.73
N ARG D 655 -4.36 -27.77 23.69
CA ARG D 655 -4.96 -28.37 24.88
C ARG D 655 -5.12 -29.87 24.70
N SER D 656 -4.74 -30.60 25.74
CA SER D 656 -4.92 -32.02 25.78
C SER D 656 -6.17 -32.43 26.53
N SER D 657 -6.69 -33.62 26.19
CA SER D 657 -7.80 -34.23 26.92
C SER D 657 -7.34 -34.68 28.34
N ASN D 658 -6.02 -34.87 28.52
CA ASN D 658 -5.46 -35.24 29.78
C ASN D 658 -4.87 -34.03 30.49
N ALA D 659 -5.45 -33.69 31.64
CA ALA D 659 -5.08 -32.44 32.31
C ALA D 659 -3.68 -32.50 32.93
N ALA D 660 -3.04 -33.69 32.90
CA ALA D 660 -1.65 -33.82 33.31
C ALA D 660 -0.65 -33.86 32.17
N ASP D 661 -1.14 -33.77 30.93
CA ASP D 661 -0.24 -33.89 29.77
C ASP D 661 0.89 -32.87 29.81
N VAL D 662 2.12 -33.36 29.55
CA VAL D 662 3.34 -32.61 29.47
C VAL D 662 4.09 -32.80 28.15
N SER D 663 3.39 -33.34 27.17
CA SER D 663 3.99 -33.65 25.86
C SER D 663 4.66 -32.46 25.23
N GLN D 664 5.76 -32.68 24.53
CA GLN D 664 6.22 -31.76 23.52
C GLN D 664 5.45 -31.99 22.25
N VAL D 665 4.94 -30.91 21.67
CA VAL D 665 4.09 -30.96 20.49
C VAL D 665 4.63 -30.08 19.41
N ALA D 666 4.90 -30.65 18.25
CA ALA D 666 5.24 -29.91 17.04
C ALA D 666 3.97 -29.33 16.44
N TRP D 667 4.05 -28.08 16.03
CA TRP D 667 2.91 -27.40 15.40
C TRP D 667 3.35 -26.76 14.08
N GLU D 668 2.44 -26.82 13.09
CA GLU D 668 2.66 -26.29 11.73
C GLU D 668 1.39 -25.57 11.31
N VAL D 669 1.54 -24.32 10.85
CA VAL D 669 0.36 -23.48 10.49
C VAL D 669 0.18 -23.41 8.97
N TYR D 670 -0.97 -23.89 8.53
CA TYR D 670 -1.39 -23.90 7.14
C TYR D 670 -2.67 -23.11 7.02
N LEU D 671 -3.11 -22.88 5.82
CA LEU D 671 -4.50 -22.45 5.52
C LEU D 671 -5.23 -23.66 4.92
N ALA E 28 29.36 -16.91 -89.52
CA ALA E 28 28.91 -15.49 -89.71
C ALA E 28 27.39 -15.35 -89.62
N PRO E 29 26.87 -14.70 -88.55
CA PRO E 29 27.58 -13.96 -87.49
C PRO E 29 27.97 -14.78 -86.24
N GLU E 30 28.54 -15.97 -86.44
CA GLU E 30 28.90 -16.90 -85.36
C GLU E 30 30.38 -16.86 -85.00
N ARG E 31 30.69 -16.33 -83.82
CA ARG E 31 32.06 -16.26 -83.33
C ARG E 31 32.27 -17.25 -82.21
N VAL E 32 33.10 -18.25 -82.50
CA VAL E 32 33.40 -19.33 -81.58
C VAL E 32 34.86 -19.30 -81.19
N PHE E 33 35.13 -19.39 -79.89
CA PHE E 33 36.47 -19.33 -79.36
C PHE E 33 36.82 -20.51 -78.47
N SER E 34 38.08 -20.96 -78.57
CA SER E 34 38.58 -22.12 -77.87
C SER E 34 39.04 -21.80 -76.46
N ASP E 35 39.46 -20.53 -76.24
CA ASP E 35 39.88 -20.10 -74.91
C ASP E 35 39.55 -18.64 -74.74
N LEU E 36 39.56 -18.21 -73.48
CA LEU E 36 39.17 -16.88 -73.14
C LEU E 36 40.04 -15.79 -73.79
N ALA E 37 41.35 -16.01 -73.85
CA ALA E 37 42.28 -14.99 -74.41
C ALA E 37 41.93 -14.60 -75.85
N SER E 38 41.63 -15.61 -76.67
CA SER E 38 41.22 -15.40 -78.06
C SER E 38 39.92 -14.63 -78.16
N MET E 39 38.97 -14.92 -77.22
CA MET E 39 37.67 -14.26 -77.29
C MET E 39 37.83 -12.78 -76.99
N VAL E 40 38.54 -12.45 -75.91
CA VAL E 40 38.61 -11.06 -75.47
C VAL E 40 39.54 -10.17 -76.27
N ALA E 41 40.34 -10.76 -77.13
CA ALA E 41 41.20 -10.02 -78.06
C ALA E 41 40.50 -9.65 -79.39
N TYR E 42 39.33 -10.21 -79.68
CA TYR E 42 38.65 -9.93 -80.98
C TYR E 42 38.08 -8.53 -81.02
N PRO E 43 38.43 -7.75 -82.08
CA PRO E 43 38.10 -6.30 -82.17
C PRO E 43 36.80 -5.99 -82.86
N ASN E 44 36.32 -6.98 -83.62
CA ASN E 44 35.23 -6.82 -84.54
C ASN E 44 33.86 -7.11 -83.97
N PHE E 45 33.70 -7.31 -82.64
CA PHE E 45 32.40 -7.71 -82.15
C PHE E 45 31.34 -6.67 -82.48
N GLN E 46 30.19 -7.18 -82.90
CA GLN E 46 29.03 -6.39 -83.18
C GLN E 46 27.96 -6.87 -82.25
N VAL E 47 27.01 -6.00 -81.97
CA VAL E 47 25.91 -6.33 -81.09
C VAL E 47 25.07 -7.51 -81.62
N GLN E 48 25.04 -7.70 -82.94
CA GLN E 48 24.24 -8.76 -83.54
C GLN E 48 25.03 -10.05 -83.72
N ASP E 49 26.23 -10.12 -83.15
CA ASP E 49 27.02 -11.39 -83.23
C ASP E 49 26.52 -12.44 -82.23
N LYS E 50 26.61 -13.70 -82.64
CA LYS E 50 26.35 -14.84 -81.80
C LYS E 50 27.73 -15.35 -81.36
N ILE E 51 28.03 -15.18 -80.08
CA ILE E 51 29.37 -15.40 -79.56
C ILE E 51 29.42 -16.56 -78.56
N THR E 52 30.33 -17.51 -78.77
CA THR E 52 30.46 -18.66 -77.91
C THR E 52 31.88 -18.89 -77.43
N LEU E 53 32.04 -19.16 -76.14
CA LEU E 53 33.33 -19.59 -75.57
C LEU E 53 33.23 -21.08 -75.22
N LEU E 54 34.20 -21.87 -75.67
CA LEU E 54 34.28 -23.30 -75.30
C LEU E 54 35.18 -23.55 -74.09
N GLY E 55 34.99 -24.71 -73.46
CA GLY E 55 35.85 -25.15 -72.36
C GLY E 55 35.60 -24.49 -71.01
N SER E 56 36.68 -24.31 -70.26
CA SER E 56 36.58 -23.77 -68.94
C SER E 56 35.93 -22.38 -69.03
N ALA E 57 35.01 -22.15 -68.08
CA ALA E 57 34.20 -20.95 -67.91
C ALA E 57 33.37 -20.70 -69.16
N GLY E 58 33.10 -21.74 -69.94
CA GLY E 58 32.48 -21.59 -71.25
C GLY E 58 31.07 -21.12 -71.19
N GLY E 59 30.57 -20.65 -72.34
CA GLY E 59 29.16 -20.21 -72.50
C GLY E 59 28.95 -19.25 -73.68
N ASP E 60 27.78 -18.63 -73.71
CA ASP E 60 27.39 -17.71 -74.75
C ASP E 60 27.41 -16.27 -74.24
N PHE E 61 27.69 -15.33 -75.12
CA PHE E 61 27.92 -13.92 -74.75
C PHE E 61 27.24 -12.97 -75.74
N THR E 62 26.90 -11.81 -75.22
CA THR E 62 26.33 -10.68 -75.93
C THR E 62 27.34 -9.52 -75.89
N PHE E 63 27.60 -8.87 -77.05
CA PHE E 63 28.45 -7.73 -77.11
C PHE E 63 27.61 -6.47 -76.87
N THR E 64 28.15 -5.53 -76.11
CA THR E 64 27.53 -4.23 -75.91
C THR E 64 28.60 -3.15 -75.84
N THR E 65 28.24 -1.92 -76.23
CA THR E 65 29.05 -0.77 -76.03
C THR E 65 28.76 -0.06 -74.73
N THR E 66 27.70 -0.47 -74.05
CA THR E 66 27.34 0.13 -72.79
C THR E 66 28.31 -0.21 -71.71
N ALA E 67 28.75 0.80 -70.96
CA ALA E 67 29.68 0.64 -69.88
C ALA E 67 29.15 -0.42 -68.91
N SER E 68 29.97 -1.40 -68.59
CA SER E 68 29.55 -2.59 -67.87
C SER E 68 30.65 -2.93 -66.85
N VAL E 69 30.23 -3.42 -65.67
CA VAL E 69 31.16 -3.62 -64.54
C VAL E 69 31.93 -4.93 -64.74
N VAL E 70 33.19 -4.83 -65.20
CA VAL E 70 33.98 -6.03 -65.51
C VAL E 70 34.26 -6.83 -64.25
N ASP E 71 34.07 -8.16 -64.35
CA ASP E 71 34.36 -9.05 -63.25
C ASP E 71 35.03 -10.32 -63.70
N ASN E 72 35.32 -10.40 -65.00
CA ASN E 72 35.94 -11.59 -65.56
C ASN E 72 35.24 -12.87 -65.21
N GLY E 73 33.92 -12.79 -65.18
CA GLY E 73 33.07 -13.93 -65.02
C GLY E 73 31.76 -13.82 -65.74
N THR E 74 31.06 -12.71 -65.50
CA THR E 74 29.86 -12.39 -66.21
C THR E 74 30.02 -11.20 -67.20
N VAL E 75 31.03 -10.34 -66.98
CA VAL E 75 31.36 -9.19 -67.82
C VAL E 75 32.87 -9.17 -68.09
N PHE E 76 33.23 -9.14 -69.38
CA PHE E 76 34.63 -9.10 -69.85
C PHE E 76 34.80 -7.82 -70.72
N ALA E 77 35.92 -7.14 -70.58
CA ALA E 77 36.28 -6.03 -71.46
C ALA E 77 36.84 -6.59 -72.77
N VAL E 78 36.42 -6.03 -73.87
CA VAL E 78 36.94 -6.34 -75.20
C VAL E 78 37.12 -5.01 -75.98
N PRO E 79 37.80 -5.06 -77.15
CA PRO E 79 37.93 -3.83 -77.92
C PRO E 79 36.55 -3.37 -78.43
N GLY E 80 36.22 -2.12 -78.12
CA GLY E 80 35.01 -1.54 -78.55
C GLY E 80 33.91 -1.67 -77.58
N GLY E 81 34.11 -2.45 -76.50
CA GLY E 81 33.09 -2.53 -75.46
C GLY E 81 33.26 -3.71 -74.53
N TYR E 82 32.17 -4.45 -74.33
CA TYR E 82 32.11 -5.47 -73.28
C TYR E 82 31.38 -6.71 -73.80
N LEU E 83 31.74 -7.87 -73.24
CA LEU E 83 30.97 -9.11 -73.44
C LEU E 83 30.20 -9.42 -72.14
N LEU E 84 28.90 -9.64 -72.28
CA LEU E 84 28.01 -9.98 -71.19
C LEU E 84 27.64 -11.43 -71.35
N ARG E 85 27.92 -12.25 -70.36
CA ARG E 85 27.46 -13.66 -70.39
C ARG E 85 25.96 -13.72 -70.45
N LYS E 86 25.45 -14.56 -71.35
CA LYS E 86 24.02 -14.79 -71.49
C LYS E 86 23.57 -15.87 -70.52
N PHE E 87 22.71 -15.48 -69.57
CA PHE E 87 22.19 -16.46 -68.65
C PHE E 87 20.94 -15.97 -67.94
N VAL E 88 20.17 -16.94 -67.50
CA VAL E 88 19.08 -16.75 -66.52
C VAL E 88 19.36 -17.62 -65.32
N GLY E 89 18.75 -17.27 -64.20
CA GLY E 89 19.02 -17.94 -62.98
C GLY E 89 20.37 -17.53 -62.40
N PRO E 90 20.96 -18.39 -61.58
CA PRO E 90 22.18 -17.98 -60.85
C PRO E 90 23.42 -17.90 -61.71
N ALA E 91 24.37 -17.08 -61.29
CA ALA E 91 25.75 -17.14 -61.78
C ALA E 91 26.45 -18.30 -61.06
N TYR E 92 27.60 -18.73 -61.61
CA TYR E 92 28.36 -19.82 -61.05
C TYR E 92 29.78 -19.40 -60.90
N SER E 93 30.39 -19.79 -59.78
CA SER E 93 31.77 -19.42 -59.52
C SER E 93 32.75 -19.96 -60.56
N SER E 94 32.43 -21.14 -61.16
CA SER E 94 33.29 -21.67 -62.23
C SER E 94 33.41 -20.78 -63.44
N TRP E 95 32.55 -19.76 -63.56
CA TRP E 95 32.62 -18.79 -64.64
C TRP E 95 33.73 -17.76 -64.48
N PHE E 96 34.22 -17.59 -63.25
CA PHE E 96 35.08 -16.47 -62.88
C PHE E 96 36.55 -16.84 -62.93
N SER E 97 37.36 -15.93 -63.45
CA SER E 97 38.80 -16.07 -63.49
C SER E 97 39.49 -16.12 -62.15
N ASN E 98 38.95 -15.41 -61.16
CA ASN E 98 39.62 -15.28 -59.87
C ASN E 98 38.70 -14.76 -58.78
N TRP E 99 39.19 -14.85 -57.56
CA TRP E 99 38.53 -14.40 -56.39
C TRP E 99 38.14 -12.93 -56.47
N THR E 100 39.03 -12.08 -57.00
CA THR E 100 38.74 -10.64 -57.16
C THR E 100 37.47 -10.41 -57.93
N GLY E 101 37.22 -11.18 -58.99
CA GLY E 101 36.01 -11.01 -59.78
C GLY E 101 34.75 -11.41 -59.01
N ILE E 102 34.85 -12.48 -58.20
CA ILE E 102 33.75 -12.88 -57.32
C ILE E 102 33.39 -11.71 -56.41
N VAL E 103 34.40 -11.14 -55.76
CA VAL E 103 34.16 -9.99 -54.89
C VAL E 103 33.46 -8.83 -55.64
N THR E 104 33.96 -8.53 -56.85
CA THR E 104 33.37 -7.47 -57.66
C THR E 104 31.92 -7.78 -57.94
N PHE E 105 31.63 -9.02 -58.38
CA PHE E 105 30.26 -9.38 -58.69
C PHE E 105 29.35 -9.20 -57.49
N MET E 106 29.81 -9.66 -56.33
CA MET E 106 28.95 -9.58 -55.12
C MET E 106 28.93 -8.19 -54.50
N SER E 107 29.75 -7.28 -54.99
CA SER E 107 29.68 -5.90 -54.48
C SER E 107 28.40 -5.17 -54.86
N ALA E 108 27.64 -5.68 -55.80
CA ALA E 108 26.33 -5.14 -56.19
C ALA E 108 25.21 -5.87 -55.46
N PRO E 109 24.03 -5.26 -55.36
CA PRO E 109 22.87 -5.96 -54.81
C PRO E 109 22.26 -6.90 -55.82
N ASN E 110 21.23 -7.63 -55.41
CA ASN E 110 20.41 -8.43 -56.33
C ASN E 110 21.16 -9.55 -56.98
N ARG E 111 22.16 -10.10 -56.32
CA ARG E 111 22.99 -11.16 -56.90
C ARG E 111 22.58 -12.55 -56.41
N HIS E 112 22.65 -13.52 -57.31
CA HIS E 112 22.52 -14.93 -56.96
C HIS E 112 23.73 -15.66 -57.52
N LEU E 113 24.60 -16.10 -56.65
CA LEU E 113 25.84 -16.81 -57.05
C LEU E 113 25.90 -18.17 -56.40
N VAL E 114 26.10 -19.19 -57.24
CA VAL E 114 26.35 -20.55 -56.77
C VAL E 114 27.86 -20.82 -56.80
N VAL E 115 28.38 -21.17 -55.66
CA VAL E 115 29.76 -21.57 -55.51
C VAL E 115 29.86 -23.06 -55.84
N ASP E 116 30.34 -23.35 -57.06
CA ASP E 116 30.46 -24.72 -57.52
C ASP E 116 31.96 -25.12 -57.67
N THR E 117 32.84 -24.32 -57.12
CA THR E 117 34.27 -24.54 -57.14
C THR E 117 34.88 -24.25 -55.78
N VAL E 118 36.13 -24.67 -55.59
CA VAL E 118 36.87 -24.36 -54.40
C VAL E 118 37.58 -23.03 -54.58
N LEU E 119 37.11 -22.02 -53.85
CA LEU E 119 37.59 -20.70 -53.96
C LEU E 119 38.64 -20.42 -52.91
N GLN E 120 39.69 -19.70 -53.29
CA GLN E 120 40.75 -19.31 -52.39
C GLN E 120 40.60 -17.83 -52.11
N ALA E 121 40.13 -17.50 -50.90
CA ALA E 121 39.94 -16.08 -50.53
C ALA E 121 41.25 -15.39 -50.22
N THR E 122 41.33 -14.12 -50.66
CA THR E 122 42.45 -13.28 -50.35
C THR E 122 41.97 -11.97 -49.78
N SER E 123 40.66 -11.92 -49.46
CA SER E 123 40.05 -10.74 -48.90
C SER E 123 38.69 -11.19 -48.34
N VAL E 124 38.05 -10.30 -47.64
CA VAL E 124 36.66 -10.48 -47.22
C VAL E 124 35.73 -10.41 -48.44
N LEU E 125 34.69 -11.25 -48.41
CA LEU E 125 33.61 -11.17 -49.37
C LEU E 125 32.40 -10.46 -48.77
N ASN E 126 32.08 -9.27 -49.29
CA ASN E 126 30.90 -8.59 -48.82
C ASN E 126 29.67 -8.96 -49.63
N ILE E 127 28.54 -9.14 -48.95
CA ILE E 127 27.30 -9.49 -49.59
C ILE E 127 26.36 -8.30 -49.36
N LYS E 128 25.62 -7.95 -50.38
CA LYS E 128 24.72 -6.77 -50.37
C LYS E 128 23.26 -7.21 -50.36
N SER E 129 22.35 -6.27 -50.31
CA SER E 129 20.95 -6.56 -50.14
C SER E 129 20.39 -7.44 -51.29
N ASN E 130 19.35 -8.19 -50.95
CA ASN E 130 18.62 -9.01 -51.91
C ASN E 130 19.54 -9.91 -52.69
N SER E 131 20.46 -10.57 -52.01
CA SER E 131 21.40 -11.46 -52.67
C SER E 131 21.44 -12.81 -51.97
N THR E 132 21.78 -13.83 -52.75
CA THR E 132 21.86 -15.22 -52.31
C THR E 132 23.21 -15.76 -52.71
N LEU E 133 23.88 -16.37 -51.77
CA LEU E 133 25.12 -17.07 -52.01
C LEU E 133 24.87 -18.52 -51.62
N GLU E 134 24.96 -19.40 -52.60
CA GLU E 134 24.66 -20.79 -52.45
C GLU E 134 25.87 -21.64 -52.79
N PHE E 135 26.03 -22.75 -52.10
CA PHE E 135 27.14 -23.63 -52.35
C PHE E 135 26.63 -24.99 -52.80
N THR E 136 27.31 -25.54 -53.81
CA THR E 136 27.15 -26.97 -54.09
C THR E 136 27.98 -27.76 -53.08
N ASP E 137 27.82 -29.08 -53.07
CA ASP E 137 28.58 -29.88 -52.09
C ASP E 137 30.07 -29.80 -52.29
N THR E 138 30.48 -29.54 -53.55
CA THR E 138 31.89 -29.37 -53.92
C THR E 138 32.44 -27.96 -53.55
N GLY E 139 31.55 -26.96 -53.54
CA GLY E 139 31.99 -25.60 -53.37
C GLY E 139 32.52 -25.31 -52.00
N ARG E 140 33.52 -24.44 -51.93
CA ARG E 140 34.14 -24.04 -50.66
C ARG E 140 34.60 -22.60 -50.80
N ILE E 141 34.68 -21.91 -49.68
CA ILE E 141 35.59 -20.77 -49.56
C ILE E 141 36.69 -21.17 -48.58
N LEU E 142 37.91 -21.31 -49.08
CA LEU E 142 39.03 -21.56 -48.22
C LEU E 142 39.65 -20.20 -47.85
N PRO E 143 39.77 -19.94 -46.54
CA PRO E 143 40.35 -18.67 -46.12
C PRO E 143 41.86 -18.62 -46.46
N ASP E 144 42.42 -17.43 -46.36
CA ASP E 144 43.85 -17.15 -46.64
C ASP E 144 44.70 -17.64 -45.50
N ALA E 145 45.65 -18.54 -45.77
CA ALA E 145 46.61 -18.99 -44.75
C ALA E 145 47.57 -17.88 -44.30
N ALA E 146 47.81 -16.89 -45.17
CA ALA E 146 48.78 -15.85 -44.88
C ALA E 146 48.32 -14.89 -43.79
N VAL E 147 47.02 -14.61 -43.72
CA VAL E 147 46.52 -13.72 -42.73
C VAL E 147 45.12 -14.16 -42.33
N ALA E 148 44.87 -14.20 -41.03
CA ALA E 148 43.54 -14.47 -40.49
C ALA E 148 42.65 -13.21 -40.62
N ARG E 149 41.57 -13.37 -41.34
CA ARG E 149 40.61 -12.34 -41.55
C ARG E 149 39.18 -12.90 -41.53
N GLN E 150 38.18 -12.03 -41.67
CA GLN E 150 36.82 -12.46 -41.73
C GLN E 150 36.56 -13.01 -43.16
N VAL E 151 35.57 -13.91 -43.29
CA VAL E 151 35.28 -14.53 -44.57
C VAL E 151 34.13 -13.87 -45.33
N LEU E 152 32.92 -13.90 -44.74
CA LEU E 152 31.75 -13.25 -45.31
C LEU E 152 31.33 -12.12 -44.40
N ASN E 153 31.07 -10.96 -44.99
CA ASN E 153 30.58 -9.81 -44.21
C ASN E 153 29.24 -9.33 -44.83
N ILE E 154 28.28 -9.08 -43.97
CA ILE E 154 27.04 -8.50 -44.34
C ILE E 154 26.93 -7.25 -43.44
N THR E 155 27.24 -6.09 -43.99
CA THR E 155 27.61 -4.91 -43.17
C THR E 155 26.77 -3.70 -43.50
N GLY E 156 25.81 -3.38 -42.63
CA GLY E 156 25.18 -2.10 -42.65
C GLY E 156 25.88 -1.23 -41.63
N SER E 157 25.24 -0.16 -41.19
CA SER E 157 25.89 0.75 -40.22
C SER E 157 24.89 1.53 -39.41
N ALA E 158 25.33 1.96 -38.23
CA ALA E 158 24.49 2.74 -37.33
C ALA E 158 24.29 4.13 -37.92
N PRO E 159 23.20 4.80 -37.52
CA PRO E 159 22.98 6.17 -37.98
C PRO E 159 24.13 7.07 -37.62
N SER E 160 24.37 8.08 -38.45
CA SER E 160 25.37 9.11 -38.17
C SER E 160 24.83 10.27 -37.40
N VAL E 161 23.50 10.42 -37.38
CA VAL E 161 22.86 11.50 -36.67
C VAL E 161 21.51 11.02 -36.20
N PHE E 162 21.12 11.56 -35.07
CA PHE E 162 19.88 11.23 -34.36
C PHE E 162 19.04 12.49 -34.19
N VAL E 163 17.73 12.30 -34.13
CA VAL E 163 16.83 13.40 -33.81
C VAL E 163 16.01 12.96 -32.55
N PRO E 164 15.68 13.89 -31.70
CA PRO E 164 14.91 13.52 -30.54
C PRO E 164 13.48 13.12 -30.88
N LEU E 165 12.90 12.18 -30.12
CA LEU E 165 11.46 12.00 -30.17
C LEU E 165 10.76 13.26 -29.72
N ALA E 166 9.60 13.53 -30.33
CA ALA E 166 8.84 14.74 -30.02
C ALA E 166 8.00 14.51 -28.75
N ALA E 167 7.78 13.25 -28.39
CA ALA E 167 7.03 12.91 -27.19
C ALA E 167 7.47 11.53 -26.71
N ASP E 168 7.22 11.25 -25.43
CA ASP E 168 7.47 9.93 -24.85
C ASP E 168 6.76 8.87 -25.68
N ALA E 169 7.38 7.72 -25.81
CA ALA E 169 6.78 6.57 -26.47
C ALA E 169 6.89 5.38 -25.53
N ALA E 170 5.79 5.06 -24.83
CA ALA E 170 5.79 3.96 -23.88
C ALA E 170 6.00 2.60 -24.54
N ALA E 171 6.44 1.64 -23.74
CA ALA E 171 6.43 0.25 -24.23
C ALA E 171 5.03 -0.08 -24.74
N GLY E 172 5.00 -0.79 -25.85
CA GLY E 172 3.78 -1.10 -26.56
C GLY E 172 3.37 -0.10 -27.61
N SER E 173 4.09 1.03 -27.72
CA SER E 173 3.75 2.06 -28.73
C SER E 173 3.85 1.49 -30.14
N LYS E 174 2.86 1.82 -30.95
CA LYS E 174 2.78 1.47 -32.39
C LYS E 174 3.36 2.57 -33.26
N VAL E 175 3.47 3.79 -32.72
CA VAL E 175 3.85 4.95 -33.44
C VAL E 175 4.85 5.74 -32.61
N ILE E 176 5.85 6.33 -33.29
CA ILE E 176 6.71 7.32 -32.64
C ILE E 176 6.50 8.64 -33.34
N THR E 177 6.87 9.73 -32.67
CA THR E 177 6.71 11.05 -33.29
C THR E 177 8.02 11.82 -33.26
N VAL E 178 8.27 12.62 -34.33
CA VAL E 178 9.40 13.53 -34.41
C VAL E 178 8.89 14.87 -34.94
N ALA E 179 9.64 15.95 -34.76
CA ALA E 179 9.27 17.20 -35.43
C ALA E 179 9.20 17.00 -36.94
N ALA E 180 8.22 17.65 -37.60
CA ALA E 180 8.07 17.52 -39.04
C ALA E 180 9.34 18.00 -39.72
N GLY E 181 9.81 17.26 -40.71
CA GLY E 181 11.04 17.62 -41.42
C GLY E 181 12.35 17.19 -40.75
N ALA E 182 12.29 16.63 -39.55
CA ALA E 182 13.53 16.36 -38.80
C ALA E 182 14.23 15.13 -39.35
N LEU E 183 13.44 14.23 -39.90
CA LEU E 183 13.89 12.85 -40.21
C LEU E 183 13.27 12.38 -41.53
N SER E 184 14.09 11.77 -42.40
CA SER E 184 13.62 11.23 -43.66
C SER E 184 13.20 9.79 -43.53
N ALA E 185 12.03 9.61 -42.95
CA ALA E 185 11.38 8.26 -42.75
C ALA E 185 10.61 7.75 -43.98
N VAL E 186 11.07 6.63 -44.49
CA VAL E 186 10.61 6.10 -45.74
C VAL E 186 10.00 4.72 -45.48
N LYS E 187 8.79 4.51 -46.00
CA LYS E 187 8.10 3.24 -45.78
C LYS E 187 8.88 2.08 -46.35
N GLY E 188 8.98 1.04 -45.54
CA GLY E 188 9.75 -0.15 -45.90
C GLY E 188 11.21 -0.08 -45.54
N THR E 189 11.66 1.04 -44.96
CA THR E 189 13.06 1.13 -44.51
C THR E 189 13.06 1.21 -42.97
N TYR E 190 14.23 1.35 -42.36
CA TYR E 190 14.40 1.11 -40.96
C TYR E 190 14.77 2.35 -40.19
N LEU E 191 14.43 2.30 -38.91
CA LEU E 191 14.84 3.27 -37.94
C LEU E 191 15.56 2.57 -36.77
N TYR E 192 16.39 3.31 -36.05
CA TYR E 192 17.15 2.81 -34.95
C TYR E 192 16.92 3.78 -33.80
N LEU E 193 16.29 3.30 -32.75
CA LEU E 193 15.89 4.09 -31.60
C LEU E 193 16.80 3.79 -30.47
N ARG E 194 17.11 4.79 -29.64
CA ARG E 194 17.92 4.56 -28.48
C ARG E 194 17.60 5.55 -27.38
N SER E 195 18.03 5.26 -26.17
CA SER E 195 17.92 6.22 -25.06
C SER E 195 18.96 5.89 -24.04
N ASN E 196 19.06 6.75 -23.01
CA ASN E 196 19.99 6.50 -21.93
C ASN E 196 19.48 5.47 -20.85
N LYS E 197 18.23 5.02 -20.97
CA LYS E 197 17.72 3.95 -20.15
C LYS E 197 18.63 2.75 -20.30
N LEU E 198 18.96 2.10 -19.20
CA LEU E 198 19.76 0.88 -19.22
C LEU E 198 18.95 -0.35 -19.65
N CYS E 199 19.59 -1.17 -20.43
CA CYS E 199 19.07 -2.52 -20.73
C CYS E 199 18.60 -3.21 -19.46
N ASP E 200 17.48 -3.91 -19.52
CA ASP E 200 16.79 -4.35 -18.34
C ASP E 200 16.48 -5.86 -18.31
N GLY E 201 17.08 -6.62 -19.26
CA GLY E 201 16.82 -8.03 -19.25
C GLY E 201 17.53 -8.82 -18.16
N GLY E 202 18.65 -8.30 -17.74
CA GLY E 202 19.49 -8.92 -16.77
C GLY E 202 20.28 -7.91 -15.96
N PRO E 203 21.20 -8.41 -15.13
CA PRO E 203 22.01 -7.53 -14.26
C PRO E 203 22.71 -6.37 -14.97
N ASN E 204 23.14 -6.57 -16.21
CA ASN E 204 23.72 -5.52 -17.04
C ASN E 204 24.85 -4.77 -16.34
N THR E 205 25.91 -5.50 -15.96
CA THR E 205 26.98 -4.88 -15.22
C THR E 205 27.80 -3.81 -16.00
N TYR E 206 27.82 -3.88 -17.33
CA TYR E 206 28.48 -2.88 -18.14
C TYR E 206 27.61 -1.65 -18.38
N GLY E 207 26.33 -1.71 -18.01
CA GLY E 207 25.46 -0.51 -18.17
C GLY E 207 25.22 -0.19 -19.66
N VAL E 208 25.03 -1.24 -20.46
CA VAL E 208 24.63 -1.07 -21.84
C VAL E 208 23.25 -0.39 -21.85
N LYS E 209 23.09 0.55 -22.75
CA LYS E 209 21.86 1.30 -22.95
C LYS E 209 20.92 0.74 -23.99
N ILE E 210 19.62 1.10 -23.94
CA ILE E 210 18.62 0.48 -24.78
C ILE E 210 18.72 0.97 -26.23
N SER E 211 18.43 0.06 -27.19
CA SER E 211 18.21 0.41 -28.55
C SER E 211 17.29 -0.64 -29.16
N GLN E 212 16.65 -0.26 -30.26
CA GLN E 212 15.88 -1.18 -31.10
C GLN E 212 15.93 -0.72 -32.56
N ILE E 213 15.72 -1.65 -33.44
CA ILE E 213 15.58 -1.41 -34.85
C ILE E 213 14.17 -1.78 -35.25
N ARG E 214 13.50 -0.83 -35.95
CA ARG E 214 12.11 -0.99 -36.38
C ARG E 214 11.97 -0.62 -37.86
N LYS E 215 10.94 -1.18 -38.50
CA LYS E 215 10.65 -0.91 -39.88
C LYS E 215 9.49 0.06 -39.99
N VAL E 216 9.65 1.08 -40.83
CA VAL E 216 8.58 2.06 -41.05
C VAL E 216 7.50 1.46 -41.93
N VAL E 217 6.24 1.51 -41.47
CA VAL E 217 5.15 1.00 -42.26
C VAL E 217 4.05 2.03 -42.53
N GLY E 218 4.16 3.19 -41.89
CA GLY E 218 3.18 4.25 -42.16
C GLY E 218 3.75 5.58 -41.74
N VAL E 219 3.28 6.66 -42.38
CA VAL E 219 3.78 7.99 -42.05
C VAL E 219 2.66 8.94 -42.22
N SER E 220 2.52 9.88 -41.28
CA SER E 220 1.56 10.96 -41.47
C SER E 220 2.08 12.18 -40.72
N THR E 221 1.67 13.36 -41.14
CA THR E 221 2.18 14.59 -40.54
C THR E 221 1.01 15.50 -40.34
N SER E 222 0.95 16.12 -39.15
CA SER E 222 -0.09 17.07 -38.85
C SER E 222 0.41 18.00 -37.73
N GLY E 223 0.02 19.28 -37.78
CA GLY E 223 0.42 20.24 -36.71
C GLY E 223 1.93 20.25 -36.38
N GLY E 224 2.76 20.09 -37.40
CA GLY E 224 4.22 20.18 -37.24
C GLY E 224 4.93 18.94 -36.65
N VAL E 225 4.20 17.83 -36.56
CA VAL E 225 4.72 16.59 -35.99
C VAL E 225 4.49 15.47 -36.99
N THR E 226 5.51 14.67 -37.20
CA THR E 226 5.37 13.51 -38.05
C THR E 226 5.24 12.25 -37.14
N SER E 227 4.24 11.46 -37.45
CA SER E 227 3.93 10.22 -36.73
C SER E 227 4.33 9.07 -37.64
N ILE E 228 5.22 8.25 -37.13
CA ILE E 228 5.78 7.16 -37.86
C ILE E 228 5.28 5.83 -37.26
N ARG E 229 4.53 5.07 -38.04
CA ARG E 229 4.02 3.78 -37.62
C ARG E 229 5.06 2.73 -37.87
N LEU E 230 5.26 1.89 -36.89
CA LEU E 230 6.31 0.84 -36.90
C LEU E 230 5.72 -0.55 -37.20
N ASP E 231 6.54 -1.42 -37.74
CA ASP E 231 6.12 -2.83 -37.93
C ASP E 231 5.78 -3.55 -36.62
N LYS E 232 6.63 -3.34 -35.63
CA LYS E 232 6.52 -3.98 -34.34
C LYS E 232 6.49 -2.91 -33.27
N THR E 233 5.82 -3.20 -32.17
CA THR E 233 5.75 -2.22 -31.07
C THR E 233 7.06 -2.12 -30.30
N LEU E 234 7.19 -1.04 -29.51
CA LEU E 234 8.39 -0.83 -28.73
C LEU E 234 8.39 -1.67 -27.46
N HIS E 235 9.57 -2.14 -27.07
CA HIS E 235 9.65 -3.00 -25.90
C HIS E 235 10.24 -2.40 -24.66
N TYR E 236 10.49 -1.10 -24.72
CA TYR E 236 10.85 -0.31 -23.55
C TYR E 236 10.07 0.98 -23.63
N ASN E 237 10.05 1.69 -22.50
CA ASN E 237 9.63 3.07 -22.50
C ASN E 237 10.78 3.91 -23.06
N TYR E 238 10.49 4.72 -24.07
CA TYR E 238 11.45 5.63 -24.66
C TYR E 238 11.02 7.03 -24.24
N TYR E 239 11.71 7.56 -23.22
CA TYR E 239 11.32 8.78 -22.58
C TYR E 239 12.22 9.92 -22.98
N LEU E 240 11.62 11.10 -23.10
CA LEU E 240 12.41 12.30 -23.32
C LEU E 240 13.39 12.58 -22.17
N SER E 241 12.99 12.20 -20.92
CA SER E 241 13.91 12.37 -19.79
C SER E 241 15.15 11.46 -19.88
N ASP E 242 15.09 10.46 -20.77
CA ASP E 242 16.24 9.60 -21.07
C ASP E 242 16.90 9.96 -22.40
N ALA E 243 16.56 11.12 -22.95
CA ALA E 243 17.09 11.57 -24.24
C ALA E 243 16.74 10.62 -25.35
N ALA E 244 15.54 10.09 -25.34
CA ALA E 244 15.10 9.14 -26.43
C ALA E 244 15.24 9.81 -27.78
N GLU E 245 15.84 9.10 -28.74
CA GLU E 245 16.12 9.66 -30.03
C GLU E 245 16.10 8.59 -31.07
N VAL E 246 16.09 8.99 -32.33
CA VAL E 246 15.96 8.04 -33.43
C VAL E 246 16.79 8.51 -34.62
N GLY E 247 17.35 7.56 -35.36
CA GLY E 247 18.13 7.85 -36.54
C GLY E 247 17.89 6.80 -37.58
N ILE E 248 18.44 7.04 -38.77
CA ILE E 248 18.28 6.12 -39.90
C ILE E 248 19.54 5.31 -40.07
N PRO E 249 19.47 3.97 -39.82
CA PRO E 249 20.62 3.14 -40.04
C PRO E 249 20.70 2.76 -41.50
N THR E 250 21.87 2.29 -41.92
CA THR E 250 21.96 1.62 -43.18
C THR E 250 21.90 0.13 -42.93
N MET E 251 20.92 -0.53 -43.51
CA MET E 251 20.69 -1.94 -43.32
C MET E 251 21.04 -2.69 -44.58
N VAL E 252 21.57 -3.89 -44.40
CA VAL E 252 21.65 -4.82 -45.53
C VAL E 252 20.51 -5.82 -45.30
N GLU E 253 19.63 -5.97 -46.29
CA GLU E 253 18.40 -6.69 -46.08
C GLU E 253 18.26 -7.86 -47.07
N ASN E 254 17.66 -8.93 -46.61
CA ASN E 254 17.29 -10.06 -47.47
C ASN E 254 18.49 -10.75 -48.09
N VAL E 255 19.38 -11.20 -47.24
CA VAL E 255 20.55 -11.99 -47.65
C VAL E 255 20.32 -13.44 -47.25
N THR E 256 20.50 -14.36 -48.22
CA THR E 256 20.32 -15.80 -47.94
C THR E 256 21.64 -16.47 -48.22
N LEU E 257 22.12 -17.22 -47.26
CA LEU E 257 23.34 -18.00 -47.41
C LEU E 257 22.95 -19.49 -47.34
N VAL E 258 23.07 -20.17 -48.47
CA VAL E 258 22.61 -21.53 -48.61
C VAL E 258 23.80 -22.47 -48.58
N SER E 259 23.88 -23.26 -47.53
CA SER E 259 24.97 -24.22 -47.35
C SER E 259 26.38 -23.67 -47.36
N PRO E 260 26.65 -22.56 -46.63
CA PRO E 260 28.03 -22.03 -46.65
C PRO E 260 29.05 -23.07 -46.16
N TYR E 261 30.07 -23.33 -46.97
CA TYR E 261 31.18 -24.24 -46.57
C TYR E 261 32.46 -23.40 -46.49
N ILE E 262 32.80 -23.05 -45.26
CA ILE E 262 33.94 -22.20 -44.96
C ILE E 262 35.03 -23.05 -44.32
N ASN E 263 36.17 -23.10 -45.04
CA ASN E 263 37.32 -23.89 -44.66
C ASN E 263 37.01 -25.39 -44.90
N GLU E 264 37.97 -26.25 -44.58
CA GLU E 264 37.79 -27.68 -44.80
C GLU E 264 38.73 -28.39 -43.83
N PHE E 265 38.40 -29.65 -43.52
CA PHE E 265 39.27 -30.48 -42.71
C PHE E 265 40.64 -30.58 -43.33
N GLY E 266 41.67 -30.55 -42.46
CA GLY E 266 43.04 -30.48 -42.91
C GLY E 266 43.65 -29.10 -42.84
N TYR E 267 42.80 -28.14 -42.53
CA TYR E 267 43.18 -26.74 -42.47
C TYR E 267 44.36 -26.50 -41.53
N ASP E 268 44.40 -27.25 -40.43
CA ASP E 268 45.36 -27.01 -39.37
C ASP E 268 46.77 -27.39 -39.83
N ASP E 269 46.86 -28.40 -40.72
CA ASP E 269 48.16 -28.76 -41.31
C ASP E 269 48.74 -27.73 -42.28
N LEU E 270 47.86 -26.83 -42.77
CA LEU E 270 48.20 -25.75 -43.65
C LEU E 270 48.21 -24.39 -42.99
N ASN E 271 48.01 -24.38 -41.66
CA ASN E 271 47.99 -23.18 -40.89
C ASN E 271 46.97 -22.19 -41.42
N ARG E 272 45.81 -22.73 -41.83
CA ARG E 272 44.81 -21.95 -42.56
C ARG E 272 43.58 -21.68 -41.69
N PHE E 273 43.51 -20.45 -41.15
CA PHE E 273 42.49 -20.10 -40.17
C PHE E 273 41.75 -18.87 -40.67
N PHE E 274 40.88 -18.34 -39.84
CA PHE E 274 40.18 -17.10 -40.09
C PHE E 274 39.80 -16.49 -38.75
N THR E 275 39.18 -15.33 -38.77
CA THR E 275 38.72 -14.74 -37.51
C THR E 275 37.23 -15.05 -37.29
N ILE E 276 36.35 -14.27 -37.89
CA ILE E 276 34.92 -14.51 -37.88
C ILE E 276 34.49 -15.05 -39.24
N GLY E 277 33.74 -16.17 -39.24
CA GLY E 277 33.31 -16.77 -40.48
C GLY E 277 32.31 -15.92 -41.25
N ILE E 278 31.20 -15.60 -40.61
CA ILE E 278 30.14 -14.81 -41.20
C ILE E 278 29.82 -13.73 -40.15
N SER E 279 30.10 -12.47 -40.50
CA SER E 279 29.88 -11.37 -39.55
C SER E 279 28.85 -10.41 -40.14
N ALA E 280 27.73 -10.25 -39.44
CA ALA E 280 26.66 -9.40 -39.85
C ALA E 280 26.50 -8.31 -38.82
N ASN E 281 26.29 -7.10 -39.32
CA ASN E 281 26.02 -5.94 -38.46
C ASN E 281 24.94 -5.12 -39.21
N PHE E 282 23.84 -4.83 -38.56
CA PHE E 282 22.73 -4.04 -39.14
C PHE E 282 22.21 -4.75 -40.40
N ALA E 283 21.93 -6.04 -40.20
CA ALA E 283 21.30 -6.86 -41.22
C ALA E 283 19.83 -7.12 -40.85
N ALA E 284 18.96 -7.23 -41.84
CA ALA E 284 17.58 -7.61 -41.64
C ALA E 284 17.32 -8.82 -42.55
N ASP E 285 16.66 -9.84 -42.03
CA ASP E 285 16.28 -11.00 -42.83
C ASP E 285 17.50 -11.63 -43.47
N LEU E 286 18.51 -11.83 -42.66
CA LEU E 286 19.66 -12.67 -43.00
C LEU E 286 19.34 -14.09 -42.58
N HIS E 287 19.26 -14.98 -43.53
CA HIS E 287 18.93 -16.38 -43.24
C HIS E 287 20.02 -17.28 -43.73
N ILE E 288 20.55 -18.05 -42.82
CA ILE E 288 21.65 -18.99 -43.11
C ILE E 288 21.19 -20.40 -42.90
N GLN E 289 21.33 -21.21 -43.95
CA GLN E 289 20.77 -22.58 -43.98
C GLN E 289 21.90 -23.58 -44.16
N ASP E 290 22.00 -24.53 -43.25
CA ASP E 290 22.96 -25.61 -43.36
C ASP E 290 24.36 -25.08 -43.47
N GLY E 291 25.23 -25.78 -44.18
CA GLY E 291 26.61 -25.45 -44.29
C GLY E 291 27.47 -26.02 -43.13
N VAL E 292 28.77 -25.83 -43.24
CA VAL E 292 29.74 -26.28 -42.30
C VAL E 292 30.81 -25.21 -42.23
N ILE E 293 31.08 -24.75 -41.02
CA ILE E 293 32.14 -23.78 -40.77
C ILE E 293 33.13 -24.47 -39.83
N ILE E 294 34.38 -24.50 -40.24
CA ILE E 294 35.41 -25.27 -39.57
C ILE E 294 36.70 -24.48 -39.40
N GLY E 295 37.29 -24.52 -38.20
CA GLY E 295 38.73 -24.32 -38.10
C GLY E 295 39.24 -22.88 -38.12
N ASN E 296 38.87 -22.12 -37.11
CA ASN E 296 39.56 -20.86 -36.81
C ASN E 296 40.38 -20.95 -35.55
N LYS E 297 40.51 -22.19 -35.02
CA LYS E 297 41.53 -22.56 -34.07
C LYS E 297 41.95 -23.98 -34.39
N ARG E 298 43.09 -24.40 -33.86
CA ARG E 298 43.45 -25.81 -34.00
C ARG E 298 42.54 -26.71 -33.21
N PRO E 299 42.40 -27.98 -33.66
CA PRO E 299 41.49 -28.87 -32.94
C PRO E 299 41.87 -29.07 -31.49
N GLY E 300 40.87 -28.89 -30.61
CA GLY E 300 41.10 -29.01 -29.18
C GLY E 300 41.89 -27.93 -28.51
N ALA E 301 42.26 -26.90 -29.27
CA ALA E 301 43.16 -25.87 -28.79
C ALA E 301 42.44 -24.87 -27.90
N SER E 302 43.21 -23.97 -27.27
CA SER E 302 42.62 -22.90 -26.44
C SER E 302 41.71 -21.99 -27.25
N ASP E 303 40.78 -21.41 -26.55
CA ASP E 303 39.86 -20.44 -27.13
C ASP E 303 40.62 -19.24 -27.63
N ILE E 304 40.02 -18.56 -28.59
CA ILE E 304 40.62 -17.34 -29.14
C ILE E 304 39.56 -16.25 -29.17
N GLU E 305 39.75 -15.21 -28.36
CA GLU E 305 38.77 -14.19 -28.18
C GLU E 305 38.30 -13.59 -29.49
N GLY E 306 36.96 -13.52 -29.65
CA GLY E 306 36.32 -12.89 -30.78
C GLY E 306 36.11 -13.72 -32.02
N ARG E 307 36.77 -14.88 -32.09
CA ARG E 307 36.71 -15.73 -33.29
C ARG E 307 35.46 -16.62 -33.38
N SER E 308 34.30 -16.00 -33.46
CA SER E 308 33.04 -16.69 -33.56
C SER E 308 32.79 -17.13 -35.01
N ALA E 309 32.15 -18.29 -35.19
CA ALA E 309 31.81 -18.71 -36.51
C ALA E 309 30.87 -17.75 -37.23
N ILE E 310 29.75 -17.48 -36.57
CA ILE E 310 28.73 -16.55 -37.05
C ILE E 310 28.46 -15.53 -35.97
N LYS E 311 28.43 -14.24 -36.37
CA LYS E 311 28.17 -13.16 -35.41
C LYS E 311 27.04 -12.30 -35.97
N PHE E 312 25.98 -12.18 -35.21
CA PHE E 312 24.86 -11.32 -35.52
C PHE E 312 24.92 -10.16 -34.54
N ASN E 313 25.22 -8.99 -35.04
CA ASN E 313 25.25 -7.74 -34.24
C ASN E 313 24.19 -6.80 -34.79
N ASN E 314 23.21 -6.42 -33.96
CA ASN E 314 22.14 -5.50 -34.40
C ASN E 314 21.48 -6.06 -35.68
N CYS E 315 21.08 -7.31 -35.61
CA CYS E 315 20.37 -7.93 -36.72
C CYS E 315 18.92 -8.23 -36.35
N VAL E 316 18.00 -8.07 -37.29
CA VAL E 316 16.59 -8.31 -37.04
C VAL E 316 16.06 -9.43 -37.94
N ASP E 317 15.16 -10.26 -37.40
CA ASP E 317 14.47 -11.30 -38.18
C ASP E 317 15.47 -12.11 -38.93
N SER E 318 16.53 -12.49 -38.24
CA SER E 318 17.61 -13.25 -38.89
C SER E 318 17.81 -14.64 -38.19
N THR E 319 18.19 -15.64 -38.97
CA THR E 319 18.17 -17.01 -38.50
C THR E 319 19.38 -17.82 -38.98
N VAL E 320 19.71 -18.86 -38.23
CA VAL E 320 20.70 -19.87 -38.56
C VAL E 320 19.97 -21.21 -38.37
N LYS E 321 19.86 -21.99 -39.40
CA LYS E 321 19.17 -23.28 -39.34
C LYS E 321 19.99 -24.39 -39.95
N GLY E 322 20.41 -25.34 -39.12
CA GLY E 322 21.09 -26.58 -39.57
C GLY E 322 22.60 -26.57 -39.74
N THR E 323 23.22 -25.44 -39.56
CA THR E 323 24.66 -25.27 -39.79
C THR E 323 25.41 -26.15 -38.77
N CYS E 324 26.53 -26.67 -39.20
CA CYS E 324 27.47 -27.42 -38.40
C CYS E 324 28.75 -26.63 -38.20
N PHE E 325 29.28 -26.70 -36.97
CA PHE E 325 30.47 -25.98 -36.57
C PHE E 325 31.46 -26.96 -35.97
N TYR E 326 32.72 -26.84 -36.38
CA TYR E 326 33.83 -27.66 -35.83
C TYR E 326 35.02 -26.75 -35.53
N ASN E 327 35.60 -26.90 -34.34
CA ASN E 327 36.92 -26.37 -34.04
C ASN E 327 36.93 -24.85 -34.17
N ILE E 328 36.11 -24.24 -33.33
CA ILE E 328 35.89 -22.82 -33.37
C ILE E 328 36.46 -22.16 -32.10
N GLY E 329 37.14 -21.01 -32.27
CA GLY E 329 37.86 -20.40 -31.20
C GLY E 329 36.98 -19.73 -30.18
N TRP E 330 35.83 -19.24 -30.61
CA TRP E 330 34.93 -18.54 -29.71
C TRP E 330 33.52 -19.18 -29.85
N TYR E 331 32.50 -18.43 -30.24
CA TYR E 331 31.15 -18.94 -30.19
C TYR E 331 30.68 -19.45 -31.55
N GLY E 332 29.84 -20.49 -31.58
CA GLY E 332 29.30 -20.97 -32.84
C GLY E 332 28.41 -19.88 -33.46
N VAL E 333 27.39 -19.47 -32.73
CA VAL E 333 26.57 -18.33 -33.10
C VAL E 333 26.60 -17.32 -31.93
N GLU E 334 27.10 -16.13 -32.23
CA GLU E 334 27.18 -15.03 -31.31
C GLU E 334 26.08 -14.03 -31.68
N VAL E 335 25.28 -13.58 -30.66
CA VAL E 335 24.17 -12.70 -30.93
C VAL E 335 24.35 -11.53 -29.97
N LEU E 336 24.38 -10.31 -30.50
CA LEU E 336 24.63 -9.15 -29.63
C LEU E 336 23.99 -7.93 -30.22
N GLY E 337 24.16 -6.82 -29.52
CA GLY E 337 23.48 -5.58 -29.92
C GLY E 337 21.99 -5.76 -29.72
N CYS E 338 21.19 -4.95 -30.39
CA CYS E 338 19.72 -5.07 -30.29
C CYS E 338 19.18 -6.06 -31.32
N SER E 339 19.87 -7.22 -31.44
CA SER E 339 19.37 -8.25 -32.37
C SER E 339 18.03 -8.75 -31.84
N GLU E 340 17.03 -8.76 -32.70
CA GLU E 340 15.65 -8.99 -32.29
C GLU E 340 14.98 -9.98 -33.20
N ASP E 341 14.29 -10.96 -32.61
CA ASP E 341 13.63 -12.04 -33.38
C ASP E 341 14.67 -12.82 -34.13
N THR E 342 15.63 -13.30 -33.38
CA THR E 342 16.71 -14.16 -33.88
C THR E 342 16.36 -15.58 -33.52
N GLU E 343 16.56 -16.50 -34.45
CA GLU E 343 16.34 -17.93 -34.17
C GLU E 343 17.53 -18.76 -34.64
N VAL E 344 17.91 -19.76 -33.86
CA VAL E 344 18.92 -20.73 -34.22
C VAL E 344 18.28 -22.12 -34.07
N HIS E 345 18.14 -22.85 -35.15
CA HIS E 345 17.52 -24.19 -35.14
C HIS E 345 18.52 -25.22 -35.60
N ASP E 346 18.45 -26.39 -35.02
CA ASP E 346 19.03 -27.61 -35.67
C ASP E 346 20.57 -27.56 -35.86
N ILE E 347 21.30 -26.71 -35.14
CA ILE E 347 22.74 -26.66 -35.33
C ILE E 347 23.43 -27.78 -34.59
N HIS E 348 24.62 -28.13 -35.06
CA HIS E 348 25.48 -29.08 -34.36
C HIS E 348 26.81 -28.36 -34.19
N ALA E 349 27.26 -28.21 -32.94
CA ALA E 349 28.49 -27.52 -32.67
C ALA E 349 29.41 -28.43 -31.86
N MET E 350 30.65 -28.60 -32.34
CA MET E 350 31.58 -29.57 -31.78
C MET E 350 32.95 -28.88 -31.63
N ASP E 351 33.46 -28.82 -30.37
CA ASP E 351 34.76 -28.22 -30.05
C ASP E 351 34.74 -26.70 -30.33
N VAL E 352 33.94 -25.99 -29.52
CA VAL E 352 33.77 -24.56 -29.62
C VAL E 352 33.68 -24.04 -28.18
N ARG E 353 33.73 -22.73 -27.97
CA ARG E 353 33.63 -22.20 -26.62
C ARG E 353 32.20 -22.26 -26.04
N HIS E 354 31.26 -21.67 -26.78
CA HIS E 354 29.82 -21.83 -26.53
C HIS E 354 29.17 -22.13 -27.91
N ALA E 355 28.22 -23.06 -27.97
CA ALA E 355 27.53 -23.32 -29.23
C ALA E 355 26.75 -22.04 -29.64
N ILE E 356 26.02 -21.49 -28.68
CA ILE E 356 25.29 -20.23 -28.86
C ILE E 356 25.64 -19.38 -27.68
N SER E 357 25.90 -18.09 -27.92
CA SER E 357 26.03 -17.14 -26.85
C SER E 357 25.43 -15.81 -27.24
N LEU E 358 24.50 -15.38 -26.37
CA LEU E 358 24.01 -14.03 -26.42
C LEU E 358 25.01 -13.23 -25.62
N ASN E 359 25.43 -12.07 -26.13
CA ASN E 359 26.54 -11.36 -25.56
C ASN E 359 26.20 -10.01 -25.00
N TRP E 360 27.02 -9.56 -24.06
CA TRP E 360 27.02 -8.16 -23.64
C TRP E 360 27.95 -7.35 -24.53
N GLN E 361 28.21 -6.10 -24.15
CA GLN E 361 29.20 -5.28 -24.90
C GLN E 361 29.95 -4.48 -23.86
N SER E 362 31.25 -4.60 -23.86
CA SER E 362 32.07 -3.89 -22.90
C SER E 362 31.95 -2.37 -23.09
N THR E 363 31.69 -1.65 -22.00
CA THR E 363 31.66 -0.19 -22.01
C THR E 363 32.96 0.44 -21.47
N ALA E 364 34.03 -0.33 -21.43
CA ALA E 364 35.31 0.17 -20.88
C ALA E 364 35.82 1.43 -21.62
N ASP E 365 35.56 1.51 -22.93
CA ASP E 365 36.02 2.63 -23.75
C ASP E 365 34.92 3.62 -24.15
N GLY E 366 33.70 3.45 -23.63
CA GLY E 366 32.59 4.29 -24.02
C GLY E 366 31.23 3.59 -24.00
N ASP E 367 30.18 4.36 -24.17
CA ASP E 367 28.80 3.86 -24.12
C ASP E 367 28.56 2.84 -25.22
N LYS E 368 27.67 1.89 -24.93
CA LYS E 368 27.22 0.87 -25.85
C LYS E 368 25.72 0.73 -25.74
N TRP E 369 25.08 0.31 -26.84
CA TRP E 369 23.64 0.17 -26.90
C TRP E 369 23.25 -1.20 -27.44
N GLY E 370 22.23 -1.75 -26.81
CA GLY E 370 21.48 -2.87 -27.31
C GLY E 370 21.70 -4.20 -26.67
N GLU E 371 20.58 -4.83 -26.33
CA GLU E 371 20.55 -6.24 -25.85
C GLU E 371 19.69 -7.02 -26.79
N PRO E 372 19.99 -8.34 -26.89
CA PRO E 372 19.09 -9.14 -27.71
C PRO E 372 17.67 -9.22 -27.13
N ILE E 373 16.68 -9.22 -28.01
CA ILE E 373 15.25 -9.27 -27.60
C ILE E 373 14.59 -10.34 -28.46
N GLU E 374 13.93 -11.34 -27.83
CA GLU E 374 13.20 -12.41 -28.57
C GLU E 374 14.21 -13.29 -29.29
N PHE E 375 14.73 -14.26 -28.54
CA PHE E 375 15.70 -15.19 -29.07
C PHE E 375 15.16 -16.61 -28.85
N LEU E 376 15.23 -17.43 -29.88
CA LEU E 376 14.86 -18.85 -29.81
C LEU E 376 16.00 -19.71 -30.27
N GLY E 377 16.39 -20.66 -29.43
CA GLY E 377 17.25 -21.78 -29.83
C GLY E 377 16.47 -23.06 -29.73
N VAL E 378 16.40 -23.81 -30.82
CA VAL E 378 15.60 -25.03 -30.84
C VAL E 378 16.29 -26.19 -31.51
N ASN E 379 16.24 -27.32 -30.87
CA ASN E 379 16.75 -28.58 -31.41
C ASN E 379 18.24 -28.51 -31.77
N CYS E 380 19.03 -27.79 -30.96
CA CYS E 380 20.44 -27.61 -31.20
C CYS E 380 21.23 -28.58 -30.32
N GLU E 381 22.42 -28.96 -30.81
CA GLU E 381 23.29 -29.92 -30.15
C GLU E 381 24.69 -29.35 -30.01
N ALA E 382 25.25 -29.47 -28.79
CA ALA E 382 26.59 -29.05 -28.48
C ALA E 382 27.37 -30.25 -27.92
N TYR E 383 28.61 -30.42 -28.42
CA TYR E 383 29.55 -31.40 -27.88
C TYR E 383 30.88 -30.74 -27.54
N SER E 384 31.41 -31.09 -26.36
CA SER E 384 32.77 -30.80 -25.98
C SER E 384 33.06 -29.28 -26.10
N THR E 385 32.13 -28.50 -25.54
CA THR E 385 32.34 -27.10 -25.45
C THR E 385 33.33 -26.80 -24.34
N THR E 386 34.19 -25.79 -24.56
CA THR E 386 35.23 -25.48 -23.59
C THR E 386 34.66 -24.64 -22.45
N GLN E 387 33.54 -23.94 -22.73
CA GLN E 387 32.77 -23.31 -21.69
C GLN E 387 31.33 -23.76 -21.84
N ALA E 388 30.36 -23.00 -21.35
CA ALA E 388 28.97 -23.47 -21.29
C ALA E 388 28.49 -23.84 -22.72
N GLY E 389 27.72 -24.91 -22.83
CA GLY E 389 27.20 -25.31 -24.16
C GLY E 389 26.35 -24.19 -24.79
N PHE E 390 25.37 -23.73 -24.02
CA PHE E 390 24.45 -22.68 -24.47
C PHE E 390 24.42 -21.60 -23.43
N ASP E 391 24.59 -20.36 -23.88
CA ASP E 391 24.98 -19.29 -22.97
C ASP E 391 24.28 -17.99 -23.24
N THR E 392 24.11 -17.22 -22.15
CA THR E 392 23.84 -15.78 -22.24
C THR E 392 24.82 -15.09 -21.32
N HIS E 393 25.09 -13.84 -21.66
CA HIS E 393 25.74 -12.89 -20.77
C HIS E 393 24.63 -12.19 -19.99
N ASP E 394 24.95 -11.03 -19.38
CA ASP E 394 24.04 -10.50 -18.39
C ASP E 394 22.97 -9.45 -18.90
N ILE E 395 22.71 -9.46 -20.20
CA ILE E 395 21.58 -8.73 -20.79
C ILE E 395 20.89 -9.65 -21.78
N GLY E 396 19.74 -9.21 -22.26
CA GLY E 396 18.92 -9.95 -23.18
C GLY E 396 17.56 -10.24 -22.58
N LYS E 397 16.54 -10.15 -23.40
CA LYS E 397 15.13 -10.26 -22.99
C LYS E 397 14.45 -11.35 -23.81
N ARG E 398 13.55 -12.09 -23.18
CA ARG E 398 12.74 -13.09 -23.90
C ARG E 398 13.57 -14.13 -24.65
N VAL E 399 14.41 -14.81 -23.87
CA VAL E 399 15.37 -15.81 -24.34
C VAL E 399 14.83 -17.17 -23.97
N LYS E 400 14.72 -18.04 -24.97
CA LYS E 400 14.18 -19.39 -24.79
C LYS E 400 15.00 -20.42 -25.53
N PHE E 401 15.24 -21.52 -24.88
CA PHE E 401 15.90 -22.68 -25.47
C PHE E 401 14.92 -23.85 -25.38
N VAL E 402 14.71 -24.51 -26.50
CA VAL E 402 13.71 -25.58 -26.64
C VAL E 402 14.37 -26.84 -27.20
N ARG E 403 14.34 -27.91 -26.48
CA ARG E 403 14.83 -29.21 -26.94
C ARG E 403 16.29 -29.16 -27.41
N CYS E 404 17.12 -28.35 -26.75
CA CYS E 404 18.53 -28.33 -27.01
C CYS E 404 19.21 -29.36 -26.11
N VAL E 405 20.39 -29.80 -26.51
CA VAL E 405 21.18 -30.80 -25.77
C VAL E 405 22.64 -30.40 -25.76
N SER E 406 23.23 -30.45 -24.54
CA SER E 406 24.64 -30.26 -24.37
C SER E 406 25.28 -31.58 -23.85
N TYR E 407 26.36 -31.97 -24.49
CA TYR E 407 27.16 -33.16 -24.05
C TYR E 407 28.57 -32.76 -23.70
N ASP E 408 29.03 -33.21 -22.53
CA ASP E 408 30.45 -33.19 -22.18
C ASP E 408 31.08 -31.78 -22.23
N SER E 409 30.31 -30.81 -21.74
CA SER E 409 30.81 -29.51 -21.56
C SER E 409 31.91 -29.47 -20.49
N ALA E 410 32.90 -28.59 -20.68
CA ALA E 410 33.95 -28.41 -19.67
C ALA E 410 33.52 -27.46 -18.59
N ALA E 411 32.31 -26.89 -18.74
CA ALA E 411 31.75 -26.04 -17.71
C ALA E 411 30.29 -26.46 -17.47
N ALA E 412 29.33 -25.57 -17.66
CA ALA E 412 27.93 -25.98 -17.58
C ALA E 412 27.41 -26.46 -18.94
N GLY E 413 26.33 -27.21 -18.92
CA GLY E 413 25.61 -27.49 -20.16
C GLY E 413 24.95 -26.20 -20.70
N PHE E 414 24.23 -25.52 -19.80
CA PHE E 414 23.50 -24.29 -20.09
C PHE E 414 23.84 -23.30 -18.99
N GLN E 415 24.14 -22.07 -19.41
CA GLN E 415 24.39 -21.00 -18.46
C GLN E 415 23.49 -19.80 -18.77
N ALA E 416 22.72 -19.40 -17.78
CA ALA E 416 21.93 -18.19 -17.88
C ALA E 416 22.62 -17.09 -17.06
N ARG E 417 22.91 -15.95 -17.67
CA ARG E 417 23.39 -14.77 -16.92
C ARG E 417 22.48 -13.59 -17.07
N THR E 418 21.37 -13.77 -17.77
CA THR E 418 20.31 -12.79 -17.87
C THR E 418 19.12 -13.32 -17.09
N ASN E 419 18.14 -12.49 -16.78
CA ASN E 419 17.06 -12.91 -15.87
C ASN E 419 15.95 -13.67 -16.61
N GLY E 420 15.37 -14.67 -15.95
CA GLY E 420 14.19 -15.34 -16.53
C GLY E 420 14.40 -16.02 -17.89
N VAL E 421 15.55 -16.64 -18.10
CA VAL E 421 15.72 -17.43 -19.30
C VAL E 421 14.89 -18.71 -19.11
N GLU E 422 14.19 -19.11 -20.17
CA GLU E 422 13.30 -20.27 -20.10
C GLU E 422 13.85 -21.40 -20.95
N TYR E 423 13.82 -22.57 -20.37
CA TYR E 423 14.30 -23.81 -21.01
C TYR E 423 13.18 -24.84 -21.06
N LEU E 424 12.85 -25.31 -22.24
CA LEU E 424 11.79 -26.32 -22.41
C LEU E 424 12.37 -27.61 -22.96
N ASN E 425 12.28 -28.65 -22.18
CA ASN E 425 12.63 -30.00 -22.59
C ASN E 425 14.11 -30.09 -23.05
N CYS E 426 14.98 -29.29 -22.48
CA CYS E 426 16.38 -29.33 -22.76
C CYS E 426 17.04 -30.45 -21.96
N ARG E 427 18.24 -30.85 -22.40
CA ARG E 427 18.99 -31.93 -21.76
C ARG E 427 20.45 -31.59 -21.65
N ALA E 428 21.07 -31.98 -20.53
CA ALA E 428 22.49 -31.79 -20.32
C ALA E 428 23.07 -33.09 -19.84
N TYR E 429 24.12 -33.55 -20.50
CA TYR E 429 24.80 -34.76 -20.12
C TYR E 429 26.28 -34.49 -19.81
N ARG E 430 26.76 -35.00 -18.66
CA ARG E 430 28.19 -35.07 -18.38
C ARG E 430 28.93 -33.73 -18.43
N ALA E 431 28.25 -32.64 -18.07
CA ALA E 431 28.95 -31.40 -17.83
C ALA E 431 29.92 -31.52 -16.66
N ALA E 432 31.07 -30.88 -16.83
CA ALA E 432 32.08 -30.87 -15.79
C ALA E 432 31.63 -30.26 -14.47
N MET E 433 30.70 -29.30 -14.58
CA MET E 433 30.13 -28.68 -13.40
C MET E 433 28.64 -28.96 -13.34
N ASP E 434 27.82 -27.98 -13.70
CA ASP E 434 26.36 -28.12 -13.58
C ASP E 434 25.69 -28.34 -14.94
N GLY E 435 24.67 -29.17 -14.98
CA GLY E 435 23.95 -29.36 -16.26
C GLY E 435 23.38 -28.00 -16.72
N PHE E 436 22.66 -27.37 -15.82
CA PHE E 436 22.03 -26.07 -16.04
C PHE E 436 22.42 -25.19 -14.89
N ALA E 437 22.78 -23.94 -15.16
CA ALA E 437 23.14 -23.04 -14.05
C ALA E 437 22.80 -21.59 -14.40
N SER E 438 22.44 -20.84 -13.35
CA SER E 438 22.47 -19.38 -13.45
C SER E 438 23.87 -18.93 -12.97
N ASN E 439 24.02 -17.69 -12.44
CA ASN E 439 25.33 -17.24 -12.00
C ASN E 439 25.10 -16.01 -11.10
N THR E 440 26.18 -15.42 -10.65
CA THR E 440 26.10 -14.39 -9.62
C THR E 440 25.14 -13.28 -10.04
N GLY E 441 24.17 -12.99 -9.16
CA GLY E 441 23.25 -11.92 -9.38
C GLY E 441 22.10 -12.15 -10.29
N VAL E 442 21.97 -13.37 -10.81
CA VAL E 442 21.00 -13.71 -11.86
C VAL E 442 19.73 -14.26 -11.25
N ALA E 443 18.57 -13.74 -11.68
CA ALA E 443 17.25 -14.10 -11.11
C ALA E 443 16.58 -15.24 -11.92
N PHE E 444 16.03 -16.20 -11.19
CA PHE E 444 14.96 -17.10 -11.59
C PHE E 444 14.90 -17.52 -13.05
N PRO E 445 15.88 -18.32 -13.46
CA PRO E 445 15.67 -19.10 -14.68
C PRO E 445 14.50 -20.04 -14.47
N ILE E 446 13.90 -20.50 -15.56
CA ILE E 446 12.76 -21.36 -15.53
C ILE E 446 13.07 -22.62 -16.34
N TYR E 447 12.99 -23.77 -15.69
CA TYR E 447 13.31 -25.03 -16.35
C TYR E 447 12.05 -25.87 -16.36
N ARG E 448 11.60 -26.27 -17.55
CA ARG E 448 10.38 -27.03 -17.69
C ARG E 448 10.69 -28.38 -18.37
N GLU E 449 10.51 -29.46 -17.63
CA GLU E 449 10.72 -30.82 -18.15
C GLU E 449 12.15 -30.99 -18.71
N CYS E 450 13.10 -30.31 -18.11
CA CYS E 450 14.51 -30.48 -18.51
C CYS E 450 15.13 -31.67 -17.77
N LEU E 451 16.12 -32.29 -18.39
CA LEU E 451 16.71 -33.51 -17.91
C LEU E 451 18.20 -33.37 -17.87
N ALA E 452 18.77 -33.79 -16.74
CA ALA E 452 20.20 -33.67 -16.49
C ALA E 452 20.75 -35.02 -16.04
N TYR E 453 21.75 -35.50 -16.78
CA TYR E 453 22.36 -36.82 -16.56
C TYR E 453 23.87 -36.74 -16.40
N ASP E 454 24.34 -37.20 -15.23
CA ASP E 454 25.78 -37.45 -15.01
C ASP E 454 26.66 -36.21 -15.07
N ASN E 455 26.03 -35.06 -14.80
CA ASN E 455 26.76 -33.83 -14.64
C ASN E 455 27.43 -33.84 -13.29
N VAL E 456 28.74 -33.50 -13.24
CA VAL E 456 29.51 -33.78 -12.05
C VAL E 456 28.97 -33.16 -10.76
N ARG E 457 28.69 -31.85 -10.78
CA ARG E 457 28.37 -31.17 -9.56
C ARG E 457 26.88 -31.21 -9.29
N SER E 458 26.09 -30.70 -10.22
CA SER E 458 24.65 -30.68 -10.04
C SER E 458 23.93 -30.78 -11.35
N GLY E 459 22.65 -31.11 -11.26
CA GLY E 459 21.82 -31.09 -12.45
C GLY E 459 21.39 -29.66 -12.78
N PHE E 460 20.88 -29.00 -11.77
CA PHE E 460 20.41 -27.62 -11.86
C PHE E 460 21.02 -26.83 -10.72
N ASN E 461 21.68 -25.74 -11.04
CA ASN E 461 22.29 -24.87 -10.02
C ASN E 461 21.74 -23.45 -10.18
N CYS E 462 20.66 -23.16 -9.44
CA CYS E 462 20.05 -21.83 -9.41
C CYS E 462 20.07 -21.36 -7.97
N SER E 463 21.24 -21.47 -7.35
CA SER E 463 21.48 -21.06 -5.98
C SER E 463 21.94 -19.61 -5.86
N TYR E 464 22.02 -18.92 -6.99
CA TYR E 464 22.51 -17.55 -7.05
C TYR E 464 21.42 -16.51 -6.86
N GLY E 465 20.21 -16.84 -7.19
CA GLY E 465 19.12 -15.87 -7.19
C GLY E 465 17.76 -16.45 -7.46
N GLY E 466 17.58 -17.71 -7.03
CA GLY E 466 16.36 -18.44 -7.18
C GLY E 466 16.18 -19.18 -8.47
N GLY E 467 15.26 -20.10 -8.44
CA GLY E 467 14.91 -20.81 -9.68
C GLY E 467 13.55 -21.42 -9.65
N TYR E 468 13.04 -21.74 -10.83
CA TYR E 468 11.75 -22.41 -10.93
C TYR E 468 12.04 -23.70 -11.69
N VAL E 469 11.95 -24.81 -11.01
CA VAL E 469 12.40 -26.11 -11.53
C VAL E 469 11.19 -27.03 -11.62
N TYR E 470 10.60 -27.10 -12.80
CA TYR E 470 9.26 -27.67 -12.98
C TYR E 470 9.33 -28.97 -13.75
N ASP E 471 8.99 -30.06 -13.08
CA ASP E 471 8.95 -31.41 -13.69
C ASP E 471 10.30 -31.81 -14.27
N CYS E 472 11.38 -31.33 -13.69
CA CYS E 472 12.72 -31.65 -14.19
C CYS E 472 13.23 -32.94 -13.55
N GLU E 473 14.30 -33.46 -14.14
CA GLU E 473 14.96 -34.63 -13.59
C GLU E 473 16.42 -34.39 -13.55
N ALA E 474 17.07 -34.88 -12.47
CA ALA E 474 18.54 -34.87 -12.45
C ALA E 474 18.98 -36.19 -11.85
N HIS E 475 19.89 -36.84 -12.56
CA HIS E 475 20.35 -38.14 -12.20
C HIS E 475 21.89 -38.11 -12.31
N GLY E 476 22.57 -38.66 -11.32
CA GLY E 476 23.99 -38.85 -11.42
C GLY E 476 24.92 -37.72 -11.10
N SER E 477 24.53 -36.83 -10.21
CA SER E 477 25.34 -35.70 -9.79
C SER E 477 25.66 -35.78 -8.29
N GLN E 478 26.43 -34.80 -7.79
CA GLN E 478 26.59 -34.68 -6.37
C GLN E 478 25.25 -34.29 -5.76
N ASN E 479 24.63 -33.24 -6.30
CA ASN E 479 23.28 -32.91 -5.86
C ASN E 479 22.42 -32.65 -7.08
N GLY E 480 21.15 -33.03 -7.02
CA GLY E 480 20.27 -32.94 -8.18
C GLY E 480 20.03 -31.46 -8.55
N VAL E 481 19.60 -30.73 -7.52
CA VAL E 481 19.29 -29.33 -7.64
C VAL E 481 19.95 -28.56 -6.48
N ARG E 482 20.62 -27.45 -6.80
CA ARG E 482 21.11 -26.47 -5.81
C ARG E 482 20.25 -25.23 -5.97
N ILE E 483 19.66 -24.79 -4.88
CA ILE E 483 18.66 -23.75 -4.96
C ILE E 483 18.53 -23.01 -3.65
N ASN E 484 18.43 -21.68 -3.73
CA ASN E 484 18.28 -20.87 -2.50
C ASN E 484 16.86 -20.42 -2.22
N GLY E 485 16.00 -20.53 -3.20
CA GLY E 485 14.62 -20.03 -3.14
C GLY E 485 13.94 -20.30 -4.47
N GLY E 486 12.61 -20.31 -4.47
CA GLY E 486 11.83 -20.58 -5.66
C GLY E 486 10.97 -21.81 -5.48
N ARG E 487 10.92 -22.64 -6.50
CA ARG E 487 10.07 -23.81 -6.49
C ARG E 487 10.74 -24.99 -7.15
N VAL E 488 10.65 -26.16 -6.53
CA VAL E 488 10.92 -27.42 -7.21
C VAL E 488 9.61 -28.18 -7.16
N LYS E 489 8.98 -28.35 -8.34
CA LYS E 489 7.62 -28.87 -8.39
C LYS E 489 7.61 -30.00 -9.38
N GLY E 490 7.27 -31.19 -8.90
CA GLY E 490 7.26 -32.37 -9.74
C GLY E 490 8.68 -32.82 -10.04
N GLY E 491 8.79 -33.73 -10.98
CA GLY E 491 10.08 -34.18 -11.37
C GLY E 491 10.53 -35.43 -10.62
N ARG E 492 11.74 -35.84 -10.94
CA ARG E 492 12.26 -37.10 -10.42
C ARG E 492 13.77 -37.04 -10.38
N TYR E 493 14.33 -37.49 -9.26
CA TYR E 493 15.73 -37.35 -8.97
C TYR E 493 16.25 -38.67 -8.41
N THR E 494 17.42 -39.11 -8.96
CA THR E 494 18.02 -40.36 -8.60
C THR E 494 19.55 -40.22 -8.64
N ARG E 495 20.24 -41.19 -8.00
CA ARG E 495 21.67 -41.36 -8.14
C ARG E 495 22.41 -40.03 -7.92
N ASN E 496 22.06 -39.34 -6.84
CA ASN E 496 22.74 -38.10 -6.47
C ASN E 496 23.47 -38.38 -5.17
N SER E 497 24.79 -38.25 -5.17
CA SER E 497 25.59 -38.82 -4.10
C SER E 497 25.48 -38.12 -2.75
N SER E 498 25.23 -36.80 -2.77
CA SER E 498 25.02 -36.07 -1.51
C SER E 498 23.55 -35.95 -1.19
N SER E 499 22.78 -35.33 -2.10
CA SER E 499 21.31 -35.22 -1.90
C SER E 499 20.61 -34.91 -3.22
N HIS E 500 19.32 -35.15 -3.29
CA HIS E 500 18.52 -34.84 -4.47
C HIS E 500 18.35 -33.32 -4.60
N ILE E 501 18.02 -32.65 -3.48
CA ILE E 501 17.89 -31.20 -3.49
C ILE E 501 18.82 -30.66 -2.40
N PHE E 502 19.51 -29.57 -2.72
CA PHE E 502 20.47 -28.94 -1.83
C PHE E 502 20.05 -27.50 -1.74
N VAL E 503 19.52 -27.16 -0.53
CA VAL E 503 19.09 -25.79 -0.24
C VAL E 503 20.32 -25.05 0.28
N THR E 504 20.84 -24.18 -0.57
CA THR E 504 22.11 -23.50 -0.40
C THR E 504 22.11 -22.20 -1.17
N LYS E 505 23.23 -21.49 -1.10
CA LYS E 505 23.45 -20.25 -1.79
C LYS E 505 24.83 -20.29 -2.43
N ASP E 506 25.06 -19.43 -3.40
CA ASP E 506 26.41 -19.26 -3.97
C ASP E 506 27.36 -18.72 -2.90
N VAL E 507 26.91 -17.69 -2.23
CA VAL E 507 27.64 -17.07 -1.12
C VAL E 507 26.61 -16.74 -0.03
N ALA E 508 27.07 -16.65 1.19
CA ALA E 508 26.20 -16.37 2.35
C ALA E 508 25.43 -15.05 2.22
N GLU E 509 26.02 -14.06 1.53
CA GLU E 509 25.38 -12.74 1.38
C GLU E 509 24.11 -12.77 0.54
N THR E 510 23.96 -13.78 -0.33
CA THR E 510 22.75 -13.91 -1.17
C THR E 510 21.53 -14.17 -0.27
N ALA E 511 20.37 -13.58 -0.61
CA ALA E 511 19.17 -13.78 0.16
C ALA E 511 18.60 -15.14 -0.04
N GLN E 512 18.18 -15.76 1.05
CA GLN E 512 17.33 -16.94 0.94
C GLN E 512 15.91 -16.44 0.82
N THR E 513 15.18 -17.03 -0.10
CA THR E 513 13.76 -16.79 -0.18
C THR E 513 12.96 -18.08 0.02
N SER E 514 11.55 -18.00 0.21
N SER E 514 11.64 -17.98 0.13
CA SER E 514 10.72 -19.14 0.25
CA SER E 514 10.86 -19.18 0.33
C SER E 514 11.13 -20.06 -0.79
C SER E 514 11.11 -20.16 -0.78
N LEU E 515 11.10 -21.43 -0.41
CA LEU E 515 11.26 -22.54 -1.32
C LEU E 515 10.14 -23.54 -1.12
N GLU E 516 9.47 -23.91 -2.21
CA GLU E 516 8.41 -24.91 -2.20
C GLU E 516 8.94 -26.13 -2.91
N ILE E 517 8.91 -27.26 -2.23
CA ILE E 517 9.28 -28.54 -2.81
C ILE E 517 8.01 -29.39 -2.77
N ASP E 518 7.39 -29.62 -3.94
CA ASP E 518 6.07 -30.22 -3.96
C ASP E 518 5.95 -31.22 -5.08
N GLY E 519 5.46 -32.43 -4.77
CA GLY E 519 5.20 -33.43 -5.79
C GLY E 519 6.44 -34.02 -6.42
N VAL E 520 7.55 -33.91 -5.75
CA VAL E 520 8.86 -34.36 -6.28
C VAL E 520 9.13 -35.80 -5.90
N SER E 521 9.52 -36.62 -6.88
CA SER E 521 10.05 -37.94 -6.58
C SER E 521 11.53 -37.89 -6.29
N MET E 522 11.90 -38.11 -5.02
CA MET E 522 13.26 -38.09 -4.60
C MET E 522 13.50 -39.21 -3.59
N ARG E 523 13.33 -40.42 -4.09
CA ARG E 523 13.40 -41.63 -3.34
C ARG E 523 14.85 -42.01 -3.03
N TYR E 524 15.00 -42.92 -2.05
CA TYR E 524 16.31 -43.49 -1.75
C TYR E 524 16.60 -44.61 -2.72
N ASP E 525 17.80 -44.54 -3.32
CA ASP E 525 18.21 -45.61 -4.25
C ASP E 525 19.59 -46.11 -3.88
N GLY E 526 19.97 -45.95 -2.60
CA GLY E 526 21.30 -46.31 -2.22
C GLY E 526 22.40 -45.27 -2.34
N THR E 527 22.01 -44.01 -2.61
CA THR E 527 22.92 -42.91 -2.76
C THR E 527 22.59 -41.86 -1.69
N GLY E 528 22.29 -40.65 -2.09
CA GLY E 528 22.22 -39.53 -1.15
C GLY E 528 20.87 -39.40 -0.49
N ARG E 529 20.79 -38.36 0.33
CA ARG E 529 19.56 -38.08 1.09
C ARG E 529 18.62 -37.24 0.21
N ALA E 530 17.42 -37.03 0.68
CA ALA E 530 16.43 -36.29 -0.11
C ALA E 530 16.77 -34.78 -0.18
N VAL E 531 16.93 -34.15 0.96
CA VAL E 531 17.12 -32.71 0.96
C VAL E 531 18.26 -32.37 1.96
N TYR E 532 19.16 -31.51 1.52
CA TYR E 532 20.31 -31.08 2.28
C TYR E 532 20.13 -29.59 2.59
N PHE E 533 20.09 -29.24 3.90
CA PHE E 533 19.96 -27.85 4.32
C PHE E 533 21.32 -27.31 4.73
N HIS E 534 21.73 -26.19 4.10
CA HIS E 534 23.11 -25.70 4.30
C HIS E 534 23.16 -24.61 5.35
N GLY E 535 23.28 -25.04 6.60
CA GLY E 535 23.35 -24.10 7.72
C GLY E 535 24.51 -23.15 7.65
N THR E 536 25.65 -23.61 7.08
CA THR E 536 26.84 -22.77 6.89
C THR E 536 26.58 -21.42 6.24
N VAL E 537 25.68 -21.38 5.25
CA VAL E 537 25.44 -20.13 4.53
C VAL E 537 24.18 -19.47 4.98
N GLY E 538 23.66 -19.88 6.13
CA GLY E 538 22.48 -19.27 6.71
C GLY E 538 21.11 -19.73 6.32
N ILE E 539 21.01 -20.96 5.82
CA ILE E 539 19.71 -21.45 5.44
C ILE E 539 18.84 -21.72 6.65
N ASP E 540 17.68 -21.10 6.64
CA ASP E 540 16.61 -21.29 7.64
C ASP E 540 15.64 -22.32 7.05
N PRO E 541 15.63 -23.56 7.60
CA PRO E 541 14.78 -24.59 7.00
C PRO E 541 13.27 -24.28 7.01
N THR E 542 12.82 -23.39 7.89
CA THR E 542 11.43 -23.04 7.97
C THR E 542 10.90 -22.24 6.79
N LEU E 543 11.81 -21.74 5.94
CA LEU E 543 11.44 -21.08 4.71
C LEU E 543 11.21 -22.06 3.58
N VAL E 544 11.42 -23.33 3.88
CA VAL E 544 11.15 -24.40 2.92
C VAL E 544 9.87 -25.06 3.35
N SER E 545 9.03 -25.49 2.37
CA SER E 545 7.86 -26.25 2.64
C SER E 545 7.88 -27.44 1.70
N MET E 546 7.59 -28.62 2.26
CA MET E 546 7.67 -29.90 1.53
C MET E 546 6.33 -30.61 1.58
N SER E 547 5.65 -30.75 0.43
CA SER E 547 4.31 -31.31 0.38
C SER E 547 4.20 -32.36 -0.69
N ASN E 548 3.63 -33.50 -0.34
CA ASN E 548 3.30 -34.54 -1.35
C ASN E 548 4.47 -35.02 -2.15
N ASN E 549 5.64 -35.10 -1.53
CA ASN E 549 6.83 -35.64 -2.19
C ASN E 549 7.01 -37.16 -1.88
N ASP E 550 7.63 -37.87 -2.80
CA ASP E 550 7.95 -39.27 -2.61
C ASP E 550 9.38 -39.37 -2.16
N MET E 551 9.54 -39.60 -0.86
CA MET E 551 10.83 -39.77 -0.23
C MET E 551 11.02 -41.19 0.27
N THR E 552 10.39 -42.16 -0.41
CA THR E 552 10.40 -43.53 0.03
C THR E 552 11.80 -44.04 0.18
N GLY E 553 12.07 -44.72 1.32
CA GLY E 553 13.33 -45.42 1.51
C GLY E 553 14.40 -44.74 2.33
N HIS E 554 14.29 -43.42 2.53
CA HIS E 554 15.32 -42.71 3.25
C HIS E 554 15.30 -42.92 4.77
N GLY E 555 14.22 -43.47 5.30
CA GLY E 555 14.04 -43.64 6.75
C GLY E 555 14.38 -42.42 7.55
N LEU E 556 15.20 -42.59 8.57
CA LEU E 556 15.56 -41.43 9.43
C LEU E 556 16.51 -40.45 8.76
N PHE E 557 16.98 -40.79 7.56
CA PHE E 557 18.02 -40.05 6.88
C PHE E 557 17.52 -39.35 5.61
N TRP E 558 16.29 -38.84 5.65
CA TRP E 558 15.74 -38.06 4.55
C TRP E 558 16.40 -36.68 4.41
N ALA E 559 16.88 -36.12 5.53
CA ALA E 559 17.57 -34.84 5.51
C ALA E 559 19.07 -34.95 5.82
N LEU E 560 19.87 -34.13 5.16
CA LEU E 560 21.25 -33.87 5.52
C LEU E 560 21.27 -32.43 6.00
N LEU E 561 21.96 -32.19 7.11
CA LEU E 561 22.22 -30.84 7.61
C LEU E 561 23.70 -30.69 7.87
N SER E 562 24.23 -29.50 7.59
CA SER E 562 25.62 -29.19 7.97
C SER E 562 25.72 -27.72 8.34
N GLY E 563 26.58 -27.42 9.28
CA GLY E 563 26.88 -26.06 9.63
C GLY E 563 25.91 -25.43 10.61
N TYR E 564 25.01 -26.18 11.20
CA TYR E 564 24.12 -25.65 12.24
C TYR E 564 24.81 -25.88 13.58
N THR E 565 24.69 -24.91 14.46
CA THR E 565 25.31 -25.02 15.76
C THR E 565 24.29 -25.22 16.89
N VAL E 566 23.04 -24.96 16.57
CA VAL E 566 21.91 -25.31 17.41
C VAL E 566 20.87 -25.95 16.47
N GLN E 567 20.11 -26.93 16.97
CA GLN E 567 19.11 -27.62 16.16
C GLN E 567 18.07 -26.65 15.56
N PRO E 568 17.98 -26.60 14.22
CA PRO E 568 17.04 -25.68 13.59
C PRO E 568 15.63 -26.26 13.57
N THR E 569 14.62 -25.40 13.46
CA THR E 569 13.26 -25.84 13.27
C THR E 569 13.13 -26.39 11.84
N PRO E 570 12.37 -27.49 11.69
CA PRO E 570 12.24 -28.04 10.36
C PRO E 570 11.33 -27.29 9.41
N PRO E 571 11.36 -27.67 8.11
CA PRO E 571 10.35 -27.17 7.19
C PRO E 571 8.97 -27.61 7.60
N ARG E 572 7.94 -26.89 7.14
CA ARG E 572 6.61 -27.47 7.13
C ARG E 572 6.59 -28.66 6.18
N MET E 573 5.99 -29.74 6.62
CA MET E 573 5.93 -30.98 5.86
C MET E 573 4.51 -31.51 5.83
N SER E 574 3.98 -31.81 4.62
CA SER E 574 2.61 -32.23 4.48
C SER E 574 2.44 -33.43 3.57
N ARG E 575 2.10 -34.56 4.18
CA ARG E 575 1.65 -35.74 3.41
C ARG E 575 2.67 -36.23 2.39
N ASN E 576 3.92 -36.23 2.79
CA ASN E 576 4.96 -36.88 2.01
C ASN E 576 4.95 -38.38 2.31
N LEU E 577 5.56 -39.13 1.41
CA LEU E 577 5.74 -40.55 1.59
C LEU E 577 7.18 -40.86 1.99
N LEU E 578 7.33 -41.60 3.08
CA LEU E 578 8.69 -41.99 3.53
C LEU E 578 8.88 -43.48 3.51
N ASP E 579 7.82 -44.24 3.65
CA ASP E 579 7.93 -45.74 3.58
C ASP E 579 6.84 -46.29 2.73
N ASP E 580 7.06 -47.49 2.21
CA ASP E 580 6.13 -48.16 1.31
C ASP E 580 5.49 -49.46 1.90
N THR E 581 5.87 -49.85 3.12
CA THR E 581 5.47 -51.08 3.74
C THR E 581 5.11 -50.73 5.18
N GLY E 582 4.10 -51.36 5.75
CA GLY E 582 3.71 -51.06 7.14
C GLY E 582 3.27 -49.62 7.30
N ILE E 583 2.49 -49.14 6.36
CA ILE E 583 2.10 -47.73 6.29
C ILE E 583 0.60 -47.52 6.26
N ARG E 584 -0.20 -48.58 6.25
CA ARG E 584 -1.66 -48.46 6.41
C ARG E 584 -2.18 -49.76 7.04
N GLY E 585 -3.17 -49.63 7.91
CA GLY E 585 -3.84 -50.78 8.52
C GLY E 585 -5.05 -50.39 9.34
N VAL E 586 -5.56 -51.33 10.08
CA VAL E 586 -6.67 -51.14 11.01
C VAL E 586 -6.29 -51.73 12.37
N ALA E 587 -6.45 -50.92 13.41
CA ALA E 587 -6.25 -51.36 14.77
C ALA E 587 -7.58 -51.35 15.50
N THR E 588 -7.75 -52.25 16.46
CA THR E 588 -8.90 -52.26 17.34
C THR E 588 -8.45 -51.89 18.76
N LEU E 589 -9.02 -50.81 19.28
CA LEU E 589 -8.71 -50.35 20.62
C LEU E 589 -9.28 -51.37 21.65
N VAL E 590 -8.53 -51.54 22.72
CA VAL E 590 -8.95 -52.31 23.90
C VAL E 590 -8.71 -51.37 25.06
N ALA E 591 -9.76 -51.06 25.83
CA ALA E 591 -9.60 -50.19 26.97
C ALA E 591 -8.89 -48.88 26.55
N GLY E 592 -9.34 -48.34 25.43
CA GLY E 592 -8.91 -47.04 24.98
C GLY E 592 -7.58 -47.00 24.24
N GLU E 593 -6.90 -48.13 24.03
CA GLU E 593 -5.55 -48.09 23.43
C GLU E 593 -5.31 -49.28 22.50
N ALA E 594 -4.40 -49.07 21.57
CA ALA E 594 -3.84 -50.14 20.75
C ALA E 594 -2.41 -49.85 20.43
N THR E 595 -1.60 -50.89 20.47
CA THR E 595 -0.19 -50.78 20.01
C THR E 595 -0.13 -51.36 18.62
N VAL E 596 0.42 -50.60 17.71
CA VAL E 596 0.41 -50.92 16.28
C VAL E 596 1.83 -51.00 15.76
N ASN E 597 2.21 -52.13 15.17
CA ASN E 597 3.47 -52.20 14.49
C ASN E 597 3.31 -51.59 13.09
N ALA E 598 4.25 -50.75 12.74
CA ALA E 598 4.18 -49.92 11.53
C ALA E 598 5.51 -49.21 11.35
N ARG E 599 5.85 -48.88 10.07
CA ARG E 599 7.00 -48.08 9.79
C ARG E 599 6.74 -46.58 10.08
N VAL E 600 6.30 -46.31 11.30
CA VAL E 600 6.30 -44.97 11.87
C VAL E 600 7.73 -44.59 12.19
N ARG E 601 8.04 -43.28 12.12
CA ARG E 601 9.41 -42.82 12.20
C ARG E 601 9.50 -41.49 12.94
N GLY E 602 10.66 -41.23 13.50
CA GLY E 602 10.96 -39.90 14.06
C GLY E 602 12.34 -39.79 14.61
N ASN E 603 12.79 -38.57 14.79
CA ASN E 603 13.96 -38.27 15.53
C ASN E 603 13.60 -37.36 16.68
N PHE E 604 14.04 -37.70 17.86
CA PHE E 604 13.65 -36.90 19.09
C PHE E 604 14.85 -36.35 19.84
N GLY E 605 16.06 -36.49 19.27
CA GLY E 605 17.26 -35.89 19.85
C GLY E 605 17.44 -34.42 19.51
N SER E 606 18.48 -33.78 20.04
CA SER E 606 18.71 -32.36 19.83
C SER E 606 20.06 -32.06 19.20
N VAL E 607 20.60 -33.05 18.49
CA VAL E 607 21.90 -32.89 17.75
C VAL E 607 21.72 -31.73 16.77
N ALA E 608 22.65 -30.76 16.76
CA ALA E 608 22.48 -29.52 16.01
C ALA E 608 22.16 -29.80 14.52
N ASN E 609 22.96 -30.67 13.92
CA ASN E 609 22.74 -31.05 12.51
C ASN E 609 21.73 -32.18 12.33
N SER E 610 20.51 -31.95 12.88
CA SER E 610 19.41 -32.85 12.70
C SER E 610 18.15 -32.07 12.95
N PHE E 611 17.03 -32.61 12.53
CA PHE E 611 15.69 -32.11 12.90
C PHE E 611 15.04 -33.02 13.90
N LYS E 612 14.22 -32.45 14.75
CA LYS E 612 13.29 -33.15 15.61
C LYS E 612 11.98 -33.21 14.86
N TRP E 613 11.43 -34.38 14.64
CA TRP E 613 10.24 -34.55 13.83
C TRP E 613 9.66 -35.96 14.04
N VAL E 614 8.44 -36.14 13.60
CA VAL E 614 7.81 -37.47 13.66
C VAL E 614 6.84 -37.61 12.49
N SER E 615 6.51 -38.84 12.13
CA SER E 615 5.47 -39.09 11.14
C SER E 615 4.16 -38.40 11.43
N GLU E 616 3.45 -38.02 10.38
CA GLU E 616 2.04 -37.65 10.49
C GLU E 616 1.25 -38.94 10.32
N VAL E 617 0.53 -39.35 11.34
CA VAL E 617 -0.28 -40.54 11.28
C VAL E 617 -1.74 -40.10 11.24
N LYS E 618 -2.37 -40.36 10.12
CA LYS E 618 -3.77 -40.01 9.89
C LYS E 618 -4.63 -41.12 10.43
N LEU E 619 -5.55 -40.79 11.33
CA LEU E 619 -6.44 -41.75 11.98
C LEU E 619 -7.91 -41.48 11.59
N THR E 620 -8.62 -42.53 11.18
CA THR E 620 -10.05 -42.44 10.89
C THR E 620 -10.78 -43.62 11.54
N ARG E 621 -11.93 -43.35 12.18
CA ARG E 621 -12.69 -44.32 12.89
C ARG E 621 -13.57 -45.13 11.92
N LEU E 622 -13.57 -46.46 12.07
CA LEU E 622 -14.31 -47.38 11.22
C LEU E 622 -15.49 -48.12 11.92
N THR E 623 -15.52 -48.11 13.25
CA THR E 623 -16.67 -48.60 14.01
C THR E 623 -16.96 -47.59 15.10
N PHE E 624 -18.23 -47.58 15.54
CA PHE E 624 -18.80 -46.46 16.25
C PHE E 624 -19.43 -46.81 17.56
N PRO E 625 -18.61 -47.34 18.49
CA PRO E 625 -19.15 -47.69 19.84
C PRO E 625 -19.52 -46.48 20.61
N SER E 626 -20.38 -46.64 21.64
CA SER E 626 -20.77 -45.51 22.44
C SER E 626 -19.59 -44.88 23.19
N SER E 627 -18.55 -45.65 23.39
CA SER E 627 -17.32 -45.22 24.10
C SER E 627 -16.29 -44.51 23.14
N ALA E 628 -16.73 -44.15 21.95
CA ALA E 628 -15.80 -43.47 21.03
C ALA E 628 -15.29 -42.15 21.67
N GLY E 629 -13.99 -41.98 21.67
CA GLY E 629 -13.37 -40.72 22.14
C GLY E 629 -12.37 -40.13 21.15
N ALA E 630 -11.78 -39.01 21.49
CA ALA E 630 -10.82 -38.36 20.63
C ALA E 630 -9.53 -39.18 20.62
N LEU E 631 -8.91 -39.27 19.44
CA LEU E 631 -7.78 -40.15 19.23
C LEU E 631 -6.50 -39.42 19.02
N THR E 632 -5.39 -40.05 19.46
CA THR E 632 -4.08 -39.48 19.39
C THR E 632 -3.04 -40.53 19.21
N VAL E 633 -1.87 -40.11 18.75
CA VAL E 633 -0.70 -41.00 18.57
C VAL E 633 0.32 -40.70 19.66
N THR E 634 0.86 -41.76 20.29
CA THR E 634 1.90 -41.57 21.27
C THR E 634 2.85 -42.79 21.21
N SER E 635 3.86 -42.79 22.02
CA SER E 635 4.79 -43.89 22.19
C SER E 635 5.34 -44.41 20.89
N VAL E 636 5.96 -43.52 20.12
CA VAL E 636 6.58 -43.87 18.88
C VAL E 636 7.90 -44.55 19.20
N ALA E 637 7.94 -45.88 19.01
CA ALA E 637 9.09 -46.67 19.39
C ALA E 637 9.73 -47.18 18.10
N GLN E 638 11.05 -47.13 18.01
CA GLN E 638 11.70 -47.50 16.81
C GLN E 638 12.80 -48.49 17.10
N ASN E 639 12.79 -49.57 16.30
CA ASN E 639 13.74 -50.64 16.46
C ASN E 639 15.12 -50.10 16.09
N GLN E 640 16.12 -50.41 16.92
CA GLN E 640 17.48 -50.00 16.65
C GLN E 640 18.34 -51.20 16.82
N ASP E 641 17.83 -52.34 16.38
CA ASP E 641 18.61 -53.58 16.44
C ASP E 641 19.81 -53.34 15.53
N VAL E 642 20.82 -54.19 15.84
CA VAL E 642 22.19 -54.14 15.28
C VAL E 642 22.59 -55.52 14.78
N PRO E 643 23.21 -55.59 13.60
CA PRO E 643 23.75 -54.50 12.76
C PRO E 643 22.68 -53.71 11.98
N THR E 644 21.54 -54.34 11.72
CA THR E 644 20.53 -53.78 10.81
C THR E 644 19.21 -53.61 11.52
N PRO E 645 18.69 -52.37 11.64
CA PRO E 645 17.37 -52.20 12.27
C PRO E 645 16.25 -52.83 11.43
N ASN E 646 15.20 -53.24 12.11
CA ASN E 646 14.04 -53.79 11.45
C ASN E 646 12.86 -52.87 11.63
N PRO E 647 12.57 -52.03 10.62
CA PRO E 647 11.53 -51.01 10.81
C PRO E 647 10.13 -51.60 10.93
N ASP E 648 9.93 -52.85 10.54
CA ASP E 648 8.62 -53.50 10.70
C ASP E 648 8.33 -53.73 12.18
N LEU E 649 9.38 -53.64 13.03
CA LEU E 649 9.22 -53.74 14.48
C LEU E 649 9.08 -52.39 15.16
N ASN E 650 9.06 -51.32 14.39
CA ASN E 650 8.71 -50.01 14.94
C ASN E 650 7.22 -50.09 15.33
N SER E 651 6.79 -49.23 16.26
CA SER E 651 5.42 -49.23 16.68
C SER E 651 4.99 -47.87 17.15
N PHE E 652 3.67 -47.69 17.24
CA PHE E 652 3.13 -46.52 17.90
C PHE E 652 1.85 -46.95 18.63
N VAL E 653 1.40 -46.11 19.55
CA VAL E 653 0.18 -46.36 20.25
C VAL E 653 -0.89 -45.37 19.80
N ILE E 654 -2.09 -45.90 19.56
CA ILE E 654 -3.27 -45.10 19.40
C ILE E 654 -3.98 -45.11 20.75
N ARG E 655 -4.23 -43.90 21.29
CA ARG E 655 -4.91 -43.78 22.54
C ARG E 655 -6.13 -42.87 22.33
N SER E 656 -7.22 -43.24 23.02
CA SER E 656 -8.47 -42.48 23.01
C SER E 656 -8.60 -41.68 24.32
N SER E 657 -9.33 -40.58 24.25
CA SER E 657 -9.67 -39.83 25.45
C SER E 657 -10.67 -40.57 26.33
N ASN E 658 -11.34 -41.58 25.77
CA ASN E 658 -12.27 -42.41 26.48
C ASN E 658 -11.61 -43.76 26.82
N ALA E 659 -11.42 -44.03 28.10
CA ALA E 659 -10.73 -45.24 28.57
C ALA E 659 -11.43 -46.53 28.23
N ALA E 660 -12.70 -46.47 27.84
CA ALA E 660 -13.46 -47.65 27.43
C ALA E 660 -13.53 -47.84 25.91
N ASP E 661 -12.91 -46.96 25.15
CA ASP E 661 -13.01 -47.02 23.68
C ASP E 661 -12.55 -48.35 23.14
N VAL E 662 -13.39 -48.92 22.26
CA VAL E 662 -13.13 -50.17 21.57
C VAL E 662 -13.23 -50.01 20.07
N SER E 663 -13.12 -48.76 19.58
CA SER E 663 -13.21 -48.48 18.14
C SER E 663 -12.20 -49.19 17.33
N GLN E 664 -12.61 -49.58 16.13
CA GLN E 664 -11.65 -49.91 15.06
C GLN E 664 -11.20 -48.58 14.45
N VAL E 665 -9.90 -48.47 14.20
CA VAL E 665 -9.26 -47.25 13.78
C VAL E 665 -8.37 -47.52 12.58
N ALA E 666 -8.69 -46.89 11.45
CA ALA E 666 -7.73 -46.96 10.29
C ALA E 666 -6.61 -46.01 10.55
N TRP E 667 -5.38 -46.39 10.21
CA TRP E 667 -4.23 -45.57 10.37
C TRP E 667 -3.43 -45.54 9.08
N GLU E 668 -2.85 -44.40 8.79
CA GLU E 668 -2.01 -44.19 7.58
C GLU E 668 -0.83 -43.39 7.94
N VAL E 669 0.36 -43.83 7.52
CA VAL E 669 1.62 -43.19 7.88
C VAL E 669 2.23 -42.34 6.79
N TYR E 670 2.34 -41.04 7.04
CA TYR E 670 2.97 -40.09 6.16
C TYR E 670 4.18 -39.45 6.88
N LEU E 671 4.92 -38.67 6.13
CA LEU E 671 5.89 -37.69 6.65
C LEU E 671 5.24 -36.28 6.46
N GLU F 30 29.24 -25.21 -85.78
CA GLU F 30 29.66 -25.81 -87.08
C GLU F 30 28.80 -27.03 -87.37
N ARG F 31 28.86 -28.05 -86.49
CA ARG F 31 28.13 -29.32 -86.70
C ARG F 31 26.81 -29.39 -85.92
N VAL F 32 25.71 -29.46 -86.65
CA VAL F 32 24.37 -29.57 -86.08
C VAL F 32 23.73 -30.87 -86.56
N PHE F 33 23.03 -31.54 -85.64
CA PHE F 33 22.38 -32.83 -85.92
C PHE F 33 20.92 -32.85 -85.43
N SER F 34 20.05 -33.48 -86.21
CA SER F 34 18.59 -33.50 -85.98
C SER F 34 18.14 -34.60 -85.01
N ASP F 35 18.96 -35.63 -84.88
CA ASP F 35 18.67 -36.74 -83.99
C ASP F 35 19.98 -37.32 -83.47
N LEU F 36 19.90 -38.07 -82.39
CA LEU F 36 21.06 -38.60 -81.73
C LEU F 36 21.84 -39.58 -82.62
N ALA F 37 21.12 -40.39 -83.39
CA ALA F 37 21.75 -41.42 -84.22
C ALA F 37 22.77 -40.82 -85.22
N SER F 38 22.36 -39.75 -85.90
CA SER F 38 23.25 -39.09 -86.87
C SER F 38 24.43 -38.46 -86.14
N MET F 39 24.18 -37.88 -84.96
CA MET F 39 25.26 -37.21 -84.22
C MET F 39 26.37 -38.19 -83.85
N VAL F 40 25.98 -39.33 -83.30
CA VAL F 40 26.95 -40.30 -82.80
C VAL F 40 27.59 -41.10 -83.91
N ALA F 41 27.10 -40.96 -85.12
CA ALA F 41 27.68 -41.66 -86.30
C ALA F 41 28.67 -40.81 -87.11
N TYR F 42 28.78 -39.51 -86.80
CA TYR F 42 29.64 -38.60 -87.56
C TYR F 42 31.16 -38.93 -87.40
N PRO F 43 31.83 -39.33 -88.50
CA PRO F 43 33.18 -39.90 -88.38
C PRO F 43 34.35 -38.92 -88.21
N ASN F 44 34.08 -37.62 -88.28
CA ASN F 44 35.19 -36.62 -88.35
C ASN F 44 35.00 -35.39 -87.44
N PHE F 45 34.63 -35.65 -86.17
CA PHE F 45 34.66 -34.58 -85.20
C PHE F 45 36.09 -34.10 -84.85
N GLN F 46 36.21 -32.82 -84.53
CA GLN F 46 37.50 -32.25 -84.13
C GLN F 46 37.34 -31.47 -82.83
N VAL F 47 38.42 -31.44 -82.08
CA VAL F 47 38.40 -30.84 -80.75
C VAL F 47 37.86 -29.39 -80.76
N GLN F 48 38.14 -28.65 -81.84
CA GLN F 48 37.71 -27.25 -81.95
C GLN F 48 36.23 -27.05 -82.35
N ASP F 49 35.56 -28.13 -82.77
CA ASP F 49 34.17 -28.04 -83.26
C ASP F 49 33.18 -27.59 -82.19
N LYS F 50 32.22 -26.79 -82.63
CA LYS F 50 31.05 -26.50 -81.84
C LYS F 50 29.96 -27.44 -82.38
N ILE F 51 29.45 -28.31 -81.51
CA ILE F 51 28.52 -29.36 -81.93
C ILE F 51 27.20 -29.21 -81.20
N THR F 52 26.10 -29.32 -81.97
CA THR F 52 24.75 -29.10 -81.44
C THR F 52 23.84 -30.26 -81.79
N LEU F 53 23.05 -30.72 -80.81
CA LEU F 53 21.99 -31.71 -81.03
C LEU F 53 20.65 -31.06 -80.81
N LEU F 54 19.75 -31.30 -81.76
CA LEU F 54 18.33 -30.90 -81.62
C LEU F 54 17.48 -32.10 -81.17
N GLY F 55 16.27 -31.85 -80.66
CA GLY F 55 15.39 -32.93 -80.16
C GLY F 55 15.20 -32.89 -78.66
N SER F 56 14.54 -33.92 -78.08
CA SER F 56 14.10 -33.86 -76.65
C SER F 56 15.23 -33.89 -75.59
N ALA F 57 16.40 -34.42 -76.03
CA ALA F 57 17.65 -34.53 -75.24
C ALA F 57 18.74 -33.58 -75.82
N GLY F 58 18.31 -32.52 -76.51
CA GLY F 58 19.23 -31.67 -77.24
C GLY F 58 20.10 -30.81 -76.38
N GLY F 59 21.18 -30.29 -76.97
CA GLY F 59 22.13 -29.43 -76.28
C GLY F 59 23.43 -29.26 -77.06
N ASP F 60 24.45 -28.75 -76.37
CA ASP F 60 25.74 -28.47 -76.98
C ASP F 60 26.78 -29.41 -76.49
N PHE F 61 27.70 -29.79 -77.39
CA PHE F 61 28.66 -30.83 -77.10
C PHE F 61 30.05 -30.44 -77.55
N THR F 62 31.05 -31.08 -76.96
CA THR F 62 32.44 -30.97 -77.39
C THR F 62 33.10 -32.35 -77.50
N PHE F 63 33.95 -32.43 -78.57
CA PHE F 63 34.63 -33.67 -78.88
C PHE F 63 35.95 -33.73 -78.12
N THR F 64 36.27 -34.91 -77.58
CA THR F 64 37.52 -35.14 -76.87
C THR F 64 37.96 -36.58 -77.11
N THR F 65 39.28 -36.82 -77.15
CA THR F 65 39.82 -38.18 -77.15
C THR F 65 40.12 -38.64 -75.73
N THR F 66 40.09 -37.72 -74.75
CA THR F 66 40.29 -38.08 -73.34
C THR F 66 39.29 -39.16 -72.93
N ALA F 67 39.80 -40.23 -72.32
CA ALA F 67 38.94 -41.35 -71.95
C ALA F 67 37.85 -40.84 -71.03
N SER F 68 36.64 -41.28 -71.32
CA SER F 68 35.46 -40.81 -70.66
C SER F 68 34.49 -41.96 -70.38
N VAL F 69 33.65 -41.75 -69.37
CA VAL F 69 32.66 -42.75 -68.99
C VAL F 69 31.33 -42.50 -69.71
N VAL F 70 31.03 -43.33 -70.69
CA VAL F 70 29.82 -43.20 -71.46
C VAL F 70 28.58 -43.42 -70.59
N ASP F 71 27.61 -42.55 -70.72
CA ASP F 71 26.33 -42.67 -70.03
C ASP F 71 25.13 -42.32 -70.94
N ASN F 72 25.35 -42.02 -72.21
CA ASN F 72 24.34 -41.67 -73.16
C ASN F 72 23.38 -40.59 -72.72
N GLY F 73 23.95 -39.65 -71.96
CA GLY F 73 23.27 -38.46 -71.59
C GLY F 73 24.18 -37.24 -71.51
N THR F 74 25.33 -37.40 -70.83
CA THR F 74 26.36 -36.36 -70.72
C THR F 74 27.62 -36.74 -71.46
N VAL F 75 27.80 -38.03 -71.75
CA VAL F 75 28.95 -38.53 -72.50
C VAL F 75 28.47 -39.56 -73.50
N PHE F 76 28.79 -39.35 -74.77
CA PHE F 76 28.50 -40.31 -75.83
C PHE F 76 29.77 -40.77 -76.52
N ALA F 77 29.83 -42.05 -76.89
CA ALA F 77 30.93 -42.55 -77.70
C ALA F 77 30.66 -42.24 -79.18
N VAL F 78 31.69 -41.82 -79.91
CA VAL F 78 31.56 -41.48 -81.34
C VAL F 78 32.86 -41.93 -81.98
N PRO F 79 32.88 -42.10 -83.33
CA PRO F 79 34.15 -42.48 -83.95
C PRO F 79 35.28 -41.56 -83.55
N GLY F 80 36.30 -42.17 -82.95
CA GLY F 80 37.51 -41.46 -82.56
C GLY F 80 37.55 -40.90 -81.16
N GLY F 81 36.43 -40.95 -80.44
CA GLY F 81 36.47 -40.42 -79.11
C GLY F 81 35.10 -40.32 -78.47
N TYR F 82 34.83 -39.13 -77.91
CA TYR F 82 33.63 -38.92 -77.10
C TYR F 82 33.07 -37.56 -77.34
N LEU F 83 31.76 -37.41 -77.13
CA LEU F 83 31.10 -36.14 -77.11
C LEU F 83 30.65 -35.86 -75.65
N LEU F 84 31.05 -34.69 -75.14
CA LEU F 84 30.72 -34.30 -73.78
C LEU F 84 29.73 -33.21 -73.86
N ARG F 85 28.62 -33.37 -73.11
CA ARG F 85 27.65 -32.31 -73.05
C ARG F 85 28.23 -31.15 -72.24
N LYS F 86 27.96 -29.96 -72.73
CA LYS F 86 28.42 -28.72 -72.10
C LYS F 86 27.31 -28.21 -71.23
N PHE F 87 27.57 -28.08 -69.95
CA PHE F 87 26.55 -27.56 -69.00
C PHE F 87 27.17 -27.12 -67.71
N VAL F 88 26.43 -26.30 -66.98
CA VAL F 88 26.81 -25.91 -65.65
C VAL F 88 25.55 -26.16 -64.82
N GLY F 89 25.70 -26.35 -63.52
CA GLY F 89 24.56 -26.71 -62.72
C GLY F 89 24.12 -28.18 -62.91
N PRO F 90 22.87 -28.49 -62.64
CA PRO F 90 22.43 -29.89 -62.67
C PRO F 90 22.34 -30.50 -64.04
N ALA F 91 22.51 -31.82 -64.09
CA ALA F 91 22.09 -32.59 -65.24
C ALA F 91 20.58 -32.86 -65.16
N TYR F 92 19.94 -33.29 -66.25
CA TYR F 92 18.52 -33.57 -66.33
C TYR F 92 18.30 -34.97 -66.89
N SER F 93 17.37 -35.69 -66.33
CA SER F 93 17.07 -37.04 -66.79
C SER F 93 16.65 -37.04 -68.26
N SER F 94 16.03 -35.94 -68.71
CA SER F 94 15.60 -35.84 -70.13
C SER F 94 16.76 -35.84 -71.10
N TRP F 95 17.98 -35.70 -70.59
CA TRP F 95 19.17 -35.75 -71.44
C TRP F 95 19.57 -37.20 -71.81
N PHE F 96 19.06 -38.18 -71.09
CA PHE F 96 19.57 -39.56 -71.14
C PHE F 96 18.72 -40.45 -72.04
N SER F 97 19.40 -41.34 -72.75
CA SER F 97 18.75 -42.30 -73.63
C SER F 97 17.98 -43.41 -72.89
N ASN F 98 18.47 -43.80 -71.71
N ASN F 98 18.41 -43.74 -71.68
CA ASN F 98 18.01 -44.99 -70.98
CA ASN F 98 17.84 -44.84 -70.95
C ASN F 98 18.28 -44.86 -69.49
C ASN F 98 18.26 -44.84 -69.49
N TRP F 99 17.51 -45.63 -68.74
CA TRP F 99 17.74 -45.80 -67.30
C TRP F 99 19.16 -46.22 -67.01
N THR F 100 19.71 -47.14 -67.82
CA THR F 100 21.08 -47.59 -67.61
C THR F 100 22.09 -46.42 -67.54
N GLY F 101 21.87 -45.39 -68.33
CA GLY F 101 22.73 -44.21 -68.38
C GLY F 101 22.63 -43.38 -67.15
N ILE F 102 21.40 -43.26 -66.65
CA ILE F 102 21.15 -42.57 -65.38
C ILE F 102 21.95 -43.24 -64.26
N VAL F 103 21.88 -44.59 -64.21
CA VAL F 103 22.61 -45.38 -63.24
C VAL F 103 24.12 -45.14 -63.37
N THR F 104 24.62 -45.16 -64.62
CA THR F 104 26.05 -44.91 -64.80
C THR F 104 26.45 -43.51 -64.31
N PHE F 105 25.63 -42.53 -64.63
CA PHE F 105 25.92 -41.16 -64.27
C PHE F 105 26.02 -41.04 -62.73
N MET F 106 25.05 -41.61 -62.00
CA MET F 106 25.05 -41.46 -60.56
C MET F 106 26.00 -42.43 -59.83
N SER F 107 26.62 -43.34 -60.56
CA SER F 107 27.63 -44.24 -59.99
C SER F 107 28.91 -43.56 -59.55
N ALA F 108 29.05 -42.29 -59.89
CA ALA F 108 30.15 -41.48 -59.45
C ALA F 108 29.70 -40.47 -58.38
N PRO F 109 30.62 -40.03 -57.52
CA PRO F 109 30.29 -38.96 -56.57
C PRO F 109 30.17 -37.62 -57.27
N ASN F 110 29.76 -36.61 -56.49
CA ASN F 110 29.75 -35.22 -56.97
C ASN F 110 28.76 -34.97 -58.14
N ARG F 111 27.58 -35.60 -58.08
CA ARG F 111 26.56 -35.51 -59.11
C ARG F 111 25.35 -34.80 -58.63
N HIS F 112 24.79 -33.98 -59.51
CA HIS F 112 23.50 -33.34 -59.26
C HIS F 112 22.63 -33.66 -60.48
N LEU F 113 21.59 -34.45 -60.26
CA LEU F 113 20.65 -34.86 -61.31
C LEU F 113 19.26 -34.41 -60.92
N VAL F 114 18.59 -33.76 -61.86
CA VAL F 114 17.16 -33.42 -61.78
C VAL F 114 16.39 -34.43 -62.57
N VAL F 115 15.44 -35.09 -61.91
CA VAL F 115 14.56 -36.04 -62.57
C VAL F 115 13.35 -35.24 -63.07
N ASP F 116 13.36 -34.96 -64.39
CA ASP F 116 12.32 -34.18 -65.06
C ASP F 116 11.45 -35.04 -65.98
N THR F 117 11.60 -36.34 -65.87
CA THR F 117 10.89 -37.28 -66.70
C THR F 117 10.42 -38.46 -65.84
N VAL F 118 9.57 -39.31 -66.44
CA VAL F 118 9.09 -40.53 -65.81
C VAL F 118 10.05 -41.64 -66.22
N LEU F 119 10.87 -42.02 -65.28
CA LEU F 119 11.90 -43.04 -65.49
C LEU F 119 11.37 -44.44 -65.17
N GLN F 120 11.74 -45.38 -65.99
CA GLN F 120 11.46 -46.78 -65.80
C GLN F 120 12.67 -47.56 -65.35
N ALA F 121 12.72 -47.91 -64.08
CA ALA F 121 13.86 -48.62 -63.53
C ALA F 121 13.92 -50.07 -64.01
N THR F 122 15.16 -50.50 -64.27
CA THR F 122 15.41 -51.93 -64.52
C THR F 122 16.60 -52.45 -63.72
N SER F 123 17.03 -51.66 -62.74
CA SER F 123 18.18 -51.99 -61.90
C SER F 123 18.13 -50.98 -60.71
N VAL F 124 18.88 -51.22 -59.67
CA VAL F 124 19.03 -50.32 -58.53
C VAL F 124 19.79 -49.07 -58.91
N LEU F 125 19.28 -47.91 -58.53
CA LEU F 125 20.02 -46.67 -58.69
C LEU F 125 20.88 -46.43 -57.45
N ASN F 126 22.22 -46.50 -57.58
CA ASN F 126 23.13 -46.21 -56.49
C ASN F 126 23.49 -44.73 -56.50
N ILE F 127 23.51 -44.10 -55.33
CA ILE F 127 23.89 -42.70 -55.16
C ILE F 127 25.13 -42.64 -54.29
N LYS F 128 26.12 -41.80 -54.71
CA LYS F 128 27.41 -41.71 -54.09
C LYS F 128 27.57 -40.35 -53.37
N SER F 129 28.71 -40.13 -52.81
CA SER F 129 28.97 -38.99 -51.93
C SER F 129 28.76 -37.68 -52.67
N ASN F 130 28.36 -36.68 -51.92
CA ASN F 130 28.31 -35.27 -52.41
C ASN F 130 27.42 -35.15 -53.65
N SER F 131 26.26 -35.78 -53.57
CA SER F 131 25.34 -35.88 -54.68
C SER F 131 23.94 -35.54 -54.27
N THR F 132 23.21 -35.02 -55.23
CA THR F 132 21.83 -34.58 -55.09
C THR F 132 20.99 -35.19 -56.19
N LEU F 133 19.87 -35.79 -55.81
CA LEU F 133 18.88 -36.29 -56.75
C LEU F 133 17.59 -35.54 -56.46
N GLU F 134 17.20 -34.69 -57.40
CA GLU F 134 16.05 -33.80 -57.22
C GLU F 134 15.00 -34.14 -58.23
N PHE F 135 13.75 -34.12 -57.83
CA PHE F 135 12.65 -34.44 -58.74
C PHE F 135 11.80 -33.20 -58.99
N THR F 136 11.42 -33.00 -60.22
CA THR F 136 10.45 -31.96 -60.58
C THR F 136 9.08 -32.45 -60.20
N ASP F 137 8.12 -31.55 -60.36
CA ASP F 137 6.75 -31.82 -60.04
C ASP F 137 6.24 -33.10 -60.67
N THR F 138 6.71 -33.38 -61.90
CA THR F 138 6.25 -34.55 -62.66
C THR F 138 7.28 -35.71 -62.79
N GLY F 139 8.51 -35.49 -62.34
CA GLY F 139 9.53 -36.55 -62.38
C GLY F 139 9.17 -37.73 -61.49
N ARG F 140 9.53 -38.95 -61.89
CA ARG F 140 9.10 -40.17 -61.16
C ARG F 140 10.14 -41.21 -61.42
N ILE F 141 10.33 -42.13 -60.48
CA ILE F 141 10.95 -43.42 -60.78
C ILE F 141 9.89 -44.49 -60.60
N LEU F 142 9.55 -45.14 -61.71
CA LEU F 142 8.71 -46.33 -61.71
C LEU F 142 9.55 -47.55 -61.51
N PRO F 143 9.23 -48.35 -60.49
CA PRO F 143 9.98 -49.57 -60.24
C PRO F 143 9.91 -50.59 -61.38
N ASP F 144 10.92 -51.47 -61.37
CA ASP F 144 11.11 -52.58 -62.31
C ASP F 144 9.86 -53.48 -62.17
N ALA F 145 9.11 -53.66 -63.26
CA ALA F 145 7.89 -54.47 -63.22
C ALA F 145 8.26 -55.93 -63.49
N ALA F 146 9.48 -56.22 -63.95
CA ALA F 146 9.91 -57.60 -64.19
C ALA F 146 10.56 -58.27 -62.99
N VAL F 147 11.06 -57.46 -62.06
CA VAL F 147 11.76 -57.96 -60.88
C VAL F 147 11.49 -56.99 -59.74
N ALA F 148 10.86 -57.46 -58.68
CA ALA F 148 10.72 -56.64 -57.48
C ALA F 148 12.08 -56.57 -56.81
N ARG F 149 12.62 -55.34 -56.71
CA ARG F 149 13.92 -55.12 -56.18
C ARG F 149 13.98 -53.76 -55.47
N GLN F 150 15.12 -53.37 -54.97
CA GLN F 150 15.28 -52.06 -54.27
C GLN F 150 15.38 -50.98 -55.31
N VAL F 151 14.93 -49.78 -54.97
CA VAL F 151 14.90 -48.67 -55.90
C VAL F 151 16.13 -47.80 -55.86
N LEU F 152 16.38 -47.18 -54.71
CA LEU F 152 17.57 -46.34 -54.47
C LEU F 152 18.42 -47.02 -53.38
N ASN F 153 19.72 -47.10 -53.60
CA ASN F 153 20.70 -47.53 -52.58
C ASN F 153 21.73 -46.44 -52.37
N ILE F 154 22.03 -46.19 -51.10
CA ILE F 154 23.06 -45.28 -50.68
C ILE F 154 23.96 -46.07 -49.71
N THR F 155 25.04 -46.65 -50.20
CA THR F 155 25.72 -47.75 -49.53
C THR F 155 27.22 -47.53 -49.33
N GLY F 156 27.60 -47.22 -48.10
CA GLY F 156 28.96 -47.27 -47.63
C GLY F 156 29.29 -48.68 -47.22
N SER F 157 30.52 -48.89 -46.77
CA SER F 157 30.96 -50.23 -46.41
C SER F 157 31.64 -50.26 -45.02
N ALA F 158 31.45 -51.39 -44.34
CA ALA F 158 32.04 -51.60 -43.02
C ALA F 158 33.56 -51.70 -43.17
N PRO F 159 34.31 -51.42 -42.10
CA PRO F 159 35.76 -51.61 -42.18
C PRO F 159 36.14 -53.03 -42.59
N SER F 160 37.25 -53.13 -43.30
CA SER F 160 37.79 -54.46 -43.65
C SER F 160 38.81 -54.92 -42.62
N VAL F 161 39.26 -54.04 -41.73
CA VAL F 161 40.10 -54.46 -40.64
C VAL F 161 39.88 -53.53 -39.45
N PHE F 162 40.01 -54.12 -38.27
CA PHE F 162 39.96 -53.42 -37.02
C PHE F 162 41.25 -53.53 -36.27
N VAL F 163 41.49 -52.51 -35.46
CA VAL F 163 42.66 -52.48 -34.58
C VAL F 163 42.17 -52.24 -33.15
N PRO F 164 42.80 -52.89 -32.17
CA PRO F 164 42.37 -52.66 -30.75
C PRO F 164 42.63 -51.25 -30.28
N LEU F 165 41.74 -50.74 -29.41
CA LEU F 165 42.04 -49.52 -28.67
C LEU F 165 43.28 -49.84 -27.79
N ALA F 166 44.16 -48.85 -27.58
CA ALA F 166 45.35 -48.99 -26.74
C ALA F 166 45.05 -48.80 -25.25
N ALA F 167 43.92 -48.20 -24.94
CA ALA F 167 43.48 -48.03 -23.58
C ALA F 167 41.97 -47.92 -23.54
N ASP F 168 41.39 -48.17 -22.36
CA ASP F 168 39.98 -47.99 -22.14
C ASP F 168 39.57 -46.58 -22.51
N ALA F 169 38.39 -46.46 -23.09
CA ALA F 169 37.81 -45.16 -23.34
C ALA F 169 36.41 -45.16 -22.74
N ALA F 170 36.26 -44.45 -21.61
CA ALA F 170 34.98 -44.38 -20.94
C ALA F 170 33.96 -43.55 -21.71
N ALA F 171 32.71 -43.74 -21.35
CA ALA F 171 31.65 -42.88 -21.91
C ALA F 171 32.01 -41.46 -21.64
N GLY F 172 31.79 -40.60 -22.64
CA GLY F 172 32.21 -39.20 -22.55
C GLY F 172 33.57 -38.87 -23.13
N SER F 173 34.33 -39.89 -23.47
CA SER F 173 35.66 -39.69 -24.06
C SER F 173 35.59 -38.86 -25.34
N LYS F 174 36.47 -37.87 -25.44
CA LYS F 174 36.64 -37.03 -26.60
C LYS F 174 37.68 -37.61 -27.54
N VAL F 175 38.50 -38.53 -27.04
CA VAL F 175 39.71 -38.99 -27.76
C VAL F 175 39.77 -40.51 -27.50
N ILE F 176 40.15 -41.25 -28.54
CA ILE F 176 40.52 -42.62 -28.38
C ILE F 176 41.98 -42.82 -28.82
N THR F 177 42.58 -43.92 -28.37
CA THR F 177 43.96 -44.17 -28.63
C THR F 177 44.14 -45.51 -29.26
N VAL F 178 45.12 -45.57 -30.16
CA VAL F 178 45.56 -46.84 -30.75
C VAL F 178 47.10 -46.81 -30.84
N ALA F 179 47.68 -47.96 -31.06
CA ALA F 179 49.11 -48.00 -31.21
C ALA F 179 49.56 -47.21 -32.44
N ALA F 180 50.67 -46.44 -32.32
CA ALA F 180 51.18 -45.66 -33.43
C ALA F 180 51.40 -46.56 -34.66
N GLY F 181 50.91 -46.12 -35.81
CA GLY F 181 51.03 -46.88 -37.06
C GLY F 181 49.98 -47.96 -37.26
N ALA F 182 49.09 -48.16 -36.27
CA ALA F 182 48.09 -49.24 -36.37
C ALA F 182 47.09 -48.96 -37.48
N LEU F 183 46.67 -47.70 -37.60
CA LEU F 183 45.89 -47.26 -38.74
C LEU F 183 46.16 -45.79 -39.03
N SER F 184 45.71 -45.37 -40.20
CA SER F 184 45.87 -43.99 -40.65
C SER F 184 44.55 -43.28 -40.54
N ALA F 185 44.48 -42.36 -39.58
CA ALA F 185 43.27 -41.63 -39.26
C ALA F 185 43.31 -40.24 -39.90
N VAL F 186 42.53 -40.04 -40.94
CA VAL F 186 42.56 -38.84 -41.74
C VAL F 186 41.45 -37.89 -41.25
N LYS F 187 41.84 -36.63 -40.96
CA LYS F 187 40.88 -35.69 -40.45
C LYS F 187 39.76 -35.49 -41.49
N GLY F 188 38.53 -35.53 -41.00
CA GLY F 188 37.34 -35.35 -41.79
C GLY F 188 36.73 -36.68 -42.28
N THR F 189 37.46 -37.76 -42.07
CA THR F 189 36.98 -39.09 -42.40
C THR F 189 36.39 -39.76 -41.15
N TYR F 190 35.98 -41.02 -41.26
CA TYR F 190 35.22 -41.67 -40.22
C TYR F 190 35.86 -42.91 -39.61
N LEU F 191 35.46 -43.18 -38.37
CA LEU F 191 35.80 -44.39 -37.64
C LEU F 191 34.57 -45.10 -37.14
N TYR F 192 34.67 -46.41 -37.03
CA TYR F 192 33.61 -47.28 -36.56
C TYR F 192 34.16 -48.04 -35.41
N LEU F 193 33.64 -47.78 -34.21
CA LEU F 193 34.10 -48.38 -32.98
C LEU F 193 33.13 -49.49 -32.59
N ARG F 194 33.68 -50.58 -32.05
CA ARG F 194 32.81 -51.63 -31.53
C ARG F 194 33.46 -52.37 -30.35
N SER F 195 32.63 -53.05 -29.56
CA SER F 195 33.14 -54.00 -28.56
C SER F 195 32.13 -55.08 -28.25
N ASN F 196 32.51 -56.00 -27.39
CA ASN F 196 31.63 -57.07 -27.00
C ASN F 196 30.61 -56.69 -25.95
N LYS F 197 30.69 -55.44 -25.43
CA LYS F 197 29.66 -54.97 -24.53
C LYS F 197 28.30 -54.97 -25.25
N LEU F 198 27.25 -55.31 -24.50
CA LEU F 198 25.90 -55.37 -25.05
C LEU F 198 25.27 -54.03 -25.13
N CYS F 199 24.55 -53.79 -26.19
CA CYS F 199 23.69 -52.59 -26.24
C CYS F 199 22.83 -52.52 -25.01
N ASP F 200 22.62 -51.32 -24.52
CA ASP F 200 22.03 -51.17 -23.21
C ASP F 200 20.78 -50.22 -23.18
N GLY F 201 20.23 -49.87 -24.31
CA GLY F 201 19.05 -49.00 -24.35
C GLY F 201 17.79 -49.67 -23.85
N GLY F 202 17.70 -50.98 -24.06
CA GLY F 202 16.58 -51.77 -23.75
C GLY F 202 16.94 -53.21 -23.45
N PRO F 203 15.91 -54.06 -23.32
CA PRO F 203 16.12 -55.48 -22.96
C PRO F 203 17.11 -56.23 -23.83
N ASN F 204 17.17 -55.87 -25.12
CA ASN F 204 18.19 -56.43 -26.01
C ASN F 204 18.23 -57.99 -26.00
N THR F 205 17.11 -58.60 -26.29
CA THR F 205 17.01 -60.05 -26.24
C THR F 205 17.90 -60.79 -27.25
N TYR F 206 18.29 -60.15 -28.32
CA TYR F 206 19.22 -60.73 -29.29
C TYR F 206 20.65 -60.57 -28.89
N GLY F 207 20.95 -59.77 -27.85
CA GLY F 207 22.36 -59.57 -27.51
C GLY F 207 23.19 -58.87 -28.59
N VAL F 208 22.60 -57.84 -29.18
CA VAL F 208 23.29 -56.97 -30.10
C VAL F 208 24.39 -56.23 -29.34
N LYS F 209 25.59 -56.17 -29.92
CA LYS F 209 26.73 -55.57 -29.30
C LYS F 209 26.89 -54.11 -29.69
N ILE F 210 27.63 -53.32 -28.89
CA ILE F 210 27.77 -51.91 -29.17
C ILE F 210 28.62 -51.54 -30.37
N SER F 211 28.26 -50.44 -31.03
CA SER F 211 29.04 -49.82 -32.05
C SER F 211 28.65 -48.33 -32.17
N GLN F 212 29.54 -47.54 -32.67
CA GLN F 212 29.27 -46.13 -33.01
C GLN F 212 30.15 -45.72 -34.20
N ILE F 213 29.68 -44.74 -34.94
CA ILE F 213 30.39 -44.09 -36.00
C ILE F 213 30.74 -42.68 -35.57
N ARG F 214 31.99 -42.31 -35.76
CA ARG F 214 32.50 -41.00 -35.38
C ARG F 214 33.38 -40.40 -36.48
N LYS F 215 33.49 -39.06 -36.48
CA LYS F 215 34.32 -38.34 -37.42
C LYS F 215 35.63 -37.93 -36.76
N VAL F 216 36.75 -38.10 -37.47
CA VAL F 216 38.05 -37.72 -36.96
C VAL F 216 38.19 -36.21 -37.14
N VAL F 217 38.48 -35.50 -36.07
CA VAL F 217 38.73 -34.06 -36.14
C VAL F 217 40.11 -33.62 -35.68
N GLY F 218 40.91 -34.54 -35.07
CA GLY F 218 42.27 -34.21 -34.65
C GLY F 218 43.03 -35.48 -34.47
N VAL F 219 44.34 -35.44 -34.76
CA VAL F 219 45.20 -36.56 -34.57
C VAL F 219 46.56 -36.09 -34.08
N SER F 220 47.10 -36.77 -33.08
CA SER F 220 48.48 -36.56 -32.64
C SER F 220 49.09 -37.87 -32.21
N THR F 221 50.42 -38.02 -32.37
CA THR F 221 51.09 -39.21 -31.95
C THR F 221 52.23 -38.82 -31.02
N SER F 222 52.32 -39.51 -29.88
CA SER F 222 53.37 -39.34 -28.90
C SER F 222 53.54 -40.65 -28.14
N GLY F 223 54.78 -40.96 -27.77
CA GLY F 223 55.08 -42.14 -26.96
C GLY F 223 54.51 -43.46 -27.48
N GLY F 224 54.54 -43.64 -28.80
CA GLY F 224 54.08 -44.89 -29.44
C GLY F 224 52.55 -45.07 -29.48
N VAL F 225 51.80 -44.01 -29.15
CA VAL F 225 50.37 -44.02 -29.13
C VAL F 225 49.79 -42.87 -29.96
N THR F 226 48.85 -43.17 -30.85
CA THR F 226 48.16 -42.15 -31.63
C THR F 226 46.85 -41.85 -30.95
N SER F 227 46.64 -40.57 -30.67
CA SER F 227 45.43 -40.09 -30.05
C SER F 227 44.58 -39.42 -31.10
N ILE F 228 43.34 -39.91 -31.22
CA ILE F 228 42.40 -39.45 -32.24
C ILE F 228 41.24 -38.75 -31.59
N ARG F 229 41.14 -37.45 -31.84
CA ARG F 229 40.02 -36.66 -31.37
C ARG F 229 38.82 -36.80 -32.28
N LEU F 230 37.66 -36.96 -31.65
CA LEU F 230 36.41 -37.22 -32.34
C LEU F 230 35.51 -36.02 -32.38
N ASP F 231 34.64 -35.97 -33.34
CA ASP F 231 33.61 -34.92 -33.39
C ASP F 231 32.67 -34.94 -32.18
N LYS F 232 32.24 -36.13 -31.83
CA LYS F 232 31.25 -36.33 -30.76
C LYS F 232 31.83 -37.33 -29.78
N THR F 233 31.44 -37.24 -28.50
CA THR F 233 31.95 -38.10 -27.49
C THR F 233 31.34 -39.50 -27.55
N LEU F 234 32.04 -40.43 -26.90
CA LEU F 234 31.56 -41.81 -26.83
C LEU F 234 30.35 -41.93 -25.90
N HIS F 235 29.38 -42.78 -26.26
CA HIS F 235 28.20 -43.01 -25.47
C HIS F 235 28.11 -44.32 -24.70
N TYR F 236 29.22 -45.05 -24.69
CA TYR F 236 29.39 -46.25 -23.91
C TYR F 236 30.84 -46.26 -23.43
N ASN F 237 31.10 -47.10 -22.44
CA ASN F 237 32.45 -47.47 -22.11
C ASN F 237 32.99 -48.47 -23.14
N TYR F 238 34.11 -48.14 -23.76
CA TYR F 238 34.80 -49.05 -24.66
C TYR F 238 36.05 -49.58 -23.97
N TYR F 239 35.97 -50.81 -23.50
CA TYR F 239 37.00 -51.36 -22.64
C TYR F 239 37.83 -52.40 -23.34
N LEU F 240 39.10 -52.44 -22.98
CA LEU F 240 39.94 -53.47 -23.48
C LEU F 240 39.43 -54.86 -23.10
N SER F 241 38.81 -54.97 -21.93
CA SER F 241 38.28 -56.27 -21.48
C SER F 241 37.07 -56.76 -22.32
N ASP F 242 36.47 -55.84 -23.09
CA ASP F 242 35.44 -56.16 -24.04
C ASP F 242 35.96 -56.20 -25.47
N ALA F 243 37.29 -56.28 -25.62
CA ALA F 243 37.90 -56.30 -26.93
C ALA F 243 37.51 -55.07 -27.82
N ALA F 244 37.48 -53.89 -27.20
CA ALA F 244 37.14 -52.67 -27.90
C ALA F 244 38.14 -52.45 -29.03
N GLU F 245 37.60 -52.11 -30.19
CA GLU F 245 38.41 -51.98 -31.42
C GLU F 245 37.78 -50.92 -32.33
N VAL F 246 38.52 -50.53 -33.34
CA VAL F 246 38.13 -49.45 -34.23
C VAL F 246 38.64 -49.72 -35.62
N GLY F 247 37.86 -49.35 -36.59
CA GLY F 247 38.25 -49.47 -38.00
C GLY F 247 37.71 -48.33 -38.84
N ILE F 248 38.12 -48.27 -40.09
CA ILE F 248 37.75 -47.18 -40.99
C ILE F 248 36.67 -47.71 -41.92
N PRO F 249 35.42 -47.23 -41.72
CA PRO F 249 34.37 -47.52 -42.70
C PRO F 249 34.52 -46.59 -43.90
N THR F 250 34.01 -46.98 -45.03
CA THR F 250 33.90 -46.07 -46.17
C THR F 250 32.44 -45.62 -46.18
N MET F 251 32.21 -44.38 -45.77
CA MET F 251 30.88 -43.82 -45.74
C MET F 251 30.53 -43.21 -47.07
N VAL F 252 29.24 -43.14 -47.32
CA VAL F 252 28.70 -42.27 -48.36
C VAL F 252 28.21 -41.05 -47.62
N GLU F 253 28.75 -39.90 -47.95
CA GLU F 253 28.41 -38.70 -47.18
C GLU F 253 27.83 -37.62 -48.07
N ASN F 254 26.95 -36.85 -47.48
CA ASN F 254 26.37 -35.63 -48.10
C ASN F 254 25.58 -35.96 -49.33
N VAL F 255 24.47 -36.64 -49.09
CA VAL F 255 23.53 -36.99 -50.16
C VAL F 255 22.19 -36.32 -49.82
N THR F 256 21.63 -35.65 -50.80
CA THR F 256 20.33 -35.00 -50.67
C THR F 256 19.37 -35.55 -51.68
N LEU F 257 18.18 -35.99 -51.21
CA LEU F 257 17.14 -36.50 -52.09
C LEU F 257 15.99 -35.54 -51.93
N VAL F 258 15.76 -34.77 -52.97
CA VAL F 258 14.74 -33.76 -52.99
C VAL F 258 13.49 -34.23 -53.69
N SER F 259 12.41 -34.39 -52.94
CA SER F 259 11.10 -34.78 -53.48
C SER F 259 11.10 -36.12 -54.22
N PRO F 260 11.72 -37.16 -53.62
CA PRO F 260 11.68 -38.43 -54.36
C PRO F 260 10.26 -38.90 -54.58
N TYR F 261 9.94 -39.30 -55.84
CA TYR F 261 8.68 -39.85 -56.18
C TYR F 261 8.89 -41.25 -56.71
N ILE F 262 8.66 -42.24 -55.89
CA ILE F 262 8.90 -43.66 -56.17
C ILE F 262 7.53 -44.32 -56.33
N ASN F 263 7.29 -44.87 -57.54
CA ASN F 263 6.04 -45.48 -57.93
C ASN F 263 4.96 -44.42 -58.09
N GLU F 264 3.76 -44.86 -58.37
CA GLU F 264 2.64 -43.97 -58.70
C GLU F 264 1.40 -44.69 -58.35
N PHE F 265 0.31 -43.98 -58.05
CA PHE F 265 -0.99 -44.57 -57.87
C PHE F 265 -1.38 -45.31 -59.16
N GLY F 266 -2.08 -46.43 -58.99
CA GLY F 266 -2.39 -47.31 -60.11
C GLY F 266 -1.37 -48.43 -60.26
N TYR F 267 -0.29 -48.36 -59.51
CA TYR F 267 0.79 -49.40 -59.55
C TYR F 267 0.24 -50.82 -59.43
N ASP F 268 -0.79 -51.00 -58.63
CA ASP F 268 -1.31 -52.35 -58.33
C ASP F 268 -2.04 -53.00 -59.52
N ASP F 269 -2.63 -52.16 -60.35
CA ASP F 269 -3.24 -52.63 -61.60
C ASP F 269 -2.21 -53.06 -62.61
N LEU F 270 -0.99 -52.59 -62.46
CA LEU F 270 0.16 -53.00 -63.34
C LEU F 270 1.05 -54.02 -62.65
N ASN F 271 0.69 -54.44 -61.44
CA ASN F 271 1.45 -55.44 -60.70
C ASN F 271 2.90 -55.01 -60.54
N ARG F 272 3.09 -53.71 -60.24
CA ARG F 272 4.40 -53.10 -60.20
C ARG F 272 4.76 -52.72 -58.77
N PHE F 273 5.66 -53.49 -58.17
CA PHE F 273 6.07 -53.28 -56.77
C PHE F 273 7.60 -53.12 -56.69
N PHE F 274 8.09 -53.07 -55.47
CA PHE F 274 9.52 -53.05 -55.24
C PHE F 274 9.71 -53.62 -53.83
N THR F 275 10.93 -53.75 -53.37
CA THR F 275 11.19 -54.28 -52.02
C THR F 275 11.39 -53.10 -51.06
N ILE F 276 12.59 -52.58 -50.97
CA ILE F 276 12.91 -51.36 -50.16
C ILE F 276 13.00 -50.20 -51.09
N GLY F 277 12.31 -49.11 -50.79
CA GLY F 277 12.38 -47.90 -51.62
C GLY F 277 13.73 -47.25 -51.65
N ILE F 278 14.18 -46.80 -50.48
CA ILE F 278 15.45 -46.10 -50.30
C ILE F 278 16.20 -46.80 -49.17
N SER F 279 17.29 -47.48 -49.49
CA SER F 279 18.04 -48.21 -48.51
C SER F 279 19.42 -47.63 -48.35
N ALA F 280 19.71 -47.12 -47.15
CA ALA F 280 20.97 -46.54 -46.82
C ALA F 280 21.73 -47.33 -45.76
N ASN F 281 23.04 -47.51 -45.95
CA ASN F 281 23.91 -48.16 -45.00
C ASN F 281 25.26 -47.45 -44.97
N PHE F 282 25.77 -47.10 -43.79
CA PHE F 282 27.01 -46.40 -43.69
C PHE F 282 26.97 -45.09 -44.48
N ALA F 283 25.94 -44.32 -44.18
CA ALA F 283 25.75 -42.98 -44.75
C ALA F 283 25.84 -41.94 -43.68
N ALA F 284 26.38 -40.79 -44.04
CA ALA F 284 26.45 -39.63 -43.14
C ALA F 284 25.82 -38.46 -43.87
N ASP F 285 25.00 -37.67 -43.16
CA ASP F 285 24.36 -36.48 -43.72
C ASP F 285 23.56 -36.83 -45.00
N LEU F 286 22.71 -37.85 -44.88
CA LEU F 286 21.73 -38.22 -45.87
C LEU F 286 20.46 -37.50 -45.50
N HIS F 287 20.01 -36.61 -46.36
CA HIS F 287 18.83 -35.83 -46.07
C HIS F 287 17.80 -36.04 -47.15
N ILE F 288 16.60 -36.47 -46.72
CA ILE F 288 15.51 -36.78 -47.64
C ILE F 288 14.39 -35.77 -47.35
N GLN F 289 13.94 -35.05 -48.36
CA GLN F 289 12.99 -33.96 -48.22
C GLN F 289 11.76 -34.27 -49.07
N ASP F 290 10.57 -34.29 -48.45
CA ASP F 290 9.31 -34.39 -49.13
C ASP F 290 9.28 -35.64 -50.02
N GLY F 291 8.56 -35.62 -51.09
CA GLY F 291 8.39 -36.79 -51.92
C GLY F 291 7.30 -37.71 -51.47
N VAL F 292 7.03 -38.73 -52.22
CA VAL F 292 5.95 -39.65 -51.98
C VAL F 292 6.47 -41.03 -52.40
N ILE F 293 6.40 -42.00 -51.52
CA ILE F 293 6.79 -43.41 -51.81
C ILE F 293 5.54 -44.23 -51.65
N ILE F 294 5.17 -44.96 -52.72
CA ILE F 294 3.95 -45.68 -52.81
C ILE F 294 4.10 -47.13 -53.26
N GLY F 295 3.45 -48.05 -52.62
CA GLY F 295 3.09 -49.29 -53.25
C GLY F 295 4.17 -50.36 -53.43
N ASN F 296 4.70 -50.85 -52.34
CA ASN F 296 5.39 -52.12 -52.33
C ASN F 296 4.58 -53.29 -51.80
N LYS F 297 3.31 -53.04 -51.55
CA LYS F 297 2.25 -54.06 -51.35
C LYS F 297 0.98 -53.51 -52.00
N ARG F 298 0.01 -54.35 -52.27
CA ARG F 298 -1.32 -53.92 -52.69
C ARG F 298 -2.00 -53.16 -51.59
N PRO F 299 -2.91 -52.24 -51.99
CA PRO F 299 -3.56 -51.46 -50.94
C PRO F 299 -4.35 -52.32 -49.96
N GLY F 300 -4.10 -52.11 -48.66
CA GLY F 300 -4.80 -52.83 -47.63
C GLY F 300 -4.32 -54.27 -47.46
N ALA F 301 -3.31 -54.66 -48.22
CA ALA F 301 -2.96 -56.09 -48.27
C ALA F 301 -2.06 -56.47 -47.08
N SER F 302 -1.69 -57.75 -47.05
CA SER F 302 -0.79 -58.32 -46.09
C SER F 302 0.56 -57.60 -46.06
N ASP F 303 1.21 -57.64 -44.90
CA ASP F 303 2.58 -57.16 -44.78
C ASP F 303 3.61 -58.11 -45.41
N ILE F 304 4.76 -57.55 -45.71
CA ILE F 304 5.88 -58.27 -46.31
C ILE F 304 7.15 -57.95 -45.57
N GLU F 305 7.73 -58.95 -44.92
CA GLU F 305 8.89 -58.75 -44.09
C GLU F 305 10.01 -58.06 -44.85
N GLY F 306 10.50 -56.95 -44.32
CA GLY F 306 11.63 -56.25 -44.86
C GLY F 306 11.34 -55.11 -45.81
N ARG F 307 10.10 -55.01 -46.29
CA ARG F 307 9.74 -54.04 -47.32
C ARG F 307 9.49 -52.65 -46.81
N SER F 308 10.50 -52.06 -46.24
CA SER F 308 10.40 -50.70 -45.73
C SER F 308 10.50 -49.69 -46.86
N ALA F 309 9.83 -48.54 -46.72
CA ALA F 309 9.98 -47.51 -47.69
C ALA F 309 11.36 -46.87 -47.66
N ILE F 310 11.77 -46.44 -46.46
CA ILE F 310 13.10 -45.90 -46.23
C ILE F 310 13.76 -46.67 -45.10
N LYS F 311 15.01 -47.05 -45.30
CA LYS F 311 15.77 -47.77 -44.34
C LYS F 311 17.11 -47.15 -44.11
N PHE F 312 17.36 -46.74 -42.85
CA PHE F 312 18.63 -46.16 -42.43
C PHE F 312 19.34 -47.17 -41.53
N ASN F 313 20.43 -47.75 -42.02
CA ASN F 313 21.25 -48.67 -41.26
C ASN F 313 22.59 -48.02 -41.04
N ASN F 314 23.03 -47.85 -39.80
CA ASN F 314 24.36 -47.29 -39.55
C ASN F 314 24.56 -45.90 -40.20
N CYS F 315 23.51 -45.10 -40.11
CA CYS F 315 23.50 -43.74 -40.66
C CYS F 315 23.67 -42.72 -39.57
N VAL F 316 24.46 -41.71 -39.84
CA VAL F 316 24.65 -40.65 -38.86
C VAL F 316 24.21 -39.31 -39.44
N ASP F 317 23.65 -38.47 -38.56
CA ASP F 317 23.25 -37.11 -38.90
C ASP F 317 22.32 -37.09 -40.12
N SER F 318 21.38 -38.04 -40.18
CA SER F 318 20.58 -38.22 -41.36
C SER F 318 19.11 -38.04 -41.06
N THR F 319 18.35 -37.55 -42.01
CA THR F 319 16.97 -37.07 -41.72
C THR F 319 16.00 -37.42 -42.84
N VAL F 320 14.71 -37.50 -42.48
CA VAL F 320 13.58 -37.59 -43.40
C VAL F 320 12.59 -36.52 -42.96
N LYS F 321 12.28 -35.59 -43.83
CA LYS F 321 11.40 -34.50 -43.49
C LYS F 321 10.35 -34.31 -44.57
N GLY F 322 9.10 -34.53 -44.20
CA GLY F 322 7.94 -34.19 -45.02
C GLY F 322 7.46 -35.31 -45.98
N THR F 323 8.20 -36.39 -46.09
CA THR F 323 7.85 -37.45 -47.04
C THR F 323 6.51 -38.12 -46.70
N CYS F 324 5.76 -38.52 -47.75
CA CYS F 324 4.52 -39.19 -47.60
C CYS F 324 4.67 -40.64 -48.03
N PHE F 325 3.99 -41.53 -47.36
CA PHE F 325 4.06 -42.96 -47.58
C PHE F 325 2.70 -43.56 -47.73
N TYR F 326 2.48 -44.37 -48.76
CA TYR F 326 1.22 -45.06 -48.99
C TYR F 326 1.45 -46.53 -49.28
N ASN F 327 0.71 -47.40 -48.68
CA ASN F 327 0.61 -48.79 -49.10
C ASN F 327 1.99 -49.48 -49.08
N ILE F 328 2.55 -49.54 -47.91
CA ILE F 328 3.89 -50.04 -47.65
C ILE F 328 3.82 -51.32 -46.83
N GLY F 329 4.49 -52.35 -47.33
CA GLY F 329 4.54 -53.71 -46.78
C GLY F 329 5.20 -53.85 -45.39
N TRP F 330 6.04 -52.91 -45.01
CA TRP F 330 6.73 -52.99 -43.77
C TRP F 330 6.76 -51.57 -43.18
N TYR F 331 7.89 -51.03 -42.83
CA TYR F 331 7.96 -49.73 -42.10
C TYR F 331 8.07 -48.58 -43.03
N GLY F 332 7.50 -47.44 -42.66
CA GLY F 332 7.70 -46.19 -43.40
C GLY F 332 9.17 -45.78 -43.37
N VAL F 333 9.66 -45.48 -42.16
CA VAL F 333 11.06 -45.26 -41.91
C VAL F 333 11.54 -46.25 -40.89
N GLU F 334 12.46 -47.08 -41.31
CA GLU F 334 13.13 -48.08 -40.49
C GLU F 334 14.54 -47.58 -40.12
N VAL F 335 14.85 -47.58 -38.84
CA VAL F 335 16.12 -47.09 -38.34
C VAL F 335 16.81 -48.18 -37.53
N LEU F 336 18.00 -48.59 -37.91
CA LEU F 336 18.71 -49.69 -37.22
C LEU F 336 20.21 -49.51 -37.28
N GLY F 337 20.93 -50.47 -36.70
CA GLY F 337 22.35 -50.35 -36.56
C GLY F 337 22.66 -49.18 -35.63
N CYS F 338 23.88 -48.68 -35.67
CA CYS F 338 24.24 -47.56 -34.80
C CYS F 338 23.86 -46.23 -35.41
N SER F 339 22.66 -46.14 -35.99
CA SER F 339 22.19 -44.89 -36.53
C SER F 339 22.12 -43.86 -35.40
N GLU F 340 22.73 -42.70 -35.58
CA GLU F 340 22.88 -41.75 -34.50
C GLU F 340 22.57 -40.34 -34.98
N ASP F 341 21.78 -39.61 -34.17
CA ASP F 341 21.31 -38.26 -34.50
C ASP F 341 20.47 -38.32 -35.78
N THR F 342 19.45 -39.18 -35.76
CA THR F 342 18.50 -39.39 -36.84
C THR F 342 17.25 -38.63 -36.48
N GLU F 343 16.63 -37.95 -37.43
CA GLU F 343 15.37 -37.26 -37.21
C GLU F 343 14.40 -37.54 -38.31
N VAL F 344 13.11 -37.64 -37.94
CA VAL F 344 12.04 -37.79 -38.85
C VAL F 344 11.00 -36.75 -38.52
N HIS F 345 10.83 -35.80 -39.44
CA HIS F 345 9.89 -34.71 -39.24
C HIS F 345 8.77 -34.76 -40.26
N ASP F 346 7.56 -34.46 -39.81
CA ASP F 346 6.46 -34.02 -40.68
C ASP F 346 6.01 -35.09 -41.69
N ILE F 347 6.28 -36.35 -41.41
CA ILE F 347 5.87 -37.38 -42.36
C ILE F 347 4.40 -37.71 -42.22
N HIS F 348 3.81 -38.27 -43.26
CA HIS F 348 2.44 -38.75 -43.28
C HIS F 348 2.50 -40.16 -43.82
N ALA F 349 2.07 -41.14 -43.05
CA ALA F 349 2.16 -42.55 -43.43
C ALA F 349 0.81 -43.17 -43.34
N MET F 350 0.33 -43.79 -44.41
CA MET F 350 -1.02 -44.31 -44.52
C MET F 350 -0.96 -45.75 -45.07
N ASP F 351 -1.53 -46.71 -44.37
CA ASP F 351 -1.55 -48.13 -44.76
C ASP F 351 -0.12 -48.67 -44.84
N VAL F 352 0.55 -48.71 -43.72
CA VAL F 352 1.92 -49.21 -43.54
C VAL F 352 1.92 -50.08 -42.29
N ARG F 353 2.97 -50.85 -42.03
CA ARG F 353 3.00 -51.67 -40.79
C ARG F 353 3.30 -50.83 -39.54
N HIS F 354 4.39 -50.06 -39.59
CA HIS F 354 4.67 -48.99 -38.61
C HIS F 354 5.07 -47.77 -39.42
N ALA F 355 4.66 -46.58 -39.03
CA ALA F 355 5.12 -45.38 -39.66
C ALA F 355 6.62 -45.17 -39.50
N ILE F 356 7.10 -45.31 -38.27
CA ILE F 356 8.47 -45.28 -37.89
C ILE F 356 8.69 -46.52 -37.05
N SER F 357 9.83 -47.17 -37.24
CA SER F 357 10.26 -48.29 -36.37
C SER F 357 11.74 -48.29 -36.19
N LEU F 358 12.21 -48.10 -34.97
CA LEU F 358 13.60 -48.36 -34.63
C LEU F 358 13.69 -49.86 -34.45
N ASN F 359 14.76 -50.48 -35.02
CA ASN F 359 14.78 -51.93 -35.15
C ASN F 359 15.93 -52.52 -34.39
N TRP F 360 15.77 -53.80 -34.09
CA TRP F 360 16.84 -54.65 -33.58
C TRP F 360 17.50 -55.35 -34.76
N GLN F 361 18.42 -56.28 -34.47
CA GLN F 361 19.04 -57.09 -35.54
C GLN F 361 19.08 -58.52 -34.99
N SER F 362 18.57 -59.47 -35.74
CA SER F 362 18.62 -60.85 -35.35
C SER F 362 20.07 -61.32 -35.34
N THR F 363 20.46 -61.92 -34.22
CA THR F 363 21.81 -62.54 -34.06
C THR F 363 21.78 -64.04 -34.27
N ALA F 364 20.75 -64.56 -34.90
CA ALA F 364 20.65 -66.01 -35.03
C ALA F 364 21.82 -66.58 -35.81
N ASP F 365 22.28 -65.90 -36.84
CA ASP F 365 23.35 -66.37 -37.68
C ASP F 365 24.71 -65.80 -37.33
N GLY F 366 24.79 -65.06 -36.21
CA GLY F 366 26.06 -64.50 -35.76
C GLY F 366 25.91 -63.13 -35.14
N ASP F 367 26.98 -62.67 -34.55
CA ASP F 367 26.98 -61.40 -33.83
C ASP F 367 26.52 -60.26 -34.73
N LYS F 368 25.87 -59.28 -34.08
CA LYS F 368 25.44 -58.04 -34.72
C LYS F 368 25.78 -56.88 -33.80
N TRP F 369 25.96 -55.69 -34.41
CA TRP F 369 26.38 -54.53 -33.66
C TRP F 369 25.51 -53.36 -34.00
N GLY F 370 25.16 -52.59 -32.97
CA GLY F 370 24.62 -51.24 -33.13
C GLY F 370 23.16 -51.11 -32.76
N GLU F 371 22.84 -50.11 -31.91
CA GLU F 371 21.48 -49.71 -31.66
C GLU F 371 21.40 -48.22 -31.97
N PRO F 372 20.20 -47.77 -32.36
CA PRO F 372 20.03 -46.33 -32.61
C PRO F 372 20.31 -45.52 -31.34
N ILE F 373 20.92 -44.38 -31.51
CA ILE F 373 21.23 -43.45 -30.41
C ILE F 373 20.80 -42.06 -30.86
N GLU F 374 20.00 -41.39 -30.04
CA GLU F 374 19.54 -40.06 -30.34
C GLU F 374 18.61 -40.07 -31.57
N PHE F 375 17.33 -40.27 -31.33
CA PHE F 375 16.33 -40.31 -32.36
C PHE F 375 15.22 -39.35 -32.02
N LEU F 376 14.81 -38.55 -32.99
CA LEU F 376 13.66 -37.65 -32.84
C LEU F 376 12.65 -37.90 -33.93
N GLY F 377 11.39 -38.13 -33.53
CA GLY F 377 10.26 -38.06 -34.44
C GLY F 377 9.38 -36.91 -34.05
N VAL F 378 9.11 -36.01 -34.96
CA VAL F 378 8.37 -34.80 -34.62
C VAL F 378 7.32 -34.48 -35.65
N ASN F 379 6.10 -34.23 -35.19
CA ASN F 379 5.00 -33.77 -36.04
C ASN F 379 4.69 -34.77 -37.16
N CYS F 380 4.78 -36.05 -36.83
CA CYS F 380 4.47 -37.14 -37.78
C CYS F 380 3.06 -37.65 -37.58
N GLU F 381 2.46 -38.14 -38.64
CA GLU F 381 1.07 -38.63 -38.66
C GLU F 381 1.02 -40.02 -39.26
N ALA F 382 0.33 -40.91 -38.59
CA ALA F 382 0.10 -42.27 -39.06
C ALA F 382 -1.36 -42.58 -39.13
N TYR F 383 -1.82 -43.22 -40.22
CA TYR F 383 -3.16 -43.69 -40.37
C TYR F 383 -3.19 -45.14 -40.75
N SER F 384 -4.04 -45.88 -40.11
CA SER F 384 -4.40 -47.24 -40.56
C SER F 384 -3.17 -48.13 -40.66
N THR F 385 -2.35 -48.08 -39.64
CA THR F 385 -1.18 -48.95 -39.55
C THR F 385 -1.64 -50.36 -39.20
N THR F 386 -0.98 -51.35 -39.77
CA THR F 386 -1.35 -52.74 -39.48
C THR F 386 -0.79 -53.19 -38.13
N GLN F 387 0.27 -52.54 -37.66
CA GLN F 387 0.77 -52.75 -36.30
C GLN F 387 0.98 -51.36 -35.70
N ALA F 388 1.81 -51.22 -34.70
CA ALA F 388 1.90 -49.96 -33.98
C ALA F 388 2.19 -48.83 -34.90
N GLY F 389 1.52 -47.69 -34.70
CA GLY F 389 1.81 -46.52 -35.48
C GLY F 389 3.24 -46.06 -35.45
N PHE F 390 3.78 -45.90 -34.23
CA PHE F 390 5.16 -45.53 -34.02
C PHE F 390 5.79 -46.55 -33.09
N ASP F 391 6.96 -47.01 -33.39
CA ASP F 391 7.47 -48.21 -32.74
C ASP F 391 8.94 -48.19 -32.47
N THR F 392 9.33 -48.92 -31.44
CA THR F 392 10.73 -49.37 -31.29
C THR F 392 10.71 -50.86 -31.03
N HIS F 393 11.85 -51.45 -31.34
CA HIS F 393 12.14 -52.81 -30.87
C HIS F 393 12.91 -52.65 -29.56
N ASP F 394 13.63 -53.69 -29.13
CA ASP F 394 14.11 -53.75 -27.72
C ASP F 394 15.53 -53.20 -27.49
N ILE F 395 16.06 -52.43 -28.46
CA ILE F 395 17.27 -51.66 -28.28
C ILE F 395 17.05 -50.22 -28.74
N GLY F 396 17.99 -49.35 -28.42
CA GLY F 396 17.86 -47.96 -28.81
C GLY F 396 17.96 -47.08 -27.58
N LYS F 397 18.64 -45.96 -27.73
CA LYS F 397 18.91 -45.01 -26.64
C LYS F 397 18.46 -43.62 -27.04
N ARG F 398 17.90 -42.90 -26.08
CA ARG F 398 17.56 -41.46 -26.27
C ARG F 398 16.56 -41.26 -27.44
N VAL F 399 15.40 -41.90 -27.30
CA VAL F 399 14.35 -41.96 -28.30
C VAL F 399 13.24 -41.06 -27.86
N LYS F 400 12.85 -40.08 -28.69
CA LYS F 400 11.83 -39.15 -28.37
C LYS F 400 10.88 -38.99 -29.55
N PHE F 401 9.61 -38.96 -29.21
CA PHE F 401 8.51 -38.65 -30.13
C PHE F 401 7.81 -37.39 -29.66
N VAL F 402 7.70 -36.41 -30.54
CA VAL F 402 7.15 -35.06 -30.17
C VAL F 402 6.01 -34.72 -31.09
N ARG F 403 4.82 -34.55 -30.54
CA ARG F 403 3.64 -34.09 -31.31
C ARG F 403 3.37 -34.98 -32.52
N CYS F 404 3.50 -36.27 -32.29
CA CYS F 404 3.15 -37.26 -33.32
C CYS F 404 1.71 -37.70 -33.04
N VAL F 405 1.03 -38.21 -34.05
CA VAL F 405 -0.34 -38.64 -33.93
C VAL F 405 -0.58 -39.93 -34.68
N SER F 406 -1.22 -40.89 -34.05
CA SER F 406 -1.63 -42.15 -34.68
C SER F 406 -3.12 -42.24 -34.70
N TYR F 407 -3.69 -42.57 -35.85
CA TYR F 407 -5.10 -42.82 -36.03
C TYR F 407 -5.36 -44.29 -36.46
N ASP F 408 -6.31 -44.92 -35.85
CA ASP F 408 -6.89 -46.15 -36.30
C ASP F 408 -5.87 -47.26 -36.55
N SER F 409 -4.91 -47.33 -35.65
CA SER F 409 -3.99 -48.47 -35.63
C SER F 409 -4.73 -49.76 -35.39
N ALA F 410 -4.31 -50.83 -36.07
CA ALA F 410 -4.79 -52.16 -35.78
C ALA F 410 -4.12 -52.82 -34.55
N ALA F 411 -3.17 -52.11 -33.93
CA ALA F 411 -2.56 -52.58 -32.70
C ALA F 411 -2.50 -51.37 -31.77
N ALA F 412 -1.35 -50.95 -31.31
CA ALA F 412 -1.19 -49.74 -30.51
C ALA F 412 -0.99 -48.52 -31.38
N GLY F 413 -1.28 -47.34 -30.85
CA GLY F 413 -0.87 -46.07 -31.47
C GLY F 413 0.67 -45.97 -31.47
N PHE F 414 1.23 -46.13 -30.27
CA PHE F 414 2.67 -46.06 -30.00
C PHE F 414 3.08 -47.29 -29.21
N GLN F 415 4.20 -47.92 -29.57
CA GLN F 415 4.74 -49.06 -28.88
C GLN F 415 6.19 -48.83 -28.54
N ALA F 416 6.50 -48.88 -27.22
CA ALA F 416 7.86 -48.81 -26.79
C ALA F 416 8.29 -50.21 -26.39
N ARG F 417 9.38 -50.68 -26.99
CA ARG F 417 10.01 -51.92 -26.57
C ARG F 417 11.46 -51.70 -26.08
N THR F 418 11.93 -50.47 -26.02
CA THR F 418 13.19 -50.10 -25.41
C THR F 418 12.88 -49.27 -24.18
N ASN F 419 13.83 -49.10 -23.31
CA ASN F 419 13.56 -48.51 -22.02
C ASN F 419 13.55 -47.00 -22.11
N GLY F 420 12.66 -46.37 -21.36
CA GLY F 420 12.73 -44.93 -21.22
C GLY F 420 12.46 -44.13 -22.50
N VAL F 421 11.57 -44.62 -23.36
CA VAL F 421 11.12 -43.82 -24.50
C VAL F 421 10.29 -42.64 -23.99
N GLU F 422 10.56 -41.44 -24.51
CA GLU F 422 9.84 -40.24 -24.06
C GLU F 422 8.92 -39.73 -25.16
N TYR F 423 7.69 -39.42 -24.76
CA TYR F 423 6.63 -38.93 -25.65
C TYR F 423 6.17 -37.59 -25.15
N LEU F 424 6.23 -36.60 -26.01
CA LEU F 424 5.84 -35.21 -25.63
C LEU F 424 4.63 -34.77 -26.51
N ASN F 425 3.47 -34.62 -25.87
CA ASN F 425 2.29 -34.06 -26.55
C ASN F 425 1.89 -34.88 -27.78
N CYS F 426 2.07 -36.20 -27.65
CA CYS F 426 1.62 -37.11 -28.69
C CYS F 426 0.15 -37.46 -28.50
N ARG F 427 -0.50 -37.99 -29.56
CA ARG F 427 -1.92 -38.29 -29.52
C ARG F 427 -2.16 -39.61 -30.22
N ALA F 428 -3.07 -40.40 -29.67
CA ALA F 428 -3.49 -41.67 -30.21
C ALA F 428 -4.99 -41.75 -30.27
N TYR F 429 -5.56 -41.98 -31.45
CA TYR F 429 -6.99 -42.09 -31.67
C TYR F 429 -7.35 -43.49 -32.17
N ARG F 430 -8.31 -44.14 -31.55
CA ARG F 430 -9.00 -45.30 -32.11
C ARG F 430 -8.08 -46.48 -32.42
N ALA F 431 -7.05 -46.66 -31.62
CA ALA F 431 -6.26 -47.88 -31.71
C ALA F 431 -7.13 -49.08 -31.32
N ALA F 432 -6.93 -50.18 -32.00
CA ALA F 432 -7.64 -51.41 -31.72
C ALA F 432 -7.29 -51.99 -30.32
N MET F 433 -6.11 -51.67 -29.82
CA MET F 433 -5.63 -52.09 -28.51
C MET F 433 -5.39 -50.85 -27.67
N ASP F 434 -4.15 -50.48 -27.42
CA ASP F 434 -3.80 -49.36 -26.51
C ASP F 434 -3.36 -48.17 -27.29
N GLY F 435 -3.71 -46.95 -26.85
CA GLY F 435 -3.16 -45.78 -27.47
C GLY F 435 -1.64 -45.75 -27.46
N PHE F 436 -1.10 -45.95 -26.27
CA PHE F 436 0.34 -46.01 -26.01
C PHE F 436 0.59 -47.23 -25.17
N ALA F 437 1.64 -47.97 -25.47
CA ALA F 437 1.95 -49.16 -24.72
C ALA F 437 3.45 -49.41 -24.66
N SER F 438 3.89 -50.06 -23.59
CA SER F 438 5.19 -50.71 -23.55
C SER F 438 4.94 -52.16 -23.91
N ASN F 439 5.81 -53.06 -23.45
CA ASN F 439 5.59 -54.52 -23.77
C ASN F 439 6.49 -55.28 -22.82
N THR F 440 6.50 -56.60 -22.94
CA THR F 440 7.11 -57.48 -22.00
C THR F 440 8.55 -57.10 -21.71
N GLY F 441 8.85 -56.89 -20.44
CA GLY F 441 10.18 -56.62 -20.02
C GLY F 441 10.70 -55.22 -20.18
N VAL F 442 9.82 -54.33 -20.62
CA VAL F 442 10.21 -52.96 -20.95
C VAL F 442 9.97 -52.02 -19.79
N ALA F 443 10.95 -51.19 -19.52
CA ALA F 443 10.89 -50.26 -18.37
C ALA F 443 10.45 -48.85 -18.70
N PHE F 444 9.51 -48.38 -17.89
CA PHE F 444 9.26 -46.94 -17.69
C PHE F 444 9.35 -45.99 -18.92
N PRO F 445 8.45 -46.20 -19.87
CA PRO F 445 8.18 -45.08 -20.81
C PRO F 445 7.74 -43.87 -20.05
N ILE F 446 7.92 -42.72 -20.66
CA ILE F 446 7.54 -41.43 -20.07
C ILE F 446 6.58 -40.72 -21.03
N TYR F 447 5.38 -40.46 -20.56
CA TYR F 447 4.34 -39.75 -21.34
C TYR F 447 4.07 -38.38 -20.73
N ARG F 448 4.30 -37.34 -21.47
CA ARG F 448 4.12 -35.95 -21.01
C ARG F 448 3.05 -35.25 -21.86
N GLU F 449 1.90 -34.98 -21.25
CA GLU F 449 0.82 -34.25 -21.89
C GLU F 449 0.33 -34.97 -23.16
N CYS F 450 0.39 -36.29 -23.11
CA CYS F 450 -0.11 -37.11 -24.20
C CYS F 450 -1.61 -37.33 -24.09
N LEU F 451 -2.29 -37.53 -25.21
CA LEU F 451 -3.74 -37.55 -25.24
C LEU F 451 -4.21 -38.80 -25.99
N ALA F 452 -5.10 -39.53 -25.39
CA ALA F 452 -5.58 -40.81 -25.93
C ALA F 452 -7.08 -40.80 -26.06
N TYR F 453 -7.63 -41.02 -27.25
CA TYR F 453 -9.05 -40.94 -27.50
C TYR F 453 -9.59 -42.18 -28.15
N ASP F 454 -10.55 -42.82 -27.53
CA ASP F 454 -11.33 -43.91 -28.10
C ASP F 454 -10.49 -45.12 -28.56
N ASN F 455 -9.37 -45.31 -27.94
CA ASN F 455 -8.61 -46.57 -28.08
C ASN F 455 -9.35 -47.65 -27.36
N VAL F 456 -9.48 -48.84 -27.95
CA VAL F 456 -10.41 -49.80 -27.43
C VAL F 456 -10.05 -50.25 -26.01
N ARG F 457 -8.82 -50.74 -25.79
CA ARG F 457 -8.49 -51.34 -24.54
C ARG F 457 -8.08 -50.33 -23.51
N SER F 458 -7.06 -49.54 -23.80
CA SER F 458 -6.60 -48.51 -22.85
C SER F 458 -6.04 -47.34 -23.54
N GLY F 459 -5.95 -46.23 -22.85
CA GLY F 459 -5.20 -45.07 -23.33
C GLY F 459 -3.72 -45.34 -23.24
N PHE F 460 -3.25 -45.73 -22.06
CA PHE F 460 -1.85 -45.98 -21.79
C PHE F 460 -1.74 -47.32 -21.11
N ASN F 461 -0.88 -48.21 -21.64
CA ASN F 461 -0.66 -49.52 -21.07
C ASN F 461 0.79 -49.70 -20.76
N CYS F 462 1.19 -49.37 -19.54
CA CYS F 462 2.57 -49.54 -19.09
C CYS F 462 2.56 -50.47 -17.85
N SER F 463 1.87 -51.58 -18.01
CA SER F 463 1.70 -52.56 -16.94
C SER F 463 2.76 -53.64 -16.97
N TYR F 464 3.70 -53.53 -17.92
CA TYR F 464 4.71 -54.49 -18.10
C TYR F 464 5.95 -54.29 -17.27
N GLY F 465 6.24 -53.05 -16.90
CA GLY F 465 7.40 -52.67 -16.19
C GLY F 465 7.45 -51.22 -15.79
N GLY F 466 6.27 -50.69 -15.45
CA GLY F 466 6.17 -49.37 -14.92
C GLY F 466 5.99 -48.30 -15.97
N GLY F 467 5.46 -47.15 -15.54
CA GLY F 467 5.39 -46.02 -16.41
C GLY F 467 5.30 -44.72 -15.65
N TYR F 468 5.61 -43.65 -16.34
CA TYR F 468 5.47 -42.29 -15.83
C TYR F 468 4.48 -41.55 -16.74
N VAL F 469 3.32 -41.28 -16.21
CA VAL F 469 2.18 -40.74 -16.95
C VAL F 469 1.87 -39.37 -16.41
N TYR F 470 2.39 -38.38 -17.05
CA TYR F 470 2.43 -37.01 -16.57
C TYR F 470 1.47 -36.08 -17.36
N ASP F 471 0.43 -35.63 -16.69
CA ASP F 471 -0.53 -34.68 -17.26
C ASP F 471 -1.15 -35.19 -18.56
N CYS F 472 -1.36 -36.51 -18.59
CA CYS F 472 -1.93 -37.12 -19.76
C CYS F 472 -3.43 -37.22 -19.64
N GLU F 473 -4.09 -37.59 -20.76
CA GLU F 473 -5.51 -37.74 -20.80
C GLU F 473 -5.86 -38.97 -21.54
N ALA F 474 -6.81 -39.73 -21.02
CA ALA F 474 -7.37 -40.87 -21.79
C ALA F 474 -8.84 -40.86 -21.63
N HIS F 475 -9.52 -40.93 -22.76
CA HIS F 475 -10.95 -40.84 -22.88
C HIS F 475 -11.42 -41.97 -23.79
N GLY F 476 -12.47 -42.66 -23.43
CA GLY F 476 -13.13 -43.61 -24.39
C GLY F 476 -12.58 -45.00 -24.49
N SER F 477 -11.94 -45.46 -23.45
CA SER F 477 -11.38 -46.80 -23.41
C SER F 477 -12.01 -47.71 -22.38
N GLN F 478 -11.61 -49.00 -22.33
CA GLN F 478 -12.05 -49.81 -21.21
C GLN F 478 -11.41 -49.31 -19.93
N ASN F 479 -10.12 -49.04 -19.93
CA ASN F 479 -9.43 -48.38 -18.81
C ASN F 479 -8.55 -47.27 -19.31
N GLY F 480 -8.48 -46.14 -18.63
CA GLY F 480 -7.66 -45.06 -19.11
C GLY F 480 -6.19 -45.40 -19.13
N VAL F 481 -5.70 -45.86 -18.00
CA VAL F 481 -4.33 -46.24 -17.75
C VAL F 481 -4.29 -47.64 -17.15
N ARG F 482 -3.46 -48.52 -17.72
CA ARG F 482 -3.13 -49.80 -17.13
C ARG F 482 -1.67 -49.69 -16.67
N ILE F 483 -1.40 -49.95 -15.37
CA ILE F 483 -0.10 -49.64 -14.84
C ILE F 483 0.20 -50.52 -13.63
N ASN F 484 1.45 -51.01 -13.51
CA ASN F 484 1.84 -51.84 -12.37
C ASN F 484 2.61 -51.11 -11.28
N GLY F 485 3.07 -49.94 -11.61
CA GLY F 485 3.91 -49.11 -10.77
C GLY F 485 4.39 -47.88 -11.53
N GLY F 486 4.89 -46.89 -10.81
CA GLY F 486 5.34 -45.64 -11.35
C GLY F 486 4.49 -44.50 -10.84
N ARG F 487 4.10 -43.64 -11.74
CA ARG F 487 3.40 -42.43 -11.34
C ARG F 487 2.34 -42.08 -12.38
N VAL F 488 1.15 -41.73 -11.90
CA VAL F 488 0.14 -40.99 -12.69
C VAL F 488 -0.03 -39.68 -12.00
N LYS F 489 0.43 -38.63 -12.60
CA LYS F 489 0.50 -37.30 -11.94
C LYS F 489 -0.21 -36.33 -12.87
N GLY F 490 -1.26 -35.69 -12.33
CA GLY F 490 -2.05 -34.73 -13.09
C GLY F 490 -2.83 -35.43 -14.19
N GLY F 491 -3.40 -34.66 -15.11
CA GLY F 491 -4.13 -35.21 -16.21
C GLY F 491 -5.62 -35.40 -15.93
N ARG F 492 -6.34 -35.98 -16.87
CA ARG F 492 -7.77 -36.04 -16.83
C ARG F 492 -8.28 -37.22 -17.60
N TYR F 493 -9.21 -37.94 -17.00
CA TYR F 493 -9.70 -39.19 -17.50
C TYR F 493 -11.21 -39.20 -17.50
N THR F 494 -11.84 -39.63 -18.60
CA THR F 494 -13.28 -39.68 -18.75
C THR F 494 -13.68 -40.85 -19.63
N ARG F 495 -14.95 -41.24 -19.57
CA ARG F 495 -15.52 -42.18 -20.50
C ARG F 495 -14.69 -43.45 -20.63
N ASN F 496 -14.33 -44.02 -19.52
CA ASN F 496 -13.64 -45.29 -19.47
C ASN F 496 -14.56 -46.29 -18.78
N SER F 497 -14.89 -47.37 -19.48
CA SER F 497 -16.03 -48.16 -19.09
C SER F 497 -15.80 -49.02 -17.84
N SER F 498 -14.57 -49.49 -17.64
CA SER F 498 -14.20 -50.21 -16.43
C SER F 498 -13.71 -49.29 -15.35
N SER F 499 -12.59 -48.61 -15.58
CA SER F 499 -12.10 -47.62 -14.61
C SER F 499 -11.14 -46.67 -15.28
N HIS F 500 -10.91 -45.51 -14.66
CA HIS F 500 -9.94 -44.59 -15.20
C HIS F 500 -8.53 -45.13 -15.08
N ILE F 501 -8.16 -45.68 -13.90
CA ILE F 501 -6.83 -46.28 -13.70
C ILE F 501 -7.04 -47.73 -13.32
N PHE F 502 -6.25 -48.60 -13.91
CA PHE F 502 -6.33 -50.05 -13.68
C PHE F 502 -4.94 -50.47 -13.20
N VAL F 503 -4.83 -50.81 -11.93
CA VAL F 503 -3.55 -51.21 -11.33
C VAL F 503 -3.50 -52.73 -11.55
N THR F 504 -2.59 -53.13 -12.43
CA THR F 504 -2.52 -54.50 -12.89
C THR F 504 -1.12 -54.75 -13.45
N LYS F 505 -0.90 -55.99 -13.93
CA LYS F 505 0.35 -56.35 -14.57
C LYS F 505 0.07 -57.16 -15.82
N ASP F 506 1.09 -57.28 -16.67
CA ASP F 506 0.94 -58.12 -17.84
C ASP F 506 0.80 -59.59 -17.46
N VAL F 507 1.63 -60.02 -16.53
CA VAL F 507 1.55 -61.37 -16.03
C VAL F 507 1.84 -61.29 -14.54
N ALA F 508 1.31 -62.25 -13.79
CA ALA F 508 1.48 -62.21 -12.32
C ALA F 508 2.99 -62.27 -11.93
N GLU F 509 3.86 -62.86 -12.77
CA GLU F 509 5.34 -62.85 -12.54
C GLU F 509 6.03 -61.44 -12.47
N THR F 510 5.44 -60.45 -13.09
CA THR F 510 5.98 -59.07 -13.08
C THR F 510 5.87 -58.47 -11.71
N ALA F 511 6.90 -57.71 -11.31
CA ALA F 511 6.86 -57.09 -9.97
C ALA F 511 5.93 -55.88 -10.00
N GLN F 512 5.06 -55.79 -8.99
CA GLN F 512 4.39 -54.59 -8.68
C GLN F 512 5.39 -53.69 -7.94
N THR F 513 5.39 -52.39 -8.25
CA THR F 513 6.21 -51.41 -7.51
C THR F 513 5.30 -50.32 -7.05
N SER F 514 5.84 -49.37 -6.28
N SER F 514 5.83 -49.39 -6.26
CA SER F 514 5.08 -48.19 -5.75
CA SER F 514 4.98 -48.33 -5.75
C SER F 514 4.39 -47.53 -6.94
C SER F 514 4.38 -47.57 -6.92
N LEU F 515 3.14 -47.14 -6.71
CA LEU F 515 2.42 -46.31 -7.60
C LEU F 515 1.86 -45.07 -6.92
N GLU F 516 2.23 -43.92 -7.42
CA GLU F 516 1.72 -42.66 -6.94
C GLU F 516 0.67 -42.15 -7.92
N ILE F 517 -0.54 -41.86 -7.44
CA ILE F 517 -1.61 -41.26 -8.23
C ILE F 517 -1.93 -39.93 -7.55
N ASP F 518 -1.57 -38.83 -8.15
CA ASP F 518 -1.57 -37.51 -7.46
C ASP F 518 -2.07 -36.45 -8.43
N GLY F 519 -3.09 -35.72 -8.02
CA GLY F 519 -3.55 -34.56 -8.82
C GLY F 519 -4.30 -34.89 -10.10
N VAL F 520 -4.80 -36.13 -10.17
CA VAL F 520 -5.53 -36.64 -11.31
C VAL F 520 -7.03 -36.32 -11.26
N SER F 521 -7.57 -35.82 -12.35
CA SER F 521 -9.00 -35.70 -12.51
C SER F 521 -9.53 -37.02 -13.04
N MET F 522 -10.32 -37.72 -12.21
CA MET F 522 -10.88 -39.03 -12.57
C MET F 522 -12.28 -39.11 -11.99
N ARG F 523 -13.07 -38.13 -12.46
CA ARG F 523 -14.41 -37.97 -11.95
C ARG F 523 -15.36 -39.03 -12.45
N TYR F 524 -16.54 -39.16 -11.82
CA TYR F 524 -17.57 -40.03 -12.32
C TYR F 524 -18.38 -39.31 -13.37
N ASP F 525 -18.51 -39.92 -14.52
CA ASP F 525 -19.30 -39.34 -15.62
C ASP F 525 -20.35 -40.33 -16.17
N GLY F 526 -20.74 -41.31 -15.36
CA GLY F 526 -21.71 -42.28 -15.75
C GLY F 526 -21.13 -43.54 -16.33
N THR F 527 -19.81 -43.67 -16.26
CA THR F 527 -19.10 -44.77 -16.84
C THR F 527 -18.39 -45.57 -15.73
N GLY F 528 -17.09 -45.77 -15.81
CA GLY F 528 -16.42 -46.63 -14.87
C GLY F 528 -16.07 -46.01 -13.53
N ARG F 529 -15.35 -46.79 -12.75
CA ARG F 529 -14.89 -46.36 -11.43
C ARG F 529 -13.58 -45.60 -11.56
N ALA F 530 -13.08 -45.07 -10.45
CA ALA F 530 -11.87 -44.31 -10.50
C ALA F 530 -10.64 -45.20 -10.66
N VAL F 531 -10.53 -46.20 -9.81
CA VAL F 531 -9.36 -47.05 -9.76
C VAL F 531 -9.80 -48.53 -9.58
N TYR F 532 -9.20 -49.41 -10.36
CA TYR F 532 -9.47 -50.84 -10.33
C TYR F 532 -8.16 -51.51 -9.85
N PHE F 533 -8.24 -52.26 -8.72
CA PHE F 533 -7.07 -53.01 -8.17
C PHE F 533 -7.28 -54.46 -8.58
N HIS F 534 -6.30 -55.00 -9.32
CA HIS F 534 -6.45 -56.35 -9.86
C HIS F 534 -5.87 -57.43 -8.94
N GLY F 535 -6.66 -57.90 -7.99
CA GLY F 535 -6.18 -58.95 -7.05
C GLY F 535 -5.83 -60.24 -7.76
N THR F 536 -6.44 -60.51 -8.90
CA THR F 536 -6.17 -61.74 -9.62
C THR F 536 -4.68 -61.94 -9.90
N VAL F 537 -3.96 -60.85 -10.21
CA VAL F 537 -2.55 -60.93 -10.53
C VAL F 537 -1.65 -60.49 -9.38
N GLY F 538 -2.20 -60.42 -8.16
CA GLY F 538 -1.39 -60.17 -6.96
C GLY F 538 -1.18 -58.74 -6.60
N ILE F 539 -2.05 -57.84 -7.08
CA ILE F 539 -1.87 -56.41 -6.69
C ILE F 539 -2.20 -56.16 -5.23
N ASP F 540 -1.25 -55.52 -4.55
CA ASP F 540 -1.40 -55.11 -3.14
C ASP F 540 -1.72 -53.60 -3.23
N PRO F 541 -2.99 -53.24 -2.83
CA PRO F 541 -3.38 -51.83 -2.93
C PRO F 541 -2.54 -50.90 -2.07
N THR F 542 -1.88 -51.40 -1.04
CA THR F 542 -1.13 -50.51 -0.14
C THR F 542 0.16 -49.94 -0.78
N LEU F 543 0.56 -50.51 -1.91
CA LEU F 543 1.65 -50.00 -2.69
C LEU F 543 1.26 -48.81 -3.57
N VAL F 544 -0.03 -48.49 -3.54
CA VAL F 544 -0.59 -47.36 -4.26
C VAL F 544 -0.86 -46.26 -3.24
N SER F 545 -0.62 -44.99 -3.60
N SER F 545 -0.59 -44.99 -3.58
CA SER F 545 -0.94 -43.84 -2.79
CA SER F 545 -1.01 -43.87 -2.76
C SER F 545 -1.73 -42.88 -3.67
C SER F 545 -1.75 -42.90 -3.66
N MET F 546 -2.84 -42.37 -3.13
CA MET F 546 -3.70 -41.44 -3.87
C MET F 546 -3.88 -40.12 -3.13
N SER F 547 -3.36 -39.04 -3.69
CA SER F 547 -3.38 -37.74 -3.03
C SER F 547 -3.97 -36.69 -3.98
N ASN F 548 -4.85 -35.88 -3.45
CA ASN F 548 -5.31 -34.67 -4.15
C ASN F 548 -5.87 -34.94 -5.53
N ASN F 549 -6.59 -36.06 -5.65
CA ASN F 549 -7.28 -36.38 -6.88
C ASN F 549 -8.73 -35.87 -6.83
N ASP F 550 -9.30 -35.63 -8.00
CA ASP F 550 -10.71 -35.28 -8.12
C ASP F 550 -11.43 -36.56 -8.51
N MET F 551 -12.15 -37.15 -7.58
CA MET F 551 -12.89 -38.40 -7.79
C MET F 551 -14.39 -38.12 -7.59
N THR F 552 -14.79 -36.85 -7.82
CA THR F 552 -16.15 -36.45 -7.62
C THR F 552 -17.17 -37.34 -8.32
N GLY F 553 -18.20 -37.77 -7.57
CA GLY F 553 -19.32 -38.44 -8.12
C GLY F 553 -19.33 -39.93 -8.02
N HIS F 554 -18.19 -40.52 -7.66
CA HIS F 554 -18.11 -41.99 -7.57
C HIS F 554 -18.83 -42.60 -6.34
N GLY F 555 -19.09 -41.80 -5.34
CA GLY F 555 -19.74 -42.27 -4.10
C GLY F 555 -18.99 -43.43 -3.49
N LEU F 556 -19.73 -44.47 -3.12
CA LEU F 556 -19.13 -45.68 -2.57
C LEU F 556 -18.39 -46.51 -3.59
N PHE F 557 -18.47 -46.11 -4.84
CA PHE F 557 -17.98 -46.96 -5.97
C PHE F 557 -16.75 -46.34 -6.63
N TRP F 558 -15.88 -45.70 -5.86
CA TRP F 558 -14.67 -45.16 -6.46
C TRP F 558 -13.65 -46.25 -6.81
N ALA F 559 -13.72 -47.41 -6.14
CA ALA F 559 -12.76 -48.48 -6.43
C ALA F 559 -13.51 -49.70 -6.98
N LEU F 560 -12.86 -50.38 -7.91
CA LEU F 560 -13.27 -51.69 -8.33
C LEU F 560 -12.18 -52.66 -7.85
N LEU F 561 -12.59 -53.87 -7.39
CA LEU F 561 -11.63 -54.89 -6.98
C LEU F 561 -12.11 -56.19 -7.56
N SER F 562 -11.16 -57.03 -8.00
CA SER F 562 -11.51 -58.38 -8.43
C SER F 562 -10.41 -59.29 -8.07
N GLY F 563 -10.74 -60.59 -7.83
CA GLY F 563 -9.72 -61.53 -7.57
C GLY F 563 -9.11 -61.65 -6.21
N TYR F 564 -9.67 -60.92 -5.26
CA TYR F 564 -9.19 -60.97 -3.89
C TYR F 564 -9.98 -62.08 -3.16
N THR F 565 -9.25 -62.87 -2.38
CA THR F 565 -9.87 -63.88 -1.48
C THR F 565 -10.02 -63.43 -0.03
N VAL F 566 -9.22 -62.44 0.37
CA VAL F 566 -9.32 -61.86 1.73
C VAL F 566 -9.32 -60.35 1.44
N GLN F 567 -10.14 -59.62 2.19
CA GLN F 567 -10.27 -58.19 2.02
C GLN F 567 -8.87 -57.52 2.17
N PRO F 568 -8.44 -56.81 1.12
CA PRO F 568 -7.13 -56.17 1.17
C PRO F 568 -7.19 -54.83 1.90
N THR F 569 -6.06 -54.38 2.34
CA THR F 569 -5.89 -53.02 2.93
C THR F 569 -5.89 -52.00 1.79
N PRO F 570 -6.50 -50.82 2.01
CA PRO F 570 -6.57 -49.82 0.98
C PRO F 570 -5.24 -49.09 0.72
N PRO F 571 -5.16 -48.33 -0.40
CA PRO F 571 -4.11 -47.34 -0.57
C PRO F 571 -4.14 -46.29 0.54
N ARG F 572 -3.04 -45.67 0.80
CA ARG F 572 -3.03 -44.40 1.52
C ARG F 572 -3.80 -43.40 0.64
N MET F 573 -4.64 -42.61 1.27
CA MET F 573 -5.44 -41.61 0.60
C MET F 573 -5.37 -40.30 1.33
N SER F 574 -5.06 -39.25 0.61
CA SER F 574 -4.90 -37.95 1.25
C SER F 574 -5.59 -36.81 0.48
N ARG F 575 -6.64 -36.28 1.07
CA ARG F 575 -7.26 -35.04 0.62
C ARG F 575 -7.74 -35.11 -0.85
N ASN F 576 -8.37 -36.23 -1.19
CA ASN F 576 -9.07 -36.37 -2.45
C ASN F 576 -10.47 -35.79 -2.34
N LEU F 577 -11.06 -35.49 -3.45
CA LEU F 577 -12.44 -34.99 -3.52
C LEU F 577 -13.31 -36.13 -3.95
N LEU F 578 -14.38 -36.40 -3.20
CA LEU F 578 -15.33 -37.44 -3.60
C LEU F 578 -16.73 -36.93 -3.85
N ASP F 579 -17.08 -35.83 -3.20
CA ASP F 579 -18.36 -35.24 -3.38
C ASP F 579 -18.23 -33.72 -3.57
N ASP F 580 -19.27 -33.10 -4.15
CA ASP F 580 -19.25 -31.66 -4.37
C ASP F 580 -20.36 -30.87 -3.67
N THR F 581 -21.13 -31.56 -2.90
CA THR F 581 -22.30 -31.00 -2.19
C THR F 581 -22.29 -31.57 -0.78
N GLY F 582 -22.67 -30.78 0.21
CA GLY F 582 -22.73 -31.24 1.59
C GLY F 582 -21.32 -31.63 2.08
N ILE F 583 -20.35 -30.80 1.75
CA ILE F 583 -18.95 -31.13 2.00
C ILE F 583 -18.18 -30.10 2.85
N ARG F 584 -18.83 -28.97 3.19
CA ARG F 584 -18.25 -28.04 4.12
C ARG F 584 -19.39 -27.34 4.87
N GLY F 585 -19.16 -27.06 6.15
CA GLY F 585 -20.17 -26.41 6.96
C GLY F 585 -19.59 -26.00 8.31
N VAL F 586 -20.50 -25.55 9.19
CA VAL F 586 -20.19 -25.24 10.54
C VAL F 586 -21.23 -25.85 11.45
N ALA F 587 -20.78 -26.57 12.46
CA ALA F 587 -21.68 -27.17 13.46
C ALA F 587 -21.41 -26.54 14.82
N THR F 588 -22.45 -26.52 15.67
CA THR F 588 -22.30 -25.99 17.01
C THR F 588 -22.57 -27.17 17.98
N LEU F 589 -21.59 -27.44 18.83
CA LEU F 589 -21.68 -28.50 19.80
C LEU F 589 -22.67 -28.11 20.85
N VAL F 590 -23.43 -29.09 21.29
CA VAL F 590 -24.26 -28.99 22.49
C VAL F 590 -23.87 -30.18 23.37
N ALA F 591 -23.48 -29.90 24.62
CA ALA F 591 -23.08 -30.96 25.53
C ALA F 591 -22.08 -31.88 24.89
N GLY F 592 -21.14 -31.27 24.20
CA GLY F 592 -20.01 -32.01 23.65
C GLY F 592 -20.19 -32.74 22.34
N GLU F 593 -21.35 -32.58 21.69
CA GLU F 593 -21.66 -33.27 20.46
C GLU F 593 -22.53 -32.50 19.50
N ALA F 594 -22.42 -32.85 18.21
CA ALA F 594 -23.33 -32.35 17.20
C ALA F 594 -23.49 -33.37 16.12
N THR F 595 -24.70 -33.53 15.64
CA THR F 595 -24.98 -34.39 14.47
C THR F 595 -25.01 -33.49 13.25
N VAL F 596 -24.26 -33.89 12.22
CA VAL F 596 -24.03 -33.10 11.05
C VAL F 596 -24.50 -33.89 9.82
N ASN F 597 -25.43 -33.36 9.07
CA ASN F 597 -25.82 -33.93 7.79
C ASN F 597 -24.78 -33.48 6.77
N ALA F 598 -24.24 -34.44 6.00
CA ALA F 598 -23.15 -34.17 5.08
C ALA F 598 -22.99 -35.36 4.21
N ARG F 599 -22.32 -35.21 3.06
CA ARG F 599 -21.99 -36.35 2.23
C ARG F 599 -20.68 -37.02 2.69
N VAL F 600 -20.65 -37.43 3.95
CA VAL F 600 -19.66 -38.32 4.52
C VAL F 600 -19.98 -39.74 3.99
N ARG F 601 -18.92 -40.51 3.76
CA ARG F 601 -19.05 -41.79 3.13
C ARG F 601 -18.11 -42.81 3.77
N GLY F 602 -18.43 -44.08 3.57
CA GLY F 602 -17.49 -45.12 3.98
C GLY F 602 -18.07 -46.51 3.71
N ASN F 603 -17.19 -47.50 3.80
CA ASN F 603 -17.59 -48.89 3.77
C ASN F 603 -16.99 -49.59 4.96
N PHE F 604 -17.85 -50.27 5.72
CA PHE F 604 -17.42 -50.90 6.95
C PHE F 604 -17.54 -52.42 6.90
N GLY F 605 -17.91 -52.96 5.72
CA GLY F 605 -18.10 -54.41 5.58
C GLY F 605 -16.79 -55.13 5.33
N SER F 606 -16.91 -56.44 5.15
CA SER F 606 -15.75 -57.34 5.10
C SER F 606 -15.68 -58.14 3.79
N VAL F 607 -16.49 -57.77 2.81
CA VAL F 607 -16.48 -58.42 1.49
C VAL F 607 -15.07 -58.39 0.92
N ALA F 608 -14.59 -59.53 0.42
CA ALA F 608 -13.20 -59.65 -0.03
C ALA F 608 -12.84 -58.61 -1.10
N ASN F 609 -13.69 -58.47 -2.10
CA ASN F 609 -13.45 -57.50 -3.17
C ASN F 609 -13.98 -56.13 -2.81
N SER F 610 -13.57 -55.63 -1.66
CA SER F 610 -13.92 -54.25 -1.26
C SER F 610 -12.84 -53.78 -0.29
N PHE F 611 -12.88 -52.47 -0.02
CA PHE F 611 -12.07 -51.82 0.99
C PHE F 611 -12.90 -51.37 2.17
N LYS F 612 -12.34 -51.44 3.37
CA LYS F 612 -12.91 -50.71 4.52
C LYS F 612 -12.27 -49.32 4.58
N TRP F 613 -13.11 -48.29 4.59
CA TRP F 613 -12.58 -46.92 4.54
C TRP F 613 -13.65 -45.96 4.97
N VAL F 614 -13.24 -44.71 5.28
CA VAL F 614 -14.18 -43.69 5.58
C VAL F 614 -13.56 -42.33 5.17
N SER F 615 -14.44 -41.34 4.91
CA SER F 615 -14.02 -39.99 4.70
C SER F 615 -13.03 -39.45 5.73
N GLU F 616 -12.11 -38.57 5.28
CA GLU F 616 -11.32 -37.72 6.22
C GLU F 616 -12.11 -36.45 6.39
N VAL F 617 -12.57 -36.21 7.61
CA VAL F 617 -13.24 -34.98 7.89
C VAL F 617 -12.28 -34.08 8.67
N LYS F 618 -11.96 -32.92 8.07
CA LYS F 618 -11.10 -31.96 8.69
C LYS F 618 -11.96 -31.07 9.56
N LEU F 619 -11.57 -30.94 10.81
CA LEU F 619 -12.29 -30.11 11.81
C LEU F 619 -11.42 -28.97 12.27
N THR F 620 -11.99 -27.79 12.27
CA THR F 620 -11.32 -26.61 12.80
C THR F 620 -12.27 -25.86 13.69
N ARG F 621 -11.82 -25.51 14.88
CA ARG F 621 -12.67 -24.84 15.84
C ARG F 621 -12.75 -23.32 15.52
N LEU F 622 -13.98 -22.78 15.54
CA LEU F 622 -14.23 -21.36 15.24
C LEU F 622 -14.67 -20.50 16.41
N THR F 623 -15.14 -21.10 17.49
CA THR F 623 -15.33 -20.37 18.73
C THR F 623 -14.63 -21.10 19.86
N PHE F 624 -14.37 -20.39 20.97
CA PHE F 624 -13.34 -20.82 21.91
C PHE F 624 -13.79 -20.81 23.38
N PRO F 625 -14.85 -21.54 23.67
CA PRO F 625 -15.31 -21.61 25.09
C PRO F 625 -14.31 -22.34 25.98
N SER F 626 -14.38 -22.13 27.29
CA SER F 626 -13.44 -22.74 28.21
C SER F 626 -13.59 -24.25 28.21
N SER F 627 -14.72 -24.73 27.74
CA SER F 627 -15.01 -26.20 27.66
C SER F 627 -14.55 -26.85 26.37
N ALA F 628 -13.73 -26.16 25.60
CA ALA F 628 -13.16 -26.76 24.39
C ALA F 628 -12.37 -28.02 24.70
N GLY F 629 -12.67 -29.10 23.98
CA GLY F 629 -11.94 -30.36 24.16
C GLY F 629 -11.48 -30.89 22.80
N ALA F 630 -10.85 -32.05 22.83
CA ALA F 630 -10.37 -32.64 21.61
C ALA F 630 -11.54 -33.24 20.85
N LEU F 631 -11.49 -33.15 19.51
CA LEU F 631 -12.64 -33.44 18.69
C LEU F 631 -12.40 -34.71 17.89
N THR F 632 -13.46 -35.42 17.65
CA THR F 632 -13.42 -36.63 16.82
C THR F 632 -14.70 -36.78 16.04
N VAL F 633 -14.64 -37.62 15.00
CA VAL F 633 -15.77 -38.00 14.21
C VAL F 633 -16.20 -39.43 14.57
N THR F 634 -17.48 -39.58 14.85
CA THR F 634 -18.04 -40.90 15.06
C THR F 634 -19.44 -40.99 14.43
N SER F 635 -20.12 -42.13 14.65
CA SER F 635 -21.48 -42.35 14.24
C SER F 635 -21.72 -41.96 12.78
N VAL F 636 -20.91 -42.46 11.87
CA VAL F 636 -21.14 -42.23 10.47
C VAL F 636 -22.32 -43.04 10.00
N ALA F 637 -23.37 -42.37 9.51
CA ALA F 637 -24.57 -43.01 9.03
C ALA F 637 -24.83 -42.64 7.55
N GLN F 638 -25.28 -43.60 6.78
CA GLN F 638 -25.42 -43.42 5.37
C GLN F 638 -26.77 -43.92 4.89
N ASN F 639 -27.45 -43.08 4.11
CA ASN F 639 -28.74 -43.43 3.51
C ASN F 639 -28.60 -44.54 2.48
N GLN F 640 -29.54 -45.47 2.51
CA GLN F 640 -29.54 -46.65 1.60
C GLN F 640 -30.87 -46.85 0.86
N ASP F 641 -31.54 -45.74 0.55
CA ASP F 641 -32.91 -45.74 -0.03
C ASP F 641 -33.05 -46.36 -1.36
N VAL F 642 -34.26 -46.95 -1.52
CA VAL F 642 -35.17 -47.14 -2.72
C VAL F 642 -34.39 -47.79 -3.80
N PRO F 643 -34.58 -47.38 -5.09
CA PRO F 643 -33.43 -47.74 -5.94
C PRO F 643 -32.28 -46.72 -5.93
N THR F 644 -32.53 -45.50 -5.45
CA THR F 644 -31.47 -44.46 -5.42
C THR F 644 -31.30 -43.83 -4.01
N PRO F 645 -30.13 -44.07 -3.40
CA PRO F 645 -29.90 -43.44 -2.12
C PRO F 645 -29.88 -41.93 -2.17
N ASN F 646 -30.16 -41.29 -1.02
CA ASN F 646 -30.07 -39.84 -0.91
C ASN F 646 -28.92 -39.45 0.04
N PRO F 647 -27.74 -39.12 -0.52
CA PRO F 647 -26.58 -38.88 0.29
C PRO F 647 -26.64 -37.61 1.13
N ASP F 648 -27.61 -36.73 0.86
CA ASP F 648 -27.76 -35.55 1.67
C ASP F 648 -28.34 -35.89 3.03
N LEU F 649 -28.85 -37.14 3.16
CA LEU F 649 -29.33 -37.65 4.44
C LEU F 649 -28.25 -38.44 5.19
N ASN F 650 -27.03 -38.52 4.65
CA ASN F 650 -25.93 -39.09 5.38
C ASN F 650 -25.60 -38.17 6.52
N SER F 651 -24.93 -38.68 7.53
CA SER F 651 -24.59 -37.86 8.74
C SER F 651 -23.38 -38.39 9.47
N PHE F 652 -22.79 -37.53 10.29
CA PHE F 652 -21.76 -37.93 11.22
C PHE F 652 -21.95 -37.13 12.49
N VAL F 653 -21.33 -37.60 13.53
CA VAL F 653 -21.29 -36.88 14.80
C VAL F 653 -19.91 -36.36 15.07
N ILE F 654 -19.83 -35.09 15.45
CA ILE F 654 -18.66 -34.54 16.04
C ILE F 654 -18.81 -34.64 17.54
N ARG F 655 -17.86 -35.30 18.17
CA ARG F 655 -17.81 -35.44 19.61
C ARG F 655 -16.54 -34.86 20.18
N SER F 656 -16.69 -34.16 21.30
CA SER F 656 -15.58 -33.61 22.08
C SER F 656 -15.26 -34.48 23.30
N SER F 657 -14.00 -34.46 23.70
CA SER F 657 -13.55 -35.09 24.94
C SER F 657 -14.11 -34.39 26.18
N ASN F 658 -14.59 -33.15 25.99
CA ASN F 658 -15.21 -32.41 27.09
C ASN F 658 -16.73 -32.44 26.88
N ALA F 659 -17.46 -33.03 27.84
CA ALA F 659 -18.90 -33.21 27.73
C ALA F 659 -19.66 -31.91 27.81
N ALA F 660 -18.98 -30.83 28.20
CA ALA F 660 -19.60 -29.52 28.20
C ALA F 660 -19.25 -28.65 27.02
N ASP F 661 -18.55 -29.19 26.04
CA ASP F 661 -18.10 -28.37 24.91
C ASP F 661 -19.27 -27.83 24.10
N VAL F 662 -19.22 -26.51 23.85
CA VAL F 662 -20.20 -25.80 23.07
C VAL F 662 -19.57 -25.05 21.85
N SER F 663 -18.38 -25.50 21.46
CA SER F 663 -17.65 -24.91 20.35
C SER F 663 -18.39 -24.93 19.05
N GLN F 664 -18.25 -23.90 18.24
CA GLN F 664 -18.57 -24.00 16.80
C GLN F 664 -17.38 -24.59 16.12
N VAL F 665 -17.66 -25.53 15.22
CA VAL F 665 -16.64 -26.27 14.56
C VAL F 665 -16.89 -26.31 13.06
N ALA F 666 -15.92 -25.83 12.28
CA ALA F 666 -15.95 -26.01 10.82
C ALA F 666 -15.56 -27.43 10.46
N TRP F 667 -16.22 -27.95 9.46
CA TRP F 667 -15.99 -29.32 9.00
C TRP F 667 -15.88 -29.30 7.48
N GLU F 668 -14.96 -30.13 6.96
CA GLU F 668 -14.75 -30.28 5.52
C GLU F 668 -14.55 -31.75 5.23
N VAL F 669 -15.24 -32.24 4.19
CA VAL F 669 -15.22 -33.65 3.90
C VAL F 669 -14.33 -33.98 2.67
N TYR F 670 -13.29 -34.80 2.90
CA TYR F 670 -12.41 -35.31 1.86
C TYR F 670 -12.50 -36.82 1.83
N LEU F 671 -11.89 -37.43 0.84
CA LEU F 671 -11.58 -38.86 0.85
C LEU F 671 -10.05 -38.94 1.12
#